data_2MOU
#
_entry.id   2MOU
#
_entity_poly.entity_id   1
_entity_poly.type   'polypeptide(L)'
_entity_poly.pdbx_seq_one_letter_code
;MDFKAIAQQTAQEVLGYNRDTSGWKVVKTSKKITVSSKASRKFHGNLYRVEGIIPESPAKLSDFLYQTGDRITWDKSLQV
YNMVHRIDSDTFICHTITQSFAVGSISPRDFIDLVYIKRYEGNMNIISSKSVDFPEYPPSSNYIRGYNHPCGFVCSPMEE
NPAYSKLVMFVQTEMRGKLSPSIIEKTMPSNLVNFILNAKDGIKAHRTPSRRGFHHNSHS
;
_entity_poly.pdbx_strand_id   A
#
# COMPACT_ATOMS: atom_id res chain seq x y z
N MET A 1 19.56 7.27 14.21
CA MET A 1 18.34 6.80 13.49
C MET A 1 17.30 6.31 14.47
N ASP A 2 16.05 6.27 14.02
CA ASP A 2 14.96 5.77 14.82
C ASP A 2 13.87 5.26 13.90
N PHE A 3 13.30 6.16 13.12
CA PHE A 3 12.28 5.81 12.15
C PHE A 3 12.90 4.92 11.10
N LYS A 4 14.16 5.16 10.83
CA LYS A 4 14.88 4.38 9.88
C LYS A 4 15.09 3.01 10.47
N ALA A 5 15.53 2.97 11.71
CA ALA A 5 15.85 1.71 12.37
C ALA A 5 14.75 0.66 12.18
N ILE A 6 13.51 1.05 12.43
CA ILE A 6 12.42 0.08 12.43
C ILE A 6 11.95 -0.18 11.01
N ALA A 7 12.00 0.88 10.22
CA ALA A 7 11.52 0.85 8.84
C ALA A 7 12.51 0.19 7.91
N GLN A 8 13.76 0.53 8.11
CA GLN A 8 14.88 -0.06 7.40
C GLN A 8 14.92 -1.55 7.62
N GLN A 9 14.50 -1.94 8.80
CA GLN A 9 14.35 -3.36 9.09
C GLN A 9 13.05 -3.85 8.48
N THR A 10 12.02 -3.03 8.62
CA THR A 10 10.69 -3.36 8.16
C THR A 10 10.64 -3.53 6.64
N ALA A 11 11.43 -2.73 5.91
CA ALA A 11 11.60 -2.96 4.47
C ALA A 11 11.86 -4.43 4.17
N GLN A 12 12.97 -4.95 4.67
CA GLN A 12 13.33 -6.35 4.45
C GLN A 12 12.45 -7.31 5.25
N GLU A 13 11.63 -6.79 6.16
CA GLU A 13 10.68 -7.62 6.88
C GLU A 13 9.48 -7.92 6.00
N VAL A 14 8.93 -6.85 5.43
CA VAL A 14 7.79 -6.97 4.54
C VAL A 14 8.21 -7.67 3.26
N LEU A 15 9.39 -7.31 2.81
CA LEU A 15 10.03 -7.96 1.69
C LEU A 15 10.36 -9.38 2.08
N GLY A 16 10.56 -9.55 3.37
CA GLY A 16 10.87 -10.85 3.91
C GLY A 16 9.72 -11.78 3.74
N TYR A 17 8.56 -11.20 3.48
CA TYR A 17 7.35 -11.96 3.24
C TYR A 17 7.22 -12.22 1.75
N ASN A 18 7.87 -11.39 0.93
CA ASN A 18 7.85 -11.61 -0.51
C ASN A 18 8.66 -12.85 -0.84
N ARG A 19 9.60 -13.17 0.04
CA ARG A 19 10.47 -14.32 -0.13
C ARG A 19 10.08 -15.42 0.85
N ASP A 20 8.95 -15.23 1.51
CA ASP A 20 8.43 -16.20 2.46
C ASP A 20 7.04 -16.60 2.04
N THR A 21 6.94 -17.40 1.00
CA THR A 21 5.68 -17.72 0.42
C THR A 21 5.21 -19.11 0.83
N SER A 22 4.51 -19.14 1.95
CA SER A 22 4.02 -20.38 2.51
C SER A 22 3.11 -20.10 3.70
N GLY A 23 2.39 -21.11 4.16
CA GLY A 23 1.57 -20.97 5.35
C GLY A 23 0.36 -20.09 5.12
N TRP A 24 0.11 -19.73 3.87
CA TRP A 24 -0.99 -18.86 3.54
C TRP A 24 -1.98 -19.52 2.60
N LYS A 25 -2.75 -18.70 1.91
CA LYS A 25 -3.87 -19.17 1.15
C LYS A 25 -4.44 -18.03 0.36
N VAL A 26 -4.51 -18.16 -0.95
CA VAL A 26 -5.13 -17.14 -1.75
C VAL A 26 -6.59 -17.01 -1.44
N VAL A 27 -6.95 -15.80 -1.10
CA VAL A 27 -8.32 -15.48 -0.78
C VAL A 27 -8.93 -14.76 -1.95
N LYS A 28 -8.08 -14.14 -2.78
CA LYS A 28 -8.58 -13.33 -3.86
C LYS A 28 -7.64 -13.36 -5.06
N THR A 29 -8.11 -13.95 -6.14
CA THR A 29 -7.38 -13.93 -7.40
C THR A 29 -8.29 -13.49 -8.53
N SER A 30 -7.71 -12.86 -9.55
CA SER A 30 -8.46 -12.50 -10.74
C SER A 30 -7.87 -13.19 -11.96
N LYS A 31 -7.04 -12.50 -12.73
CA LYS A 31 -6.37 -13.12 -13.87
C LYS A 31 -4.97 -12.53 -14.03
N LYS A 32 -4.48 -11.90 -12.98
CA LYS A 32 -3.17 -11.28 -13.00
C LYS A 32 -2.74 -10.89 -11.58
N ILE A 33 -3.61 -11.14 -10.61
CA ILE A 33 -3.35 -10.75 -9.23
C ILE A 33 -3.70 -11.87 -8.28
N THR A 34 -3.06 -11.87 -7.12
CA THR A 34 -3.11 -12.99 -6.23
C THR A 34 -2.96 -12.55 -4.77
N VAL A 35 -4.09 -12.45 -4.06
CA VAL A 35 -4.07 -12.08 -2.65
C VAL A 35 -4.04 -13.35 -1.80
N SER A 36 -2.99 -13.47 -1.02
CA SER A 36 -2.76 -14.64 -0.19
C SER A 36 -2.72 -14.28 1.28
N SER A 37 -3.58 -14.93 2.04
CA SER A 37 -3.76 -14.66 3.45
C SER A 37 -2.91 -15.59 4.31
N LYS A 38 -2.04 -15.02 5.13
CA LYS A 38 -1.15 -15.82 5.97
C LYS A 38 -1.39 -15.55 7.46
N ALA A 39 -0.67 -14.59 8.01
CA ALA A 39 -0.71 -14.32 9.44
C ALA A 39 -0.22 -12.90 9.73
N SER A 40 -0.98 -12.15 10.51
CA SER A 40 -0.63 -10.78 10.83
C SER A 40 0.46 -10.73 11.89
N ARG A 41 0.33 -11.61 12.88
CA ARG A 41 1.31 -11.75 13.98
C ARG A 41 1.34 -10.53 14.91
N LYS A 42 1.25 -9.34 14.33
CA LYS A 42 1.17 -8.10 15.10
C LYS A 42 -0.30 -7.75 15.34
N PHE A 43 -1.16 -8.74 15.16
CA PHE A 43 -2.59 -8.58 15.31
C PHE A 43 -3.21 -9.97 15.36
N HIS A 44 -4.30 -10.14 16.08
CA HIS A 44 -4.94 -11.44 16.18
C HIS A 44 -5.77 -11.74 14.94
N GLY A 45 -5.11 -11.76 13.79
CA GLY A 45 -5.81 -11.99 12.54
C GLY A 45 -4.95 -12.70 11.53
N ASN A 46 -4.88 -12.15 10.33
CA ASN A 46 -4.06 -12.71 9.27
C ASN A 46 -3.61 -11.61 8.32
N LEU A 47 -2.46 -11.82 7.68
CA LEU A 47 -1.88 -10.83 6.78
C LEU A 47 -2.25 -11.16 5.36
N TYR A 48 -2.42 -10.14 4.53
CA TYR A 48 -2.84 -10.33 3.16
C TYR A 48 -1.76 -9.84 2.22
N ARG A 49 -1.32 -10.71 1.33
CA ARG A 49 -0.31 -10.34 0.35
C ARG A 49 -0.87 -10.47 -1.06
N VAL A 50 -0.89 -9.38 -1.81
CA VAL A 50 -1.36 -9.42 -3.17
C VAL A 50 -0.18 -9.40 -4.14
N GLU A 51 -0.35 -10.03 -5.28
CA GLU A 51 0.72 -10.24 -6.23
C GLU A 51 0.20 -10.12 -7.66
N GLY A 52 0.60 -9.08 -8.36
CA GLY A 52 0.16 -8.91 -9.72
C GLY A 52 1.25 -8.39 -10.63
N ILE A 53 1.33 -8.92 -11.84
CA ILE A 53 2.32 -8.42 -12.77
C ILE A 53 1.75 -7.30 -13.61
N ILE A 54 2.31 -6.12 -13.43
CA ILE A 54 1.94 -4.97 -14.21
C ILE A 54 2.93 -4.81 -15.37
N PRO A 55 2.42 -4.93 -16.61
CA PRO A 55 3.21 -4.77 -17.84
C PRO A 55 3.81 -3.38 -18.00
N GLU A 56 4.69 -3.05 -17.09
CA GLU A 56 5.38 -1.78 -17.11
C GLU A 56 6.68 -1.91 -16.32
N SER A 57 7.50 -0.88 -16.35
CA SER A 57 8.73 -0.87 -15.64
C SER A 57 8.47 -0.51 -14.19
N PRO A 58 9.20 -1.17 -13.29
CA PRO A 58 9.10 -0.95 -11.84
C PRO A 58 9.40 0.50 -11.49
N ALA A 59 9.94 1.21 -12.48
CA ALA A 59 10.22 2.62 -12.35
C ALA A 59 8.95 3.43 -12.34
N LYS A 60 8.07 3.19 -13.31
CA LYS A 60 6.82 3.92 -13.39
C LYS A 60 5.92 3.49 -12.26
N LEU A 61 6.12 2.26 -11.83
CA LEU A 61 5.44 1.74 -10.67
C LEU A 61 5.81 2.55 -9.44
N SER A 62 7.10 2.62 -9.17
CA SER A 62 7.58 3.43 -8.05
C SER A 62 7.44 4.92 -8.37
N ASP A 63 6.96 5.22 -9.56
CA ASP A 63 6.72 6.60 -9.97
C ASP A 63 5.31 7.05 -9.59
N PHE A 64 4.36 6.11 -9.55
CA PHE A 64 2.96 6.47 -9.31
C PHE A 64 2.65 6.43 -7.81
N LEU A 65 3.07 5.39 -7.12
CA LEU A 65 2.69 5.21 -5.72
C LEU A 65 3.66 5.93 -4.80
N TYR A 66 4.57 6.68 -5.43
CA TYR A 66 5.72 7.24 -4.76
C TYR A 66 5.36 7.92 -3.45
N GLN A 67 4.58 8.99 -3.49
CA GLN A 67 4.29 9.74 -2.28
C GLN A 67 2.97 10.50 -2.33
N THR A 68 3.01 11.71 -2.88
CA THR A 68 1.93 12.67 -2.71
C THR A 68 1.65 13.45 -3.99
N GLY A 69 2.06 12.90 -5.11
CA GLY A 69 2.13 13.72 -6.29
C GLY A 69 1.19 13.30 -7.39
N ASP A 70 0.42 12.26 -7.12
CA ASP A 70 -0.54 11.72 -8.09
C ASP A 70 -1.23 10.51 -7.47
N ARG A 71 -0.49 9.83 -6.63
CA ARG A 71 -0.93 8.68 -5.85
C ARG A 71 -2.37 8.83 -5.43
N ILE A 72 -2.63 9.90 -4.68
CA ILE A 72 -3.94 10.11 -4.07
C ILE A 72 -4.86 10.85 -5.00
N THR A 73 -4.33 11.30 -6.12
CA THR A 73 -5.08 12.17 -6.98
C THR A 73 -5.90 11.36 -7.98
N TRP A 74 -5.28 10.34 -8.59
CA TRP A 74 -5.96 9.59 -9.64
C TRP A 74 -6.47 8.26 -9.11
N ASP A 75 -6.26 8.02 -7.83
CA ASP A 75 -6.59 6.75 -7.19
C ASP A 75 -8.11 6.57 -7.07
N LYS A 76 -8.49 5.53 -6.33
CA LYS A 76 -9.87 5.12 -6.15
C LYS A 76 -10.16 5.02 -4.66
N SER A 77 -9.13 4.71 -3.89
CA SER A 77 -9.25 4.50 -2.46
C SER A 77 -8.38 5.50 -1.70
N LEU A 78 -7.84 6.47 -2.41
CA LEU A 78 -7.02 7.50 -1.79
C LEU A 78 -7.75 8.82 -1.80
N GLN A 79 -7.39 9.68 -0.86
CA GLN A 79 -8.07 10.96 -0.67
C GLN A 79 -7.07 12.10 -0.56
N VAL A 80 -6.34 12.13 0.55
CA VAL A 80 -5.50 13.27 0.87
C VAL A 80 -4.17 12.80 1.43
N TYR A 81 -3.08 13.38 0.95
CA TYR A 81 -1.76 13.07 1.48
C TYR A 81 -1.15 14.32 2.09
N ASN A 82 -0.52 14.17 3.24
CA ASN A 82 0.15 15.26 3.91
C ASN A 82 1.48 14.75 4.43
N MET A 83 2.53 15.43 4.03
CA MET A 83 3.88 15.04 4.39
C MET A 83 4.20 15.52 5.80
N VAL A 84 4.04 14.62 6.77
CA VAL A 84 4.11 15.01 8.19
C VAL A 84 5.54 15.27 8.64
N HIS A 85 6.29 14.21 8.87
CA HIS A 85 7.68 14.33 9.28
C HIS A 85 8.55 13.36 8.52
N ARG A 86 9.27 13.87 7.54
CA ARG A 86 10.23 13.07 6.80
C ARG A 86 11.54 13.02 7.57
N ILE A 87 12.09 11.84 7.67
CA ILE A 87 13.28 11.62 8.47
C ILE A 87 14.51 11.90 7.63
N ASP A 88 14.51 11.35 6.42
CA ASP A 88 15.57 11.61 5.46
C ASP A 88 14.95 11.70 4.06
N SER A 89 15.71 11.37 3.04
CA SER A 89 15.21 11.43 1.68
C SER A 89 14.53 10.14 1.25
N ASP A 90 14.60 9.09 2.06
CA ASP A 90 13.99 7.82 1.70
C ASP A 90 13.22 7.25 2.86
N THR A 91 12.97 8.09 3.86
CA THR A 91 12.27 7.67 5.04
C THR A 91 11.26 8.74 5.40
N PHE A 92 10.00 8.48 5.11
CA PHE A 92 8.97 9.48 5.29
C PHE A 92 7.92 8.99 6.25
N ILE A 93 7.01 9.87 6.61
CA ILE A 93 5.82 9.49 7.32
C ILE A 93 4.64 10.14 6.63
N CYS A 94 3.64 9.36 6.29
CA CYS A 94 2.54 9.86 5.51
C CYS A 94 1.29 10.04 6.35
N HIS A 95 0.69 11.21 6.24
CA HIS A 95 -0.67 11.41 6.69
C HIS A 95 -1.60 11.20 5.50
N THR A 96 -2.04 9.97 5.33
CA THR A 96 -2.82 9.60 4.17
C THR A 96 -4.28 9.34 4.52
N ILE A 97 -5.17 10.23 4.10
CA ILE A 97 -6.59 9.96 4.25
C ILE A 97 -7.01 8.99 3.16
N THR A 98 -7.55 7.86 3.57
CA THR A 98 -7.92 6.83 2.64
C THR A 98 -9.44 6.66 2.58
N GLN A 99 -9.89 6.14 1.48
CA GLN A 99 -11.29 5.82 1.24
C GLN A 99 -11.48 4.31 1.29
N SER A 100 -10.74 3.66 2.19
CA SER A 100 -10.76 2.21 2.31
C SER A 100 -12.00 1.77 3.07
N PHE A 101 -13.15 2.02 2.48
CA PHE A 101 -14.40 1.64 3.08
C PHE A 101 -15.13 0.65 2.20
N ALA A 102 -15.52 -0.46 2.81
CA ALA A 102 -16.28 -1.50 2.13
C ALA A 102 -17.73 -1.10 1.96
N VAL A 103 -17.94 -0.05 1.18
CA VAL A 103 -19.27 0.40 0.76
C VAL A 103 -20.05 1.09 1.88
N GLY A 104 -19.99 0.56 3.10
CA GLY A 104 -20.79 1.16 4.15
C GLY A 104 -20.45 0.69 5.55
N SER A 105 -19.86 -0.49 5.68
CA SER A 105 -19.56 -1.02 7.00
C SER A 105 -18.25 -0.47 7.54
N ILE A 106 -17.64 0.42 6.78
CA ILE A 106 -16.37 1.02 7.15
C ILE A 106 -16.39 2.52 6.87
N SER A 107 -15.80 3.29 7.77
CA SER A 107 -15.64 4.71 7.56
C SER A 107 -14.22 5.02 7.07
N PRO A 108 -14.05 6.10 6.28
CA PRO A 108 -12.73 6.51 5.77
C PRO A 108 -11.66 6.55 6.85
N ARG A 109 -10.42 6.25 6.49
CA ARG A 109 -9.40 6.08 7.51
C ARG A 109 -8.25 7.03 7.32
N ASP A 110 -7.53 7.27 8.41
CA ASP A 110 -6.32 8.07 8.36
C ASP A 110 -5.12 7.16 8.45
N PHE A 111 -4.30 7.13 7.43
CA PHE A 111 -3.14 6.26 7.45
C PHE A 111 -1.89 7.05 7.77
N ILE A 112 -1.35 6.82 8.96
CA ILE A 112 -0.09 7.41 9.35
C ILE A 112 0.99 6.36 9.30
N ASP A 113 1.41 6.04 8.10
CA ASP A 113 2.40 5.02 7.93
C ASP A 113 3.77 5.64 7.74
N LEU A 114 4.70 5.24 8.58
CA LEU A 114 6.09 5.57 8.37
C LEU A 114 6.63 4.69 7.28
N VAL A 115 7.21 5.30 6.31
CA VAL A 115 7.45 4.64 5.06
C VAL A 115 8.89 4.76 4.62
N TYR A 116 9.49 3.62 4.38
CA TYR A 116 10.86 3.59 3.93
C TYR A 116 10.96 3.04 2.52
N ILE A 117 11.49 3.83 1.62
CA ILE A 117 11.60 3.46 0.22
C ILE A 117 12.98 2.87 -0.06
N LYS A 118 13.00 1.64 -0.57
CA LYS A 118 14.24 0.89 -0.75
C LYS A 118 14.30 0.28 -2.16
N ARG A 119 15.45 0.42 -2.80
CA ARG A 119 15.69 -0.15 -4.10
C ARG A 119 16.73 -1.24 -3.99
N TYR A 120 16.28 -2.47 -3.97
CA TYR A 120 17.17 -3.59 -4.10
C TYR A 120 17.58 -3.69 -5.56
N GLU A 121 18.84 -3.31 -5.81
CA GLU A 121 19.46 -3.29 -7.13
C GLU A 121 18.85 -4.28 -8.12
N GLY A 122 17.94 -3.74 -8.94
CA GLY A 122 17.28 -4.51 -9.98
C GLY A 122 16.58 -5.74 -9.47
N ASN A 123 16.08 -5.64 -8.26
CA ASN A 123 15.36 -6.73 -7.63
C ASN A 123 14.00 -6.24 -7.15
N MET A 124 13.98 -5.10 -6.45
CA MET A 124 12.73 -4.56 -5.91
C MET A 124 12.87 -3.06 -5.67
N ASN A 125 11.82 -2.31 -5.95
CA ASN A 125 11.76 -0.93 -5.49
C ASN A 125 10.54 -0.77 -4.61
N ILE A 126 10.73 -1.08 -3.34
CA ILE A 126 9.67 -1.17 -2.37
C ILE A 126 9.53 0.10 -1.55
N ILE A 127 8.30 0.44 -1.20
CA ILE A 127 8.07 1.37 -0.12
C ILE A 127 7.48 0.59 1.06
N SER A 128 8.20 0.55 2.15
CA SER A 128 7.68 -0.05 3.36
C SER A 128 6.86 0.98 4.10
N SER A 129 5.98 0.53 4.97
CA SER A 129 5.07 1.43 5.66
C SER A 129 4.64 0.85 7.03
N LYS A 130 4.78 1.64 8.09
CA LYS A 130 4.42 1.20 9.42
C LYS A 130 3.50 2.21 10.02
N SER A 131 2.31 1.82 10.38
CA SER A 131 1.44 2.72 11.08
C SER A 131 2.10 3.07 12.39
N VAL A 132 2.71 4.22 12.39
CA VAL A 132 3.62 4.58 13.42
C VAL A 132 2.98 5.63 14.28
N ASP A 133 3.19 5.50 15.56
CA ASP A 133 2.50 6.32 16.51
C ASP A 133 3.37 7.49 16.89
N PHE A 134 3.49 8.43 15.96
CA PHE A 134 4.37 9.54 16.13
C PHE A 134 3.53 10.79 16.44
N PRO A 135 4.10 11.75 17.18
CA PRO A 135 3.35 12.88 17.74
C PRO A 135 3.00 13.97 16.74
N GLU A 136 3.56 13.92 15.53
CA GLU A 136 3.39 15.00 14.59
C GLU A 136 1.98 14.99 14.04
N TYR A 137 1.27 13.89 14.27
CA TYR A 137 -0.13 13.85 13.87
C TYR A 137 -0.98 12.91 14.72
N PRO A 138 -2.01 13.47 15.38
CA PRO A 138 -3.08 12.72 16.02
C PRO A 138 -4.33 12.65 15.13
N PRO A 139 -4.95 11.46 15.00
CA PRO A 139 -6.18 11.30 14.20
C PRO A 139 -7.42 11.76 14.96
N SER A 140 -8.58 11.28 14.54
CA SER A 140 -9.84 11.67 15.16
C SER A 140 -10.79 10.49 15.14
N SER A 141 -12.06 10.72 15.44
CA SER A 141 -13.04 9.67 15.34
C SER A 141 -13.63 9.65 13.93
N ASN A 142 -13.48 10.76 13.21
CA ASN A 142 -13.93 10.85 11.83
C ASN A 142 -12.96 10.14 10.90
N TYR A 143 -11.69 10.16 11.28
CA TYR A 143 -10.66 9.46 10.55
C TYR A 143 -9.83 8.64 11.51
N ILE A 144 -9.89 7.34 11.35
CA ILE A 144 -9.23 6.46 12.27
C ILE A 144 -7.87 6.11 11.72
N ARG A 145 -6.84 6.56 12.41
CA ARG A 145 -5.48 6.19 12.08
C ARG A 145 -5.37 4.68 11.95
N GLY A 146 -5.39 4.23 10.71
CA GLY A 146 -5.34 2.82 10.43
C GLY A 146 -4.06 2.20 10.91
N TYR A 147 -4.18 1.22 11.77
CA TYR A 147 -3.02 0.50 12.27
C TYR A 147 -2.57 -0.55 11.28
N ASN A 148 -1.87 -0.09 10.28
CA ASN A 148 -1.20 -0.94 9.32
C ASN A 148 0.17 -1.31 9.86
N HIS A 149 0.21 -2.38 10.64
CA HIS A 149 1.47 -2.85 11.21
C HIS A 149 2.45 -3.14 10.09
N PRO A 150 3.78 -2.99 10.38
CA PRO A 150 4.90 -3.08 9.45
C PRO A 150 4.62 -3.79 8.12
N CYS A 151 3.80 -3.15 7.31
CA CYS A 151 3.50 -3.60 5.98
C CYS A 151 4.36 -2.86 4.96
N GLY A 152 4.08 -3.08 3.69
CA GLY A 152 4.82 -2.40 2.66
C GLY A 152 4.25 -2.68 1.29
N PHE A 153 5.06 -2.44 0.29
CA PHE A 153 4.60 -2.39 -1.08
C PHE A 153 5.80 -2.54 -1.99
N VAL A 154 6.06 -3.76 -2.44
CA VAL A 154 7.26 -4.00 -3.20
C VAL A 154 6.96 -4.14 -4.68
N CYS A 155 7.78 -3.51 -5.49
CA CYS A 155 7.68 -3.60 -6.93
C CYS A 155 8.92 -4.28 -7.48
N SER A 156 8.75 -5.48 -8.02
CA SER A 156 9.89 -6.31 -8.36
C SER A 156 10.05 -6.45 -9.88
N PRO A 157 11.18 -5.99 -10.43
CA PRO A 157 11.54 -6.25 -11.82
C PRO A 157 11.41 -7.74 -12.14
N MET A 158 10.54 -8.07 -13.10
CA MET A 158 10.30 -9.47 -13.46
C MET A 158 11.40 -10.01 -14.35
N GLU A 159 11.12 -11.12 -14.99
CA GLU A 159 12.06 -11.69 -15.93
C GLU A 159 12.17 -10.81 -17.16
N GLU A 160 11.10 -10.07 -17.43
CA GLU A 160 11.07 -9.16 -18.57
C GLU A 160 11.36 -7.74 -18.09
N ASN A 161 11.90 -7.69 -16.87
CA ASN A 161 12.25 -6.46 -16.14
C ASN A 161 11.50 -5.18 -16.58
N PRO A 162 11.96 -4.39 -17.59
CA PRO A 162 11.29 -3.12 -17.92
C PRO A 162 9.95 -3.31 -18.61
N ALA A 163 9.70 -4.51 -19.12
CA ALA A 163 8.50 -4.78 -19.87
C ALA A 163 7.39 -5.28 -18.96
N TYR A 164 7.75 -6.05 -17.95
CA TYR A 164 6.78 -6.56 -17.00
C TYR A 164 7.35 -6.49 -15.59
N SER A 165 6.55 -6.00 -14.66
CA SER A 165 7.03 -5.85 -13.30
C SER A 165 6.10 -6.54 -12.31
N LYS A 166 6.68 -7.04 -11.24
CA LYS A 166 5.96 -7.77 -10.24
C LYS A 166 5.56 -6.87 -9.08
N LEU A 167 4.30 -6.50 -9.09
CA LEU A 167 3.71 -5.68 -8.05
C LEU A 167 3.23 -6.59 -6.92
N VAL A 168 3.89 -6.54 -5.78
CA VAL A 168 3.45 -7.34 -4.64
C VAL A 168 3.39 -6.50 -3.35
N MET A 169 2.25 -6.58 -2.67
CA MET A 169 2.00 -5.75 -1.50
C MET A 169 1.50 -6.62 -0.34
N PHE A 170 1.90 -6.24 0.85
CA PHE A 170 1.54 -6.95 2.06
C PHE A 170 0.89 -6.00 3.04
N VAL A 171 -0.11 -6.46 3.75
CA VAL A 171 -0.70 -5.66 4.81
C VAL A 171 -1.27 -6.55 5.91
N GLN A 172 -1.05 -6.17 7.15
CA GLN A 172 -1.58 -6.91 8.29
C GLN A 172 -2.33 -5.95 9.19
N THR A 173 -3.22 -5.24 8.56
CA THR A 173 -3.98 -4.17 9.20
C THR A 173 -4.72 -4.66 10.45
N GLU A 174 -4.85 -3.75 11.42
CA GLU A 174 -5.50 -4.07 12.69
C GLU A 174 -7.03 -3.97 12.61
N MET A 175 -7.55 -3.14 11.71
CA MET A 175 -9.00 -2.87 11.66
C MET A 175 -9.56 -2.64 13.05
N ARG A 176 -8.98 -1.68 13.76
CA ARG A 176 -9.34 -1.40 15.15
C ARG A 176 -10.73 -0.76 15.28
N GLY A 177 -11.36 -0.51 14.15
CA GLY A 177 -12.69 0.05 14.16
C GLY A 177 -13.75 -1.02 14.39
N LYS A 178 -14.99 -0.69 14.08
CA LYS A 178 -16.09 -1.62 14.30
C LYS A 178 -16.40 -2.40 13.02
N LEU A 179 -15.59 -3.41 12.75
CA LEU A 179 -15.81 -4.30 11.63
C LEU A 179 -15.97 -5.72 12.15
N SER A 180 -16.53 -6.56 11.30
CA SER A 180 -16.76 -7.95 11.62
C SER A 180 -15.89 -8.80 10.72
N PRO A 181 -15.64 -10.07 11.06
CA PRO A 181 -14.81 -10.97 10.24
C PRO A 181 -15.07 -10.84 8.74
N SER A 182 -16.35 -10.89 8.35
CA SER A 182 -16.74 -10.86 6.95
C SER A 182 -16.51 -9.48 6.31
N ILE A 183 -16.29 -8.45 7.13
CA ILE A 183 -16.14 -7.10 6.62
C ILE A 183 -14.70 -6.91 6.22
N ILE A 184 -13.89 -7.52 7.04
CA ILE A 184 -12.47 -7.51 6.89
C ILE A 184 -12.05 -8.42 5.75
N GLU A 185 -12.79 -9.51 5.60
CA GLU A 185 -12.66 -10.40 4.45
C GLU A 185 -12.89 -9.61 3.16
N LYS A 186 -13.67 -8.54 3.28
CA LYS A 186 -13.91 -7.65 2.16
C LYS A 186 -12.91 -6.50 2.15
N THR A 187 -12.53 -6.00 3.32
CA THR A 187 -11.71 -4.80 3.39
C THR A 187 -10.28 -5.04 2.86
N MET A 188 -9.65 -6.14 3.27
CA MET A 188 -8.24 -6.35 2.92
C MET A 188 -8.05 -6.88 1.50
N PRO A 189 -8.65 -8.04 1.13
CA PRO A 189 -8.43 -8.63 -0.19
C PRO A 189 -8.82 -7.68 -1.31
N SER A 190 -9.92 -6.98 -1.13
CA SER A 190 -10.44 -6.12 -2.17
C SER A 190 -9.65 -4.82 -2.26
N ASN A 191 -9.02 -4.44 -1.17
CA ASN A 191 -8.24 -3.21 -1.15
C ASN A 191 -6.88 -3.42 -1.80
N LEU A 192 -6.31 -4.61 -1.61
CA LEU A 192 -4.99 -4.91 -2.17
C LEU A 192 -5.04 -5.00 -3.69
N VAL A 193 -6.08 -5.65 -4.20
CA VAL A 193 -6.28 -5.73 -5.65
C VAL A 193 -6.49 -4.33 -6.20
N ASN A 194 -7.09 -3.50 -5.36
CA ASN A 194 -7.40 -2.13 -5.69
C ASN A 194 -6.14 -1.27 -5.66
N PHE A 195 -5.20 -1.62 -4.79
CA PHE A 195 -3.89 -0.98 -4.80
C PHE A 195 -3.13 -1.38 -6.06
N ILE A 196 -3.43 -2.55 -6.57
CA ILE A 196 -2.87 -2.96 -7.84
C ILE A 196 -3.65 -2.37 -9.01
N LEU A 197 -4.91 -2.07 -8.78
CA LEU A 197 -5.73 -1.44 -9.80
C LEU A 197 -5.32 -0.02 -9.98
N ASN A 198 -5.09 0.65 -8.87
CA ASN A 198 -4.49 1.97 -8.94
C ASN A 198 -3.19 1.87 -9.71
N ALA A 199 -2.52 0.72 -9.62
CA ALA A 199 -1.27 0.57 -10.28
C ALA A 199 -1.48 0.35 -11.76
N LYS A 200 -2.42 -0.51 -12.09
CA LYS A 200 -2.81 -0.73 -13.48
C LYS A 200 -3.24 0.57 -14.15
N ASP A 201 -4.04 1.33 -13.44
CA ASP A 201 -4.64 2.54 -14.01
C ASP A 201 -3.73 3.73 -13.88
N GLY A 202 -3.03 3.81 -12.76
CA GLY A 202 -2.08 4.91 -12.54
C GLY A 202 -0.88 4.81 -13.46
N ILE A 203 -0.50 3.58 -13.78
CA ILE A 203 0.63 3.32 -14.66
C ILE A 203 0.29 3.73 -16.08
N LYS A 204 -0.97 3.54 -16.46
CA LYS A 204 -1.40 3.93 -17.78
C LYS A 204 -1.88 5.37 -17.76
N ALA A 205 -2.22 5.85 -16.57
CA ALA A 205 -2.44 7.28 -16.38
C ALA A 205 -1.14 8.01 -16.64
N HIS A 206 -0.05 7.39 -16.21
CA HIS A 206 1.29 7.92 -16.49
C HIS A 206 1.70 7.66 -17.95
N ARG A 207 1.41 6.48 -18.44
CA ARG A 207 1.91 6.02 -19.74
C ARG A 207 1.00 6.46 -20.87
N THR A 208 -0.26 6.06 -20.77
CA THR A 208 -1.27 6.34 -21.75
C THR A 208 -1.82 7.76 -21.57
N PRO A 209 -2.20 8.45 -22.66
CA PRO A 209 -2.91 9.73 -22.58
C PRO A 209 -4.30 9.57 -21.97
N SER A 210 -4.33 9.10 -20.74
CA SER A 210 -5.57 8.92 -20.00
C SER A 210 -5.67 10.00 -18.91
N ARG A 211 -4.95 11.09 -19.13
CA ARG A 211 -4.97 12.21 -18.20
C ARG A 211 -6.07 13.19 -18.59
N ARG A 212 -6.82 12.82 -19.61
CA ARG A 212 -7.94 13.62 -20.08
C ARG A 212 -9.06 13.59 -19.05
N GLY A 213 -9.05 12.54 -18.23
CA GLY A 213 -9.92 12.51 -17.08
C GLY A 213 -9.16 12.88 -15.83
N PHE A 214 -8.67 14.11 -15.80
CA PHE A 214 -7.80 14.58 -14.73
C PHE A 214 -8.58 14.72 -13.43
N HIS A 215 -8.44 13.72 -12.56
CA HIS A 215 -9.13 13.72 -11.29
C HIS A 215 -8.24 14.33 -10.21
N HIS A 216 -8.63 15.50 -9.72
CA HIS A 216 -7.93 16.20 -8.64
C HIS A 216 -6.54 16.66 -9.10
N ASN A 217 -6.09 17.78 -8.55
CA ASN A 217 -4.77 18.32 -8.88
C ASN A 217 -3.68 17.46 -8.23
N SER A 218 -2.92 16.78 -9.10
CA SER A 218 -1.91 15.81 -8.70
C SER A 218 -0.91 16.37 -7.70
N HIS A 219 -0.41 17.57 -7.98
CA HIS A 219 0.55 18.21 -7.09
C HIS A 219 -0.07 19.44 -6.44
N SER A 220 -1.41 19.46 -6.41
CA SER A 220 -2.17 20.56 -5.85
C SER A 220 -1.79 21.88 -6.51
N MET A 1 17.87 10.18 13.17
CA MET A 1 16.99 9.42 12.24
C MET A 1 16.70 8.04 12.78
N ASP A 2 15.70 7.95 13.65
CA ASP A 2 15.36 6.70 14.30
C ASP A 2 14.52 5.86 13.38
N PHE A 3 13.80 6.54 12.48
CA PHE A 3 12.87 5.89 11.59
C PHE A 3 13.66 5.04 10.61
N LYS A 4 14.87 5.50 10.32
CA LYS A 4 15.76 4.80 9.45
C LYS A 4 16.28 3.54 10.14
N ALA A 5 15.95 3.39 11.41
CA ALA A 5 16.28 2.17 12.11
C ALA A 5 15.15 1.18 11.98
N ILE A 6 13.93 1.67 12.12
CA ILE A 6 12.77 0.80 12.18
C ILE A 6 12.37 0.40 10.77
N ALA A 7 12.38 1.40 9.91
CA ALA A 7 11.99 1.24 8.52
C ALA A 7 12.97 0.38 7.76
N GLN A 8 14.22 0.70 7.94
CA GLN A 8 15.31 0.05 7.26
C GLN A 8 15.40 -1.41 7.66
N GLN A 9 14.93 -1.70 8.85
CA GLN A 9 14.77 -3.07 9.29
C GLN A 9 13.47 -3.64 8.74
N THR A 10 12.45 -2.79 8.75
CA THR A 10 11.12 -3.14 8.31
C THR A 10 11.05 -3.45 6.82
N ALA A 11 11.81 -2.73 6.00
CA ALA A 11 11.85 -3.02 4.57
C ALA A 11 12.05 -4.50 4.29
N GLN A 12 13.08 -5.08 4.89
CA GLN A 12 13.38 -6.50 4.70
C GLN A 12 12.48 -7.36 5.58
N GLU A 13 11.66 -6.73 6.40
CA GLU A 13 10.65 -7.46 7.18
C GLU A 13 9.49 -7.81 6.26
N VAL A 14 8.96 -6.79 5.62
CA VAL A 14 7.86 -6.96 4.69
C VAL A 14 8.33 -7.67 3.43
N LEU A 15 9.54 -7.37 3.02
CA LEU A 15 10.17 -8.04 1.92
C LEU A 15 10.48 -9.46 2.34
N GLY A 16 10.60 -9.62 3.63
CA GLY A 16 10.86 -10.93 4.20
C GLY A 16 9.67 -11.81 4.01
N TYR A 17 8.54 -11.17 3.72
CA TYR A 17 7.32 -11.88 3.45
C TYR A 17 7.22 -12.15 1.96
N ASN A 18 7.92 -11.32 1.17
CA ASN A 18 7.95 -11.53 -0.27
C ASN A 18 8.68 -12.82 -0.59
N ARG A 19 9.48 -13.28 0.37
CA ARG A 19 10.24 -14.52 0.23
C ARG A 19 9.83 -15.51 1.32
N ASP A 20 8.75 -15.18 2.02
CA ASP A 20 8.24 -16.00 3.12
C ASP A 20 7.30 -17.06 2.59
N THR A 21 6.62 -16.70 1.50
CA THR A 21 5.51 -17.45 0.91
C THR A 21 5.41 -18.89 1.39
N SER A 22 4.71 -19.02 2.49
CA SER A 22 4.43 -20.30 3.09
C SER A 22 3.45 -20.11 4.25
N GLY A 23 2.47 -21.00 4.36
CA GLY A 23 1.53 -20.91 5.45
C GLY A 23 0.28 -20.17 5.08
N TRP A 24 0.31 -19.51 3.92
CA TRP A 24 -0.84 -18.74 3.46
C TRP A 24 -1.56 -19.49 2.35
N LYS A 25 -2.34 -18.74 1.60
CA LYS A 25 -3.16 -19.30 0.57
C LYS A 25 -3.75 -18.20 -0.26
N VAL A 26 -3.60 -18.30 -1.56
CA VAL A 26 -4.22 -17.34 -2.44
C VAL A 26 -5.70 -17.54 -2.43
N VAL A 27 -6.36 -16.59 -1.84
CA VAL A 27 -7.76 -16.69 -1.60
C VAL A 27 -8.51 -16.05 -2.74
N LYS A 28 -7.87 -15.11 -3.42
CA LYS A 28 -8.54 -14.37 -4.46
C LYS A 28 -7.57 -13.84 -5.50
N THR A 29 -7.91 -14.06 -6.77
CA THR A 29 -7.08 -13.55 -7.86
C THR A 29 -7.90 -13.29 -9.12
N SER A 30 -7.43 -12.34 -9.91
CA SER A 30 -8.04 -12.05 -11.20
C SER A 30 -7.21 -12.62 -12.34
N LYS A 31 -6.45 -13.67 -12.04
CA LYS A 31 -5.66 -14.41 -13.03
C LYS A 31 -4.40 -13.65 -13.45
N LYS A 32 -4.01 -12.69 -12.61
CA LYS A 32 -2.78 -11.94 -12.81
C LYS A 32 -2.41 -11.20 -11.53
N ILE A 33 -3.43 -10.83 -10.79
CA ILE A 33 -3.25 -10.28 -9.45
C ILE A 33 -3.78 -11.30 -8.44
N THR A 34 -3.06 -11.50 -7.35
CA THR A 34 -3.25 -12.68 -6.52
C THR A 34 -3.14 -12.34 -5.04
N VAL A 35 -4.23 -12.50 -4.30
CA VAL A 35 -4.26 -12.16 -2.89
C VAL A 35 -4.09 -13.41 -2.04
N SER A 36 -3.00 -13.47 -1.31
CA SER A 36 -2.66 -14.62 -0.48
C SER A 36 -2.84 -14.28 0.99
N SER A 37 -3.69 -15.05 1.67
CA SER A 37 -4.07 -14.74 3.04
C SER A 37 -3.58 -15.79 4.03
N LYS A 38 -2.98 -15.31 5.11
CA LYS A 38 -2.68 -16.15 6.27
C LYS A 38 -2.62 -15.29 7.53
N ALA A 39 -3.00 -15.88 8.65
CA ALA A 39 -2.90 -15.21 9.94
C ALA A 39 -1.48 -14.71 10.16
N SER A 40 -1.37 -13.42 10.47
CA SER A 40 -0.09 -12.76 10.58
C SER A 40 0.73 -13.29 11.75
N ARG A 41 0.03 -13.88 12.71
CA ARG A 41 0.64 -14.43 13.92
C ARG A 41 1.04 -13.35 14.93
N LYS A 42 0.99 -12.09 14.51
CA LYS A 42 1.25 -10.98 15.42
C LYS A 42 0.06 -10.84 16.38
N PHE A 43 -1.01 -11.55 16.05
CA PHE A 43 -2.24 -11.61 16.84
C PHE A 43 -3.24 -12.39 16.00
N HIS A 44 -4.50 -12.41 16.40
CA HIS A 44 -5.51 -13.07 15.58
C HIS A 44 -5.98 -12.11 14.50
N GLY A 45 -5.22 -12.06 13.42
CA GLY A 45 -5.53 -11.23 12.30
C GLY A 45 -4.75 -11.71 11.12
N ASN A 46 -5.38 -11.72 9.96
CA ASN A 46 -4.73 -12.28 8.80
C ASN A 46 -3.98 -11.21 8.02
N LEU A 47 -2.89 -11.63 7.42
CA LEU A 47 -2.09 -10.78 6.58
C LEU A 47 -2.35 -11.17 5.14
N TYR A 48 -2.57 -10.19 4.30
CA TYR A 48 -2.94 -10.46 2.92
C TYR A 48 -1.87 -9.90 1.99
N ARG A 49 -1.34 -10.76 1.14
CA ARG A 49 -0.38 -10.34 0.13
C ARG A 49 -1.05 -10.32 -1.22
N VAL A 50 -1.16 -9.17 -1.85
CA VAL A 50 -1.67 -9.11 -3.19
C VAL A 50 -0.51 -8.99 -4.16
N GLU A 51 -0.58 -9.75 -5.23
CA GLU A 51 0.53 -9.92 -6.15
C GLU A 51 0.04 -9.89 -7.57
N GLY A 52 0.36 -8.82 -8.26
CA GLY A 52 -0.08 -8.68 -9.63
C GLY A 52 0.99 -8.11 -10.51
N ILE A 53 1.11 -8.60 -11.72
CA ILE A 53 2.11 -8.08 -12.63
C ILE A 53 1.57 -6.86 -13.36
N ILE A 54 2.20 -5.73 -13.12
CA ILE A 54 1.90 -4.52 -13.84
C ILE A 54 2.97 -4.32 -14.91
N PRO A 55 2.56 -4.42 -16.19
CA PRO A 55 3.46 -4.36 -17.36
C PRO A 55 4.17 -3.03 -17.54
N GLU A 56 4.88 -2.62 -16.51
CA GLU A 56 5.67 -1.40 -16.54
C GLU A 56 7.04 -1.68 -16.01
N SER A 57 7.68 -0.63 -15.55
CA SER A 57 8.88 -0.74 -14.79
C SER A 57 8.53 -0.57 -13.33
N PRO A 58 9.24 -1.30 -12.49
CA PRO A 58 9.13 -1.22 -11.03
C PRO A 58 9.39 0.21 -10.55
N ALA A 59 9.88 1.03 -11.47
CA ALA A 59 10.16 2.43 -11.20
C ALA A 59 8.92 3.29 -11.37
N LYS A 60 8.20 3.11 -12.48
CA LYS A 60 6.99 3.88 -12.71
C LYS A 60 5.99 3.54 -11.63
N LEU A 61 6.04 2.29 -11.19
CA LEU A 61 5.26 1.84 -10.07
C LEU A 61 5.57 2.67 -8.82
N SER A 62 6.83 2.71 -8.43
CA SER A 62 7.23 3.53 -7.27
C SER A 62 7.03 5.02 -7.58
N ASP A 63 6.73 5.30 -8.85
CA ASP A 63 6.50 6.67 -9.30
C ASP A 63 5.03 7.09 -9.12
N PHE A 64 4.09 6.14 -9.26
CA PHE A 64 2.67 6.49 -9.20
C PHE A 64 2.24 6.65 -7.74
N LEU A 65 2.67 5.73 -6.88
CA LEU A 65 2.22 5.73 -5.49
C LEU A 65 3.12 6.54 -4.60
N TYR A 66 4.13 7.18 -5.23
CA TYR A 66 5.26 7.85 -4.56
C TYR A 66 5.04 8.07 -3.07
N GLN A 67 4.15 8.99 -2.71
CA GLN A 67 3.75 9.14 -1.30
C GLN A 67 2.64 10.18 -1.10
N THR A 68 2.78 11.35 -1.70
CA THR A 68 1.90 12.46 -1.33
C THR A 68 1.87 13.53 -2.42
N GLY A 69 2.17 13.15 -3.64
CA GLY A 69 2.34 14.16 -4.66
C GLY A 69 1.51 13.95 -5.90
N ASP A 70 0.95 12.76 -6.05
CA ASP A 70 0.27 12.43 -7.30
C ASP A 70 -0.73 11.31 -7.08
N ARG A 71 -0.39 10.42 -6.18
CA ARG A 71 -1.14 9.20 -5.91
C ARG A 71 -2.61 9.50 -5.64
N ILE A 72 -2.86 10.58 -4.93
CA ILE A 72 -4.20 10.94 -4.51
C ILE A 72 -4.90 11.79 -5.55
N THR A 73 -4.18 12.16 -6.59
CA THR A 73 -4.78 12.98 -7.60
C THR A 73 -5.44 12.11 -8.65
N TRP A 74 -4.92 10.89 -8.80
CA TRP A 74 -5.48 9.96 -9.79
C TRP A 74 -6.15 8.75 -9.12
N ASP A 75 -6.13 8.74 -7.80
CA ASP A 75 -6.47 7.53 -7.02
C ASP A 75 -7.94 7.15 -7.11
N LYS A 76 -8.24 6.03 -6.46
CA LYS A 76 -9.61 5.58 -6.25
C LYS A 76 -9.77 4.92 -4.87
N SER A 77 -8.66 4.76 -4.16
CA SER A 77 -8.68 4.18 -2.82
C SER A 77 -8.12 5.16 -1.82
N LEU A 78 -7.87 6.37 -2.29
CA LEU A 78 -7.22 7.39 -1.47
C LEU A 78 -8.15 8.59 -1.31
N GLN A 79 -7.59 9.75 -0.99
CA GLN A 79 -8.39 10.92 -0.67
C GLN A 79 -7.52 12.16 -0.49
N VAL A 80 -6.59 12.09 0.45
CA VAL A 80 -5.85 13.28 0.87
C VAL A 80 -4.42 12.91 1.25
N TYR A 81 -3.49 13.76 0.86
CA TYR A 81 -2.09 13.60 1.17
C TYR A 81 -1.64 14.58 2.26
N ASN A 82 -0.62 14.18 3.01
CA ASN A 82 0.02 15.06 3.98
C ASN A 82 1.41 14.53 4.31
N MET A 83 2.42 15.18 3.77
CA MET A 83 3.81 14.83 4.06
C MET A 83 4.14 15.31 5.47
N VAL A 84 3.95 14.43 6.44
CA VAL A 84 4.00 14.82 7.85
C VAL A 84 5.43 14.99 8.33
N HIS A 85 6.20 13.93 8.31
CA HIS A 85 7.59 13.99 8.75
C HIS A 85 8.45 13.14 7.83
N ARG A 86 9.33 13.79 7.09
CA ARG A 86 10.28 13.08 6.24
C ARG A 86 11.60 12.96 6.99
N ILE A 87 12.15 11.76 6.99
CA ILE A 87 13.30 11.45 7.84
C ILE A 87 14.60 11.74 7.12
N ASP A 88 14.70 11.23 5.91
CA ASP A 88 15.94 11.30 5.16
C ASP A 88 15.62 11.18 3.67
N SER A 89 16.52 10.60 2.90
CA SER A 89 16.41 10.61 1.46
C SER A 89 15.13 9.95 0.96
N ASP A 90 14.84 8.76 1.45
CA ASP A 90 13.74 7.98 0.91
C ASP A 90 13.01 7.31 2.06
N THR A 91 12.86 8.05 3.14
CA THR A 91 12.20 7.55 4.31
C THR A 91 11.26 8.63 4.79
N PHE A 92 9.99 8.36 4.71
CA PHE A 92 8.99 9.36 5.02
C PHE A 92 7.95 8.82 5.96
N ILE A 93 7.09 9.71 6.37
CA ILE A 93 5.86 9.34 7.02
C ILE A 93 4.76 10.15 6.33
N CYS A 94 3.68 9.50 5.97
CA CYS A 94 2.63 10.21 5.26
C CYS A 94 1.31 10.11 6.02
N HIS A 95 0.63 11.25 6.11
CA HIS A 95 -0.71 11.32 6.65
C HIS A 95 -1.71 11.36 5.49
N THR A 96 -1.99 10.20 4.95
CA THR A 96 -2.92 10.04 3.87
C THR A 96 -4.32 9.81 4.41
N ILE A 97 -5.32 10.22 3.68
CA ILE A 97 -6.68 9.80 3.97
C ILE A 97 -7.07 8.71 3.01
N THR A 98 -7.61 7.62 3.53
CA THR A 98 -7.86 6.43 2.76
C THR A 98 -9.36 6.19 2.56
N GLN A 99 -9.75 6.03 1.31
CA GLN A 99 -11.15 5.74 0.97
C GLN A 99 -11.37 4.24 0.90
N SER A 100 -10.83 3.52 1.86
CA SER A 100 -10.97 2.08 1.91
C SER A 100 -12.16 1.72 2.78
N PHE A 101 -13.34 1.99 2.26
CA PHE A 101 -14.58 1.73 2.96
C PHE A 101 -15.36 0.63 2.29
N ALA A 102 -15.50 -0.49 2.99
CA ALA A 102 -16.33 -1.60 2.56
C ALA A 102 -17.80 -1.22 2.65
N VAL A 103 -18.20 -0.34 1.74
CA VAL A 103 -19.59 0.11 1.60
C VAL A 103 -19.95 1.13 2.68
N GLY A 104 -19.48 0.89 3.89
CA GLY A 104 -19.75 1.80 4.99
C GLY A 104 -19.42 1.19 6.33
N SER A 105 -19.27 -0.13 6.38
CA SER A 105 -18.96 -0.82 7.62
C SER A 105 -17.57 -0.40 8.11
N ILE A 106 -16.61 -0.45 7.21
CA ILE A 106 -15.30 0.11 7.46
C ILE A 106 -15.31 1.58 7.09
N SER A 107 -15.00 2.44 8.05
CA SER A 107 -14.95 3.87 7.81
C SER A 107 -13.65 4.21 7.08
N PRO A 108 -13.59 5.38 6.42
CA PRO A 108 -12.36 5.87 5.78
C PRO A 108 -11.18 5.81 6.75
N ARG A 109 -10.00 5.52 6.23
CA ARG A 109 -8.88 5.23 7.10
C ARG A 109 -7.90 6.39 7.10
N ASP A 110 -7.36 6.67 8.24
CA ASP A 110 -6.36 7.72 8.39
C ASP A 110 -5.00 7.08 8.28
N PHE A 111 -4.26 7.42 7.27
CA PHE A 111 -3.05 6.70 6.95
C PHE A 111 -1.86 7.44 7.51
N ILE A 112 -1.25 6.87 8.54
CA ILE A 112 -0.02 7.38 9.10
C ILE A 112 1.02 6.28 9.09
N ASP A 113 1.54 6.02 7.93
CA ASP A 113 2.51 4.96 7.79
C ASP A 113 3.88 5.52 7.53
N LEU A 114 4.82 5.12 8.38
CA LEU A 114 6.22 5.43 8.15
C LEU A 114 6.76 4.54 7.07
N VAL A 115 7.16 5.15 6.01
CA VAL A 115 7.38 4.48 4.77
C VAL A 115 8.81 4.61 4.33
N TYR A 116 9.44 3.47 4.11
CA TYR A 116 10.78 3.48 3.60
C TYR A 116 10.83 2.99 2.17
N ILE A 117 11.33 3.83 1.29
CA ILE A 117 11.46 3.48 -0.12
C ILE A 117 12.80 2.78 -0.32
N LYS A 118 12.73 1.47 -0.38
CA LYS A 118 13.91 0.63 -0.45
C LYS A 118 14.12 0.14 -1.88
N ARG A 119 15.34 0.29 -2.36
CA ARG A 119 15.65 -0.12 -3.70
C ARG A 119 16.83 -1.06 -3.64
N TYR A 120 16.52 -2.33 -3.49
CA TYR A 120 17.52 -3.37 -3.57
C TYR A 120 17.98 -3.46 -5.02
N GLU A 121 19.27 -3.21 -5.20
CA GLU A 121 19.96 -3.26 -6.50
C GLU A 121 19.38 -4.31 -7.43
N GLY A 122 18.49 -3.87 -8.30
CA GLY A 122 17.85 -4.73 -9.27
C GLY A 122 17.21 -5.94 -8.63
N ASN A 123 16.56 -5.68 -7.52
CA ASN A 123 15.97 -6.73 -6.72
C ASN A 123 14.55 -6.36 -6.33
N MET A 124 14.36 -5.15 -5.81
CA MET A 124 13.03 -4.73 -5.39
C MET A 124 12.92 -3.20 -5.33
N ASN A 125 11.75 -2.69 -5.68
CA ASN A 125 11.45 -1.28 -5.53
C ASN A 125 10.24 -1.14 -4.60
N ILE A 126 10.51 -1.22 -3.31
CA ILE A 126 9.48 -1.31 -2.29
C ILE A 126 9.33 -0.04 -1.45
N ILE A 127 8.10 0.25 -1.04
CA ILE A 127 7.88 1.18 0.06
C ILE A 127 7.41 0.39 1.30
N SER A 128 8.27 0.33 2.31
CA SER A 128 7.95 -0.38 3.53
C SER A 128 7.36 0.56 4.58
N SER A 129 6.10 0.36 4.88
CA SER A 129 5.34 1.28 5.72
C SER A 129 5.18 0.74 7.14
N LYS A 130 4.91 1.64 8.07
CA LYS A 130 4.63 1.28 9.46
C LYS A 130 3.66 2.26 10.04
N SER A 131 2.56 1.77 10.56
CA SER A 131 1.63 2.64 11.22
C SER A 131 2.29 3.15 12.49
N VAL A 132 2.92 4.28 12.36
CA VAL A 132 3.87 4.70 13.34
C VAL A 132 3.28 5.86 14.13
N ASP A 133 3.44 5.75 15.42
CA ASP A 133 2.73 6.61 16.33
C ASP A 133 3.61 7.78 16.68
N PHE A 134 3.73 8.68 15.72
CA PHE A 134 4.71 9.76 15.83
C PHE A 134 4.00 11.11 16.10
N PRO A 135 4.76 12.21 16.36
CA PRO A 135 4.19 13.50 16.81
C PRO A 135 3.05 14.10 15.95
N GLU A 136 3.23 14.16 14.62
CA GLU A 136 2.25 14.85 13.75
C GLU A 136 1.03 13.98 13.48
N TYR A 137 1.15 12.74 13.89
CA TYR A 137 0.18 11.69 13.59
C TYR A 137 -1.30 11.97 13.97
N PRO A 138 -1.63 12.62 15.14
CA PRO A 138 -3.00 12.74 15.66
C PRO A 138 -4.12 12.77 14.61
N PRO A 139 -4.92 11.68 14.57
CA PRO A 139 -6.02 11.51 13.62
C PRO A 139 -7.34 12.05 14.17
N SER A 140 -8.43 11.52 13.64
CA SER A 140 -9.77 11.89 14.09
C SER A 140 -10.69 10.68 13.94
N SER A 141 -11.62 10.52 14.88
CA SER A 141 -12.38 9.28 15.01
C SER A 141 -13.16 8.88 13.75
N ASN A 142 -13.38 9.80 12.82
CA ASN A 142 -14.07 9.47 11.57
C ASN A 142 -13.10 8.88 10.55
N TYR A 143 -11.81 9.05 10.80
CA TYR A 143 -10.77 8.46 9.98
C TYR A 143 -9.86 7.68 10.88
N ILE A 144 -9.91 6.36 10.78
CA ILE A 144 -9.21 5.54 11.73
C ILE A 144 -7.76 5.41 11.30
N ARG A 145 -6.86 6.00 12.06
CA ARG A 145 -5.43 5.78 11.87
C ARG A 145 -5.14 4.31 11.57
N GLY A 146 -4.69 4.06 10.35
CA GLY A 146 -4.35 2.73 9.90
C GLY A 146 -3.43 2.03 10.85
N TYR A 147 -3.78 0.80 11.21
CA TYR A 147 -2.91 0.00 12.06
C TYR A 147 -2.22 -1.06 11.23
N ASN A 148 -1.42 -0.59 10.30
CA ASN A 148 -0.65 -1.45 9.41
C ASN A 148 0.66 -1.81 10.07
N HIS A 149 0.79 -3.06 10.50
CA HIS A 149 2.04 -3.53 11.11
C HIS A 149 3.04 -3.84 10.02
N PRO A 150 4.30 -3.35 10.18
CA PRO A 150 5.31 -3.19 9.15
C PRO A 150 4.99 -3.84 7.81
N CYS A 151 3.92 -3.36 7.21
CA CYS A 151 3.53 -3.79 5.88
C CYS A 151 4.42 -3.11 4.85
N GLY A 152 4.12 -3.31 3.59
CA GLY A 152 4.89 -2.70 2.56
C GLY A 152 4.27 -2.88 1.22
N PHE A 153 5.06 -2.64 0.21
CA PHE A 153 4.58 -2.52 -1.14
C PHE A 153 5.76 -2.69 -2.08
N VAL A 154 6.15 -3.94 -2.29
CA VAL A 154 7.34 -4.18 -3.06
C VAL A 154 6.99 -4.33 -4.53
N CYS A 155 7.70 -3.60 -5.35
CA CYS A 155 7.60 -3.77 -6.79
C CYS A 155 8.80 -4.60 -7.24
N SER A 156 8.51 -5.81 -7.66
CA SER A 156 9.56 -6.78 -7.93
C SER A 156 9.89 -6.82 -9.42
N PRO A 157 11.15 -6.52 -9.77
CA PRO A 157 11.65 -6.73 -11.12
C PRO A 157 11.46 -8.18 -11.57
N MET A 158 10.58 -8.39 -12.54
CA MET A 158 10.28 -9.74 -13.02
C MET A 158 11.40 -10.27 -13.88
N GLU A 159 11.11 -11.36 -14.58
CA GLU A 159 12.05 -11.89 -15.52
C GLU A 159 12.12 -10.94 -16.72
N GLU A 160 10.98 -10.36 -17.03
CA GLU A 160 10.84 -9.34 -18.06
C GLU A 160 10.76 -7.97 -17.39
N ASN A 161 11.42 -7.87 -16.26
CA ASN A 161 11.30 -6.75 -15.30
C ASN A 161 11.00 -5.36 -15.89
N PRO A 162 11.68 -4.86 -16.93
CA PRO A 162 11.42 -3.50 -17.40
C PRO A 162 10.14 -3.39 -18.23
N ALA A 163 9.57 -4.54 -18.58
CA ALA A 163 8.35 -4.59 -19.37
C ALA A 163 7.21 -5.23 -18.57
N TYR A 164 7.58 -6.02 -17.57
CA TYR A 164 6.63 -6.60 -16.64
C TYR A 164 7.17 -6.48 -15.23
N SER A 165 6.42 -5.82 -14.35
CA SER A 165 6.87 -5.63 -12.99
C SER A 165 5.93 -6.31 -12.02
N LYS A 166 6.50 -6.95 -11.02
CA LYS A 166 5.71 -7.68 -10.05
C LYS A 166 5.29 -6.78 -8.89
N LEU A 167 4.04 -6.41 -8.90
CA LEU A 167 3.47 -5.59 -7.85
C LEU A 167 3.01 -6.49 -6.72
N VAL A 168 3.79 -6.56 -5.65
CA VAL A 168 3.38 -7.36 -4.50
C VAL A 168 3.35 -6.54 -3.22
N MET A 169 2.16 -6.47 -2.62
CA MET A 169 1.92 -5.67 -1.45
C MET A 169 1.44 -6.55 -0.31
N PHE A 170 1.76 -6.17 0.90
CA PHE A 170 1.37 -6.92 2.07
C PHE A 170 0.68 -5.98 3.02
N VAL A 171 -0.43 -6.42 3.58
CA VAL A 171 -1.13 -5.60 4.55
C VAL A 171 -1.38 -6.37 5.84
N GLN A 172 -0.81 -5.87 6.93
CA GLN A 172 -0.99 -6.45 8.24
C GLN A 172 -1.71 -5.44 9.12
N THR A 173 -2.92 -5.13 8.73
CA THR A 173 -3.73 -4.16 9.43
C THR A 173 -4.71 -4.86 10.36
N GLU A 174 -5.14 -4.17 11.42
CA GLU A 174 -6.06 -4.79 12.37
C GLU A 174 -7.51 -4.75 11.89
N MET A 175 -7.71 -4.46 10.59
CA MET A 175 -9.02 -4.62 9.97
C MET A 175 -9.86 -3.40 10.25
N ARG A 176 -9.17 -2.33 10.61
CA ARG A 176 -9.73 -1.01 10.79
C ARG A 176 -11.10 -1.01 11.45
N GLY A 177 -11.09 -1.26 12.74
CA GLY A 177 -12.32 -1.24 13.50
C GLY A 177 -12.77 -2.62 13.93
N LYS A 178 -12.20 -3.65 13.31
CA LYS A 178 -12.51 -5.05 13.65
C LYS A 178 -13.96 -5.37 13.27
N LEU A 179 -14.16 -5.76 12.01
CA LEU A 179 -15.49 -6.02 11.48
C LEU A 179 -15.89 -7.47 11.71
N SER A 180 -16.74 -7.97 10.83
CA SER A 180 -17.15 -9.36 10.82
C SER A 180 -16.56 -10.02 9.56
N PRO A 181 -16.31 -11.34 9.57
CA PRO A 181 -15.75 -12.07 8.44
C PRO A 181 -16.25 -11.57 7.07
N SER A 182 -17.57 -11.45 6.92
CA SER A 182 -18.17 -11.06 5.64
C SER A 182 -17.79 -9.63 5.23
N ILE A 183 -17.31 -8.85 6.17
CA ILE A 183 -16.93 -7.46 5.89
C ILE A 183 -15.47 -7.41 5.50
N ILE A 184 -14.73 -8.27 6.15
CA ILE A 184 -13.32 -8.39 6.00
C ILE A 184 -12.96 -9.08 4.68
N GLU A 185 -13.83 -9.98 4.26
CA GLU A 185 -13.65 -10.69 3.00
C GLU A 185 -14.00 -9.74 1.87
N LYS A 186 -14.75 -8.73 2.23
CA LYS A 186 -15.08 -7.65 1.34
C LYS A 186 -14.05 -6.52 1.46
N THR A 187 -13.39 -6.42 2.61
CA THR A 187 -12.44 -5.33 2.82
C THR A 187 -11.02 -5.67 2.36
N MET A 188 -10.55 -6.89 2.62
CA MET A 188 -9.14 -7.23 2.31
C MET A 188 -8.95 -7.59 0.83
N PRO A 189 -9.55 -8.69 0.34
CA PRO A 189 -9.30 -9.18 -1.02
C PRO A 189 -9.81 -8.21 -2.07
N SER A 190 -10.73 -7.36 -1.68
CA SER A 190 -11.31 -6.39 -2.60
C SER A 190 -10.43 -5.16 -2.68
N ASN A 191 -9.83 -4.78 -1.56
CA ASN A 191 -9.06 -3.54 -1.50
C ASN A 191 -7.67 -3.72 -2.08
N LEU A 192 -7.06 -4.88 -1.86
CA LEU A 192 -5.69 -5.10 -2.30
C LEU A 192 -5.58 -5.12 -3.81
N VAL A 193 -6.48 -5.84 -4.47
CA VAL A 193 -6.45 -5.90 -5.91
C VAL A 193 -6.89 -4.57 -6.52
N ASN A 194 -7.66 -3.82 -5.75
CA ASN A 194 -8.05 -2.47 -6.14
C ASN A 194 -6.87 -1.51 -6.02
N PHE A 195 -6.01 -1.76 -5.04
CA PHE A 195 -4.78 -0.98 -4.89
C PHE A 195 -3.86 -1.22 -6.08
N ILE A 196 -3.94 -2.41 -6.64
CA ILE A 196 -3.19 -2.73 -7.84
C ILE A 196 -3.88 -2.17 -9.07
N LEU A 197 -5.17 -1.97 -8.98
CA LEU A 197 -5.92 -1.41 -10.08
C LEU A 197 -5.64 0.05 -10.24
N ASN A 198 -5.58 0.76 -9.14
CA ASN A 198 -5.12 2.14 -9.20
C ASN A 198 -3.65 2.17 -9.57
N ALA A 199 -2.97 1.04 -9.46
CA ALA A 199 -1.61 0.94 -9.94
C ALA A 199 -1.60 0.74 -11.44
N LYS A 200 -2.50 -0.12 -11.91
CA LYS A 200 -2.70 -0.30 -13.34
C LYS A 200 -3.11 1.01 -13.98
N ASP A 201 -4.03 1.69 -13.32
CA ASP A 201 -4.62 2.91 -13.86
C ASP A 201 -3.70 4.10 -13.64
N GLY A 202 -3.08 4.14 -12.47
CA GLY A 202 -2.16 5.22 -12.15
C GLY A 202 -0.91 5.14 -12.98
N ILE A 203 -0.52 3.92 -13.31
CA ILE A 203 0.63 3.70 -14.15
C ILE A 203 0.33 4.11 -15.59
N LYS A 204 -0.91 3.90 -16.01
CA LYS A 204 -1.32 4.27 -17.36
C LYS A 204 -1.74 5.71 -17.38
N ALA A 205 -1.98 6.25 -16.19
CA ALA A 205 -2.09 7.67 -16.01
C ALA A 205 -0.70 8.29 -16.14
N HIS A 206 0.30 7.56 -15.67
CA HIS A 206 1.70 7.99 -15.82
C HIS A 206 2.32 7.54 -17.15
N ARG A 207 1.56 6.79 -17.96
CA ARG A 207 2.06 6.30 -19.23
C ARG A 207 1.12 6.72 -20.37
N THR A 208 -0.05 6.14 -20.37
CA THR A 208 -1.07 6.38 -21.38
C THR A 208 -1.62 7.81 -21.25
N PRO A 209 -1.95 8.47 -22.38
CA PRO A 209 -2.58 9.80 -22.38
C PRO A 209 -4.01 9.78 -21.80
N SER A 210 -4.23 8.92 -20.81
CA SER A 210 -5.52 8.83 -20.14
C SER A 210 -5.65 9.97 -19.14
N ARG A 211 -4.51 10.44 -18.66
CA ARG A 211 -4.48 11.51 -17.66
C ARG A 211 -4.90 12.84 -18.28
N ARG A 212 -5.06 12.87 -19.59
CA ARG A 212 -5.54 14.07 -20.28
C ARG A 212 -7.00 14.31 -19.90
N GLY A 213 -7.64 13.26 -19.40
CA GLY A 213 -8.99 13.38 -18.89
C GLY A 213 -9.12 12.79 -17.51
N PHE A 214 -8.17 13.11 -16.64
CA PHE A 214 -8.16 12.59 -15.28
C PHE A 214 -9.34 13.15 -14.49
N HIS A 215 -9.93 12.33 -13.65
CA HIS A 215 -11.11 12.71 -12.89
C HIS A 215 -11.05 12.15 -11.47
N HIS A 216 -11.20 13.03 -10.50
CA HIS A 216 -11.19 12.65 -9.09
C HIS A 216 -11.61 13.84 -8.25
N ASN A 217 -10.73 14.84 -8.19
CA ASN A 217 -10.99 16.07 -7.43
C ASN A 217 -11.21 15.76 -5.95
N SER A 218 -11.72 16.73 -5.20
CA SER A 218 -12.00 16.53 -3.79
C SER A 218 -13.50 16.49 -3.54
N HIS A 219 -14.26 17.17 -4.39
CA HIS A 219 -15.70 17.22 -4.28
C HIS A 219 -16.35 16.98 -5.64
N SER A 220 -17.68 17.05 -5.68
CA SER A 220 -18.40 16.90 -6.92
C SER A 220 -19.37 18.07 -7.11
N MET A 1 18.78 7.85 12.56
CA MET A 1 17.47 8.37 13.00
C MET A 1 16.53 7.24 13.38
N ASP A 2 15.66 7.51 14.34
CA ASP A 2 14.77 6.52 14.93
C ASP A 2 13.99 5.76 13.88
N PHE A 3 13.18 6.48 13.11
CA PHE A 3 12.23 5.89 12.21
C PHE A 3 12.94 5.07 11.17
N LYS A 4 14.18 5.43 10.90
CA LYS A 4 14.95 4.77 9.91
C LYS A 4 15.33 3.42 10.46
N ALA A 5 15.77 3.41 11.70
CA ALA A 5 16.12 2.18 12.38
C ALA A 5 14.98 1.16 12.30
N ILE A 6 13.75 1.63 12.43
CA ILE A 6 12.59 0.74 12.49
C ILE A 6 12.19 0.33 11.08
N ALA A 7 12.29 1.30 10.18
CA ALA A 7 11.93 1.12 8.79
C ALA A 7 12.98 0.32 8.03
N GLN A 8 14.20 0.60 8.35
CA GLN A 8 15.36 -0.05 7.75
C GLN A 8 15.33 -1.51 8.10
N GLN A 9 14.76 -1.81 9.25
CA GLN A 9 14.52 -3.19 9.62
C GLN A 9 13.27 -3.67 8.91
N THR A 10 12.24 -2.84 8.96
CA THR A 10 10.94 -3.16 8.39
C THR A 10 11.00 -3.41 6.88
N ALA A 11 11.85 -2.66 6.17
CA ALA A 11 11.99 -2.87 4.73
C ALA A 11 12.28 -4.32 4.41
N GLN A 12 13.28 -4.88 5.06
CA GLN A 12 13.65 -6.27 4.83
C GLN A 12 12.72 -7.23 5.59
N GLU A 13 11.89 -6.68 6.48
CA GLU A 13 10.88 -7.49 7.17
C GLU A 13 9.74 -7.80 6.22
N VAL A 14 9.24 -6.75 5.58
CA VAL A 14 8.11 -6.87 4.68
C VAL A 14 8.53 -7.57 3.41
N LEU A 15 9.74 -7.24 2.98
CA LEU A 15 10.37 -7.89 1.88
C LEU A 15 10.77 -9.27 2.28
N GLY A 16 10.88 -9.45 3.59
CA GLY A 16 11.12 -10.76 4.14
C GLY A 16 9.94 -11.65 3.89
N TYR A 17 8.81 -11.03 3.59
CA TYR A 17 7.59 -11.74 3.28
C TYR A 17 7.54 -12.04 1.80
N ASN A 18 8.19 -11.20 0.99
CA ASN A 18 8.30 -11.50 -0.42
C ASN A 18 9.26 -12.68 -0.63
N ARG A 19 10.09 -12.92 0.38
CA ARG A 19 11.05 -14.02 0.33
C ARG A 19 10.51 -15.22 1.08
N ASP A 20 9.55 -14.97 1.96
CA ASP A 20 8.97 -16.01 2.78
C ASP A 20 7.50 -16.19 2.44
N THR A 21 7.21 -17.22 1.71
CA THR A 21 5.86 -17.51 1.33
C THR A 21 5.46 -18.89 1.82
N SER A 22 4.76 -18.93 2.94
CA SER A 22 4.60 -20.16 3.68
C SER A 22 3.26 -20.21 4.38
N GLY A 23 2.68 -21.39 4.46
CA GLY A 23 1.51 -21.62 5.28
C GLY A 23 0.21 -21.15 4.67
N TRP A 24 0.20 -19.96 4.08
CA TRP A 24 -1.02 -19.38 3.60
C TRP A 24 -1.44 -19.88 2.23
N LYS A 25 -2.24 -19.08 1.57
CA LYS A 25 -2.97 -19.54 0.41
C LYS A 25 -3.81 -18.43 -0.14
N VAL A 26 -3.99 -18.48 -1.43
CA VAL A 26 -4.79 -17.51 -2.12
C VAL A 26 -6.22 -17.49 -1.62
N VAL A 27 -6.63 -16.31 -1.22
CA VAL A 27 -7.98 -16.09 -0.84
C VAL A 27 -8.71 -15.48 -2.02
N LYS A 28 -7.97 -14.80 -2.89
CA LYS A 28 -8.60 -14.17 -4.03
C LYS A 28 -7.62 -14.01 -5.18
N THR A 29 -8.14 -14.06 -6.40
CA THR A 29 -7.36 -13.82 -7.59
C THR A 29 -8.21 -13.11 -8.64
N SER A 30 -7.57 -12.33 -9.49
CA SER A 30 -8.27 -11.68 -10.57
C SER A 30 -7.58 -11.95 -11.90
N LYS A 31 -7.20 -13.23 -12.09
CA LYS A 31 -6.71 -13.77 -13.37
C LYS A 31 -5.43 -13.09 -13.83
N LYS A 32 -4.74 -12.47 -12.88
CA LYS A 32 -3.46 -11.85 -13.14
C LYS A 32 -2.86 -11.32 -11.84
N ILE A 33 -3.73 -11.12 -10.87
CA ILE A 33 -3.32 -10.80 -9.52
C ILE A 33 -3.78 -11.90 -8.57
N THR A 34 -3.09 -12.00 -7.45
CA THR A 34 -3.18 -13.17 -6.59
C THR A 34 -2.90 -12.79 -5.14
N VAL A 35 -3.90 -12.93 -4.28
CA VAL A 35 -3.72 -12.60 -2.86
C VAL A 35 -3.80 -13.83 -1.97
N SER A 36 -2.71 -14.10 -1.28
CA SER A 36 -2.63 -15.20 -0.34
C SER A 36 -2.77 -14.69 1.09
N SER A 37 -3.67 -15.32 1.82
CA SER A 37 -4.08 -14.85 3.13
C SER A 37 -3.51 -15.75 4.23
N LYS A 38 -2.85 -15.14 5.21
CA LYS A 38 -2.30 -15.87 6.34
C LYS A 38 -2.86 -15.36 7.66
N ALA A 39 -2.15 -14.42 8.29
CA ALA A 39 -2.55 -13.88 9.59
C ALA A 39 -1.78 -12.61 9.91
N SER A 40 -2.51 -11.63 10.44
CA SER A 40 -1.94 -10.34 10.82
C SER A 40 -1.44 -10.38 12.25
N ARG A 41 -2.29 -9.93 13.14
CA ARG A 41 -2.05 -10.05 14.56
C ARG A 41 -2.57 -11.41 15.01
N LYS A 42 -2.84 -12.23 13.99
CA LYS A 42 -3.38 -13.59 14.12
C LYS A 42 -4.40 -13.71 15.24
N PHE A 43 -5.33 -12.77 15.25
CA PHE A 43 -6.33 -12.67 16.29
C PHE A 43 -7.53 -11.90 15.77
N HIS A 44 -7.26 -10.69 15.32
CA HIS A 44 -8.28 -9.84 14.73
C HIS A 44 -7.73 -9.23 13.45
N GLY A 45 -7.65 -10.03 12.42
CA GLY A 45 -7.13 -9.57 11.14
C GLY A 45 -6.15 -10.56 10.53
N ASN A 46 -6.11 -10.61 9.21
CA ASN A 46 -5.24 -11.53 8.49
C ASN A 46 -4.26 -10.73 7.63
N LEU A 47 -3.13 -11.35 7.31
CA LEU A 47 -2.14 -10.73 6.45
C LEU A 47 -2.32 -11.25 5.04
N TYR A 48 -2.29 -10.36 4.07
CA TYR A 48 -2.58 -10.74 2.71
C TYR A 48 -1.42 -10.40 1.80
N ARG A 49 -0.93 -11.40 1.10
CA ARG A 49 0.16 -11.21 0.17
C ARG A 49 -0.40 -11.09 -1.24
N VAL A 50 -0.45 -9.88 -1.76
CA VAL A 50 -0.93 -9.68 -3.11
C VAL A 50 0.22 -9.86 -4.07
N GLU A 51 -0.09 -10.30 -5.26
CA GLU A 51 0.92 -10.55 -6.27
C GLU A 51 0.29 -10.55 -7.65
N GLY A 52 0.57 -9.50 -8.40
CA GLY A 52 0.07 -9.41 -9.75
C GLY A 52 1.06 -8.72 -10.64
N ILE A 53 1.15 -9.13 -11.89
CA ILE A 53 2.12 -8.52 -12.78
C ILE A 53 1.53 -7.31 -13.49
N ILE A 54 2.22 -6.18 -13.39
CA ILE A 54 1.81 -4.98 -14.09
C ILE A 54 2.74 -4.71 -15.26
N PRO A 55 2.22 -4.88 -16.49
CA PRO A 55 2.89 -4.58 -17.76
C PRO A 55 3.47 -3.16 -17.84
N GLU A 56 4.46 -2.94 -17.01
CA GLU A 56 5.21 -1.70 -17.01
C GLU A 56 6.49 -1.93 -16.21
N SER A 57 7.39 -0.96 -16.24
CA SER A 57 8.60 -1.06 -15.50
C SER A 57 8.36 -0.70 -14.04
N PRO A 58 9.02 -1.43 -13.15
CA PRO A 58 9.06 -1.15 -11.71
C PRO A 58 9.47 0.29 -11.43
N ALA A 59 10.00 0.94 -12.44
CA ALA A 59 10.37 2.34 -12.37
C ALA A 59 9.14 3.23 -12.46
N LYS A 60 8.25 2.92 -13.38
CA LYS A 60 7.03 3.68 -13.51
C LYS A 60 6.16 3.39 -12.31
N LEU A 61 6.32 2.18 -11.80
CA LEU A 61 5.67 1.75 -10.58
C LEU A 61 6.11 2.61 -9.39
N SER A 62 7.40 2.65 -9.13
CA SER A 62 7.92 3.50 -8.06
C SER A 62 7.70 4.97 -8.39
N ASP A 63 7.28 5.23 -9.62
CA ASP A 63 7.04 6.60 -10.08
C ASP A 63 5.60 7.05 -9.79
N PHE A 64 4.64 6.12 -9.81
CA PHE A 64 3.24 6.51 -9.71
C PHE A 64 2.76 6.58 -8.25
N LEU A 65 3.14 5.58 -7.44
CA LEU A 65 2.60 5.51 -6.08
C LEU A 65 3.48 6.24 -5.08
N TYR A 66 4.51 6.92 -5.61
CA TYR A 66 5.62 7.47 -4.82
C TYR A 66 5.23 7.81 -3.39
N GLN A 67 4.41 8.85 -3.17
CA GLN A 67 3.88 9.12 -1.83
C GLN A 67 2.86 10.25 -1.76
N THR A 68 3.07 11.34 -2.48
CA THR A 68 2.33 12.56 -2.19
C THR A 68 2.19 13.50 -3.40
N GLY A 69 2.61 13.07 -4.57
CA GLY A 69 2.72 14.02 -5.66
C GLY A 69 1.81 13.75 -6.84
N ASP A 70 1.02 12.69 -6.77
CA ASP A 70 0.15 12.32 -7.88
C ASP A 70 -0.69 11.10 -7.53
N ARG A 71 -0.15 10.28 -6.64
CA ARG A 71 -0.73 8.99 -6.29
C ARG A 71 -2.17 9.15 -5.84
N ILE A 72 -2.47 10.24 -5.15
CA ILE A 72 -3.80 10.44 -4.59
C ILE A 72 -4.68 11.21 -5.54
N THR A 73 -4.11 11.71 -6.62
CA THR A 73 -4.86 12.52 -7.54
C THR A 73 -5.53 11.64 -8.58
N TRP A 74 -4.92 10.49 -8.86
CA TRP A 74 -5.51 9.56 -9.80
C TRP A 74 -6.21 8.41 -9.08
N ASP A 75 -6.01 8.32 -7.77
CA ASP A 75 -6.36 7.10 -7.06
C ASP A 75 -7.81 7.03 -6.60
N LYS A 76 -8.21 5.80 -6.35
CA LYS A 76 -9.55 5.42 -5.98
C LYS A 76 -9.66 5.22 -4.47
N SER A 77 -8.55 4.88 -3.84
CA SER A 77 -8.53 4.52 -2.44
C SER A 77 -7.92 5.65 -1.64
N LEU A 78 -7.49 6.66 -2.37
CA LEU A 78 -6.77 7.77 -1.77
C LEU A 78 -7.60 9.04 -1.78
N GLN A 79 -7.24 9.96 -0.92
CA GLN A 79 -7.96 11.20 -0.74
C GLN A 79 -7.02 12.38 -0.57
N VAL A 80 -6.23 12.35 0.51
CA VAL A 80 -5.49 13.53 0.93
C VAL A 80 -4.10 13.16 1.41
N TYR A 81 -3.09 13.78 0.82
CA TYR A 81 -1.70 13.60 1.22
C TYR A 81 -1.27 14.70 2.19
N ASN A 82 -0.36 14.37 3.11
CA ASN A 82 0.33 15.36 3.95
C ASN A 82 1.64 14.79 4.44
N MET A 83 2.73 15.31 3.91
CA MET A 83 4.07 14.92 4.33
C MET A 83 4.30 15.37 5.76
N VAL A 84 4.23 14.44 6.72
CA VAL A 84 4.28 14.83 8.13
C VAL A 84 5.73 15.05 8.56
N HIS A 85 6.40 13.97 8.87
CA HIS A 85 7.73 14.03 9.43
C HIS A 85 8.67 13.18 8.60
N ARG A 86 9.50 13.83 7.81
CA ARG A 86 10.44 13.12 6.95
C ARG A 86 11.76 12.97 7.68
N ILE A 87 12.12 11.72 7.97
CA ILE A 87 13.25 11.41 8.84
C ILE A 87 14.57 11.53 8.10
N ASP A 88 14.56 11.06 6.86
CA ASP A 88 15.77 11.06 6.06
C ASP A 88 15.37 11.15 4.59
N SER A 89 16.28 10.82 3.68
CA SER A 89 16.01 10.99 2.26
C SER A 89 15.08 9.89 1.74
N ASP A 90 14.95 8.81 2.49
CA ASP A 90 14.17 7.67 2.03
C ASP A 90 13.28 7.14 3.14
N THR A 91 13.08 7.95 4.18
CA THR A 91 12.30 7.54 5.30
C THR A 91 11.27 8.62 5.59
N PHE A 92 10.03 8.35 5.27
CA PHE A 92 8.99 9.36 5.35
C PHE A 92 7.85 8.90 6.21
N ILE A 93 6.96 9.82 6.49
CA ILE A 93 5.70 9.51 7.12
C ILE A 93 4.63 10.33 6.42
N CYS A 94 3.64 9.66 5.86
CA CYS A 94 2.62 10.37 5.11
C CYS A 94 1.28 10.31 5.82
N HIS A 95 0.69 11.48 6.00
CA HIS A 95 -0.68 11.58 6.47
C HIS A 95 -1.61 11.38 5.28
N THR A 96 -1.85 10.13 4.97
CA THR A 96 -2.66 9.75 3.84
C THR A 96 -4.12 9.51 4.26
N ILE A 97 -5.02 10.35 3.79
CA ILE A 97 -6.43 10.09 4.00
C ILE A 97 -6.87 9.01 3.03
N THR A 98 -7.36 7.92 3.58
CA THR A 98 -7.67 6.72 2.83
C THR A 98 -9.17 6.48 2.76
N GLN A 99 -9.66 6.27 1.55
CA GLN A 99 -11.05 5.97 1.34
C GLN A 99 -11.27 4.46 1.25
N SER A 100 -11.14 3.77 2.38
CA SER A 100 -11.47 2.35 2.45
C SER A 100 -12.95 2.21 2.72
N PHE A 101 -13.75 2.66 1.76
CA PHE A 101 -15.18 2.82 1.99
C PHE A 101 -15.95 1.51 1.94
N ALA A 102 -16.22 1.00 3.12
CA ALA A 102 -17.30 0.07 3.35
C ALA A 102 -18.25 0.74 4.34
N VAL A 103 -19.09 1.61 3.79
CA VAL A 103 -19.80 2.63 4.58
C VAL A 103 -20.92 2.04 5.44
N GLY A 104 -20.87 0.75 5.68
CA GLY A 104 -21.80 0.15 6.61
C GLY A 104 -21.31 0.29 8.01
N SER A 105 -20.01 0.57 8.13
CA SER A 105 -19.37 0.76 9.41
C SER A 105 -18.18 1.70 9.27
N ILE A 106 -17.40 1.49 8.21
CA ILE A 106 -16.15 2.22 8.00
C ILE A 106 -16.40 3.67 7.61
N SER A 107 -15.71 4.57 8.28
CA SER A 107 -15.66 5.97 7.89
C SER A 107 -14.37 6.23 7.13
N PRO A 108 -14.21 7.38 6.43
CA PRO A 108 -12.95 7.75 5.80
C PRO A 108 -11.78 7.54 6.76
N ARG A 109 -10.78 6.78 6.34
CA ARG A 109 -9.77 6.32 7.28
C ARG A 109 -8.51 7.13 7.13
N ASP A 110 -7.77 7.24 8.20
CA ASP A 110 -6.64 8.13 8.27
C ASP A 110 -5.36 7.31 8.37
N PHE A 111 -4.42 7.56 7.50
CA PHE A 111 -3.17 6.82 7.51
C PHE A 111 -2.00 7.71 7.89
N ILE A 112 -1.19 7.20 8.77
CA ILE A 112 0.12 7.77 9.06
C ILE A 112 1.14 6.67 8.86
N ASP A 113 1.42 6.39 7.61
CA ASP A 113 2.31 5.32 7.27
C ASP A 113 3.74 5.81 7.30
N LEU A 114 4.54 5.26 8.20
CA LEU A 114 5.98 5.50 8.16
C LEU A 114 6.59 4.58 7.14
N VAL A 115 7.04 5.19 6.09
CA VAL A 115 7.34 4.51 4.87
C VAL A 115 8.78 4.65 4.50
N TYR A 116 9.41 3.52 4.30
CA TYR A 116 10.76 3.53 3.80
C TYR A 116 10.77 3.12 2.34
N ILE A 117 11.12 4.07 1.48
CA ILE A 117 11.16 3.84 0.06
C ILE A 117 12.56 3.44 -0.36
N LYS A 118 12.78 2.16 -0.52
CA LYS A 118 14.09 1.65 -0.87
C LYS A 118 14.04 0.95 -2.21
N ARG A 119 15.07 1.13 -3.01
CA ARG A 119 15.14 0.47 -4.30
C ARG A 119 16.35 -0.42 -4.33
N TYR A 120 16.11 -1.69 -4.07
CA TYR A 120 17.14 -2.69 -4.22
C TYR A 120 17.50 -2.75 -5.70
N GLU A 121 18.74 -2.35 -5.99
CA GLU A 121 19.28 -2.29 -7.36
C GLU A 121 18.79 -3.43 -8.24
N GLY A 122 17.79 -3.11 -9.03
CA GLY A 122 17.20 -4.06 -9.95
C GLY A 122 16.69 -5.30 -9.26
N ASN A 123 16.21 -5.11 -8.05
CA ASN A 123 15.73 -6.21 -7.24
C ASN A 123 14.33 -5.92 -6.74
N MET A 124 14.10 -4.72 -6.19
CA MET A 124 12.79 -4.38 -5.66
C MET A 124 12.62 -2.88 -5.46
N ASN A 125 11.49 -2.36 -5.92
CA ASN A 125 11.11 -0.98 -5.70
C ASN A 125 10.04 -0.94 -4.63
N ILE A 126 10.47 -1.06 -3.39
CA ILE A 126 9.57 -1.27 -2.27
C ILE A 126 9.35 -0.02 -1.42
N ILE A 127 8.10 0.18 -1.00
CA ILE A 127 7.82 1.10 0.09
C ILE A 127 7.40 0.30 1.33
N SER A 128 8.25 0.32 2.34
CA SER A 128 7.98 -0.40 3.58
C SER A 128 7.40 0.55 4.63
N SER A 129 6.12 0.37 4.92
CA SER A 129 5.37 1.32 5.71
C SER A 129 4.95 0.73 7.05
N LYS A 130 4.71 1.60 8.03
CA LYS A 130 4.18 1.19 9.32
C LYS A 130 3.20 2.22 9.76
N SER A 131 2.04 1.81 10.24
CA SER A 131 1.10 2.73 10.79
C SER A 131 1.67 3.25 12.08
N VAL A 132 2.29 4.38 11.98
CA VAL A 132 3.17 4.83 13.02
C VAL A 132 2.56 5.96 13.79
N ASP A 133 2.48 5.73 15.08
CA ASP A 133 1.67 6.52 15.98
C ASP A 133 2.53 7.56 16.67
N PHE A 134 3.30 8.23 15.86
CA PHE A 134 4.33 9.13 16.31
C PHE A 134 3.73 10.50 16.66
N PRO A 135 4.42 11.31 17.48
CA PRO A 135 3.89 12.56 18.04
C PRO A 135 3.20 13.50 17.03
N GLU A 136 3.81 13.65 15.85
CA GLU A 136 3.50 14.76 14.96
C GLU A 136 2.11 14.65 14.36
N TYR A 137 1.49 13.49 14.51
CA TYR A 137 0.14 13.34 14.01
C TYR A 137 -0.64 12.22 14.70
N PRO A 138 -1.50 12.59 15.66
CA PRO A 138 -2.46 11.67 16.29
C PRO A 138 -3.81 11.67 15.54
N PRO A 139 -4.64 10.64 15.74
CA PRO A 139 -5.95 10.55 15.11
C PRO A 139 -7.09 11.07 15.97
N SER A 140 -8.31 10.68 15.63
CA SER A 140 -9.50 11.12 16.34
C SER A 140 -10.53 10.01 16.29
N SER A 141 -11.80 10.33 16.45
CA SER A 141 -12.84 9.31 16.42
C SER A 141 -13.38 9.09 15.01
N ASN A 142 -13.48 10.17 14.23
CA ASN A 142 -13.97 10.08 12.86
C ASN A 142 -12.89 9.52 11.95
N TYR A 143 -11.64 9.88 12.24
CA TYR A 143 -10.52 9.44 11.43
C TYR A 143 -9.72 8.40 12.18
N ILE A 144 -9.77 7.17 11.71
CA ILE A 144 -9.10 6.12 12.42
C ILE A 144 -7.76 5.87 11.77
N ARG A 145 -6.71 6.18 12.50
CA ARG A 145 -5.36 5.87 12.06
C ARG A 145 -5.26 4.36 11.89
N GLY A 146 -5.41 3.92 10.64
CA GLY A 146 -5.50 2.51 10.35
C GLY A 146 -4.23 1.77 10.68
N TYR A 147 -4.36 0.64 11.35
CA TYR A 147 -3.19 -0.10 11.78
C TYR A 147 -2.64 -0.99 10.69
N ASN A 148 -1.92 -0.33 9.79
CA ASN A 148 -1.09 -1.00 8.82
C ASN A 148 0.21 -1.40 9.48
N HIS A 149 0.19 -2.54 10.17
CA HIS A 149 1.40 -3.10 10.79
C HIS A 149 2.53 -3.14 9.76
N PRO A 150 3.81 -3.26 10.22
CA PRO A 150 5.00 -3.25 9.35
C PRO A 150 4.90 -4.16 8.13
N CYS A 151 4.14 -3.70 7.18
CA CYS A 151 3.97 -4.35 5.91
C CYS A 151 3.98 -3.26 4.85
N GLY A 152 4.09 -3.63 3.61
CA GLY A 152 4.37 -2.64 2.61
C GLY A 152 3.89 -2.99 1.25
N PHE A 153 4.72 -2.70 0.28
CA PHE A 153 4.30 -2.65 -1.10
C PHE A 153 5.53 -2.71 -1.96
N VAL A 154 5.91 -3.89 -2.37
CA VAL A 154 7.12 -4.04 -3.13
C VAL A 154 6.81 -4.22 -4.60
N CYS A 155 7.59 -3.55 -5.41
CA CYS A 155 7.47 -3.69 -6.86
C CYS A 155 8.71 -4.39 -7.40
N SER A 156 8.54 -5.62 -7.85
CA SER A 156 9.69 -6.44 -8.18
C SER A 156 9.92 -6.48 -9.69
N PRO A 157 11.12 -6.07 -10.12
CA PRO A 157 11.53 -6.24 -11.50
C PRO A 157 11.44 -7.71 -11.91
N MET A 158 10.56 -8.01 -12.87
CA MET A 158 10.35 -9.40 -13.28
C MET A 158 11.48 -9.86 -14.15
N GLU A 159 11.34 -11.04 -14.73
CA GLU A 159 12.27 -11.47 -15.72
C GLU A 159 12.07 -10.61 -16.97
N GLU A 160 10.82 -10.21 -17.17
CA GLU A 160 10.46 -9.30 -18.26
C GLU A 160 10.36 -7.89 -17.70
N ASN A 161 11.13 -7.65 -16.64
CA ASN A 161 11.00 -6.46 -15.78
C ASN A 161 10.63 -5.14 -16.48
N PRO A 162 11.27 -4.75 -17.60
CA PRO A 162 10.97 -3.44 -18.17
C PRO A 162 9.63 -3.40 -18.92
N ALA A 163 9.08 -4.57 -19.19
CA ALA A 163 7.81 -4.69 -19.91
C ALA A 163 6.73 -5.22 -18.98
N TYR A 164 7.14 -5.98 -17.99
CA TYR A 164 6.24 -6.55 -16.99
C TYR A 164 6.89 -6.50 -15.62
N SER A 165 6.18 -6.02 -14.62
CA SER A 165 6.77 -5.94 -13.29
C SER A 165 5.90 -6.63 -12.26
N LYS A 166 6.53 -7.09 -11.21
CA LYS A 166 5.85 -7.84 -10.17
C LYS A 166 5.36 -6.93 -9.06
N LEU A 167 4.07 -6.70 -9.06
CA LEU A 167 3.42 -5.95 -8.02
C LEU A 167 3.07 -6.90 -6.88
N VAL A 168 3.88 -6.89 -5.84
CA VAL A 168 3.59 -7.74 -4.69
C VAL A 168 3.51 -6.90 -3.41
N MET A 169 2.43 -7.10 -2.68
CA MET A 169 2.11 -6.27 -1.55
C MET A 169 1.75 -7.16 -0.38
N PHE A 170 1.78 -6.58 0.80
CA PHE A 170 1.59 -7.31 2.02
C PHE A 170 0.75 -6.47 2.92
N VAL A 171 -0.47 -6.88 3.10
CA VAL A 171 -1.39 -6.16 3.92
C VAL A 171 -1.61 -6.88 5.23
N GLN A 172 -0.90 -6.43 6.25
CA GLN A 172 -1.08 -6.90 7.61
C GLN A 172 -1.93 -5.87 8.33
N THR A 173 -2.48 -5.00 7.51
CA THR A 173 -3.34 -3.92 7.97
C THR A 173 -4.57 -4.48 8.66
N GLU A 174 -4.86 -4.03 9.87
CA GLU A 174 -6.08 -4.47 10.53
C GLU A 174 -7.14 -3.41 10.32
N MET A 175 -6.67 -2.23 9.90
CA MET A 175 -7.53 -1.06 9.65
C MET A 175 -8.11 -0.54 10.96
N ARG A 176 -8.96 -1.37 11.55
CA ARG A 176 -9.71 -1.07 12.77
C ARG A 176 -10.51 0.23 12.62
N GLY A 177 -11.23 0.57 13.67
CA GLY A 177 -12.02 1.78 13.65
C GLY A 177 -13.39 1.54 13.08
N LYS A 178 -14.21 0.82 13.85
CA LYS A 178 -15.63 0.66 13.57
C LYS A 178 -15.87 -0.20 12.32
N LEU A 179 -15.64 -1.50 12.45
CA LEU A 179 -15.95 -2.47 11.41
C LEU A 179 -16.13 -3.86 12.00
N SER A 180 -16.96 -4.66 11.36
CA SER A 180 -17.28 -6.01 11.81
C SER A 180 -16.72 -7.02 10.80
N PRO A 181 -16.66 -8.32 11.14
CA PRO A 181 -16.14 -9.35 10.22
C PRO A 181 -16.69 -9.21 8.80
N SER A 182 -17.99 -8.97 8.68
CA SER A 182 -18.65 -8.81 7.39
C SER A 182 -18.13 -7.59 6.63
N ILE A 183 -17.51 -6.67 7.36
CA ILE A 183 -17.02 -5.41 6.79
C ILE A 183 -15.58 -5.61 6.35
N ILE A 184 -14.86 -6.25 7.23
CA ILE A 184 -13.45 -6.52 7.10
C ILE A 184 -13.19 -7.52 5.98
N GLU A 185 -14.09 -8.49 5.84
CA GLU A 185 -13.97 -9.47 4.78
C GLU A 185 -14.12 -8.78 3.43
N LYS A 186 -14.66 -7.57 3.48
CA LYS A 186 -14.71 -6.73 2.32
C LYS A 186 -13.49 -5.82 2.29
N THR A 187 -13.18 -5.22 3.45
CA THR A 187 -12.18 -4.14 3.48
C THR A 187 -10.79 -4.63 3.07
N MET A 188 -10.48 -5.89 3.33
CA MET A 188 -9.17 -6.43 2.96
C MET A 188 -9.10 -6.69 1.45
N PRO A 189 -9.93 -7.61 0.90
CA PRO A 189 -9.91 -7.91 -0.54
C PRO A 189 -10.19 -6.69 -1.40
N SER A 190 -11.02 -5.79 -0.91
CA SER A 190 -11.39 -4.59 -1.65
C SER A 190 -10.22 -3.62 -1.70
N ASN A 191 -9.31 -3.76 -0.76
CA ASN A 191 -8.15 -2.88 -0.69
C ASN A 191 -6.98 -3.47 -1.46
N LEU A 192 -6.77 -4.77 -1.28
CA LEU A 192 -5.66 -5.49 -1.91
C LEU A 192 -5.64 -5.28 -3.40
N VAL A 193 -6.73 -5.68 -4.04
CA VAL A 193 -6.79 -5.72 -5.49
C VAL A 193 -6.89 -4.31 -6.02
N ASN A 194 -7.51 -3.48 -5.23
CA ASN A 194 -7.69 -2.09 -5.56
C ASN A 194 -6.35 -1.38 -5.56
N PHE A 195 -5.53 -1.63 -4.55
CA PHE A 195 -4.20 -1.04 -4.50
C PHE A 195 -3.38 -1.45 -5.73
N ILE A 196 -3.69 -2.61 -6.28
CA ILE A 196 -3.07 -3.04 -7.52
C ILE A 196 -3.72 -2.36 -8.72
N LEU A 197 -5.00 -2.05 -8.61
CA LEU A 197 -5.71 -1.34 -9.66
C LEU A 197 -5.34 0.11 -9.63
N ASN A 198 -5.03 0.57 -8.44
CA ASN A 198 -4.31 1.83 -8.27
C ASN A 198 -3.13 1.80 -9.20
N ALA A 199 -2.42 0.69 -9.18
CA ALA A 199 -1.19 0.57 -9.90
C ALA A 199 -1.44 0.36 -11.39
N LYS A 200 -2.38 -0.53 -11.70
CA LYS A 200 -2.79 -0.75 -13.08
C LYS A 200 -3.22 0.54 -13.74
N ASP A 201 -3.94 1.34 -12.98
CA ASP A 201 -4.52 2.57 -13.49
C ASP A 201 -3.50 3.69 -13.42
N GLY A 202 -2.85 3.83 -12.27
CA GLY A 202 -1.87 4.90 -12.09
C GLY A 202 -0.69 4.77 -13.03
N ILE A 203 -0.36 3.54 -13.40
CA ILE A 203 0.76 3.29 -14.28
C ILE A 203 0.46 3.79 -15.68
N LYS A 204 -0.78 3.61 -16.13
CA LYS A 204 -1.16 4.10 -17.43
C LYS A 204 -1.70 5.51 -17.29
N ALA A 205 -2.05 5.88 -16.07
CA ALA A 205 -2.35 7.27 -15.77
C ALA A 205 -1.07 8.08 -15.88
N HIS A 206 0.05 7.42 -15.67
CA HIS A 206 1.36 8.05 -15.86
C HIS A 206 1.82 8.03 -17.32
N ARG A 207 1.66 6.91 -18.03
CA ARG A 207 2.14 6.83 -19.41
C ARG A 207 1.08 7.32 -20.40
N THR A 208 -0.14 6.95 -20.13
CA THR A 208 -1.28 7.30 -20.95
C THR A 208 -2.04 8.47 -20.30
N PRO A 209 -2.82 9.26 -21.05
CA PRO A 209 -3.77 10.18 -20.44
C PRO A 209 -4.77 9.41 -19.57
N SER A 210 -5.92 9.07 -20.14
CA SER A 210 -6.92 8.21 -19.50
C SER A 210 -7.27 8.64 -18.07
N ARG A 211 -7.10 9.92 -17.77
CA ARG A 211 -7.51 10.46 -16.48
C ARG A 211 -8.87 11.09 -16.62
N ARG A 212 -9.63 10.56 -17.57
CA ARG A 212 -11.01 10.98 -17.80
C ARG A 212 -11.88 10.62 -16.60
N GLY A 213 -11.45 9.60 -15.86
CA GLY A 213 -12.14 9.22 -14.65
C GLY A 213 -11.31 9.49 -13.42
N PHE A 214 -10.58 10.60 -13.46
CA PHE A 214 -9.74 11.01 -12.33
C PHE A 214 -10.58 11.11 -11.06
N HIS A 215 -10.05 10.63 -9.94
CA HIS A 215 -10.85 10.50 -8.74
C HIS A 215 -10.54 11.60 -7.71
N HIS A 216 -9.51 12.41 -7.95
CA HIS A 216 -9.21 13.52 -7.05
C HIS A 216 -10.15 14.68 -7.35
N ASN A 217 -11.43 14.42 -7.18
CA ASN A 217 -12.48 15.37 -7.49
C ASN A 217 -13.74 14.95 -6.76
N SER A 218 -13.60 14.77 -5.46
CA SER A 218 -14.69 14.27 -4.62
C SER A 218 -15.50 15.43 -4.06
N HIS A 219 -15.09 16.65 -4.42
CA HIS A 219 -15.79 17.85 -3.98
C HIS A 219 -15.87 18.85 -5.13
N SER A 220 -17.05 19.45 -5.28
CA SER A 220 -17.31 20.44 -6.32
C SER A 220 -17.22 19.79 -7.70
N MET A 1 18.77 6.30 13.01
CA MET A 1 17.63 7.04 13.59
C MET A 1 16.67 6.07 14.26
N ASP A 2 15.47 6.52 14.61
CA ASP A 2 14.50 5.64 15.22
C ASP A 2 13.56 5.13 14.16
N PHE A 3 12.94 6.06 13.42
CA PHE A 3 11.98 5.71 12.39
C PHE A 3 12.64 4.83 11.36
N LYS A 4 13.91 5.12 11.12
CA LYS A 4 14.67 4.41 10.16
C LYS A 4 14.91 3.02 10.67
N ALA A 5 15.23 2.93 11.95
CA ALA A 5 15.49 1.66 12.59
C ALA A 5 14.36 0.66 12.37
N ILE A 6 13.12 1.15 12.45
CA ILE A 6 11.96 0.27 12.33
C ILE A 6 11.72 -0.04 10.87
N ALA A 7 11.72 1.02 10.08
CA ALA A 7 11.52 0.94 8.65
C ALA A 7 12.54 0.03 8.00
N GLN A 8 13.76 0.27 8.36
CA GLN A 8 14.92 -0.42 7.82
C GLN A 8 14.86 -1.90 8.07
N GLN A 9 14.33 -2.26 9.22
CA GLN A 9 14.18 -3.67 9.54
C GLN A 9 12.83 -4.16 9.05
N THR A 10 11.93 -3.22 8.80
CA THR A 10 10.60 -3.51 8.32
C THR A 10 10.59 -3.71 6.80
N ALA A 11 11.37 -2.91 6.06
CA ALA A 11 11.48 -3.10 4.62
C ALA A 11 11.75 -4.55 4.27
N GLN A 12 12.86 -5.05 4.77
CA GLN A 12 13.28 -6.43 4.58
C GLN A 12 12.34 -7.41 5.29
N GLU A 13 11.48 -6.89 6.15
CA GLU A 13 10.56 -7.73 6.90
C GLU A 13 9.29 -7.96 6.09
N VAL A 14 8.79 -6.91 5.46
CA VAL A 14 7.60 -7.05 4.62
C VAL A 14 8.01 -7.72 3.32
N LEU A 15 9.22 -7.42 2.90
CA LEU A 15 9.83 -8.07 1.78
C LEU A 15 10.12 -9.50 2.18
N GLY A 16 10.35 -9.66 3.47
CA GLY A 16 10.59 -10.96 4.05
C GLY A 16 9.38 -11.83 3.93
N TYR A 17 8.24 -11.18 3.68
CA TYR A 17 6.99 -11.88 3.47
C TYR A 17 6.89 -12.29 2.02
N ASN A 18 7.57 -11.53 1.16
CA ASN A 18 7.56 -11.86 -0.26
C ASN A 18 8.38 -13.11 -0.51
N ARG A 19 9.19 -13.47 0.47
CA ARG A 19 10.01 -14.67 0.39
C ARG A 19 9.60 -15.67 1.47
N ASP A 20 8.46 -15.41 2.12
CA ASP A 20 7.98 -16.23 3.22
C ASP A 20 6.72 -16.97 2.82
N THR A 21 6.84 -18.27 2.60
CA THR A 21 5.72 -19.06 2.13
C THR A 21 5.47 -20.24 3.06
N SER A 22 4.34 -20.20 3.75
CA SER A 22 4.08 -21.13 4.84
C SER A 22 2.68 -20.93 5.43
N GLY A 23 1.85 -21.96 5.34
CA GLY A 23 0.54 -21.94 5.99
C GLY A 23 -0.34 -20.82 5.52
N TRP A 24 -0.22 -20.47 4.25
CA TRP A 24 -1.07 -19.43 3.66
C TRP A 24 -1.87 -20.03 2.53
N LYS A 25 -2.49 -19.15 1.75
CA LYS A 25 -3.31 -19.54 0.62
C LYS A 25 -3.74 -18.29 -0.08
N VAL A 26 -4.07 -18.39 -1.34
CA VAL A 26 -4.58 -17.26 -2.06
C VAL A 26 -6.04 -17.08 -1.70
N VAL A 27 -6.32 -15.93 -1.14
CA VAL A 27 -7.66 -15.62 -0.70
C VAL A 27 -8.45 -15.04 -1.86
N LYS A 28 -7.73 -14.46 -2.82
CA LYS A 28 -8.41 -13.81 -3.93
C LYS A 28 -7.43 -13.36 -5.03
N THR A 29 -7.93 -13.33 -6.26
CA THR A 29 -7.19 -12.81 -7.40
C THR A 29 -8.09 -11.90 -8.23
N SER A 30 -7.52 -10.87 -8.85
CA SER A 30 -8.30 -9.98 -9.70
C SER A 30 -7.46 -9.33 -10.81
N LYS A 31 -7.29 -10.05 -11.92
CA LYS A 31 -6.56 -9.53 -13.10
C LYS A 31 -5.05 -9.62 -12.91
N LYS A 32 -4.54 -10.86 -12.96
CA LYS A 32 -3.10 -11.15 -12.82
C LYS A 32 -2.63 -10.97 -11.39
N ILE A 33 -3.54 -11.01 -10.45
CA ILE A 33 -3.21 -10.81 -9.05
C ILE A 33 -3.31 -12.10 -8.29
N THR A 34 -2.78 -12.08 -7.10
CA THR A 34 -2.84 -13.19 -6.19
C THR A 34 -2.62 -12.69 -4.77
N VAL A 35 -3.70 -12.57 -4.02
CA VAL A 35 -3.64 -12.13 -2.64
C VAL A 35 -3.61 -13.34 -1.72
N SER A 36 -2.45 -13.66 -1.20
CA SER A 36 -2.29 -14.82 -0.34
C SER A 36 -2.36 -14.42 1.13
N SER A 37 -3.28 -15.04 1.82
CA SER A 37 -3.56 -14.73 3.21
C SER A 37 -2.78 -15.66 4.14
N LYS A 38 -2.06 -15.07 5.07
CA LYS A 38 -1.34 -15.83 6.09
C LYS A 38 -1.52 -15.17 7.46
N ALA A 39 -2.02 -15.93 8.41
CA ALA A 39 -2.29 -15.43 9.76
C ALA A 39 -1.04 -14.81 10.40
N SER A 40 -1.19 -13.57 10.88
CA SER A 40 -0.12 -12.90 11.59
C SER A 40 -0.16 -13.28 13.06
N ARG A 41 1.00 -13.55 13.64
CA ARG A 41 1.06 -13.93 15.03
C ARG A 41 1.17 -12.72 15.94
N LYS A 42 0.92 -11.55 15.37
CA LYS A 42 0.89 -10.34 16.17
C LYS A 42 -0.25 -10.38 17.18
N PHE A 43 -1.27 -11.20 16.89
CA PHE A 43 -2.41 -11.40 17.80
C PHE A 43 -3.46 -12.29 17.14
N HIS A 44 -4.37 -11.67 16.42
CA HIS A 44 -5.39 -12.40 15.68
C HIS A 44 -5.80 -11.57 14.47
N GLY A 45 -5.01 -11.68 13.41
CA GLY A 45 -5.25 -10.91 12.22
C GLY A 45 -4.43 -11.47 11.10
N ASN A 46 -5.06 -11.73 9.99
CA ASN A 46 -4.38 -12.35 8.87
C ASN A 46 -3.63 -11.31 8.06
N LEU A 47 -2.40 -11.66 7.69
CA LEU A 47 -1.60 -10.84 6.80
C LEU A 47 -1.93 -11.24 5.38
N TYR A 48 -2.00 -10.26 4.50
CA TYR A 48 -2.36 -10.54 3.13
C TYR A 48 -1.25 -10.07 2.19
N ARG A 49 -0.67 -11.01 1.46
CA ARG A 49 0.33 -10.69 0.47
C ARG A 49 -0.32 -10.62 -0.90
N VAL A 50 -0.35 -9.43 -1.46
CA VAL A 50 -1.07 -9.17 -2.68
C VAL A 50 -0.09 -8.96 -3.83
N GLU A 51 -0.17 -9.81 -4.83
CA GLU A 51 0.86 -9.92 -5.84
C GLU A 51 0.27 -9.97 -7.25
N GLY A 52 0.58 -8.97 -8.06
CA GLY A 52 0.10 -8.93 -9.42
C GLY A 52 1.11 -8.32 -10.35
N ILE A 53 1.17 -8.81 -11.57
CA ILE A 53 2.11 -8.26 -12.54
C ILE A 53 1.51 -7.07 -13.27
N ILE A 54 2.28 -5.99 -13.33
CA ILE A 54 1.90 -4.80 -14.05
C ILE A 54 2.77 -4.67 -15.29
N PRO A 55 2.18 -4.91 -16.48
CA PRO A 55 2.90 -4.95 -17.77
C PRO A 55 3.56 -3.64 -18.19
N GLU A 56 4.43 -3.12 -17.34
CA GLU A 56 5.33 -2.04 -17.72
C GLU A 56 6.44 -1.91 -16.70
N SER A 57 7.13 -0.78 -16.70
CA SER A 57 8.34 -0.67 -15.94
C SER A 57 8.07 -0.48 -14.46
N PRO A 58 8.87 -1.18 -13.65
CA PRO A 58 8.88 -1.03 -12.20
C PRO A 58 9.31 0.39 -11.83
N ALA A 59 9.85 1.06 -12.84
CA ALA A 59 10.24 2.45 -12.73
C ALA A 59 9.04 3.34 -12.60
N LYS A 60 8.11 3.22 -13.54
CA LYS A 60 6.91 4.03 -13.51
C LYS A 60 6.08 3.59 -12.32
N LEU A 61 6.25 2.33 -11.95
CA LEU A 61 5.67 1.82 -10.71
C LEU A 61 6.17 2.64 -9.53
N SER A 62 7.47 2.66 -9.31
CA SER A 62 8.02 3.42 -8.21
C SER A 62 7.73 4.91 -8.39
N ASP A 63 7.35 5.30 -9.59
CA ASP A 63 7.13 6.71 -9.90
C ASP A 63 5.67 7.14 -9.70
N PHE A 64 4.71 6.22 -9.82
CA PHE A 64 3.29 6.61 -9.76
C PHE A 64 2.79 6.56 -8.32
N LEU A 65 3.17 5.53 -7.56
CA LEU A 65 2.73 5.41 -6.18
C LEU A 65 3.72 6.06 -5.23
N TYR A 66 4.70 6.74 -5.84
CA TYR A 66 5.89 7.22 -5.13
C TYR A 66 5.55 7.87 -3.78
N GLN A 67 4.94 9.05 -3.81
CA GLN A 67 4.69 9.77 -2.57
C GLN A 67 3.32 10.44 -2.55
N THR A 68 3.18 11.53 -3.28
CA THR A 68 2.02 12.38 -3.15
C THR A 68 1.80 13.19 -4.41
N GLY A 69 2.18 12.64 -5.54
CA GLY A 69 2.14 13.37 -6.76
C GLY A 69 0.84 13.24 -7.48
N ASP A 70 0.42 12.02 -7.57
CA ASP A 70 -0.73 11.68 -8.38
C ASP A 70 -1.42 10.44 -7.84
N ARG A 71 -0.71 9.67 -7.00
CA ARG A 71 -1.24 8.46 -6.41
C ARG A 71 -2.60 8.71 -5.79
N ILE A 72 -2.75 9.87 -5.18
CA ILE A 72 -4.00 10.16 -4.47
C ILE A 72 -5.00 10.82 -5.39
N THR A 73 -4.57 11.15 -6.60
CA THR A 73 -5.44 11.88 -7.48
C THR A 73 -6.16 10.95 -8.46
N TRP A 74 -5.49 9.87 -8.85
CA TRP A 74 -6.11 8.91 -9.78
C TRP A 74 -6.63 7.68 -9.05
N ASP A 75 -6.38 7.64 -7.74
CA ASP A 75 -6.66 6.46 -6.92
C ASP A 75 -8.15 6.15 -6.84
N LYS A 76 -8.47 5.11 -6.08
CA LYS A 76 -9.84 4.69 -5.86
C LYS A 76 -10.26 5.11 -4.46
N SER A 77 -9.29 5.09 -3.55
CA SER A 77 -9.56 5.27 -2.14
C SER A 77 -8.58 6.24 -1.48
N LEU A 78 -7.92 7.08 -2.27
CA LEU A 78 -7.00 8.06 -1.71
C LEU A 78 -7.59 9.45 -1.82
N GLN A 79 -7.15 10.33 -0.92
CA GLN A 79 -7.67 11.69 -0.85
C GLN A 79 -6.53 12.68 -0.70
N VAL A 80 -5.86 12.62 0.44
CA VAL A 80 -4.90 13.64 0.82
C VAL A 80 -3.64 13.01 1.41
N TYR A 81 -2.52 13.11 0.70
CA TYR A 81 -1.26 12.62 1.22
C TYR A 81 -0.47 13.80 1.78
N ASN A 82 0.16 13.58 2.93
CA ASN A 82 0.88 14.65 3.61
C ASN A 82 2.12 14.08 4.25
N MET A 83 3.26 14.40 3.68
CA MET A 83 4.53 14.04 4.26
C MET A 83 4.73 14.78 5.58
N VAL A 84 4.52 14.08 6.69
CA VAL A 84 4.45 14.71 8.01
C VAL A 84 5.83 15.15 8.46
N HIS A 85 6.66 14.17 8.80
CA HIS A 85 8.03 14.44 9.19
C HIS A 85 8.95 13.50 8.45
N ARG A 86 9.83 14.04 7.65
CA ARG A 86 10.70 13.24 6.81
C ARG A 86 12.03 12.99 7.51
N ILE A 87 12.19 11.78 8.01
CA ILE A 87 13.36 11.40 8.80
C ILE A 87 14.61 11.38 7.95
N ASP A 88 14.47 10.79 6.79
CA ASP A 88 15.59 10.54 5.91
C ASP A 88 15.10 10.62 4.48
N SER A 89 16.03 10.67 3.54
CA SER A 89 15.68 10.78 2.13
C SER A 89 15.00 9.51 1.62
N ASP A 90 14.89 8.49 2.50
CA ASP A 90 14.22 7.26 2.14
C ASP A 90 13.22 6.87 3.22
N THR A 91 13.04 7.74 4.22
CA THR A 91 12.23 7.39 5.36
C THR A 91 11.28 8.52 5.67
N PHE A 92 10.01 8.30 5.39
CA PHE A 92 9.02 9.35 5.52
C PHE A 92 7.89 8.88 6.42
N ILE A 93 6.97 9.77 6.70
CA ILE A 93 5.75 9.41 7.39
C ILE A 93 4.59 10.02 6.63
N CYS A 94 3.56 9.23 6.38
CA CYS A 94 2.49 9.67 5.50
C CYS A 94 1.20 9.91 6.26
N HIS A 95 0.86 11.18 6.44
CA HIS A 95 -0.46 11.56 6.90
C HIS A 95 -1.41 11.54 5.70
N THR A 96 -2.01 10.39 5.47
CA THR A 96 -2.78 10.17 4.26
C THR A 96 -4.27 9.96 4.56
N ILE A 97 -5.12 10.88 4.12
CA ILE A 97 -6.55 10.68 4.28
C ILE A 97 -7.02 9.69 3.24
N THR A 98 -7.61 8.64 3.73
CA THR A 98 -8.06 7.54 2.91
C THR A 98 -9.59 7.53 2.87
N GLN A 99 -10.12 7.17 1.72
CA GLN A 99 -11.56 7.18 1.49
C GLN A 99 -12.26 6.07 2.25
N SER A 100 -13.59 6.07 2.19
CA SER A 100 -14.40 5.10 2.88
C SER A 100 -14.55 3.86 2.01
N PHE A 101 -13.69 2.90 2.22
CA PHE A 101 -13.71 1.66 1.50
C PHE A 101 -14.57 0.67 2.27
N ALA A 102 -15.66 0.27 1.65
CA ALA A 102 -16.69 -0.56 2.28
C ALA A 102 -17.43 0.30 3.30
N VAL A 103 -18.20 1.25 2.77
CA VAL A 103 -18.89 2.27 3.56
C VAL A 103 -19.95 1.68 4.49
N GLY A 104 -20.05 0.35 4.53
CA GLY A 104 -21.05 -0.28 5.36
C GLY A 104 -20.66 -0.28 6.82
N SER A 105 -19.41 -0.64 7.09
CA SER A 105 -18.92 -0.71 8.45
C SER A 105 -17.59 0.01 8.59
N ILE A 106 -17.10 0.58 7.51
CA ILE A 106 -15.81 1.22 7.51
C ILE A 106 -15.92 2.71 7.17
N SER A 107 -15.38 3.53 8.05
CA SER A 107 -15.38 4.98 7.88
C SER A 107 -14.08 5.40 7.19
N PRO A 108 -14.04 6.60 6.57
CA PRO A 108 -12.80 7.16 6.03
C PRO A 108 -11.65 7.01 7.02
N ARG A 109 -10.47 6.74 6.52
CA ARG A 109 -9.37 6.33 7.37
C ARG A 109 -8.18 7.21 7.14
N ASP A 110 -7.61 7.71 8.21
CA ASP A 110 -6.48 8.63 8.09
C ASP A 110 -5.21 7.91 8.44
N PHE A 111 -4.26 7.95 7.55
CA PHE A 111 -3.05 7.17 7.72
C PHE A 111 -1.96 8.00 8.33
N ILE A 112 -1.19 7.35 9.18
CA ILE A 112 0.04 7.89 9.73
C ILE A 112 1.06 6.78 9.71
N ASP A 113 1.35 6.31 8.53
CA ASP A 113 2.22 5.17 8.38
C ASP A 113 3.62 5.65 8.09
N LEU A 114 4.57 5.21 8.88
CA LEU A 114 5.96 5.49 8.61
C LEU A 114 6.44 4.62 7.48
N VAL A 115 6.99 5.24 6.49
CA VAL A 115 7.22 4.61 5.22
C VAL A 115 8.66 4.71 4.77
N TYR A 116 9.23 3.58 4.44
CA TYR A 116 10.56 3.56 3.90
C TYR A 116 10.54 3.10 2.45
N ILE A 117 10.90 4.01 1.56
CA ILE A 117 10.95 3.70 0.15
C ILE A 117 12.34 3.18 -0.22
N LYS A 118 12.46 1.87 -0.31
CA LYS A 118 13.74 1.21 -0.52
C LYS A 118 13.91 0.77 -1.96
N ARG A 119 14.96 1.24 -2.59
CA ARG A 119 15.29 0.87 -3.95
C ARG A 119 16.41 -0.13 -3.94
N TYR A 120 16.05 -1.39 -3.95
CA TYR A 120 17.03 -2.43 -4.18
C TYR A 120 17.43 -2.33 -5.64
N GLU A 121 18.63 -1.82 -5.86
CA GLU A 121 19.24 -1.59 -7.19
C GLU A 121 18.71 -2.53 -8.27
N GLY A 122 17.69 -2.06 -8.97
CA GLY A 122 17.08 -2.82 -10.06
C GLY A 122 16.66 -4.20 -9.62
N ASN A 123 16.06 -4.25 -8.44
CA ASN A 123 15.69 -5.50 -7.82
C ASN A 123 14.31 -5.39 -7.19
N MET A 124 14.09 -4.32 -6.42
CA MET A 124 12.81 -4.16 -5.72
C MET A 124 12.61 -2.71 -5.31
N ASN A 125 11.53 -2.14 -5.79
CA ASN A 125 11.20 -0.76 -5.51
C ASN A 125 10.05 -0.72 -4.52
N ILE A 126 10.38 -1.01 -3.28
CA ILE A 126 9.39 -1.19 -2.23
C ILE A 126 9.18 0.07 -1.39
N ILE A 127 7.93 0.34 -1.02
CA ILE A 127 7.65 1.27 0.05
C ILE A 127 7.14 0.50 1.27
N SER A 128 7.97 0.43 2.30
CA SER A 128 7.60 -0.27 3.51
C SER A 128 7.02 0.68 4.55
N SER A 129 5.78 0.47 4.91
CA SER A 129 5.07 1.37 5.81
C SER A 129 4.73 0.69 7.14
N LYS A 130 4.64 1.50 8.19
CA LYS A 130 4.33 1.02 9.53
C LYS A 130 3.42 2.02 10.19
N SER A 131 2.33 1.55 10.75
CA SER A 131 1.43 2.44 11.41
C SER A 131 2.04 2.88 12.72
N VAL A 132 2.57 4.07 12.73
CA VAL A 132 3.23 4.55 13.91
C VAL A 132 2.37 5.57 14.61
N ASP A 133 2.81 5.99 15.76
CA ASP A 133 2.03 6.89 16.58
C ASP A 133 2.92 7.97 17.13
N PHE A 134 3.43 8.77 16.21
CA PHE A 134 4.39 9.82 16.52
C PHE A 134 3.64 11.15 16.67
N PRO A 135 4.16 12.10 17.45
CA PRO A 135 3.40 13.26 17.88
C PRO A 135 3.31 14.42 16.90
N GLU A 136 3.83 14.29 15.68
CA GLU A 136 3.73 15.37 14.74
C GLU A 136 2.33 15.41 14.20
N TYR A 137 1.59 14.33 14.41
CA TYR A 137 0.20 14.30 14.02
C TYR A 137 -0.63 13.28 14.80
N PRO A 138 -1.59 13.76 15.60
CA PRO A 138 -2.61 12.94 16.24
C PRO A 138 -3.91 12.91 15.41
N PRO A 139 -4.56 11.74 15.32
CA PRO A 139 -5.78 11.57 14.53
C PRO A 139 -7.03 12.05 15.26
N SER A 140 -8.19 11.65 14.75
CA SER A 140 -9.47 12.00 15.32
C SER A 140 -10.43 10.86 15.06
N SER A 141 -11.42 10.69 15.93
CA SER A 141 -12.24 9.48 15.94
C SER A 141 -13.01 9.26 14.64
N ASN A 142 -13.13 10.30 13.82
CA ASN A 142 -13.79 10.19 12.53
C ASN A 142 -12.84 9.64 11.47
N TYR A 143 -11.55 9.72 11.75
CA TYR A 143 -10.51 9.25 10.86
C TYR A 143 -9.54 8.37 11.61
N ILE A 144 -9.58 7.09 11.33
CA ILE A 144 -8.87 6.14 12.14
C ILE A 144 -7.47 5.96 11.61
N ARG A 145 -6.51 6.38 12.43
CA ARG A 145 -5.10 6.22 12.14
C ARG A 145 -4.84 4.90 11.41
N GLY A 146 -4.38 5.03 10.17
CA GLY A 146 -4.06 3.90 9.33
C GLY A 146 -3.34 2.82 10.07
N TYR A 147 -4.05 1.74 10.31
CA TYR A 147 -3.52 0.60 11.02
C TYR A 147 -2.78 -0.35 10.08
N ASN A 148 -1.82 0.19 9.37
CA ASN A 148 -1.05 -0.57 8.40
C ASN A 148 0.29 -1.03 8.99
N HIS A 149 0.20 -1.90 10.00
CA HIS A 149 1.39 -2.49 10.62
C HIS A 149 2.26 -3.16 9.56
N PRO A 150 3.60 -3.10 9.78
CA PRO A 150 4.66 -3.32 8.80
C PRO A 150 4.21 -3.86 7.46
N CYS A 151 3.40 -3.06 6.80
CA CYS A 151 2.97 -3.33 5.44
C CYS A 151 4.02 -2.83 4.48
N GLY A 152 3.87 -3.16 3.21
CA GLY A 152 4.80 -2.67 2.24
C GLY A 152 4.31 -2.89 0.85
N PHE A 153 5.20 -2.69 -0.09
CA PHE A 153 4.81 -2.58 -1.49
C PHE A 153 6.02 -2.79 -2.36
N VAL A 154 6.43 -4.03 -2.53
CA VAL A 154 7.64 -4.29 -3.26
C VAL A 154 7.35 -4.46 -4.74
N CYS A 155 7.97 -3.62 -5.54
CA CYS A 155 7.86 -3.71 -6.97
C CYS A 155 9.09 -4.41 -7.51
N SER A 156 8.92 -5.59 -8.05
CA SER A 156 10.04 -6.44 -8.42
C SER A 156 10.20 -6.49 -9.93
N PRO A 157 11.28 -5.89 -10.45
CA PRO A 157 11.68 -6.08 -11.84
C PRO A 157 11.79 -7.56 -12.19
N MET A 158 10.99 -8.01 -13.16
CA MET A 158 10.95 -9.42 -13.52
C MET A 158 12.10 -9.79 -14.43
N GLU A 159 12.05 -10.99 -14.99
CA GLU A 159 12.97 -11.36 -16.05
C GLU A 159 12.64 -10.52 -17.28
N GLU A 160 11.36 -10.19 -17.41
CA GLU A 160 10.87 -9.32 -18.46
C GLU A 160 10.58 -7.94 -17.89
N ASN A 161 11.35 -7.62 -16.86
CA ASN A 161 11.15 -6.42 -16.02
C ASN A 161 10.65 -5.17 -16.74
N PRO A 162 11.21 -4.74 -17.89
CA PRO A 162 10.78 -3.49 -18.49
C PRO A 162 9.40 -3.59 -19.11
N ALA A 163 9.01 -4.80 -19.49
CA ALA A 163 7.74 -5.05 -20.14
C ALA A 163 6.73 -5.61 -19.15
N TYR A 164 7.23 -6.25 -18.10
CA TYR A 164 6.39 -6.83 -17.07
C TYR A 164 7.04 -6.66 -15.70
N SER A 165 6.37 -5.97 -14.80
CA SER A 165 6.92 -5.75 -13.48
C SER A 165 6.08 -6.45 -12.42
N LYS A 166 6.75 -7.02 -11.44
CA LYS A 166 6.08 -7.77 -10.40
C LYS A 166 5.73 -6.88 -9.21
N LEU A 167 4.47 -6.54 -9.14
CA LEU A 167 3.93 -5.74 -8.05
C LEU A 167 3.48 -6.66 -6.93
N VAL A 168 4.18 -6.62 -5.81
CA VAL A 168 3.73 -7.40 -4.65
C VAL A 168 3.72 -6.57 -3.36
N MET A 169 2.51 -6.40 -2.82
CA MET A 169 2.26 -5.58 -1.67
C MET A 169 1.84 -6.49 -0.51
N PHE A 170 1.97 -6.00 0.71
CA PHE A 170 1.61 -6.78 1.89
C PHE A 170 0.92 -5.91 2.91
N VAL A 171 0.04 -6.50 3.72
CA VAL A 171 -0.57 -5.81 4.84
C VAL A 171 -0.61 -6.70 6.07
N GLN A 172 -0.12 -6.19 7.18
CA GLN A 172 -0.20 -6.87 8.47
C GLN A 172 -1.22 -6.11 9.30
N THR A 173 -2.36 -5.88 8.68
CA THR A 173 -3.38 -4.95 9.14
C THR A 173 -3.72 -5.11 10.61
N GLU A 174 -3.73 -3.98 11.32
CA GLU A 174 -4.06 -3.95 12.73
C GLU A 174 -5.55 -3.77 12.95
N MET A 175 -6.22 -3.04 12.05
CA MET A 175 -7.68 -2.97 12.07
C MET A 175 -8.17 -2.37 13.39
N ARG A 176 -7.59 -1.23 13.74
CA ARG A 176 -7.95 -0.53 14.97
C ARG A 176 -9.43 -0.16 15.02
N GLY A 177 -10.01 0.08 13.84
CA GLY A 177 -11.42 0.41 13.77
C GLY A 177 -12.29 -0.76 14.19
N LYS A 178 -11.71 -1.96 14.15
CA LYS A 178 -12.39 -3.19 14.54
C LYS A 178 -13.74 -3.35 13.84
N LEU A 179 -13.69 -3.84 12.62
CA LEU A 179 -14.90 -4.08 11.86
C LEU A 179 -15.45 -5.45 12.24
N SER A 180 -16.26 -6.03 11.37
CA SER A 180 -16.81 -7.35 11.60
C SER A 180 -16.21 -8.31 10.60
N PRO A 181 -16.09 -9.60 10.95
CA PRO A 181 -15.48 -10.63 10.10
C PRO A 181 -15.84 -10.47 8.62
N SER A 182 -17.13 -10.46 8.32
CA SER A 182 -17.61 -10.41 6.94
C SER A 182 -17.24 -9.10 6.24
N ILE A 183 -16.77 -8.12 7.00
CA ILE A 183 -16.43 -6.80 6.45
C ILE A 183 -15.00 -6.81 6.03
N ILE A 184 -14.21 -7.37 6.90
CA ILE A 184 -12.80 -7.52 6.73
C ILE A 184 -12.49 -8.48 5.60
N GLU A 185 -13.36 -9.48 5.46
CA GLU A 185 -13.30 -10.41 4.35
C GLU A 185 -13.49 -9.66 3.05
N LYS A 186 -14.10 -8.48 3.15
CA LYS A 186 -14.21 -7.58 2.02
C LYS A 186 -13.05 -6.62 2.00
N THR A 187 -12.77 -5.99 3.14
CA THR A 187 -11.85 -4.86 3.18
C THR A 187 -10.44 -5.26 2.74
N MET A 188 -10.00 -6.47 3.05
CA MET A 188 -8.64 -6.88 2.70
C MET A 188 -8.52 -7.30 1.23
N PRO A 189 -9.24 -8.35 0.79
CA PRO A 189 -9.06 -8.92 -0.55
C PRO A 189 -9.64 -8.02 -1.64
N SER A 190 -10.43 -7.05 -1.25
CA SER A 190 -10.97 -6.10 -2.21
C SER A 190 -10.06 -4.90 -2.35
N ASN A 191 -9.41 -4.51 -1.25
CA ASN A 191 -8.61 -3.29 -1.22
C ASN A 191 -7.24 -3.53 -1.83
N LEU A 192 -6.67 -4.70 -1.57
CA LEU A 192 -5.33 -4.99 -2.04
C LEU A 192 -5.29 -5.11 -3.55
N VAL A 193 -6.25 -5.81 -4.11
CA VAL A 193 -6.32 -5.98 -5.55
C VAL A 193 -6.62 -4.64 -6.20
N ASN A 194 -7.37 -3.84 -5.47
CA ASN A 194 -7.74 -2.52 -5.92
C ASN A 194 -6.57 -1.57 -5.84
N PHE A 195 -5.66 -1.85 -4.91
CA PHE A 195 -4.44 -1.08 -4.80
C PHE A 195 -3.51 -1.43 -5.96
N ILE A 196 -3.62 -2.68 -6.42
CA ILE A 196 -2.91 -3.09 -7.61
C ILE A 196 -3.61 -2.58 -8.86
N LEU A 197 -4.93 -2.51 -8.82
CA LEU A 197 -5.67 -1.91 -9.93
C LEU A 197 -5.38 -0.44 -9.99
N ASN A 198 -5.25 0.14 -8.82
CA ASN A 198 -4.71 1.48 -8.70
C ASN A 198 -3.41 1.58 -9.46
N ALA A 199 -2.65 0.52 -9.44
CA ALA A 199 -1.40 0.48 -10.12
C ALA A 199 -1.58 0.20 -11.60
N LYS A 200 -2.46 -0.75 -11.91
CA LYS A 200 -2.79 -1.06 -13.30
C LYS A 200 -3.32 0.18 -14.02
N ASP A 201 -4.10 0.95 -13.29
CA ASP A 201 -4.73 2.16 -13.83
C ASP A 201 -3.83 3.36 -13.64
N GLY A 202 -3.24 3.47 -12.47
CA GLY A 202 -2.41 4.62 -12.15
C GLY A 202 -1.16 4.66 -12.98
N ILE A 203 -0.66 3.50 -13.34
CA ILE A 203 0.50 3.39 -14.17
C ILE A 203 0.20 3.88 -15.57
N LYS A 204 -1.03 3.66 -16.02
CA LYS A 204 -1.43 4.06 -17.33
C LYS A 204 -1.93 5.47 -17.30
N ALA A 205 -2.49 5.85 -16.18
CA ALA A 205 -2.78 7.24 -15.89
C ALA A 205 -1.50 8.03 -15.87
N HIS A 206 -0.44 7.36 -15.45
CA HIS A 206 0.88 7.98 -15.40
C HIS A 206 1.53 8.05 -16.79
N ARG A 207 1.06 7.22 -17.73
CA ARG A 207 1.60 7.31 -19.10
C ARG A 207 0.65 8.06 -20.04
N THR A 208 -0.63 7.71 -20.00
CA THR A 208 -1.62 8.30 -20.90
C THR A 208 -2.40 9.36 -20.13
N PRO A 209 -2.99 10.35 -20.84
CA PRO A 209 -3.80 11.40 -20.22
C PRO A 209 -5.12 10.87 -19.65
N SER A 210 -5.02 10.04 -18.62
CA SER A 210 -6.19 9.49 -17.96
C SER A 210 -6.33 10.09 -16.57
N ARG A 211 -6.03 11.37 -16.46
CA ARG A 211 -6.27 12.13 -15.23
C ARG A 211 -7.40 13.12 -15.47
N ARG A 212 -8.11 12.91 -16.57
CA ARG A 212 -9.24 13.76 -16.94
C ARG A 212 -10.34 13.72 -15.88
N GLY A 213 -10.34 12.65 -15.10
CA GLY A 213 -11.26 12.51 -14.00
C GLY A 213 -10.52 12.39 -12.69
N PHE A 214 -9.44 13.15 -12.56
CA PHE A 214 -8.64 13.13 -11.34
C PHE A 214 -9.43 13.76 -10.20
N HIS A 215 -9.17 13.32 -8.99
CA HIS A 215 -9.74 13.94 -7.81
C HIS A 215 -8.63 14.45 -6.91
N HIS A 216 -8.79 15.67 -6.41
CA HIS A 216 -7.74 16.32 -5.65
C HIS A 216 -8.33 17.04 -4.46
N ASN A 217 -7.83 16.74 -3.27
CA ASN A 217 -8.34 17.36 -2.06
C ASN A 217 -7.19 17.89 -1.20
N SER A 218 -6.52 18.90 -1.71
CA SER A 218 -5.47 19.57 -0.95
C SER A 218 -6.09 20.74 -0.20
N HIS A 219 -7.20 21.24 -0.73
CA HIS A 219 -7.92 22.33 -0.12
C HIS A 219 -9.42 22.11 -0.29
N SER A 220 -10.05 21.57 0.75
CA SER A 220 -11.47 21.29 0.70
C SER A 220 -12.26 22.50 1.18
N MET A 1 19.69 7.54 14.04
CA MET A 1 18.48 7.47 13.21
C MET A 1 17.41 6.61 13.89
N ASP A 2 16.19 7.10 13.89
CA ASP A 2 15.10 6.44 14.60
C ASP A 2 14.24 5.68 13.64
N PHE A 3 13.44 6.41 12.88
CA PHE A 3 12.40 5.83 12.05
C PHE A 3 13.00 4.91 11.04
N LYS A 4 14.22 5.20 10.65
CA LYS A 4 14.86 4.47 9.62
C LYS A 4 15.26 3.13 10.17
N ALA A 5 15.67 3.13 11.43
CA ALA A 5 16.04 1.92 12.11
C ALA A 5 14.88 0.94 12.15
N ILE A 6 13.68 1.49 12.32
CA ILE A 6 12.50 0.65 12.49
C ILE A 6 12.00 0.23 11.14
N ALA A 7 12.07 1.16 10.21
CA ALA A 7 11.58 0.97 8.86
C ALA A 7 12.52 0.11 8.04
N GLN A 8 13.80 0.31 8.27
CA GLN A 8 14.84 -0.47 7.64
C GLN A 8 14.76 -1.91 8.10
N GLN A 9 14.25 -2.07 9.31
CA GLN A 9 13.99 -3.41 9.84
C GLN A 9 12.67 -3.92 9.30
N THR A 10 11.74 -3.00 9.12
CA THR A 10 10.42 -3.32 8.62
C THR A 10 10.43 -3.63 7.12
N ALA A 11 11.29 -2.91 6.37
CA ALA A 11 11.49 -3.22 4.97
C ALA A 11 11.70 -4.72 4.78
N GLN A 12 12.65 -5.27 5.52
CA GLN A 12 12.96 -6.70 5.44
C GLN A 12 11.96 -7.54 6.22
N GLU A 13 11.01 -6.90 6.87
CA GLU A 13 9.95 -7.60 7.55
C GLU A 13 8.82 -7.88 6.56
N VAL A 14 8.40 -6.84 5.86
CA VAL A 14 7.35 -6.97 4.86
C VAL A 14 7.88 -7.77 3.68
N LEU A 15 9.12 -7.48 3.34
CA LEU A 15 9.82 -8.18 2.32
C LEU A 15 10.22 -9.54 2.83
N GLY A 16 10.18 -9.65 4.14
CA GLY A 16 10.37 -10.95 4.76
C GLY A 16 9.32 -11.90 4.26
N TYR A 17 8.15 -11.36 3.98
CA TYR A 17 7.05 -12.17 3.52
C TYR A 17 7.10 -12.29 2.00
N ASN A 18 7.88 -11.44 1.35
CA ASN A 18 8.05 -11.54 -0.09
C ASN A 18 9.21 -12.47 -0.43
N ARG A 19 10.10 -12.67 0.54
CA ARG A 19 11.35 -13.38 0.28
C ARG A 19 11.24 -14.85 0.64
N ASP A 20 10.28 -15.20 1.50
CA ASP A 20 10.01 -16.61 1.72
C ASP A 20 8.52 -16.89 1.63
N THR A 21 8.21 -18.14 1.36
CA THR A 21 6.86 -18.56 1.10
C THR A 21 6.59 -19.87 1.83
N SER A 22 5.33 -20.19 2.10
CA SER A 22 5.02 -21.33 2.93
C SER A 22 3.52 -21.65 2.91
N GLY A 23 3.02 -22.19 4.02
CA GLY A 23 1.62 -22.59 4.10
C GLY A 23 0.65 -21.44 4.15
N TRP A 24 0.45 -20.81 3.00
CA TRP A 24 -0.59 -19.79 2.84
C TRP A 24 -1.71 -20.33 1.98
N LYS A 25 -2.39 -19.43 1.31
CA LYS A 25 -3.52 -19.76 0.51
C LYS A 25 -4.03 -18.50 -0.13
N VAL A 26 -4.16 -18.52 -1.43
CA VAL A 26 -4.75 -17.39 -2.10
C VAL A 26 -6.19 -17.22 -1.70
N VAL A 27 -6.48 -16.06 -1.19
CA VAL A 27 -7.81 -15.74 -0.76
C VAL A 27 -8.52 -15.04 -1.90
N LYS A 28 -7.73 -14.44 -2.80
CA LYS A 28 -8.31 -13.71 -3.89
C LYS A 28 -7.38 -13.60 -5.08
N THR A 29 -7.91 -13.86 -6.26
CA THR A 29 -7.21 -13.59 -7.50
C THR A 29 -8.17 -12.95 -8.50
N SER A 30 -8.08 -11.64 -8.65
CA SER A 30 -9.00 -10.91 -9.51
C SER A 30 -8.28 -9.81 -10.28
N LYS A 31 -8.14 -10.02 -11.59
CA LYS A 31 -7.52 -9.03 -12.49
C LYS A 31 -5.99 -9.06 -12.41
N LYS A 32 -5.40 -10.19 -12.81
CA LYS A 32 -3.96 -10.31 -13.03
C LYS A 32 -3.17 -10.37 -11.72
N ILE A 33 -3.87 -10.66 -10.64
CA ILE A 33 -3.27 -10.61 -9.32
C ILE A 33 -3.63 -11.81 -8.46
N THR A 34 -2.94 -11.91 -7.35
CA THR A 34 -2.97 -13.09 -6.50
C THR A 34 -2.70 -12.72 -5.04
N VAL A 35 -3.74 -12.74 -4.23
CA VAL A 35 -3.62 -12.36 -2.82
C VAL A 35 -3.58 -13.61 -1.94
N SER A 36 -2.42 -13.90 -1.39
CA SER A 36 -2.21 -15.09 -0.55
C SER A 36 -2.18 -14.74 0.91
N SER A 37 -3.01 -15.43 1.68
CA SER A 37 -3.20 -15.12 3.08
C SER A 37 -2.35 -16.05 3.96
N LYS A 38 -1.49 -15.45 4.76
CA LYS A 38 -0.63 -16.21 5.67
C LYS A 38 -0.01 -15.34 6.75
N ALA A 39 -0.60 -15.36 7.95
CA ALA A 39 0.04 -14.75 9.13
C ALA A 39 -0.81 -14.86 10.39
N SER A 40 -1.82 -13.99 10.50
CA SER A 40 -2.51 -13.77 11.74
C SER A 40 -1.52 -13.13 12.70
N ARG A 41 -0.94 -13.92 13.62
CA ARG A 41 0.08 -13.42 14.55
C ARG A 41 -0.55 -12.46 15.57
N LYS A 42 -1.45 -11.61 15.09
CA LYS A 42 -2.28 -10.79 15.94
C LYS A 42 -3.06 -11.67 16.89
N PHE A 43 -3.68 -12.71 16.31
CA PHE A 43 -4.55 -13.60 17.08
C PHE A 43 -5.28 -14.56 16.14
N HIS A 44 -6.30 -14.04 15.47
CA HIS A 44 -7.05 -14.83 14.51
C HIS A 44 -7.35 -13.97 13.28
N GLY A 45 -6.39 -13.93 12.38
CA GLY A 45 -6.55 -13.19 11.16
C GLY A 45 -5.64 -13.72 10.09
N ASN A 46 -5.26 -12.88 9.16
CA ASN A 46 -4.29 -13.26 8.15
C ASN A 46 -3.66 -12.03 7.51
N LEU A 47 -2.38 -12.11 7.25
CA LEU A 47 -1.72 -11.09 6.46
C LEU A 47 -1.88 -11.47 5.00
N TYR A 48 -2.22 -10.51 4.18
CA TYR A 48 -2.56 -10.79 2.80
C TYR A 48 -1.48 -10.28 1.87
N ARG A 49 -0.87 -11.20 1.17
CA ARG A 49 0.15 -10.87 0.19
C ARG A 49 -0.47 -10.73 -1.18
N VAL A 50 -0.57 -9.51 -1.67
CA VAL A 50 -1.03 -9.28 -3.03
C VAL A 50 0.13 -9.46 -3.97
N GLU A 51 -0.12 -10.06 -5.11
CA GLU A 51 0.93 -10.32 -6.06
C GLU A 51 0.36 -10.35 -7.47
N GLY A 52 0.66 -9.33 -8.24
CA GLY A 52 0.19 -9.25 -9.60
C GLY A 52 1.20 -8.61 -10.49
N ILE A 53 1.16 -8.91 -11.77
CA ILE A 53 2.12 -8.33 -12.68
C ILE A 53 1.55 -7.13 -13.39
N ILE A 54 2.12 -5.97 -13.11
CA ILE A 54 1.80 -4.78 -13.86
C ILE A 54 2.81 -4.64 -15.01
N PRO A 55 2.32 -4.81 -16.25
CA PRO A 55 3.15 -4.78 -17.47
C PRO A 55 3.75 -3.41 -17.74
N GLU A 56 4.46 -2.89 -16.77
CA GLU A 56 5.17 -1.65 -16.87
C GLU A 56 6.34 -1.71 -15.92
N SER A 57 7.27 -0.79 -16.04
CA SER A 57 8.45 -0.81 -15.22
C SER A 57 8.14 -0.47 -13.77
N PRO A 58 8.75 -1.24 -12.86
CA PRO A 58 8.77 -0.97 -11.42
C PRO A 58 9.16 0.47 -11.12
N ALA A 59 9.76 1.11 -12.10
CA ALA A 59 10.13 2.51 -12.02
C ALA A 59 8.91 3.40 -12.09
N LYS A 60 8.05 3.12 -13.06
CA LYS A 60 6.82 3.87 -13.22
C LYS A 60 5.91 3.58 -12.05
N LEU A 61 6.05 2.36 -11.52
CA LEU A 61 5.35 1.96 -10.32
C LEU A 61 5.71 2.88 -9.15
N SER A 62 7.01 3.02 -8.89
CA SER A 62 7.47 3.95 -7.86
C SER A 62 7.22 5.38 -8.29
N ASP A 63 6.90 5.55 -9.57
CA ASP A 63 6.69 6.87 -10.14
C ASP A 63 5.27 7.38 -9.86
N PHE A 64 4.30 6.47 -9.81
CA PHE A 64 2.91 6.88 -9.59
C PHE A 64 2.62 7.07 -8.10
N LEU A 65 3.01 6.10 -7.27
CA LEU A 65 2.62 6.13 -5.85
C LEU A 65 3.54 7.02 -5.02
N TYR A 66 4.54 7.56 -5.70
CA TYR A 66 5.74 8.12 -5.08
C TYR A 66 5.48 8.88 -3.78
N GLN A 67 4.49 9.78 -3.76
CA GLN A 67 4.28 10.59 -2.56
C GLN A 67 2.90 11.25 -2.49
N THR A 68 2.73 12.40 -3.12
CA THR A 68 1.55 13.23 -2.86
C THR A 68 1.14 14.05 -4.07
N GLY A 69 1.68 13.74 -5.21
CA GLY A 69 1.59 14.67 -6.31
C GLY A 69 0.70 14.19 -7.42
N ASP A 70 0.26 12.96 -7.30
CA ASP A 70 -0.38 12.30 -8.43
C ASP A 70 -1.18 11.09 -7.93
N ARG A 71 -0.57 10.38 -7.01
CA ARG A 71 -1.13 9.14 -6.47
C ARG A 71 -2.57 9.31 -6.04
N ILE A 72 -2.86 10.37 -5.30
CA ILE A 72 -4.19 10.56 -4.74
C ILE A 72 -5.07 11.32 -5.69
N THR A 73 -4.51 11.84 -6.76
CA THR A 73 -5.30 12.64 -7.66
C THR A 73 -6.06 11.75 -8.63
N TRP A 74 -5.43 10.65 -9.04
CA TRP A 74 -6.06 9.74 -10.00
C TRP A 74 -6.61 8.50 -9.32
N ASP A 75 -6.32 8.34 -8.03
CA ASP A 75 -6.61 7.09 -7.33
C ASP A 75 -8.11 6.83 -7.20
N LYS A 76 -8.41 5.65 -6.71
CA LYS A 76 -9.77 5.15 -6.61
C LYS A 76 -10.18 4.90 -5.17
N SER A 77 -9.21 4.93 -4.27
CA SER A 77 -9.46 4.79 -2.85
C SER A 77 -8.58 5.74 -2.06
N LEU A 78 -8.04 6.72 -2.75
CA LEU A 78 -7.24 7.75 -2.09
C LEU A 78 -7.99 9.07 -2.03
N GLN A 79 -7.61 9.91 -1.10
CA GLN A 79 -8.25 11.19 -0.89
C GLN A 79 -7.22 12.31 -0.77
N VAL A 80 -6.50 12.32 0.34
CA VAL A 80 -5.63 13.43 0.68
C VAL A 80 -4.30 12.91 1.21
N TYR A 81 -3.21 13.57 0.88
CA TYR A 81 -1.91 13.20 1.41
C TYR A 81 -1.25 14.38 2.12
N ASN A 82 -0.65 14.10 3.26
CA ASN A 82 0.05 15.10 4.06
C ASN A 82 1.43 14.58 4.39
N MET A 83 2.45 15.21 3.82
CA MET A 83 3.82 14.81 4.05
C MET A 83 4.26 15.29 5.42
N VAL A 84 4.17 14.40 6.42
CA VAL A 84 4.31 14.80 7.82
C VAL A 84 5.78 15.00 8.19
N HIS A 85 6.45 13.92 8.52
CA HIS A 85 7.85 13.98 8.90
C HIS A 85 8.68 13.10 8.01
N ARG A 86 9.65 13.71 7.37
CA ARG A 86 10.56 13.01 6.49
C ARG A 86 11.91 12.85 7.18
N ILE A 87 12.21 11.63 7.58
CA ILE A 87 13.40 11.35 8.37
C ILE A 87 14.64 11.47 7.50
N ASP A 88 14.52 10.98 6.27
CA ASP A 88 15.62 11.01 5.34
C ASP A 88 15.08 11.07 3.92
N SER A 89 15.95 10.92 2.94
CA SER A 89 15.52 10.95 1.55
C SER A 89 14.89 9.62 1.16
N ASP A 90 14.94 8.64 2.07
CA ASP A 90 14.44 7.31 1.77
C ASP A 90 13.37 6.93 2.77
N THR A 91 13.15 7.79 3.77
CA THR A 91 12.34 7.43 4.89
C THR A 91 11.39 8.57 5.21
N PHE A 92 10.11 8.33 4.99
CA PHE A 92 9.13 9.37 5.22
C PHE A 92 8.07 8.86 6.15
N ILE A 93 7.11 9.71 6.45
CA ILE A 93 5.90 9.31 7.13
C ILE A 93 4.74 9.94 6.38
N CYS A 94 3.75 9.14 6.01
CA CYS A 94 2.71 9.61 5.12
C CYS A 94 1.36 9.69 5.83
N HIS A 95 0.88 10.91 5.99
CA HIS A 95 -0.48 11.13 6.46
C HIS A 95 -1.43 11.03 5.27
N THR A 96 -1.98 9.85 5.07
CA THR A 96 -2.78 9.57 3.89
C THR A 96 -4.25 9.33 4.23
N ILE A 97 -5.12 10.24 3.84
CA ILE A 97 -6.55 10.03 4.03
C ILE A 97 -7.04 9.06 2.96
N THR A 98 -7.59 7.94 3.42
CA THR A 98 -7.92 6.82 2.56
C THR A 98 -9.43 6.62 2.45
N GLN A 99 -9.88 6.33 1.25
CA GLN A 99 -11.28 6.00 1.00
C GLN A 99 -11.48 4.49 1.10
N SER A 100 -11.49 3.99 2.33
CA SER A 100 -11.63 2.56 2.55
C SER A 100 -13.10 2.23 2.66
N PHE A 101 -13.67 1.70 1.60
CA PHE A 101 -15.09 1.36 1.58
C PHE A 101 -15.31 -0.12 1.33
N ALA A 102 -15.82 -0.80 2.34
CA ALA A 102 -16.29 -2.17 2.17
C ALA A 102 -17.80 -2.17 2.00
N VAL A 103 -18.25 -1.69 0.84
CA VAL A 103 -19.68 -1.58 0.51
C VAL A 103 -20.33 -0.40 1.25
N GLY A 104 -19.92 -0.19 2.50
CA GLY A 104 -20.47 0.89 3.29
C GLY A 104 -20.28 0.70 4.77
N SER A 105 -19.79 -0.49 5.16
CA SER A 105 -19.55 -0.80 6.56
C SER A 105 -18.40 0.03 7.15
N ILE A 106 -17.72 0.76 6.28
CA ILE A 106 -16.53 1.49 6.67
C ILE A 106 -16.60 2.94 6.23
N SER A 107 -16.11 3.83 7.08
CA SER A 107 -15.97 5.23 6.74
C SER A 107 -14.57 5.50 6.21
N PRO A 108 -14.34 6.66 5.57
CA PRO A 108 -12.99 7.06 5.14
C PRO A 108 -12.00 6.95 6.29
N ARG A 109 -10.78 6.52 5.98
CA ARG A 109 -9.79 6.28 7.01
C ARG A 109 -8.61 7.20 6.85
N ASP A 110 -7.72 7.15 7.81
CA ASP A 110 -6.57 8.02 7.83
C ASP A 110 -5.33 7.19 8.10
N PHE A 111 -4.37 7.25 7.22
CA PHE A 111 -3.15 6.48 7.37
C PHE A 111 -1.99 7.35 7.83
N ILE A 112 -1.20 6.80 8.72
CA ILE A 112 0.03 7.44 9.18
C ILE A 112 1.15 6.42 9.13
N ASP A 113 1.61 6.14 7.94
CA ASP A 113 2.59 5.10 7.75
C ASP A 113 3.98 5.67 7.63
N LEU A 114 4.86 5.23 8.48
CA LEU A 114 6.28 5.49 8.32
C LEU A 114 6.80 4.59 7.24
N VAL A 115 7.38 5.18 6.23
CA VAL A 115 7.61 4.51 5.01
C VAL A 115 9.05 4.59 4.57
N TYR A 116 9.65 3.44 4.34
CA TYR A 116 10.99 3.40 3.81
C TYR A 116 10.99 2.89 2.38
N ILE A 117 11.43 3.74 1.47
CA ILE A 117 11.52 3.38 0.06
C ILE A 117 12.94 2.95 -0.29
N LYS A 118 13.09 1.73 -0.77
CA LYS A 118 14.39 1.24 -1.18
C LYS A 118 14.28 0.40 -2.45
N ARG A 119 15.31 0.46 -3.27
CA ARG A 119 15.31 -0.23 -4.53
C ARG A 119 16.52 -1.11 -4.61
N TYR A 120 16.32 -2.38 -4.36
CA TYR A 120 17.34 -3.36 -4.62
C TYR A 120 17.60 -3.37 -6.11
N GLU A 121 18.82 -3.00 -6.47
CA GLU A 121 19.28 -2.83 -7.85
C GLU A 121 18.64 -3.80 -8.85
N GLY A 122 17.53 -3.36 -9.42
CA GLY A 122 16.79 -4.15 -10.39
C GLY A 122 16.36 -5.49 -9.84
N ASN A 123 16.14 -5.52 -8.55
CA ASN A 123 15.76 -6.74 -7.85
C ASN A 123 14.40 -6.54 -7.19
N MET A 124 14.26 -5.43 -6.45
CA MET A 124 13.01 -5.14 -5.76
C MET A 124 12.93 -3.67 -5.37
N ASN A 125 11.88 -3.02 -5.82
CA ASN A 125 11.67 -1.61 -5.58
C ASN A 125 10.50 -1.45 -4.61
N ILE A 126 10.80 -1.63 -3.34
CA ILE A 126 9.78 -1.66 -2.31
C ILE A 126 9.68 -0.34 -1.55
N ILE A 127 8.45 0.06 -1.25
CA ILE A 127 8.24 1.03 -0.21
C ILE A 127 7.59 0.33 0.98
N SER A 128 8.30 0.30 2.10
CA SER A 128 7.75 -0.24 3.32
C SER A 128 6.99 0.85 4.06
N SER A 129 6.07 0.47 4.92
CA SER A 129 5.27 1.44 5.66
C SER A 129 4.76 0.86 6.99
N LYS A 130 4.83 1.66 8.06
CA LYS A 130 4.36 1.22 9.36
C LYS A 130 3.48 2.31 9.91
N SER A 131 2.25 2.01 10.24
CA SER A 131 1.43 3.00 10.86
C SER A 131 2.05 3.30 12.21
N VAL A 132 2.80 4.39 12.25
CA VAL A 132 3.68 4.62 13.34
C VAL A 132 3.11 5.73 14.19
N ASP A 133 3.19 5.53 15.47
CA ASP A 133 2.48 6.33 16.40
C ASP A 133 3.33 7.50 16.86
N PHE A 134 3.54 8.40 15.92
CA PHE A 134 4.40 9.55 16.16
C PHE A 134 3.50 10.80 16.34
N PRO A 135 4.06 11.97 16.70
CA PRO A 135 3.32 13.22 16.97
C PRO A 135 1.97 13.41 16.23
N GLU A 136 1.98 13.36 14.89
CA GLU A 136 0.79 13.64 14.08
C GLU A 136 -0.16 12.43 14.00
N TYR A 137 0.38 11.25 14.24
CA TYR A 137 -0.38 10.01 14.14
C TYR A 137 -1.72 10.02 14.89
N PRO A 138 -1.82 10.55 16.13
CA PRO A 138 -3.11 10.67 16.84
C PRO A 138 -4.27 11.08 15.93
N PRO A 139 -5.30 10.22 15.83
CA PRO A 139 -6.40 10.37 14.88
C PRO A 139 -7.55 11.20 15.41
N SER A 140 -8.70 11.09 14.74
CA SER A 140 -9.87 11.87 15.06
C SER A 140 -11.10 11.01 14.88
N SER A 141 -12.28 11.60 14.91
CA SER A 141 -13.49 10.82 14.75
C SER A 141 -13.73 10.55 13.27
N ASN A 142 -13.58 11.58 12.44
CA ASN A 142 -13.77 11.45 11.00
C ASN A 142 -12.66 10.62 10.38
N TYR A 143 -11.49 10.65 11.00
CA TYR A 143 -10.32 9.99 10.46
C TYR A 143 -9.83 8.92 11.41
N ILE A 144 -10.01 7.66 11.03
CA ILE A 144 -9.53 6.56 11.83
C ILE A 144 -8.21 6.07 11.30
N ARG A 145 -7.17 6.30 12.08
CA ARG A 145 -5.84 5.81 11.78
C ARG A 145 -5.83 4.31 11.62
N GLY A 146 -5.84 3.85 10.37
CA GLY A 146 -5.72 2.45 10.09
C GLY A 146 -4.36 1.94 10.47
N TYR A 147 -4.30 1.05 11.45
CA TYR A 147 -3.03 0.62 11.97
C TYR A 147 -2.45 -0.51 11.12
N ASN A 148 -1.76 -0.12 10.07
CA ASN A 148 -1.06 -1.05 9.21
C ASN A 148 0.14 -1.65 9.94
N HIS A 149 0.04 -2.90 10.35
CA HIS A 149 1.22 -3.62 10.80
C HIS A 149 2.21 -3.63 9.67
N PRO A 150 3.45 -3.18 9.97
CA PRO A 150 4.55 -2.97 9.04
C PRO A 150 4.36 -3.55 7.65
N CYS A 151 3.43 -2.95 6.93
CA CYS A 151 3.11 -3.33 5.58
C CYS A 151 4.15 -2.80 4.62
N GLY A 152 3.98 -3.11 3.35
CA GLY A 152 4.85 -2.59 2.35
C GLY A 152 4.36 -2.88 0.96
N PHE A 153 5.22 -2.71 0.00
CA PHE A 153 4.81 -2.62 -1.38
C PHE A 153 6.02 -2.90 -2.27
N VAL A 154 6.43 -4.15 -2.32
CA VAL A 154 7.63 -4.49 -3.04
C VAL A 154 7.32 -4.66 -4.53
N CYS A 155 7.89 -3.80 -5.33
CA CYS A 155 7.73 -3.87 -6.77
C CYS A 155 8.93 -4.56 -7.37
N SER A 156 8.73 -5.79 -7.81
CA SER A 156 9.84 -6.63 -8.22
C SER A 156 10.04 -6.59 -9.73
N PRO A 157 11.15 -6.00 -10.20
CA PRO A 157 11.51 -6.04 -11.61
C PRO A 157 11.49 -7.47 -12.13
N MET A 158 10.67 -7.72 -13.14
CA MET A 158 10.51 -9.08 -13.63
C MET A 158 11.64 -9.46 -14.55
N GLU A 159 11.47 -10.57 -15.24
CA GLU A 159 12.47 -11.05 -16.16
C GLU A 159 12.54 -10.15 -17.38
N GLU A 160 11.49 -9.35 -17.56
CA GLU A 160 11.42 -8.40 -18.67
C GLU A 160 11.36 -6.98 -18.14
N ASN A 161 11.82 -6.83 -16.89
CA ASN A 161 11.97 -5.56 -16.16
C ASN A 161 10.97 -4.45 -16.58
N PRO A 162 11.22 -3.60 -17.62
CA PRO A 162 10.30 -2.50 -17.93
C PRO A 162 9.03 -2.97 -18.63
N ALA A 163 9.05 -4.21 -19.09
CA ALA A 163 7.91 -4.78 -19.79
C ALA A 163 6.95 -5.44 -18.82
N TYR A 164 7.50 -6.08 -17.80
CA TYR A 164 6.68 -6.70 -16.77
C TYR A 164 7.25 -6.40 -15.39
N SER A 165 6.40 -6.00 -14.45
CA SER A 165 6.84 -5.81 -13.10
C SER A 165 5.99 -6.61 -12.13
N LYS A 166 6.62 -7.12 -11.09
CA LYS A 166 5.95 -7.92 -10.11
C LYS A 166 5.55 -7.08 -8.90
N LEU A 167 4.30 -6.71 -8.90
CA LEU A 167 3.71 -5.91 -7.83
C LEU A 167 3.30 -6.84 -6.70
N VAL A 168 4.04 -6.81 -5.60
CA VAL A 168 3.65 -7.61 -4.44
C VAL A 168 3.61 -6.78 -3.15
N MET A 169 2.47 -6.84 -2.47
CA MET A 169 2.19 -5.99 -1.32
C MET A 169 1.70 -6.84 -0.15
N PHE A 170 1.92 -6.36 1.06
CA PHE A 170 1.53 -7.11 2.25
C PHE A 170 0.83 -6.21 3.25
N VAL A 171 -0.21 -6.74 3.90
CA VAL A 171 -0.86 -6.05 5.01
C VAL A 171 -1.23 -7.02 6.12
N GLN A 172 -0.89 -6.65 7.35
CA GLN A 172 -1.36 -7.33 8.53
C GLN A 172 -2.10 -6.29 9.35
N THR A 173 -2.72 -5.40 8.59
CA THR A 173 -3.35 -4.20 9.10
C THR A 173 -4.40 -4.49 10.18
N GLU A 174 -4.51 -3.57 11.13
CA GLU A 174 -5.48 -3.69 12.21
C GLU A 174 -6.85 -3.17 11.78
N MET A 175 -6.86 -2.06 11.02
CA MET A 175 -8.11 -1.41 10.65
C MET A 175 -9.01 -1.25 11.88
N ARG A 176 -8.46 -0.57 12.89
CA ARG A 176 -9.11 -0.43 14.19
C ARG A 176 -10.29 0.54 14.16
N GLY A 177 -11.12 0.43 13.13
CA GLY A 177 -12.29 1.29 13.02
C GLY A 177 -13.55 0.58 13.46
N LYS A 178 -13.37 -0.46 14.27
CA LYS A 178 -14.46 -1.25 14.82
C LYS A 178 -15.20 -2.01 13.71
N LEU A 179 -14.54 -3.02 13.16
CA LEU A 179 -15.13 -3.87 12.16
C LEU A 179 -15.46 -5.23 12.75
N SER A 180 -16.20 -5.97 11.98
CA SER A 180 -16.59 -7.33 12.31
C SER A 180 -15.90 -8.25 11.32
N PRO A 181 -15.66 -9.53 11.65
CA PRO A 181 -15.02 -10.48 10.74
C PRO A 181 -15.53 -10.34 9.30
N SER A 182 -16.85 -10.28 9.15
CA SER A 182 -17.49 -10.20 7.83
C SER A 182 -17.18 -8.88 7.11
N ILE A 183 -16.68 -7.89 7.85
CA ILE A 183 -16.37 -6.59 7.27
C ILE A 183 -14.95 -6.61 6.77
N ILE A 184 -14.13 -7.21 7.59
CA ILE A 184 -12.74 -7.41 7.34
C ILE A 184 -12.54 -8.31 6.11
N GLU A 185 -13.43 -9.27 5.97
CA GLU A 185 -13.46 -10.13 4.79
C GLU A 185 -13.61 -9.28 3.54
N LYS A 186 -14.26 -8.14 3.71
CA LYS A 186 -14.44 -7.20 2.63
C LYS A 186 -13.33 -6.15 2.61
N THR A 187 -12.93 -5.68 3.79
CA THR A 187 -12.02 -4.54 3.88
C THR A 187 -10.64 -4.86 3.29
N MET A 188 -10.16 -6.08 3.50
CA MET A 188 -8.81 -6.44 3.07
C MET A 188 -8.74 -6.63 1.57
N PRO A 189 -9.51 -7.60 0.99
CA PRO A 189 -9.48 -7.85 -0.46
C PRO A 189 -9.74 -6.59 -1.28
N SER A 190 -10.55 -5.70 -0.75
CA SER A 190 -10.87 -4.45 -1.43
C SER A 190 -9.69 -3.50 -1.41
N ASN A 191 -8.80 -3.67 -0.43
CA ASN A 191 -7.67 -2.77 -0.24
C ASN A 191 -6.43 -3.25 -0.98
N LEU A 192 -6.24 -4.55 -0.97
CA LEU A 192 -5.07 -5.16 -1.56
C LEU A 192 -5.07 -4.99 -3.06
N VAL A 193 -6.18 -5.35 -3.68
CA VAL A 193 -6.29 -5.31 -5.11
C VAL A 193 -6.32 -3.85 -5.55
N ASN A 194 -7.04 -3.03 -4.80
CA ASN A 194 -7.15 -1.61 -5.07
C ASN A 194 -5.79 -0.92 -5.10
N PHE A 195 -4.88 -1.31 -4.21
CA PHE A 195 -3.53 -0.76 -4.26
C PHE A 195 -2.85 -1.16 -5.57
N ILE A 196 -3.20 -2.33 -6.05
CA ILE A 196 -2.71 -2.79 -7.33
C ILE A 196 -3.47 -2.15 -8.48
N LEU A 197 -4.72 -1.91 -8.24
CA LEU A 197 -5.62 -1.42 -9.26
C LEU A 197 -5.42 0.05 -9.48
N ASN A 198 -5.03 0.74 -8.43
CA ASN A 198 -4.57 2.09 -8.60
C ASN A 198 -3.26 2.02 -9.36
N ALA A 199 -2.52 0.94 -9.20
CA ALA A 199 -1.27 0.80 -9.89
C ALA A 199 -1.51 0.50 -11.35
N LYS A 200 -2.54 -0.28 -11.63
CA LYS A 200 -2.95 -0.54 -13.01
C LYS A 200 -3.37 0.77 -13.68
N ASP A 201 -4.11 1.57 -12.94
CA ASP A 201 -4.75 2.76 -13.47
C ASP A 201 -3.77 3.92 -13.52
N GLY A 202 -2.96 4.03 -12.48
CA GLY A 202 -1.97 5.08 -12.42
C GLY A 202 -0.83 4.84 -13.38
N ILE A 203 -0.51 3.56 -13.58
CA ILE A 203 0.56 3.21 -14.50
C ILE A 203 0.13 3.48 -15.93
N LYS A 204 -1.15 3.26 -16.21
CA LYS A 204 -1.66 3.52 -17.54
C LYS A 204 -1.95 4.99 -17.66
N ALA A 205 -2.18 5.63 -16.54
CA ALA A 205 -2.21 7.08 -16.49
C ALA A 205 -0.83 7.61 -16.82
N HIS A 206 0.20 6.88 -16.40
CA HIS A 206 1.58 7.30 -16.65
C HIS A 206 2.18 6.69 -17.94
N ARG A 207 1.41 5.93 -18.70
CA ARG A 207 1.91 5.47 -20.02
C ARG A 207 0.89 5.74 -21.12
N THR A 208 -0.36 5.47 -20.81
CA THR A 208 -1.46 5.65 -21.73
C THR A 208 -2.00 7.07 -21.63
N PRO A 209 -2.47 7.66 -22.74
CA PRO A 209 -3.11 8.99 -22.74
C PRO A 209 -4.41 9.01 -21.94
N SER A 210 -4.30 8.71 -20.65
CA SER A 210 -5.43 8.69 -19.74
C SER A 210 -5.51 10.02 -19.00
N ARG A 211 -4.77 11.01 -19.50
CA ARG A 211 -4.73 12.32 -18.88
C ARG A 211 -5.81 13.22 -19.46
N ARG A 212 -6.75 12.64 -20.19
CA ARG A 212 -7.87 13.42 -20.70
C ARG A 212 -8.86 13.66 -19.56
N GLY A 213 -9.01 12.65 -18.72
CA GLY A 213 -9.87 12.79 -17.55
C GLY A 213 -9.06 13.06 -16.30
N PHE A 214 -7.95 13.78 -16.45
CA PHE A 214 -7.13 14.16 -15.30
C PHE A 214 -7.89 15.23 -14.52
N HIS A 215 -7.81 15.17 -13.19
CA HIS A 215 -8.61 16.08 -12.37
C HIS A 215 -7.79 17.20 -11.75
N HIS A 216 -6.46 17.09 -11.82
CA HIS A 216 -5.57 18.15 -11.34
C HIS A 216 -5.88 18.46 -9.86
N ASN A 217 -6.02 17.41 -9.06
CA ASN A 217 -6.51 17.55 -7.70
C ASN A 217 -5.40 17.30 -6.68
N SER A 218 -4.19 17.72 -7.01
CA SER A 218 -3.07 17.60 -6.10
C SER A 218 -3.02 18.79 -5.15
N HIS A 219 -3.18 19.98 -5.72
CA HIS A 219 -3.22 21.21 -4.95
C HIS A 219 -4.41 22.06 -5.38
N SER A 220 -5.61 21.54 -5.15
CA SER A 220 -6.82 22.25 -5.49
C SER A 220 -7.35 22.96 -4.24
N MET A 1 18.25 8.59 10.95
CA MET A 1 17.40 8.96 12.10
C MET A 1 16.61 7.74 12.58
N ASP A 2 15.89 7.89 13.70
CA ASP A 2 15.22 6.77 14.37
C ASP A 2 14.39 5.94 13.43
N PHE A 3 13.63 6.59 12.57
CA PHE A 3 12.67 5.90 11.74
C PHE A 3 13.39 5.04 10.72
N LYS A 4 14.59 5.45 10.37
CA LYS A 4 15.43 4.71 9.47
C LYS A 4 16.05 3.53 10.19
N ALA A 5 15.76 3.42 11.47
CA ALA A 5 16.12 2.24 12.21
C ALA A 5 14.95 1.26 12.21
N ILE A 6 13.76 1.79 12.42
CA ILE A 6 12.59 0.95 12.63
C ILE A 6 12.06 0.47 11.28
N ALA A 7 12.03 1.41 10.36
CA ALA A 7 11.50 1.18 9.03
C ALA A 7 12.46 0.39 8.18
N GLN A 8 13.74 0.67 8.36
CA GLN A 8 14.77 -0.02 7.62
C GLN A 8 14.81 -1.47 8.00
N GLN A 9 14.43 -1.72 9.24
CA GLN A 9 14.29 -3.10 9.69
C GLN A 9 12.98 -3.66 9.15
N THR A 10 11.98 -2.80 9.14
CA THR A 10 10.65 -3.15 8.67
C THR A 10 10.64 -3.46 7.17
N ALA A 11 11.45 -2.72 6.39
CA ALA A 11 11.63 -3.05 4.98
C ALA A 11 11.89 -4.54 4.79
N GLN A 12 12.94 -5.02 5.41
CA GLN A 12 13.32 -6.41 5.34
C GLN A 12 12.30 -7.31 6.02
N GLU A 13 11.44 -6.74 6.85
CA GLU A 13 10.37 -7.51 7.48
C GLU A 13 9.30 -7.84 6.44
N VAL A 14 8.81 -6.81 5.76
CA VAL A 14 7.75 -6.97 4.80
C VAL A 14 8.26 -7.65 3.54
N LEU A 15 9.45 -7.26 3.14
CA LEU A 15 10.14 -7.91 2.05
C LEU A 15 10.50 -9.31 2.47
N GLY A 16 10.58 -9.47 3.77
CA GLY A 16 10.85 -10.77 4.34
C GLY A 16 9.72 -11.72 4.08
N TYR A 17 8.57 -11.14 3.74
CA TYR A 17 7.42 -11.92 3.38
C TYR A 17 7.40 -12.16 1.89
N ASN A 18 8.13 -11.29 1.16
CA ASN A 18 8.24 -11.44 -0.29
C ASN A 18 9.12 -12.63 -0.64
N ARG A 19 9.85 -13.10 0.37
CA ARG A 19 10.81 -14.19 0.17
C ARG A 19 10.40 -15.43 0.95
N ASP A 20 9.56 -15.24 1.96
CA ASP A 20 9.09 -16.35 2.77
C ASP A 20 7.73 -16.84 2.31
N THR A 21 7.61 -18.13 2.17
CA THR A 21 6.36 -18.73 1.73
C THR A 21 6.03 -19.92 2.61
N SER A 22 4.90 -19.85 3.29
CA SER A 22 4.58 -20.80 4.34
C SER A 22 3.13 -21.27 4.21
N GLY A 23 2.48 -21.50 5.35
CA GLY A 23 1.09 -21.91 5.34
C GLY A 23 0.14 -20.79 4.97
N TRP A 24 0.28 -20.29 3.75
CA TRP A 24 -0.65 -19.35 3.19
C TRP A 24 -1.25 -19.97 1.94
N LYS A 25 -2.06 -19.21 1.26
CA LYS A 25 -2.76 -19.66 0.09
C LYS A 25 -3.42 -18.49 -0.57
N VAL A 26 -3.27 -18.37 -1.86
CA VAL A 26 -4.03 -17.40 -2.60
C VAL A 26 -5.51 -17.67 -2.43
N VAL A 27 -6.18 -16.72 -1.83
CA VAL A 27 -7.58 -16.85 -1.54
C VAL A 27 -8.37 -16.27 -2.69
N LYS A 28 -7.75 -15.37 -3.43
CA LYS A 28 -8.46 -14.65 -4.46
C LYS A 28 -7.53 -14.20 -5.57
N THR A 29 -7.99 -14.32 -6.80
CA THR A 29 -7.25 -13.84 -7.95
C THR A 29 -8.18 -13.13 -8.93
N SER A 30 -7.68 -12.07 -9.54
CA SER A 30 -8.37 -11.47 -10.67
C SER A 30 -7.85 -12.14 -11.94
N LYS A 31 -7.71 -11.41 -13.02
CA LYS A 31 -7.24 -12.00 -14.25
C LYS A 31 -5.78 -11.64 -14.48
N LYS A 32 -5.09 -11.22 -13.40
CA LYS A 32 -3.68 -10.89 -13.50
C LYS A 32 -3.04 -10.71 -12.12
N ILE A 33 -3.79 -10.96 -11.06
CA ILE A 33 -3.30 -10.70 -9.71
C ILE A 33 -3.69 -11.81 -8.74
N THR A 34 -3.07 -11.77 -7.57
CA THR A 34 -3.10 -12.89 -6.63
C THR A 34 -3.10 -12.38 -5.20
N VAL A 35 -4.14 -12.70 -4.43
CA VAL A 35 -4.23 -12.30 -3.05
C VAL A 35 -4.10 -13.52 -2.14
N SER A 36 -2.92 -13.69 -1.56
CA SER A 36 -2.63 -14.85 -0.72
C SER A 36 -2.75 -14.50 0.74
N SER A 37 -3.54 -15.29 1.43
CA SER A 37 -3.83 -15.09 2.83
C SER A 37 -2.94 -15.97 3.67
N LYS A 38 -2.21 -15.34 4.57
CA LYS A 38 -1.30 -16.06 5.45
C LYS A 38 -1.68 -15.81 6.91
N ALA A 39 -0.95 -14.92 7.57
CA ALA A 39 -1.14 -14.65 8.99
C ALA A 39 -0.17 -13.58 9.44
N SER A 40 -0.60 -12.72 10.35
CA SER A 40 0.27 -11.70 10.90
C SER A 40 0.64 -12.07 12.32
N ARG A 41 -0.37 -12.52 13.07
CA ARG A 41 -0.21 -12.98 14.44
C ARG A 41 0.37 -11.92 15.36
N LYS A 42 0.51 -10.71 14.84
CA LYS A 42 0.98 -9.59 15.65
C LYS A 42 -0.06 -9.29 16.71
N PHE A 43 -1.31 -9.67 16.40
CA PHE A 43 -2.43 -9.46 17.29
C PHE A 43 -3.71 -9.84 16.58
N HIS A 44 -3.91 -9.22 15.42
CA HIS A 44 -5.18 -9.32 14.72
C HIS A 44 -5.47 -10.74 14.24
N GLY A 45 -4.72 -11.19 13.25
CA GLY A 45 -4.98 -12.49 12.68
C GLY A 45 -4.19 -12.76 11.42
N ASN A 46 -4.80 -12.52 10.27
CA ASN A 46 -4.19 -12.90 9.01
C ASN A 46 -3.34 -11.76 8.43
N LEU A 47 -2.59 -12.11 7.40
CA LEU A 47 -1.80 -11.16 6.64
C LEU A 47 -2.00 -11.51 5.18
N TYR A 48 -2.17 -10.52 4.33
CA TYR A 48 -2.52 -10.79 2.95
C TYR A 48 -1.46 -10.26 2.00
N ARG A 49 -1.02 -11.13 1.12
CA ARG A 49 -0.09 -10.73 0.07
C ARG A 49 -0.87 -10.52 -1.21
N VAL A 50 -0.88 -9.32 -1.72
CA VAL A 50 -1.51 -9.06 -2.98
C VAL A 50 -0.42 -8.84 -4.02
N GLU A 51 -0.45 -9.69 -5.02
CA GLU A 51 0.66 -9.78 -5.95
C GLU A 51 0.14 -9.96 -7.36
N GLY A 52 0.52 -9.03 -8.22
CA GLY A 52 0.10 -9.10 -9.61
C GLY A 52 1.14 -8.51 -10.50
N ILE A 53 1.08 -8.82 -11.78
CA ILE A 53 2.04 -8.27 -12.71
C ILE A 53 1.46 -7.06 -13.42
N ILE A 54 2.13 -5.93 -13.23
CA ILE A 54 1.79 -4.73 -13.97
C ILE A 54 2.73 -4.61 -15.16
N PRO A 55 2.17 -4.71 -16.37
CA PRO A 55 2.92 -4.65 -17.65
C PRO A 55 3.54 -3.28 -17.91
N GLU A 56 4.36 -2.84 -16.98
CA GLU A 56 5.08 -1.62 -17.08
C GLU A 56 6.29 -1.69 -16.17
N SER A 57 7.21 -0.77 -16.30
CA SER A 57 8.43 -0.79 -15.55
C SER A 57 8.19 -0.51 -14.09
N PRO A 58 8.95 -1.24 -13.25
CA PRO A 58 8.92 -1.13 -11.78
C PRO A 58 9.29 0.28 -11.36
N ALA A 59 9.86 1.00 -12.30
CA ALA A 59 10.25 2.38 -12.12
C ALA A 59 9.04 3.27 -12.01
N LYS A 60 8.13 3.17 -12.98
CA LYS A 60 6.96 4.01 -12.99
C LYS A 60 6.04 3.57 -11.88
N LEU A 61 6.19 2.31 -11.49
CA LEU A 61 5.51 1.79 -10.32
C LEU A 61 5.93 2.57 -9.08
N SER A 62 7.22 2.63 -8.82
CA SER A 62 7.73 3.42 -7.71
C SER A 62 7.53 4.91 -7.96
N ASP A 63 7.15 5.24 -9.19
CA ASP A 63 6.92 6.65 -9.56
C ASP A 63 5.47 7.07 -9.30
N PHE A 64 4.53 6.13 -9.36
CA PHE A 64 3.12 6.49 -9.24
C PHE A 64 2.70 6.53 -7.77
N LEU A 65 3.12 5.54 -6.98
CA LEU A 65 2.67 5.43 -5.60
C LEU A 65 3.59 6.21 -4.66
N TYR A 66 4.51 6.95 -5.26
CA TYR A 66 5.67 7.47 -4.54
C TYR A 66 5.25 8.25 -3.29
N GLN A 67 4.68 9.44 -3.49
CA GLN A 67 4.23 10.31 -2.42
C GLN A 67 3.98 11.67 -2.98
N THR A 68 2.85 12.23 -2.62
CA THR A 68 2.43 13.56 -3.01
C THR A 68 2.62 13.81 -4.51
N GLY A 69 2.48 12.75 -5.28
CA GLY A 69 2.70 12.85 -6.68
C GLY A 69 1.44 13.22 -7.39
N ASP A 70 0.38 12.55 -6.97
CA ASP A 70 -0.89 12.51 -7.67
C ASP A 70 -1.58 11.21 -7.33
N ARG A 71 -0.87 10.34 -6.59
CA ARG A 71 -1.37 9.06 -6.15
C ARG A 71 -2.77 9.12 -5.55
N ILE A 72 -3.17 10.24 -4.97
CA ILE A 72 -4.53 10.32 -4.42
C ILE A 72 -5.51 10.86 -5.45
N THR A 73 -4.98 11.44 -6.51
CA THR A 73 -5.84 12.10 -7.47
C THR A 73 -6.35 11.10 -8.49
N TRP A 74 -5.59 10.03 -8.74
CA TRP A 74 -6.03 9.01 -9.67
C TRP A 74 -6.44 7.72 -8.95
N ASP A 75 -6.26 7.69 -7.64
CA ASP A 75 -6.47 6.47 -6.86
C ASP A 75 -7.96 6.14 -6.75
N LYS A 76 -8.23 4.99 -6.15
CA LYS A 76 -9.59 4.49 -6.01
C LYS A 76 -10.01 4.58 -4.55
N SER A 77 -9.02 4.56 -3.66
CA SER A 77 -9.27 4.49 -2.23
C SER A 77 -8.52 5.60 -1.50
N LEU A 78 -7.98 6.57 -2.23
CA LEU A 78 -7.22 7.65 -1.60
C LEU A 78 -7.99 8.96 -1.62
N GLN A 79 -7.70 9.80 -0.64
CA GLN A 79 -8.32 11.10 -0.54
C GLN A 79 -7.30 12.22 -0.63
N VAL A 80 -6.49 12.34 0.41
CA VAL A 80 -5.65 13.51 0.61
C VAL A 80 -4.36 13.13 1.34
N TYR A 81 -3.21 13.44 0.76
CA TYR A 81 -1.94 13.15 1.43
C TYR A 81 -1.26 14.43 1.89
N ASN A 82 -0.64 14.35 3.07
CA ASN A 82 0.07 15.44 3.70
C ASN A 82 1.37 14.91 4.25
N MET A 83 2.46 15.45 3.75
CA MET A 83 3.79 15.03 4.15
C MET A 83 4.04 15.46 5.60
N VAL A 84 4.05 14.50 6.54
CA VAL A 84 4.08 14.85 7.96
C VAL A 84 5.49 15.12 8.44
N HIS A 85 6.27 14.06 8.55
CA HIS A 85 7.63 14.17 9.03
C HIS A 85 8.55 13.31 8.20
N ARG A 86 9.37 13.95 7.40
CA ARG A 86 10.38 13.26 6.62
C ARG A 86 11.62 13.05 7.45
N ILE A 87 12.08 11.82 7.48
CA ILE A 87 13.16 11.43 8.36
C ILE A 87 14.49 11.70 7.71
N ASP A 88 14.65 11.15 6.52
CA ASP A 88 15.88 11.26 5.77
C ASP A 88 15.54 11.56 4.33
N SER A 89 16.29 11.00 3.40
CA SER A 89 16.01 11.16 1.99
C SER A 89 15.18 9.97 1.50
N ASP A 90 15.11 8.93 2.33
CA ASP A 90 14.51 7.68 1.92
C ASP A 90 13.45 7.23 2.92
N THR A 91 13.20 8.07 3.93
CA THR A 91 12.34 7.68 5.00
C THR A 91 11.35 8.78 5.26
N PHE A 92 10.09 8.46 5.16
CA PHE A 92 9.06 9.44 5.35
C PHE A 92 7.98 8.90 6.27
N ILE A 93 7.02 9.75 6.58
CA ILE A 93 5.81 9.33 7.24
C ILE A 93 4.65 9.97 6.49
N CYS A 94 3.71 9.16 6.05
CA CYS A 94 2.68 9.61 5.15
C CYS A 94 1.34 9.75 5.83
N HIS A 95 0.91 11.00 6.02
CA HIS A 95 -0.43 11.28 6.48
C HIS A 95 -1.38 11.29 5.29
N THR A 96 -2.14 10.23 5.15
CA THR A 96 -2.97 10.06 3.97
C THR A 96 -4.42 9.77 4.34
N ILE A 97 -5.34 10.63 3.92
CA ILE A 97 -6.75 10.36 4.13
C ILE A 97 -7.22 9.33 3.11
N THR A 98 -8.04 8.41 3.58
CA THR A 98 -8.45 7.25 2.81
C THR A 98 -9.93 7.33 2.50
N GLN A 99 -10.34 6.72 1.40
CA GLN A 99 -11.73 6.66 1.01
C GLN A 99 -12.39 5.42 1.63
N SER A 100 -13.70 5.39 1.59
CA SER A 100 -14.48 4.37 2.27
C SER A 100 -14.69 3.15 1.37
N PHE A 101 -13.76 2.20 1.41
CA PHE A 101 -13.91 0.98 0.64
C PHE A 101 -14.70 -0.05 1.44
N ALA A 102 -16.00 -0.08 1.15
CA ALA A 102 -17.00 -0.93 1.81
C ALA A 102 -18.35 -0.25 1.75
N VAL A 103 -18.41 0.83 0.96
CA VAL A 103 -19.61 1.66 0.81
C VAL A 103 -19.89 2.48 2.07
N GLY A 104 -19.69 1.91 3.25
CA GLY A 104 -19.97 2.63 4.48
C GLY A 104 -19.37 1.99 5.72
N SER A 105 -19.09 0.69 5.64
CA SER A 105 -18.52 -0.03 6.78
C SER A 105 -17.21 0.60 7.24
N ILE A 106 -16.21 0.58 6.37
CA ILE A 106 -14.94 1.23 6.66
C ILE A 106 -15.05 2.71 6.34
N SER A 107 -15.14 3.52 7.39
CA SER A 107 -15.30 4.96 7.25
C SER A 107 -14.00 5.60 6.74
N PRO A 108 -14.06 6.87 6.27
CA PRO A 108 -12.89 7.63 5.83
C PRO A 108 -11.74 7.49 6.80
N ARG A 109 -10.66 6.86 6.35
CA ARG A 109 -9.61 6.46 7.25
C ARG A 109 -8.42 7.39 7.16
N ASP A 110 -7.60 7.41 8.21
CA ASP A 110 -6.43 8.26 8.25
C ASP A 110 -5.18 7.40 8.22
N PHE A 111 -4.32 7.61 7.27
CA PHE A 111 -3.08 6.85 7.18
C PHE A 111 -1.93 7.64 7.77
N ILE A 112 -1.17 6.99 8.61
CA ILE A 112 0.08 7.52 9.12
C ILE A 112 1.13 6.44 9.02
N ASP A 113 1.47 6.11 7.81
CA ASP A 113 2.41 5.06 7.55
C ASP A 113 3.80 5.62 7.48
N LEU A 114 4.64 5.20 8.41
CA LEU A 114 6.05 5.49 8.32
C LEU A 114 6.64 4.59 7.27
N VAL A 115 7.21 5.21 6.28
CA VAL A 115 7.52 4.52 5.06
C VAL A 115 8.97 4.66 4.71
N TYR A 116 9.59 3.53 4.50
CA TYR A 116 10.96 3.51 4.03
C TYR A 116 11.02 3.00 2.61
N ILE A 117 11.53 3.83 1.73
CA ILE A 117 11.59 3.49 0.32
C ILE A 117 12.99 3.01 -0.05
N LYS A 118 13.16 1.71 -0.20
CA LYS A 118 14.43 1.15 -0.61
C LYS A 118 14.27 0.30 -1.84
N ARG A 119 15.15 0.49 -2.79
CA ARG A 119 15.19 -0.35 -3.94
C ARG A 119 16.45 -1.19 -3.89
N TYR A 120 16.26 -2.47 -3.85
CA TYR A 120 17.35 -3.38 -4.13
C TYR A 120 17.55 -3.36 -5.63
N GLU A 121 18.61 -2.68 -6.05
CA GLU A 121 18.86 -2.40 -7.45
C GLU A 121 18.80 -3.64 -8.33
N GLY A 122 17.65 -3.81 -8.94
CA GLY A 122 17.38 -4.91 -9.83
C GLY A 122 16.93 -6.15 -9.10
N ASN A 123 16.37 -5.91 -7.94
CA ASN A 123 15.78 -6.96 -7.12
C ASN A 123 14.36 -6.58 -6.77
N MET A 124 14.20 -5.42 -6.12
CA MET A 124 12.92 -5.03 -5.54
C MET A 124 12.87 -3.54 -5.31
N ASN A 125 11.76 -2.92 -5.66
CA ASN A 125 11.56 -1.49 -5.42
C ASN A 125 10.41 -1.34 -4.44
N ILE A 126 10.73 -1.39 -3.16
CA ILE A 126 9.73 -1.46 -2.12
C ILE A 126 9.62 -0.17 -1.30
N ILE A 127 8.40 0.17 -0.90
CA ILE A 127 8.21 1.11 0.19
C ILE A 127 7.64 0.35 1.39
N SER A 128 8.42 0.28 2.45
CA SER A 128 7.98 -0.39 3.67
C SER A 128 7.38 0.61 4.64
N SER A 129 6.16 0.35 5.05
CA SER A 129 5.38 1.32 5.80
C SER A 129 4.87 0.74 7.12
N LYS A 130 4.88 1.55 8.17
CA LYS A 130 4.39 1.15 9.47
C LYS A 130 3.45 2.22 9.97
N SER A 131 2.26 1.84 10.35
CA SER A 131 1.39 2.79 10.98
C SER A 131 2.02 3.19 12.29
N VAL A 132 2.71 4.31 12.27
CA VAL A 132 3.58 4.62 13.35
C VAL A 132 2.97 5.73 14.16
N ASP A 133 3.13 5.62 15.44
CA ASP A 133 2.47 6.52 16.34
C ASP A 133 3.43 7.60 16.74
N PHE A 134 3.55 8.57 15.86
CA PHE A 134 4.53 9.61 16.02
C PHE A 134 3.84 10.94 16.31
N PRO A 135 4.52 11.85 17.02
CA PRO A 135 3.92 13.06 17.62
C PRO A 135 3.34 14.08 16.64
N GLU A 136 3.73 14.02 15.37
CA GLU A 136 3.36 15.06 14.43
C GLU A 136 1.89 14.98 14.16
N TYR A 137 1.37 13.77 14.26
CA TYR A 137 -0.02 13.55 13.94
C TYR A 137 -0.62 12.31 14.58
N PRO A 138 -1.46 12.50 15.60
CA PRO A 138 -2.40 11.49 16.06
C PRO A 138 -3.70 11.57 15.25
N PRO A 139 -4.47 10.47 15.15
CA PRO A 139 -5.73 10.47 14.40
C PRO A 139 -6.80 11.34 15.07
N SER A 140 -8.05 11.17 14.65
CA SER A 140 -9.10 12.06 15.05
C SER A 140 -10.33 11.25 15.41
N SER A 141 -11.49 11.86 15.39
CA SER A 141 -12.69 11.18 15.81
C SER A 141 -13.27 10.32 14.68
N ASN A 142 -13.28 10.86 13.46
CA ASN A 142 -13.78 10.12 12.30
C ASN A 142 -12.61 9.47 11.57
N TYR A 143 -11.45 10.11 11.65
CA TYR A 143 -10.26 9.60 11.01
C TYR A 143 -9.58 8.61 11.92
N ILE A 144 -9.63 7.36 11.53
CA ILE A 144 -8.98 6.31 12.26
C ILE A 144 -7.65 6.04 11.61
N ARG A 145 -6.57 6.30 12.33
CA ARG A 145 -5.26 5.96 11.84
C ARG A 145 -5.22 4.47 11.51
N GLY A 146 -5.19 4.17 10.22
CA GLY A 146 -5.15 2.80 9.77
C GLY A 146 -3.93 2.09 10.31
N TYR A 147 -4.14 1.16 11.23
CA TYR A 147 -3.02 0.51 11.87
C TYR A 147 -2.49 -0.64 11.04
N ASN A 148 -1.78 -0.25 10.01
CA ASN A 148 -1.05 -1.17 9.18
C ASN A 148 0.24 -1.54 9.90
N HIS A 149 0.26 -2.70 10.55
CA HIS A 149 1.48 -3.21 11.15
C HIS A 149 2.50 -3.39 10.04
N PRO A 150 3.81 -3.31 10.35
CA PRO A 150 4.94 -3.32 9.40
C PRO A 150 4.66 -4.00 8.06
N CYS A 151 3.85 -3.35 7.27
CA CYS A 151 3.53 -3.79 5.93
C CYS A 151 4.40 -3.07 4.92
N GLY A 152 4.14 -3.29 3.66
CA GLY A 152 4.91 -2.64 2.65
C GLY A 152 4.35 -2.86 1.27
N PHE A 153 5.18 -2.63 0.29
CA PHE A 153 4.74 -2.57 -1.09
C PHE A 153 5.94 -2.74 -1.99
N VAL A 154 6.24 -3.97 -2.35
CA VAL A 154 7.44 -4.23 -3.09
C VAL A 154 7.14 -4.40 -4.58
N CYS A 155 7.92 -3.71 -5.37
CA CYS A 155 7.80 -3.79 -6.83
C CYS A 155 9.01 -4.51 -7.39
N SER A 156 8.82 -5.72 -7.88
CA SER A 156 9.95 -6.59 -8.20
C SER A 156 10.17 -6.70 -9.70
N PRO A 157 11.37 -6.32 -10.17
CA PRO A 157 11.79 -6.55 -11.56
C PRO A 157 11.62 -8.01 -11.96
N MET A 158 10.91 -8.24 -13.06
CA MET A 158 10.65 -9.60 -13.53
C MET A 158 11.75 -10.09 -14.45
N GLU A 159 11.52 -11.23 -15.09
CA GLU A 159 12.38 -11.68 -16.16
C GLU A 159 12.03 -10.91 -17.43
N GLU A 160 10.81 -10.42 -17.48
CA GLU A 160 10.35 -9.53 -18.53
C GLU A 160 10.38 -8.10 -17.98
N ASN A 161 11.29 -7.93 -17.01
CA ASN A 161 11.47 -6.72 -16.19
C ASN A 161 10.79 -5.45 -16.74
N PRO A 162 11.27 -4.83 -17.84
CA PRO A 162 10.77 -3.52 -18.26
C PRO A 162 9.37 -3.58 -18.86
N ALA A 163 8.94 -4.77 -19.23
CA ALA A 163 7.65 -4.95 -19.90
C ALA A 163 6.62 -5.53 -18.93
N TYR A 164 7.09 -6.24 -17.92
CA TYR A 164 6.23 -6.81 -16.90
C TYR A 164 6.90 -6.68 -15.54
N SER A 165 6.24 -6.03 -14.60
CA SER A 165 6.81 -5.85 -13.28
C SER A 165 6.00 -6.60 -12.25
N LYS A 166 6.68 -7.12 -11.24
CA LYS A 166 6.03 -7.87 -10.21
C LYS A 166 5.63 -6.99 -9.04
N LEU A 167 4.36 -6.66 -9.02
CA LEU A 167 3.76 -5.84 -7.98
C LEU A 167 3.32 -6.73 -6.83
N VAL A 168 4.06 -6.71 -5.73
CA VAL A 168 3.66 -7.52 -4.57
C VAL A 168 3.62 -6.69 -3.29
N MET A 169 2.43 -6.59 -2.72
CA MET A 169 2.18 -5.82 -1.53
C MET A 169 1.73 -6.74 -0.41
N PHE A 170 2.08 -6.39 0.81
CA PHE A 170 1.68 -7.15 1.97
C PHE A 170 0.93 -6.26 2.92
N VAL A 171 -0.24 -6.68 3.32
CA VAL A 171 -1.05 -5.89 4.22
C VAL A 171 -1.13 -6.56 5.59
N GLN A 172 -0.62 -5.86 6.59
CA GLN A 172 -0.61 -6.37 7.95
C GLN A 172 -1.53 -5.50 8.80
N THR A 173 -2.71 -5.29 8.26
CA THR A 173 -3.67 -4.34 8.79
C THR A 173 -4.31 -4.79 10.10
N GLU A 174 -4.43 -3.86 11.04
CA GLU A 174 -5.12 -4.12 12.29
C GLU A 174 -6.58 -3.71 12.21
N MET A 175 -6.88 -2.67 11.43
CA MET A 175 -8.22 -2.10 11.40
C MET A 175 -8.67 -1.71 12.81
N ARG A 176 -7.88 -0.85 13.43
CA ARG A 176 -8.19 -0.34 14.78
C ARG A 176 -9.52 0.42 14.82
N GLY A 177 -10.10 0.66 13.64
CA GLY A 177 -11.33 1.41 13.56
C GLY A 177 -12.56 0.59 13.92
N LYS A 178 -12.34 -0.51 14.61
CA LYS A 178 -13.43 -1.36 15.12
C LYS A 178 -14.31 -1.87 13.98
N LEU A 179 -13.76 -2.76 13.17
CA LEU A 179 -14.52 -3.41 12.14
C LEU A 179 -14.92 -4.79 12.66
N SER A 180 -15.71 -5.47 11.89
CA SER A 180 -16.20 -6.79 12.26
C SER A 180 -15.59 -7.82 11.32
N PRO A 181 -15.50 -9.10 11.71
CA PRO A 181 -14.94 -10.14 10.83
C PRO A 181 -15.54 -10.06 9.43
N SER A 182 -16.83 -9.76 9.37
CA SER A 182 -17.57 -9.66 8.13
C SER A 182 -17.26 -8.35 7.38
N ILE A 183 -16.56 -7.42 8.02
CA ILE A 183 -16.17 -6.15 7.38
C ILE A 183 -14.80 -6.31 6.75
N ILE A 184 -14.07 -7.19 7.35
CA ILE A 184 -12.67 -7.38 7.10
C ILE A 184 -12.47 -8.35 5.94
N GLU A 185 -13.37 -9.30 5.83
CA GLU A 185 -13.38 -10.22 4.70
C GLU A 185 -13.58 -9.46 3.40
N LYS A 186 -14.21 -8.29 3.49
CA LYS A 186 -14.37 -7.42 2.34
C LYS A 186 -13.23 -6.39 2.28
N THR A 187 -12.79 -5.92 3.45
CA THR A 187 -11.84 -4.80 3.50
C THR A 187 -10.48 -5.19 2.91
N MET A 188 -10.14 -6.47 2.97
CA MET A 188 -8.83 -6.92 2.50
C MET A 188 -8.78 -6.98 0.97
N PRO A 189 -9.62 -7.80 0.30
CA PRO A 189 -9.62 -7.89 -1.15
C PRO A 189 -9.93 -6.55 -1.81
N SER A 190 -10.81 -5.78 -1.20
CA SER A 190 -11.25 -4.52 -1.76
C SER A 190 -10.12 -3.49 -1.69
N ASN A 191 -9.20 -3.69 -0.78
CA ASN A 191 -8.09 -2.76 -0.60
C ASN A 191 -6.91 -3.18 -1.46
N LEU A 192 -6.59 -4.46 -1.43
CA LEU A 192 -5.37 -4.96 -2.04
C LEU A 192 -5.45 -4.96 -3.55
N VAL A 193 -6.55 -5.43 -4.09
CA VAL A 193 -6.67 -5.60 -5.53
C VAL A 193 -6.87 -4.24 -6.17
N ASN A 194 -7.56 -3.40 -5.43
CA ASN A 194 -7.79 -2.03 -5.81
C ASN A 194 -6.48 -1.29 -5.88
N PHE A 195 -5.67 -1.43 -4.84
CA PHE A 195 -4.38 -0.77 -4.76
C PHE A 195 -3.53 -1.15 -5.97
N ILE A 196 -3.74 -2.36 -6.46
CA ILE A 196 -3.04 -2.83 -7.63
C ILE A 196 -3.62 -2.27 -8.92
N LEU A 197 -4.92 -2.18 -9.00
CA LEU A 197 -5.52 -1.73 -10.24
C LEU A 197 -5.47 -0.21 -10.35
N ASN A 198 -5.34 0.49 -9.22
CA ASN A 198 -5.00 1.89 -9.31
C ASN A 198 -3.53 2.00 -9.67
N ALA A 199 -2.81 0.90 -9.55
CA ALA A 199 -1.46 0.84 -10.07
C ALA A 199 -1.53 0.54 -11.54
N LYS A 200 -2.60 -0.14 -11.94
CA LYS A 200 -2.87 -0.37 -13.36
C LYS A 200 -3.24 0.94 -14.03
N ASP A 201 -4.00 1.74 -13.30
CA ASP A 201 -4.52 3.01 -13.81
C ASP A 201 -3.52 4.11 -13.60
N GLY A 202 -2.87 4.07 -12.46
CA GLY A 202 -1.91 5.10 -12.11
C GLY A 202 -0.66 5.00 -12.96
N ILE A 203 -0.35 3.79 -13.37
CA ILE A 203 0.79 3.56 -14.24
C ILE A 203 0.48 4.09 -15.63
N LYS A 204 -0.79 4.03 -16.02
CA LYS A 204 -1.22 4.57 -17.30
C LYS A 204 -1.51 6.05 -17.12
N ALA A 205 -1.83 6.44 -15.91
CA ALA A 205 -1.91 7.85 -15.57
C ALA A 205 -0.53 8.47 -15.68
N HIS A 206 0.49 7.67 -15.40
CA HIS A 206 1.87 8.13 -15.53
C HIS A 206 2.47 7.81 -16.90
N ARG A 207 1.73 7.06 -17.72
CA ARG A 207 2.17 6.75 -19.08
C ARG A 207 1.28 7.49 -20.09
N THR A 208 0.01 7.16 -20.03
CA THR A 208 -1.01 7.72 -20.88
C THR A 208 -1.50 9.06 -20.30
N PRO A 209 -1.81 10.04 -21.15
CA PRO A 209 -2.43 11.31 -20.71
C PRO A 209 -3.86 11.10 -20.24
N SER A 210 -4.04 10.14 -19.34
CA SER A 210 -5.37 9.77 -18.86
C SER A 210 -5.99 10.89 -18.03
N ARG A 211 -5.16 11.71 -17.40
CA ARG A 211 -5.67 12.80 -16.58
C ARG A 211 -5.59 14.13 -17.33
N ARG A 212 -5.38 14.05 -18.65
CA ARG A 212 -5.38 15.25 -19.48
C ARG A 212 -6.77 15.90 -19.42
N GLY A 213 -7.78 15.06 -19.47
CA GLY A 213 -9.14 15.52 -19.26
C GLY A 213 -9.61 15.18 -17.87
N PHE A 214 -9.08 15.88 -16.89
CA PHE A 214 -9.40 15.62 -15.49
C PHE A 214 -10.65 16.40 -15.07
N HIS A 215 -11.67 15.68 -14.63
CA HIS A 215 -12.91 16.32 -14.18
C HIS A 215 -13.36 15.76 -12.85
N HIS A 216 -12.75 16.26 -11.77
CA HIS A 216 -13.12 15.92 -10.39
C HIS A 216 -12.78 14.47 -10.03
N ASN A 217 -11.93 14.31 -9.02
CA ASN A 217 -11.67 12.99 -8.46
C ASN A 217 -12.45 12.84 -7.17
N SER A 218 -13.56 13.55 -7.09
CA SER A 218 -14.41 13.57 -5.91
C SER A 218 -14.93 12.17 -5.59
N HIS A 219 -15.25 11.42 -6.64
CA HIS A 219 -15.72 10.05 -6.49
C HIS A 219 -15.37 9.22 -7.71
N SER A 220 -15.29 7.93 -7.53
CA SER A 220 -15.17 7.01 -8.65
C SER A 220 -16.56 6.47 -8.99
N MET A 1 18.27 9.61 14.64
CA MET A 1 17.19 9.06 13.79
C MET A 1 16.73 7.70 14.31
N ASP A 2 15.43 7.56 14.54
CA ASP A 2 14.90 6.34 15.11
C ASP A 2 14.01 5.61 14.12
N PHE A 3 13.37 6.37 13.25
CA PHE A 3 12.43 5.80 12.30
C PHE A 3 13.18 4.95 11.31
N LYS A 4 14.40 5.36 11.04
CA LYS A 4 15.27 4.68 10.13
C LYS A 4 15.81 3.42 10.77
N ALA A 5 15.44 3.20 12.00
CA ALA A 5 15.74 1.96 12.66
C ALA A 5 14.58 0.97 12.50
N ILE A 6 13.36 1.48 12.65
CA ILE A 6 12.18 0.62 12.63
C ILE A 6 11.73 0.36 11.22
N ALA A 7 11.89 1.36 10.40
CA ALA A 7 11.46 1.32 9.01
C ALA A 7 12.44 0.58 8.15
N GLN A 8 13.70 0.83 8.41
CA GLN A 8 14.78 0.16 7.72
C GLN A 8 14.74 -1.31 8.03
N GLN A 9 14.30 -1.61 9.23
CA GLN A 9 14.09 -2.98 9.62
C GLN A 9 12.78 -3.47 9.03
N THR A 10 11.76 -2.61 9.11
CA THR A 10 10.44 -2.91 8.59
C THR A 10 10.49 -3.19 7.09
N ALA A 11 11.35 -2.47 6.37
CA ALA A 11 11.60 -2.78 4.97
C ALA A 11 11.87 -4.27 4.78
N GLN A 12 12.90 -4.75 5.46
CA GLN A 12 13.29 -6.15 5.37
C GLN A 12 12.29 -7.05 6.09
N GLU A 13 11.49 -6.47 6.97
CA GLU A 13 10.39 -7.22 7.59
C GLU A 13 9.35 -7.54 6.54
N VAL A 14 8.84 -6.50 5.90
CA VAL A 14 7.78 -6.66 4.92
C VAL A 14 8.29 -7.37 3.68
N LEU A 15 9.48 -6.98 3.25
CA LEU A 15 10.13 -7.62 2.16
C LEU A 15 10.28 -9.08 2.46
N GLY A 16 10.42 -9.36 3.74
CA GLY A 16 10.62 -10.72 4.20
C GLY A 16 9.40 -11.55 3.90
N TYR A 17 8.27 -10.86 3.87
CA TYR A 17 6.99 -11.51 3.60
C TYR A 17 6.68 -11.44 2.13
N ASN A 18 7.38 -10.56 1.44
CA ASN A 18 7.10 -10.33 0.04
C ASN A 18 8.04 -11.17 -0.81
N ARG A 19 8.98 -11.79 -0.12
CA ARG A 19 9.92 -12.71 -0.75
C ARG A 19 9.63 -14.14 -0.32
N ASP A 20 8.86 -14.27 0.76
CA ASP A 20 8.50 -15.56 1.31
C ASP A 20 7.10 -15.95 0.89
N THR A 21 6.90 -17.20 0.53
CA THR A 21 5.61 -17.64 0.07
C THR A 21 5.25 -19.00 0.66
N SER A 22 4.63 -18.95 1.82
CA SER A 22 4.25 -20.17 2.55
C SER A 22 3.41 -19.85 3.78
N GLY A 23 2.48 -20.74 4.11
CA GLY A 23 1.70 -20.61 5.33
C GLY A 23 0.39 -19.86 5.11
N TRP A 24 0.14 -19.49 3.87
CA TRP A 24 -1.03 -18.69 3.53
C TRP A 24 -1.93 -19.44 2.55
N LYS A 25 -2.74 -18.68 1.84
CA LYS A 25 -3.72 -19.24 0.96
C LYS A 25 -4.27 -18.14 0.08
N VAL A 26 -4.10 -18.24 -1.22
CA VAL A 26 -4.69 -17.26 -2.09
C VAL A 26 -6.20 -17.32 -1.98
N VAL A 27 -6.76 -16.22 -1.52
CA VAL A 27 -8.17 -16.12 -1.29
C VAL A 27 -8.82 -15.53 -2.52
N LYS A 28 -8.04 -14.79 -3.30
CA LYS A 28 -8.59 -14.09 -4.43
C LYS A 28 -7.50 -13.79 -5.45
N THR A 29 -7.71 -14.23 -6.68
CA THR A 29 -6.72 -14.04 -7.73
C THR A 29 -7.37 -13.97 -9.10
N SER A 30 -6.71 -13.25 -9.99
CA SER A 30 -7.14 -13.15 -11.37
C SER A 30 -6.12 -13.87 -12.25
N LYS A 31 -5.93 -13.39 -13.46
CA LYS A 31 -4.92 -13.94 -14.36
C LYS A 31 -3.69 -13.05 -14.31
N LYS A 32 -3.53 -12.36 -13.19
CA LYS A 32 -2.40 -11.46 -12.98
C LYS A 32 -2.12 -11.23 -11.51
N ILE A 33 -3.16 -11.00 -10.72
CA ILE A 33 -2.98 -10.67 -9.30
C ILE A 33 -3.32 -11.85 -8.42
N THR A 34 -2.82 -11.81 -7.19
CA THR A 34 -2.91 -12.93 -6.27
C THR A 34 -2.97 -12.45 -4.84
N VAL A 35 -4.12 -12.60 -4.20
CA VAL A 35 -4.30 -12.14 -2.83
C VAL A 35 -4.23 -13.33 -1.87
N SER A 36 -3.09 -13.47 -1.22
CA SER A 36 -2.83 -14.58 -0.32
C SER A 36 -3.08 -14.20 1.13
N SER A 37 -3.93 -14.98 1.76
CA SER A 37 -4.37 -14.73 3.12
C SER A 37 -3.66 -15.68 4.07
N LYS A 38 -3.01 -15.13 5.07
CA LYS A 38 -2.22 -15.93 6.00
C LYS A 38 -2.73 -15.77 7.43
N ALA A 39 -2.17 -14.81 8.17
CA ALA A 39 -2.56 -14.59 9.57
C ALA A 39 -1.82 -13.38 10.13
N SER A 40 -2.52 -12.53 10.87
CA SER A 40 -1.87 -11.40 11.51
C SER A 40 -1.15 -11.87 12.77
N ARG A 41 -0.19 -11.10 13.25
CA ARG A 41 0.56 -11.44 14.44
C ARG A 41 -0.38 -11.62 15.63
N LYS A 42 -1.37 -10.73 15.74
CA LYS A 42 -2.31 -10.79 16.85
C LYS A 42 -3.33 -11.89 16.64
N PHE A 43 -3.47 -12.32 15.37
CA PHE A 43 -4.25 -13.50 15.03
C PHE A 43 -5.74 -13.21 15.13
N HIS A 44 -6.08 -11.92 15.22
CA HIS A 44 -7.48 -11.54 15.28
C HIS A 44 -8.04 -11.35 13.87
N GLY A 45 -7.30 -11.86 12.91
CA GLY A 45 -7.60 -11.61 11.54
C GLY A 45 -6.48 -12.13 10.70
N ASN A 46 -6.70 -12.21 9.42
CA ASN A 46 -5.72 -12.77 8.53
C ASN A 46 -4.91 -11.66 7.86
N LEU A 47 -3.63 -11.92 7.67
CA LEU A 47 -2.76 -11.00 6.96
C LEU A 47 -2.90 -11.28 5.48
N TYR A 48 -3.07 -10.23 4.68
CA TYR A 48 -3.29 -10.41 3.27
C TYR A 48 -2.11 -9.86 2.49
N ARG A 49 -1.59 -10.67 1.60
CA ARG A 49 -0.49 -10.27 0.74
C ARG A 49 -0.90 -10.44 -0.72
N VAL A 50 -0.69 -9.42 -1.54
CA VAL A 50 -1.12 -9.47 -2.93
C VAL A 50 0.08 -9.42 -3.86
N GLU A 51 -0.08 -10.01 -5.03
CA GLU A 51 1.02 -10.20 -5.97
C GLU A 51 0.46 -10.17 -7.39
N GLY A 52 0.76 -9.11 -8.12
CA GLY A 52 0.25 -8.99 -9.45
C GLY A 52 1.26 -8.40 -10.40
N ILE A 53 1.35 -8.95 -11.59
CA ILE A 53 2.24 -8.42 -12.59
C ILE A 53 1.56 -7.28 -13.34
N ILE A 54 2.25 -6.15 -13.43
CA ILE A 54 1.75 -5.01 -14.15
C ILE A 54 2.56 -4.82 -15.41
N PRO A 55 1.89 -4.89 -16.57
CA PRO A 55 2.50 -4.70 -17.90
C PRO A 55 3.08 -3.29 -18.07
N GLU A 56 4.15 -3.04 -17.35
CA GLU A 56 4.88 -1.79 -17.43
C GLU A 56 6.24 -2.01 -16.78
N SER A 57 7.08 -0.99 -16.82
CA SER A 57 8.35 -1.05 -16.17
C SER A 57 8.21 -0.67 -14.70
N PRO A 58 9.13 -1.19 -13.88
CA PRO A 58 9.14 -0.96 -12.44
C PRO A 58 9.47 0.49 -12.14
N ALA A 59 9.87 1.19 -13.19
CA ALA A 59 10.17 2.61 -13.10
C ALA A 59 8.92 3.43 -12.99
N LYS A 60 7.96 3.16 -13.87
CA LYS A 60 6.72 3.91 -13.87
C LYS A 60 5.90 3.50 -12.67
N LEU A 61 6.13 2.28 -12.23
CA LEU A 61 5.53 1.78 -11.01
C LEU A 61 6.02 2.59 -9.82
N SER A 62 7.35 2.68 -9.70
CA SER A 62 7.97 3.49 -8.66
C SER A 62 7.65 4.97 -8.89
N ASP A 63 7.13 5.28 -10.07
CA ASP A 63 6.80 6.65 -10.43
C ASP A 63 5.41 7.04 -9.93
N PHE A 64 4.43 6.15 -10.07
CA PHE A 64 3.05 6.50 -9.73
C PHE A 64 2.86 6.57 -8.22
N LEU A 65 3.40 5.60 -7.49
CA LEU A 65 3.12 5.51 -6.05
C LEU A 65 4.00 6.46 -5.25
N TYR A 66 5.06 6.93 -5.89
CA TYR A 66 6.29 7.38 -5.21
C TYR A 66 6.05 7.86 -3.77
N GLN A 67 5.44 9.03 -3.64
CA GLN A 67 5.17 9.68 -2.36
C GLN A 67 4.56 11.02 -2.64
N THR A 68 3.33 11.19 -2.21
CA THR A 68 2.55 12.40 -2.44
C THR A 68 2.76 12.98 -3.84
N GLY A 69 3.01 12.10 -4.79
CA GLY A 69 3.45 12.52 -6.08
C GLY A 69 2.33 12.88 -7.00
N ASP A 70 1.27 12.11 -6.90
CA ASP A 70 0.24 12.07 -7.91
C ASP A 70 -0.68 10.90 -7.62
N ARG A 71 -0.14 9.94 -6.87
CA ARG A 71 -0.82 8.71 -6.50
C ARG A 71 -2.25 8.99 -6.06
N ILE A 72 -2.42 9.97 -5.19
CA ILE A 72 -3.73 10.21 -4.59
C ILE A 72 -4.65 10.96 -5.52
N THR A 73 -4.09 11.56 -6.55
CA THR A 73 -4.88 12.38 -7.42
C THR A 73 -5.60 11.51 -8.44
N TRP A 74 -4.94 10.45 -8.90
CA TRP A 74 -5.54 9.59 -9.92
C TRP A 74 -6.13 8.33 -9.31
N ASP A 75 -5.94 8.17 -8.01
CA ASP A 75 -6.27 6.94 -7.31
C ASP A 75 -7.77 6.76 -7.11
N LYS A 76 -8.14 5.62 -6.53
CA LYS A 76 -9.53 5.31 -6.25
C LYS A 76 -9.71 4.77 -4.83
N SER A 77 -8.60 4.44 -4.19
CA SER A 77 -8.61 3.94 -2.83
C SER A 77 -7.97 5.00 -1.94
N LEU A 78 -7.54 6.06 -2.58
CA LEU A 78 -6.86 7.15 -1.90
C LEU A 78 -7.73 8.39 -1.89
N GLN A 79 -7.25 9.42 -1.23
CA GLN A 79 -8.01 10.64 -1.08
C GLN A 79 -7.07 11.83 -1.01
N VAL A 80 -6.30 11.91 0.08
CA VAL A 80 -5.45 13.04 0.34
C VAL A 80 -4.15 12.57 1.00
N TYR A 81 -3.02 13.11 0.56
CA TYR A 81 -1.75 12.77 1.19
C TYR A 81 -1.19 13.99 1.90
N ASN A 82 -0.63 13.78 3.07
CA ASN A 82 0.03 14.81 3.83
C ASN A 82 1.31 14.26 4.42
N MET A 83 2.43 14.78 3.97
CA MET A 83 3.71 14.35 4.48
C MET A 83 3.91 14.96 5.86
N VAL A 84 3.94 14.11 6.89
CA VAL A 84 3.92 14.60 8.28
C VAL A 84 5.32 14.92 8.75
N HIS A 85 6.11 13.88 8.92
CA HIS A 85 7.49 14.04 9.33
C HIS A 85 8.39 13.20 8.45
N ARG A 86 9.37 13.83 7.85
CA ARG A 86 10.31 13.13 6.99
C ARG A 86 11.61 12.93 7.76
N ILE A 87 12.10 11.70 7.77
CA ILE A 87 13.28 11.37 8.54
C ILE A 87 14.51 11.53 7.66
N ASP A 88 14.35 11.12 6.41
CA ASP A 88 15.42 11.21 5.45
C ASP A 88 14.81 11.38 4.06
N SER A 89 15.63 11.26 3.03
CA SER A 89 15.16 11.40 1.68
C SER A 89 14.48 10.11 1.19
N ASP A 90 14.52 9.08 2.04
CA ASP A 90 13.94 7.80 1.68
C ASP A 90 13.14 7.25 2.83
N THR A 91 12.88 8.09 3.83
CA THR A 91 12.19 7.65 5.00
C THR A 91 11.19 8.71 5.42
N PHE A 92 9.93 8.40 5.27
CA PHE A 92 8.87 9.36 5.49
C PHE A 92 7.84 8.79 6.44
N ILE A 93 6.84 9.59 6.73
CA ILE A 93 5.67 9.13 7.42
C ILE A 93 4.44 9.64 6.69
N CYS A 94 3.57 8.73 6.31
CA CYS A 94 2.43 9.06 5.47
C CYS A 94 1.18 9.39 6.26
N HIS A 95 0.81 10.66 6.30
CA HIS A 95 -0.52 11.05 6.74
C HIS A 95 -1.46 10.99 5.55
N THR A 96 -1.91 9.78 5.27
CA THR A 96 -2.65 9.50 4.06
C THR A 96 -4.12 9.24 4.35
N ILE A 97 -4.99 10.13 3.89
CA ILE A 97 -6.40 9.89 3.99
C ILE A 97 -6.80 8.91 2.90
N THR A 98 -7.37 7.81 3.34
CA THR A 98 -7.64 6.68 2.47
C THR A 98 -9.15 6.51 2.28
N GLN A 99 -9.53 6.00 1.12
CA GLN A 99 -10.93 5.85 0.78
C GLN A 99 -11.29 4.39 0.61
N SER A 100 -11.06 3.59 1.65
CA SER A 100 -11.43 2.19 1.63
C SER A 100 -12.91 2.01 1.93
N PHE A 101 -13.73 2.67 1.13
CA PHE A 101 -15.16 2.73 1.34
C PHE A 101 -15.84 1.50 0.77
N ALA A 102 -16.10 0.52 1.63
CA ALA A 102 -16.84 -0.67 1.23
C ALA A 102 -18.33 -0.44 1.42
N VAL A 103 -18.91 0.27 0.45
CA VAL A 103 -20.36 0.45 0.32
C VAL A 103 -20.96 1.37 1.39
N GLY A 104 -20.22 1.62 2.45
CA GLY A 104 -20.70 2.51 3.48
C GLY A 104 -20.36 2.03 4.87
N SER A 105 -19.99 0.75 4.98
CA SER A 105 -19.67 0.16 6.26
C SER A 105 -18.33 0.68 6.77
N ILE A 106 -17.59 1.31 5.88
CA ILE A 106 -16.29 1.86 6.20
C ILE A 106 -16.24 3.34 5.88
N SER A 107 -16.01 4.15 6.89
CA SER A 107 -15.82 5.57 6.71
C SER A 107 -14.42 5.83 6.15
N PRO A 108 -14.22 6.96 5.45
CA PRO A 108 -12.89 7.37 4.99
C PRO A 108 -11.85 7.22 6.10
N ARG A 109 -10.81 6.47 5.83
CA ARG A 109 -9.92 6.03 6.88
C ARG A 109 -8.53 6.56 6.63
N ASP A 110 -7.88 7.03 7.68
CA ASP A 110 -6.62 7.71 7.52
C ASP A 110 -5.48 6.85 8.01
N PHE A 111 -4.33 6.98 7.38
CA PHE A 111 -3.17 6.22 7.79
C PHE A 111 -2.03 7.13 8.23
N ILE A 112 -1.17 6.57 9.07
CA ILE A 112 0.10 7.18 9.44
C ILE A 112 1.16 6.12 9.39
N ASP A 113 1.58 5.80 8.19
CA ASP A 113 2.53 4.74 7.99
C ASP A 113 3.93 5.29 7.83
N LEU A 114 4.83 4.90 8.72
CA LEU A 114 6.21 5.23 8.55
C LEU A 114 6.81 4.37 7.47
N VAL A 115 7.34 5.02 6.49
CA VAL A 115 7.67 4.38 5.26
C VAL A 115 9.10 4.56 4.89
N TYR A 116 9.77 3.44 4.64
CA TYR A 116 11.11 3.50 4.12
C TYR A 116 11.16 2.94 2.71
N ILE A 117 11.66 3.77 1.80
CA ILE A 117 11.75 3.40 0.39
C ILE A 117 13.11 2.78 0.10
N LYS A 118 13.11 1.48 -0.17
CA LYS A 118 14.33 0.75 -0.41
C LYS A 118 14.42 0.28 -1.85
N ARG A 119 15.62 0.30 -2.40
CA ARG A 119 15.84 0.01 -3.79
C ARG A 119 16.93 -1.03 -3.95
N TYR A 120 16.53 -2.28 -3.96
CA TYR A 120 17.42 -3.34 -4.36
C TYR A 120 17.60 -3.24 -5.86
N GLU A 121 18.79 -2.82 -6.26
CA GLU A 121 19.18 -2.64 -7.65
C GLU A 121 18.65 -3.73 -8.56
N GLY A 122 17.57 -3.39 -9.24
CA GLY A 122 16.96 -4.26 -10.21
C GLY A 122 16.35 -5.49 -9.59
N ASN A 123 15.95 -5.36 -8.34
CA ASN A 123 15.28 -6.45 -7.64
C ASN A 123 13.98 -5.96 -7.03
N MET A 124 14.01 -4.80 -6.36
CA MET A 124 12.82 -4.30 -5.69
C MET A 124 12.91 -2.83 -5.37
N ASN A 125 11.88 -2.08 -5.72
CA ASN A 125 11.73 -0.71 -5.25
C ASN A 125 10.54 -0.67 -4.32
N ILE A 126 10.80 -0.98 -3.07
CA ILE A 126 9.77 -1.14 -2.08
C ILE A 126 9.56 0.11 -1.23
N ILE A 127 8.30 0.47 -1.02
CA ILE A 127 7.98 1.42 0.01
C ILE A 127 7.44 0.66 1.23
N SER A 128 8.25 0.63 2.27
CA SER A 128 7.85 0.01 3.51
C SER A 128 6.88 0.93 4.23
N SER A 129 6.12 0.40 5.15
CA SER A 129 5.16 1.20 5.88
C SER A 129 4.81 0.57 7.23
N LYS A 130 5.05 1.32 8.30
CA LYS A 130 4.81 0.87 9.64
C LYS A 130 3.97 1.90 10.33
N SER A 131 2.72 1.57 10.62
CA SER A 131 1.82 2.50 11.25
C SER A 131 2.43 2.90 12.57
N VAL A 132 3.05 4.04 12.55
CA VAL A 132 3.93 4.41 13.61
C VAL A 132 3.27 5.49 14.43
N ASP A 133 3.34 5.30 15.71
CA ASP A 133 2.57 6.11 16.63
C ASP A 133 3.43 7.27 17.10
N PHE A 134 3.66 8.18 16.18
CA PHE A 134 4.57 9.28 16.40
C PHE A 134 3.77 10.55 16.79
N PRO A 135 4.44 11.68 17.14
CA PRO A 135 3.78 12.91 17.63
C PRO A 135 2.49 13.34 16.91
N GLU A 136 2.53 13.41 15.57
CA GLU A 136 1.42 14.01 14.80
C GLU A 136 0.36 12.98 14.45
N TYR A 137 0.65 11.75 14.81
CA TYR A 137 -0.21 10.60 14.55
C TYR A 137 -1.63 10.71 15.13
N PRO A 138 -1.82 11.09 16.44
CA PRO A 138 -3.13 11.12 17.11
C PRO A 138 -4.31 11.46 16.17
N PRO A 139 -5.18 10.48 15.92
CA PRO A 139 -6.30 10.59 14.98
C PRO A 139 -7.55 11.24 15.58
N SER A 140 -8.67 11.02 14.92
CA SER A 140 -9.95 11.57 15.33
C SER A 140 -11.01 10.50 15.23
N SER A 141 -12.28 10.87 15.25
CA SER A 141 -13.33 9.89 15.16
C SER A 141 -13.73 9.63 13.72
N ASN A 142 -13.57 10.65 12.88
CA ASN A 142 -13.90 10.53 11.46
C ASN A 142 -12.74 9.92 10.69
N TYR A 143 -11.53 10.21 11.12
CA TYR A 143 -10.34 9.64 10.50
C TYR A 143 -9.74 8.62 11.43
N ILE A 144 -9.84 7.34 11.06
CA ILE A 144 -9.37 6.30 11.93
C ILE A 144 -8.01 5.82 11.45
N ARG A 145 -7.00 6.20 12.20
CA ARG A 145 -5.64 5.80 11.89
C ARG A 145 -5.50 4.28 11.89
N GLY A 146 -5.52 3.71 10.70
CA GLY A 146 -5.35 2.28 10.56
C GLY A 146 -3.98 1.84 10.99
N TYR A 147 -3.93 0.95 11.96
CA TYR A 147 -2.65 0.50 12.49
C TYR A 147 -2.09 -0.63 11.64
N ASN A 148 -1.52 -0.24 10.51
CA ASN A 148 -0.86 -1.16 9.60
C ASN A 148 0.48 -1.61 10.19
N HIS A 149 0.50 -2.85 10.66
CA HIS A 149 1.73 -3.41 11.21
C HIS A 149 2.69 -3.77 10.09
N PRO A 150 4.01 -3.60 10.35
CA PRO A 150 5.12 -3.59 9.40
C PRO A 150 4.82 -4.11 8.00
N CYS A 151 3.90 -3.43 7.34
CA CYS A 151 3.53 -3.77 5.98
C CYS A 151 4.41 -3.01 4.99
N GLY A 152 4.10 -3.15 3.71
CA GLY A 152 4.85 -2.45 2.71
C GLY A 152 4.34 -2.77 1.33
N PHE A 153 5.16 -2.50 0.34
CA PHE A 153 4.73 -2.47 -1.03
C PHE A 153 5.95 -2.58 -1.91
N VAL A 154 6.30 -3.80 -2.28
CA VAL A 154 7.51 -4.01 -3.02
C VAL A 154 7.22 -4.14 -4.51
N CYS A 155 8.00 -3.42 -5.30
CA CYS A 155 7.89 -3.50 -6.74
C CYS A 155 9.11 -4.21 -7.29
N SER A 156 8.91 -5.32 -7.96
CA SER A 156 10.02 -6.16 -8.37
C SER A 156 10.11 -6.25 -9.88
N PRO A 157 11.26 -5.87 -10.45
CA PRO A 157 11.54 -6.13 -11.86
C PRO A 157 11.37 -7.61 -12.18
N MET A 158 10.56 -7.90 -13.19
CA MET A 158 10.32 -9.29 -13.57
C MET A 158 11.38 -9.80 -14.51
N GLU A 159 11.12 -10.92 -15.11
CA GLU A 159 12.02 -11.47 -16.10
C GLU A 159 11.90 -10.67 -17.38
N GLU A 160 10.68 -10.23 -17.66
CA GLU A 160 10.38 -9.33 -18.76
C GLU A 160 10.18 -7.92 -18.22
N ASN A 161 10.88 -7.68 -17.11
CA ASN A 161 10.74 -6.46 -16.28
C ASN A 161 10.28 -5.19 -17.00
N PRO A 162 10.96 -4.70 -18.07
CA PRO A 162 10.59 -3.41 -18.64
C PRO A 162 9.22 -3.45 -19.34
N ALA A 163 8.71 -4.65 -19.57
CA ALA A 163 7.42 -4.85 -20.21
C ALA A 163 6.39 -5.37 -19.21
N TYR A 164 6.87 -6.17 -18.26
CA TYR A 164 6.03 -6.73 -17.22
C TYR A 164 6.76 -6.68 -15.89
N SER A 165 6.13 -6.10 -14.87
CA SER A 165 6.80 -5.94 -13.59
C SER A 165 5.98 -6.54 -12.45
N LYS A 166 6.67 -6.92 -11.39
CA LYS A 166 6.05 -7.60 -10.28
C LYS A 166 5.69 -6.65 -9.16
N LEU A 167 4.41 -6.38 -9.06
CA LEU A 167 3.85 -5.57 -7.99
C LEU A 167 3.40 -6.49 -6.86
N VAL A 168 4.11 -6.47 -5.73
CA VAL A 168 3.69 -7.27 -4.58
C VAL A 168 3.65 -6.43 -3.31
N MET A 169 2.58 -6.60 -2.55
CA MET A 169 2.32 -5.79 -1.37
C MET A 169 1.66 -6.67 -0.31
N PHE A 170 1.87 -6.35 0.95
CA PHE A 170 1.12 -7.01 2.00
C PHE A 170 0.66 -5.98 3.01
N VAL A 171 -0.44 -6.28 3.66
CA VAL A 171 -0.95 -5.40 4.69
C VAL A 171 -1.37 -6.22 5.91
N GLN A 172 -0.94 -5.77 7.07
CA GLN A 172 -1.29 -6.39 8.33
C GLN A 172 -2.00 -5.35 9.17
N THR A 173 -3.14 -4.96 8.67
CA THR A 173 -3.93 -3.91 9.26
C THR A 173 -4.49 -4.37 10.60
N GLU A 174 -4.66 -3.41 11.51
CA GLU A 174 -5.25 -3.72 12.81
C GLU A 174 -6.76 -3.76 12.69
N MET A 175 -7.26 -3.21 11.57
CA MET A 175 -8.69 -3.25 11.26
C MET A 175 -9.46 -2.37 12.22
N ARG A 176 -8.83 -1.29 12.66
CA ARG A 176 -9.45 -0.35 13.58
C ARG A 176 -10.62 0.35 12.89
N GLY A 177 -11.52 0.91 13.68
CA GLY A 177 -12.73 1.49 13.14
C GLY A 177 -13.96 0.68 13.47
N LYS A 178 -15.08 1.03 12.89
CA LYS A 178 -16.33 0.35 13.16
C LYS A 178 -16.67 -0.61 12.00
N LEU A 179 -15.89 -1.68 11.87
CA LEU A 179 -16.16 -2.66 10.84
C LEU A 179 -16.41 -4.01 11.49
N SER A 180 -17.02 -4.89 10.73
CA SER A 180 -17.40 -6.21 11.18
C SER A 180 -16.57 -7.25 10.42
N PRO A 181 -16.41 -8.47 10.95
CA PRO A 181 -15.61 -9.53 10.29
C PRO A 181 -15.86 -9.61 8.79
N SER A 182 -17.13 -9.59 8.39
CA SER A 182 -17.52 -9.72 6.99
C SER A 182 -17.12 -8.49 6.17
N ILE A 183 -16.79 -7.39 6.84
CA ILE A 183 -16.49 -6.14 6.18
C ILE A 183 -15.01 -6.07 5.89
N ILE A 184 -14.29 -6.74 6.76
CA ILE A 184 -12.86 -6.69 6.79
C ILE A 184 -12.28 -7.67 5.79
N GLU A 185 -12.93 -8.81 5.65
CA GLU A 185 -12.56 -9.78 4.64
C GLU A 185 -12.77 -9.19 3.25
N LYS A 186 -13.54 -8.12 3.20
CA LYS A 186 -13.67 -7.34 1.99
C LYS A 186 -12.65 -6.21 1.97
N THR A 187 -12.49 -5.53 3.11
CA THR A 187 -11.69 -4.31 3.13
C THR A 187 -10.21 -4.54 2.81
N MET A 188 -9.62 -5.62 3.32
CA MET A 188 -8.20 -5.88 3.07
C MET A 188 -7.95 -6.45 1.67
N PRO A 189 -8.52 -7.64 1.35
CA PRO A 189 -8.27 -8.30 0.06
C PRO A 189 -8.61 -7.40 -1.12
N SER A 190 -9.70 -6.65 -1.00
CA SER A 190 -10.13 -5.79 -2.08
C SER A 190 -9.18 -4.61 -2.21
N ASN A 191 -8.72 -4.11 -1.07
CA ASN A 191 -7.84 -2.95 -1.05
C ASN A 191 -6.49 -3.30 -1.67
N LEU A 192 -6.06 -4.54 -1.52
CA LEU A 192 -4.81 -4.99 -2.08
C LEU A 192 -4.87 -5.03 -3.60
N VAL A 193 -5.94 -5.62 -4.13
CA VAL A 193 -6.14 -5.64 -5.58
C VAL A 193 -6.33 -4.22 -6.07
N ASN A 194 -6.96 -3.43 -5.23
CA ASN A 194 -7.21 -2.04 -5.49
C ASN A 194 -5.92 -1.25 -5.59
N PHE A 195 -4.99 -1.49 -4.67
CA PHE A 195 -3.68 -0.85 -4.75
C PHE A 195 -2.97 -1.23 -6.05
N ILE A 196 -3.26 -2.43 -6.53
CA ILE A 196 -2.70 -2.87 -7.79
C ILE A 196 -3.50 -2.32 -8.97
N LEU A 197 -4.77 -2.06 -8.76
CA LEU A 197 -5.60 -1.45 -9.77
C LEU A 197 -5.26 0.00 -9.90
N ASN A 198 -5.03 0.62 -8.77
CA ASN A 198 -4.41 1.93 -8.72
C ASN A 198 -3.16 1.90 -9.56
N ALA A 199 -2.46 0.79 -9.51
CA ALA A 199 -1.22 0.66 -10.23
C ALA A 199 -1.47 0.40 -11.70
N LYS A 200 -2.41 -0.48 -12.00
CA LYS A 200 -2.83 -0.73 -13.38
C LYS A 200 -3.28 0.57 -14.03
N ASP A 201 -4.07 1.33 -13.30
CA ASP A 201 -4.70 2.52 -13.85
C ASP A 201 -3.79 3.72 -13.72
N GLY A 202 -3.09 3.81 -12.60
CA GLY A 202 -2.16 4.90 -12.38
C GLY A 202 -0.95 4.81 -13.31
N ILE A 203 -0.59 3.60 -13.68
CA ILE A 203 0.50 3.38 -14.62
C ILE A 203 0.10 3.85 -16.00
N LYS A 204 -1.19 3.72 -16.32
CA LYS A 204 -1.70 4.19 -17.59
C LYS A 204 -2.00 5.66 -17.46
N ALA A 205 -2.40 6.07 -16.28
CA ALA A 205 -2.53 7.47 -15.97
C ALA A 205 -1.19 8.16 -16.15
N HIS A 206 -0.13 7.42 -15.89
CA HIS A 206 1.22 7.90 -16.15
C HIS A 206 1.74 7.48 -17.52
N ARG A 207 0.89 6.84 -18.31
CA ARG A 207 1.24 6.48 -19.68
C ARG A 207 0.39 7.26 -20.70
N THR A 208 -0.92 7.05 -20.65
CA THR A 208 -1.83 7.55 -21.66
C THR A 208 -2.12 9.04 -21.48
N PRO A 209 -2.14 9.78 -22.61
CA PRO A 209 -2.42 11.22 -22.65
C PRO A 209 -3.75 11.59 -22.01
N SER A 210 -4.65 10.62 -21.96
CA SER A 210 -5.98 10.83 -21.42
C SER A 210 -5.95 11.06 -19.91
N ARG A 211 -5.35 10.12 -19.18
CA ARG A 211 -5.39 10.19 -17.72
C ARG A 211 -4.24 11.02 -17.16
N ARG A 212 -3.17 11.21 -17.93
CA ARG A 212 -2.07 12.06 -17.48
C ARG A 212 -2.48 13.53 -17.57
N GLY A 213 -3.54 13.77 -18.31
CA GLY A 213 -4.11 15.10 -18.39
C GLY A 213 -5.51 15.13 -17.82
N PHE A 214 -5.76 14.23 -16.87
CA PHE A 214 -7.06 14.12 -16.25
C PHE A 214 -7.26 15.24 -15.24
N HIS A 215 -8.16 16.15 -15.54
CA HIS A 215 -8.42 17.28 -14.66
C HIS A 215 -9.66 17.02 -13.82
N HIS A 216 -9.53 17.27 -12.52
CA HIS A 216 -10.60 17.03 -11.56
C HIS A 216 -11.00 15.56 -11.57
N ASN A 217 -10.12 14.71 -11.07
CA ASN A 217 -10.38 13.28 -11.00
C ASN A 217 -11.23 12.97 -9.78
N SER A 218 -12.52 12.75 -10.01
CA SER A 218 -13.44 12.44 -8.94
C SER A 218 -13.13 11.07 -8.34
N HIS A 219 -13.00 10.07 -9.20
CA HIS A 219 -12.74 8.69 -8.75
C HIS A 219 -12.40 7.82 -9.95
N SER A 220 -11.29 7.08 -9.87
CA SER A 220 -10.91 6.17 -10.93
C SER A 220 -11.79 4.92 -10.87
N MET A 1 19.05 7.81 13.39
CA MET A 1 18.37 7.44 12.12
C MET A 1 16.88 7.26 12.39
N ASP A 2 16.60 6.57 13.49
CA ASP A 2 15.28 6.49 14.08
C ASP A 2 14.30 5.81 13.16
N PHE A 3 13.50 6.59 12.44
CA PHE A 3 12.42 6.06 11.65
C PHE A 3 12.97 5.14 10.59
N LYS A 4 14.20 5.38 10.20
CA LYS A 4 14.81 4.65 9.16
C LYS A 4 15.30 3.36 9.75
N ALA A 5 15.77 3.43 10.98
CA ALA A 5 16.26 2.26 11.69
C ALA A 5 15.20 1.17 11.78
N ILE A 6 13.98 1.57 12.09
CA ILE A 6 12.90 0.60 12.36
C ILE A 6 12.31 0.13 11.04
N ALA A 7 12.30 1.05 10.11
CA ALA A 7 11.73 0.84 8.80
C ALA A 7 12.69 0.09 7.89
N GLN A 8 13.95 0.41 8.01
CA GLN A 8 15.01 -0.26 7.29
C GLN A 8 15.05 -1.72 7.69
N GLN A 9 14.65 -1.95 8.92
CA GLN A 9 14.49 -3.31 9.41
C GLN A 9 13.18 -3.88 8.88
N THR A 10 12.16 -3.03 8.86
CA THR A 10 10.81 -3.44 8.50
C THR A 10 10.69 -3.69 6.99
N ALA A 11 11.42 -2.94 6.17
CA ALA A 11 11.44 -3.21 4.73
C ALA A 11 11.68 -4.68 4.44
N GLN A 12 12.78 -5.21 4.93
CA GLN A 12 13.12 -6.61 4.70
C GLN A 12 12.30 -7.54 5.58
N GLU A 13 11.40 -6.97 6.39
CA GLU A 13 10.42 -7.77 7.11
C GLU A 13 9.25 -8.07 6.18
N VAL A 14 8.74 -7.04 5.52
CA VAL A 14 7.68 -7.24 4.54
C VAL A 14 8.24 -7.90 3.30
N LEU A 15 9.47 -7.57 2.98
CA LEU A 15 10.18 -8.23 1.93
C LEU A 15 10.45 -9.64 2.37
N GLY A 16 10.51 -9.80 3.67
CA GLY A 16 10.72 -11.10 4.26
C GLY A 16 9.50 -11.95 4.04
N TYR A 17 8.40 -11.27 3.76
CA TYR A 17 7.15 -11.92 3.43
C TYR A 17 7.06 -12.11 1.95
N ASN A 18 7.82 -11.29 1.22
CA ASN A 18 7.91 -11.44 -0.22
C ASN A 18 8.44 -12.82 -0.57
N ARG A 19 9.25 -13.39 0.33
CA ARG A 19 9.74 -14.76 0.14
C ARG A 19 9.21 -15.70 1.22
N ASP A 20 8.26 -15.22 2.01
CA ASP A 20 7.65 -16.04 3.07
C ASP A 20 6.45 -16.79 2.51
N THR A 21 6.73 -17.75 1.66
CA THR A 21 5.69 -18.49 0.99
C THR A 21 5.53 -19.88 1.60
N SER A 22 4.47 -20.06 2.36
CA SER A 22 4.27 -21.29 3.13
C SER A 22 2.88 -21.35 3.72
N GLY A 23 2.72 -20.80 4.92
CA GLY A 23 1.47 -20.91 5.65
C GLY A 23 0.45 -19.87 5.27
N TRP A 24 0.19 -19.76 3.98
CA TRP A 24 -0.83 -18.86 3.46
C TRP A 24 -1.89 -19.66 2.72
N LYS A 25 -2.64 -18.98 1.87
CA LYS A 25 -3.69 -19.60 1.10
C LYS A 25 -4.27 -18.57 0.17
N VAL A 26 -4.04 -18.70 -1.12
CA VAL A 26 -4.67 -17.80 -2.06
C VAL A 26 -6.15 -17.91 -1.97
N VAL A 27 -6.75 -16.82 -1.61
CA VAL A 27 -8.17 -16.78 -1.45
C VAL A 27 -8.82 -16.20 -2.68
N LYS A 28 -8.07 -15.39 -3.42
CA LYS A 28 -8.64 -14.77 -4.58
C LYS A 28 -7.54 -14.44 -5.57
N THR A 29 -7.78 -14.74 -6.84
CA THR A 29 -6.84 -14.41 -7.88
C THR A 29 -7.55 -13.89 -9.11
N SER A 30 -6.84 -13.07 -9.86
CA SER A 30 -7.32 -12.61 -11.14
C SER A 30 -6.41 -13.20 -12.21
N LYS A 31 -6.46 -12.67 -13.41
CA LYS A 31 -5.68 -13.21 -14.51
C LYS A 31 -4.35 -12.47 -14.61
N LYS A 32 -3.98 -11.81 -13.52
CA LYS A 32 -2.70 -11.12 -13.41
C LYS A 32 -2.27 -10.98 -11.95
N ILE A 33 -3.21 -11.13 -11.01
CA ILE A 33 -2.94 -10.86 -9.59
C ILE A 33 -3.42 -11.99 -8.70
N THR A 34 -3.05 -11.92 -7.43
CA THR A 34 -3.18 -13.02 -6.49
C THR A 34 -3.13 -12.51 -5.04
N VAL A 35 -4.16 -12.80 -4.26
CA VAL A 35 -4.13 -12.50 -2.83
C VAL A 35 -4.11 -13.77 -2.02
N SER A 36 -3.01 -13.98 -1.33
CA SER A 36 -2.88 -15.12 -0.45
C SER A 36 -3.05 -14.68 0.99
N SER A 37 -3.97 -15.33 1.68
CA SER A 37 -4.27 -15.02 3.05
C SER A 37 -3.44 -15.92 3.95
N LYS A 38 -2.70 -15.33 4.83
CA LYS A 38 -1.67 -16.03 5.58
C LYS A 38 -1.90 -15.92 7.07
N ALA A 39 -3.17 -15.65 7.43
CA ALA A 39 -3.62 -15.59 8.81
C ALA A 39 -2.91 -14.54 9.65
N SER A 40 -3.67 -13.63 10.22
CA SER A 40 -3.12 -12.64 11.12
C SER A 40 -3.21 -13.17 12.54
N ARG A 41 -2.22 -13.97 12.92
CA ARG A 41 -2.16 -14.52 14.26
C ARG A 41 -1.85 -13.41 15.24
N LYS A 42 -1.62 -12.22 14.70
CA LYS A 42 -1.46 -11.02 15.48
C LYS A 42 -2.66 -10.82 16.40
N PHE A 43 -3.84 -11.35 16.00
CA PHE A 43 -5.02 -11.28 16.85
C PHE A 43 -6.25 -11.87 16.17
N HIS A 44 -6.87 -11.11 15.27
CA HIS A 44 -8.17 -11.53 14.74
C HIS A 44 -8.31 -11.28 13.24
N GLY A 45 -7.74 -12.16 12.44
CA GLY A 45 -8.05 -12.10 11.03
C GLY A 45 -7.05 -12.85 10.20
N ASN A 46 -6.98 -12.49 8.94
CA ASN A 46 -6.05 -13.12 8.03
C ASN A 46 -5.11 -12.10 7.46
N LEU A 47 -3.84 -12.47 7.41
CA LEU A 47 -2.82 -11.63 6.83
C LEU A 47 -2.93 -11.73 5.32
N TYR A 48 -2.61 -10.68 4.60
CA TYR A 48 -2.85 -10.70 3.18
C TYR A 48 -1.62 -10.27 2.40
N ARG A 49 -1.21 -11.14 1.49
CA ARG A 49 -0.08 -10.85 0.62
C ARG A 49 -0.54 -10.90 -0.83
N VAL A 50 -0.59 -9.74 -1.47
CA VAL A 50 -1.07 -9.65 -2.83
C VAL A 50 0.11 -9.57 -3.78
N GLU A 51 -0.08 -10.08 -4.98
CA GLU A 51 1.00 -10.22 -5.92
C GLU A 51 0.45 -10.27 -7.34
N GLY A 52 0.71 -9.21 -8.09
CA GLY A 52 0.26 -9.14 -9.45
C GLY A 52 1.29 -8.51 -10.34
N ILE A 53 1.20 -8.75 -11.64
CA ILE A 53 2.14 -8.16 -12.56
C ILE A 53 1.54 -6.94 -13.24
N ILE A 54 2.23 -5.82 -13.12
CA ILE A 54 1.82 -4.61 -13.79
C ILE A 54 2.68 -4.39 -15.03
N PRO A 55 2.02 -4.30 -16.19
CA PRO A 55 2.67 -4.04 -17.48
C PRO A 55 3.31 -2.65 -17.54
N GLU A 56 4.26 -2.40 -16.67
CA GLU A 56 5.04 -1.18 -16.67
C GLU A 56 6.37 -1.46 -16.01
N SER A 57 7.27 -0.50 -16.04
CA SER A 57 8.51 -0.62 -15.35
C SER A 57 8.34 -0.26 -13.88
N PRO A 58 9.10 -0.95 -13.04
CA PRO A 58 9.09 -0.77 -11.59
C PRO A 58 9.47 0.66 -11.20
N ALA A 59 9.97 1.40 -12.17
CA ALA A 59 10.26 2.82 -12.02
C ALA A 59 8.99 3.63 -11.88
N LYS A 60 8.06 3.43 -12.81
CA LYS A 60 6.79 4.14 -12.77
C LYS A 60 5.98 3.63 -11.60
N LEU A 61 6.28 2.40 -11.19
CA LEU A 61 5.71 1.85 -9.99
C LEU A 61 6.21 2.63 -8.76
N SER A 62 7.51 2.66 -8.55
CA SER A 62 8.06 3.45 -7.45
C SER A 62 7.73 4.92 -7.62
N ASP A 63 7.24 5.29 -8.81
CA ASP A 63 6.86 6.67 -9.08
C ASP A 63 5.39 6.94 -8.76
N PHE A 64 4.50 6.02 -9.15
CA PHE A 64 3.06 6.31 -9.10
C PHE A 64 2.57 6.32 -7.66
N LEU A 65 3.01 5.35 -6.85
CA LEU A 65 2.50 5.23 -5.49
C LEU A 65 3.43 5.91 -4.49
N TYR A 66 4.45 6.60 -4.99
CA TYR A 66 5.54 7.12 -4.18
C TYR A 66 5.07 7.74 -2.85
N GLN A 67 4.46 8.92 -2.89
CA GLN A 67 3.95 9.57 -1.66
C GLN A 67 2.76 10.49 -1.93
N THR A 68 2.98 11.53 -2.71
CA THR A 68 1.98 12.56 -2.95
C THR A 68 2.10 13.07 -4.38
N GLY A 69 2.71 12.24 -5.21
CA GLY A 69 3.12 12.68 -6.51
C GLY A 69 2.08 12.50 -7.56
N ASP A 70 1.26 11.51 -7.35
CA ASP A 70 0.40 11.02 -8.39
C ASP A 70 -0.61 10.09 -7.78
N ARG A 71 -0.15 9.36 -6.78
CA ARG A 71 -0.91 8.29 -6.14
C ARG A 71 -2.31 8.73 -5.81
N ILE A 72 -2.45 9.89 -5.18
CA ILE A 72 -3.75 10.30 -4.69
C ILE A 72 -4.54 11.03 -5.75
N THR A 73 -3.90 11.32 -6.87
CA THR A 73 -4.56 12.07 -7.90
C THR A 73 -5.26 11.11 -8.87
N TRP A 74 -4.70 9.92 -9.04
CA TRP A 74 -5.31 8.92 -9.92
C TRP A 74 -6.06 7.85 -9.14
N ASP A 75 -5.91 7.86 -7.81
CA ASP A 75 -6.41 6.76 -6.99
C ASP A 75 -7.92 6.83 -6.82
N LYS A 76 -8.48 5.76 -6.29
CA LYS A 76 -9.91 5.62 -6.10
C LYS A 76 -10.26 5.45 -4.62
N SER A 77 -9.26 5.10 -3.82
CA SER A 77 -9.44 4.92 -2.39
C SER A 77 -8.65 5.99 -1.65
N LEU A 78 -8.13 6.93 -2.43
CA LEU A 78 -7.33 8.00 -1.86
C LEU A 78 -8.06 9.33 -1.91
N GLN A 79 -7.52 10.31 -1.19
CA GLN A 79 -8.15 11.62 -1.05
C GLN A 79 -7.11 12.71 -0.94
N VAL A 80 -6.44 12.73 0.20
CA VAL A 80 -5.55 13.82 0.56
C VAL A 80 -4.29 13.29 1.20
N TYR A 81 -3.13 13.65 0.65
CA TYR A 81 -1.88 13.27 1.27
C TYR A 81 -1.23 14.49 1.93
N ASN A 82 -0.67 14.26 3.11
CA ASN A 82 0.04 15.29 3.84
C ASN A 82 1.39 14.74 4.27
N MET A 83 2.42 15.19 3.58
CA MET A 83 3.79 14.79 3.86
C MET A 83 4.23 15.36 5.20
N VAL A 84 4.21 14.52 6.24
CA VAL A 84 4.43 15.02 7.60
C VAL A 84 5.91 15.21 7.90
N HIS A 85 6.59 14.14 8.29
CA HIS A 85 7.99 14.20 8.59
C HIS A 85 8.77 13.30 7.65
N ARG A 86 9.77 13.86 7.01
CA ARG A 86 10.64 13.09 6.13
C ARG A 86 11.99 12.95 6.80
N ILE A 87 12.40 11.71 7.02
CA ILE A 87 13.47 11.40 7.95
C ILE A 87 14.84 11.61 7.32
N ASP A 88 15.06 10.96 6.19
CA ASP A 88 16.38 10.95 5.57
C ASP A 88 16.30 11.37 4.11
N SER A 89 15.98 10.43 3.24
CA SER A 89 15.84 10.70 1.82
C SER A 89 14.79 9.79 1.21
N ASP A 90 14.68 8.59 1.77
CA ASP A 90 13.77 7.58 1.27
C ASP A 90 12.92 7.06 2.41
N THR A 91 12.85 7.85 3.47
CA THR A 91 12.14 7.45 4.64
C THR A 91 11.14 8.54 4.98
N PHE A 92 9.88 8.23 4.82
CA PHE A 92 8.83 9.22 4.98
C PHE A 92 7.85 8.78 6.03
N ILE A 93 6.96 9.67 6.38
CA ILE A 93 5.78 9.32 7.13
C ILE A 93 4.58 9.93 6.43
N CYS A 94 3.56 9.14 6.21
CA CYS A 94 2.43 9.59 5.43
C CYS A 94 1.26 9.96 6.33
N HIS A 95 0.73 11.15 6.12
CA HIS A 95 -0.57 11.53 6.66
C HIS A 95 -1.59 11.51 5.53
N THR A 96 -2.15 10.33 5.29
CA THR A 96 -2.95 10.07 4.11
C THR A 96 -4.43 9.90 4.45
N ILE A 97 -5.27 10.77 3.94
CA ILE A 97 -6.70 10.59 4.10
C ILE A 97 -7.19 9.55 3.09
N THR A 98 -7.86 8.55 3.62
CA THR A 98 -8.29 7.40 2.83
C THR A 98 -9.79 7.44 2.61
N GLN A 99 -10.22 6.94 1.46
CA GLN A 99 -11.64 6.88 1.11
C GLN A 99 -12.31 5.68 1.74
N SER A 100 -13.60 5.56 1.53
CA SER A 100 -14.37 4.48 2.07
C SER A 100 -14.81 3.52 0.97
N PHE A 101 -14.34 2.30 1.07
CA PHE A 101 -14.86 1.21 0.29
C PHE A 101 -15.47 0.23 1.27
N ALA A 102 -16.64 -0.27 0.93
CA ALA A 102 -17.46 -1.07 1.82
C ALA A 102 -18.02 -0.16 2.90
N VAL A 103 -18.85 0.78 2.47
CA VAL A 103 -19.36 1.84 3.34
C VAL A 103 -20.51 1.31 4.20
N GLY A 104 -20.43 0.04 4.55
CA GLY A 104 -21.38 -0.55 5.46
C GLY A 104 -20.83 -0.54 6.88
N SER A 105 -19.58 -0.13 6.98
CA SER A 105 -18.88 -0.06 8.26
C SER A 105 -17.76 0.96 8.20
N ILE A 106 -17.08 1.00 7.06
CA ILE A 106 -15.86 1.77 6.91
C ILE A 106 -16.14 3.25 6.69
N SER A 107 -15.52 4.08 7.51
CA SER A 107 -15.58 5.53 7.36
C SER A 107 -14.28 6.01 6.71
N PRO A 108 -14.21 7.30 6.30
CA PRO A 108 -12.96 7.91 5.82
C PRO A 108 -11.86 7.69 6.84
N ARG A 109 -10.76 7.10 6.40
CA ARG A 109 -9.75 6.64 7.35
C ARG A 109 -8.46 7.41 7.15
N ASP A 110 -7.71 7.58 8.22
CA ASP A 110 -6.51 8.40 8.19
C ASP A 110 -5.28 7.52 8.31
N PHE A 111 -4.45 7.52 7.30
CA PHE A 111 -3.30 6.64 7.27
C PHE A 111 -2.05 7.38 7.70
N ILE A 112 -1.52 7.00 8.86
CA ILE A 112 -0.24 7.51 9.33
C ILE A 112 0.75 6.37 9.38
N ASP A 113 1.29 6.02 8.25
CA ASP A 113 2.25 4.94 8.18
C ASP A 113 3.63 5.48 7.88
N LEU A 114 4.58 5.10 8.70
CA LEU A 114 5.98 5.44 8.44
C LEU A 114 6.51 4.53 7.37
N VAL A 115 7.05 5.13 6.36
CA VAL A 115 7.31 4.44 5.13
C VAL A 115 8.76 4.53 4.72
N TYR A 116 9.35 3.38 4.51
CA TYR A 116 10.69 3.34 3.99
C TYR A 116 10.72 2.77 2.59
N ILE A 117 11.11 3.60 1.65
CA ILE A 117 11.20 3.19 0.27
C ILE A 117 12.61 2.67 -0.01
N LYS A 118 12.74 1.35 0.00
CA LYS A 118 14.01 0.69 -0.23
C LYS A 118 14.10 0.25 -1.67
N ARG A 119 15.20 0.57 -2.31
CA ARG A 119 15.41 0.19 -3.67
C ARG A 119 16.53 -0.82 -3.71
N TYR A 120 16.14 -2.08 -3.63
CA TYR A 120 17.08 -3.16 -3.80
C TYR A 120 17.60 -3.11 -5.21
N GLU A 121 18.90 -2.84 -5.31
CA GLU A 121 19.65 -2.71 -6.56
C GLU A 121 19.05 -3.51 -7.71
N GLY A 122 18.14 -2.87 -8.45
CA GLY A 122 17.48 -3.50 -9.58
C GLY A 122 16.85 -4.83 -9.23
N ASN A 123 16.21 -4.88 -8.07
CA ASN A 123 15.64 -6.12 -7.57
C ASN A 123 14.30 -5.89 -6.89
N MET A 124 14.16 -4.79 -6.14
CA MET A 124 12.90 -4.50 -5.45
C MET A 124 12.77 -3.02 -5.13
N ASN A 125 11.74 -2.40 -5.69
CA ASN A 125 11.44 -1.00 -5.42
C ASN A 125 10.28 -0.95 -4.42
N ILE A 126 10.59 -1.28 -3.19
CA ILE A 126 9.58 -1.42 -2.16
C ILE A 126 9.35 -0.14 -1.37
N ILE A 127 8.09 0.15 -1.08
CA ILE A 127 7.78 1.12 -0.06
C ILE A 127 7.27 0.37 1.17
N SER A 128 8.01 0.48 2.25
CA SER A 128 7.57 -0.07 3.52
C SER A 128 6.59 0.90 4.18
N SER A 129 5.85 0.43 5.15
CA SER A 129 4.95 1.29 5.91
C SER A 129 4.64 0.70 7.27
N LYS A 130 4.76 1.52 8.31
CA LYS A 130 4.51 1.08 9.66
C LYS A 130 3.59 2.09 10.31
N SER A 131 2.44 1.67 10.75
CA SER A 131 1.53 2.58 11.40
C SER A 131 2.18 3.09 12.67
N VAL A 132 2.74 4.27 12.55
CA VAL A 132 3.64 4.76 13.53
C VAL A 132 3.01 5.93 14.24
N ASP A 133 3.19 5.95 15.54
CA ASP A 133 2.48 6.89 16.38
C ASP A 133 3.38 8.06 16.74
N PHE A 134 3.57 8.92 15.76
CA PHE A 134 4.48 10.04 15.88
C PHE A 134 3.67 11.35 16.03
N PRO A 135 4.33 12.52 16.25
CA PRO A 135 3.68 13.84 16.42
C PRO A 135 2.30 14.05 15.77
N GLU A 136 2.24 14.08 14.44
CA GLU A 136 1.00 14.42 13.72
C GLU A 136 -0.08 13.33 13.87
N TYR A 137 0.37 12.11 14.11
CA TYR A 137 -0.49 10.92 14.11
C TYR A 137 -1.88 11.11 14.77
N PRO A 138 -1.98 11.57 16.05
CA PRO A 138 -3.24 11.62 16.81
C PRO A 138 -4.48 11.95 15.95
N PRO A 139 -5.33 10.94 15.71
CA PRO A 139 -6.48 11.05 14.82
C PRO A 139 -7.74 11.54 15.54
N SER A 140 -8.89 11.07 15.09
CA SER A 140 -10.17 11.53 15.60
C SER A 140 -11.13 10.35 15.64
N SER A 141 -12.39 10.59 15.93
CA SER A 141 -13.34 9.50 16.00
C SER A 141 -13.71 8.99 14.60
N ASN A 142 -13.84 9.92 13.66
CA ASN A 142 -14.16 9.57 12.29
C ASN A 142 -12.90 9.04 11.59
N TYR A 143 -11.86 9.86 11.59
CA TYR A 143 -10.60 9.48 10.98
C TYR A 143 -9.81 8.58 11.90
N ILE A 144 -9.72 7.32 11.52
CA ILE A 144 -9.05 6.35 12.31
C ILE A 144 -7.71 6.04 11.69
N ARG A 145 -6.66 6.33 12.45
CA ARG A 145 -5.30 6.00 12.03
C ARG A 145 -5.23 4.58 11.52
N GLY A 146 -4.90 4.45 10.24
CA GLY A 146 -4.71 3.17 9.62
C GLY A 146 -3.71 2.34 10.36
N TYR A 147 -4.18 1.32 11.03
CA TYR A 147 -3.32 0.40 11.74
C TYR A 147 -2.80 -0.66 10.78
N ASN A 148 -1.80 -0.26 10.03
CA ASN A 148 -1.09 -1.13 9.12
C ASN A 148 0.25 -1.51 9.75
N HIS A 149 0.33 -2.71 10.30
CA HIS A 149 1.55 -3.13 10.97
C HIS A 149 2.58 -3.60 9.98
N PRO A 150 3.88 -3.29 10.27
CA PRO A 150 5.03 -3.31 9.36
C PRO A 150 4.79 -3.95 8.00
N CYS A 151 3.85 -3.39 7.28
CA CYS A 151 3.54 -3.82 5.94
C CYS A 151 4.44 -3.14 4.94
N GLY A 152 4.24 -3.45 3.67
CA GLY A 152 5.04 -2.84 2.64
C GLY A 152 4.49 -3.13 1.28
N PHE A 153 5.27 -2.83 0.26
CA PHE A 153 4.79 -2.76 -1.10
C PHE A 153 5.97 -2.89 -2.02
N VAL A 154 6.40 -4.11 -2.25
CA VAL A 154 7.60 -4.34 -2.99
C VAL A 154 7.28 -4.47 -4.48
N CYS A 155 7.93 -3.65 -5.27
CA CYS A 155 7.77 -3.71 -6.71
C CYS A 155 9.02 -4.34 -7.33
N SER A 156 8.86 -5.51 -7.90
CA SER A 156 9.99 -6.31 -8.31
C SER A 156 10.17 -6.29 -9.82
N PRO A 157 11.33 -5.85 -10.30
CA PRO A 157 11.72 -6.00 -11.71
C PRO A 157 11.58 -7.44 -12.17
N MET A 158 10.67 -7.68 -13.11
CA MET A 158 10.39 -9.02 -13.60
C MET A 158 11.47 -9.53 -14.54
N GLU A 159 11.17 -10.63 -15.21
CA GLU A 159 11.98 -11.11 -16.30
C GLU A 159 11.88 -10.12 -17.45
N GLU A 160 10.66 -9.61 -17.62
CA GLU A 160 10.35 -8.58 -18.60
C GLU A 160 10.36 -7.22 -17.91
N ASN A 161 11.17 -7.14 -16.87
CA ASN A 161 11.21 -6.04 -15.91
C ASN A 161 10.69 -4.67 -16.41
N PRO A 162 11.22 -4.06 -17.48
CA PRO A 162 10.78 -2.72 -17.88
C PRO A 162 9.38 -2.70 -18.51
N ALA A 163 8.93 -3.87 -18.97
CA ALA A 163 7.63 -3.98 -19.64
C ALA A 163 6.59 -4.64 -18.74
N TYR A 164 7.07 -5.45 -17.80
CA TYR A 164 6.21 -6.11 -16.83
C TYR A 164 6.91 -6.11 -15.49
N SER A 165 6.20 -5.70 -14.44
CA SER A 165 6.81 -5.62 -13.13
C SER A 165 6.00 -6.38 -12.09
N LYS A 166 6.68 -6.91 -11.09
CA LYS A 166 6.04 -7.69 -10.07
C LYS A 166 5.62 -6.81 -8.89
N LEU A 167 4.35 -6.55 -8.83
CA LEU A 167 3.75 -5.80 -7.75
C LEU A 167 3.33 -6.73 -6.63
N VAL A 168 4.06 -6.73 -5.53
CA VAL A 168 3.66 -7.55 -4.38
C VAL A 168 3.67 -6.75 -3.07
N MET A 169 2.55 -6.84 -2.36
CA MET A 169 2.31 -6.04 -1.17
C MET A 169 1.69 -6.89 -0.07
N PHE A 170 2.23 -6.81 1.15
CA PHE A 170 1.59 -7.50 2.26
C PHE A 170 1.00 -6.50 3.23
N VAL A 171 -0.12 -6.86 3.83
CA VAL A 171 -0.74 -6.02 4.83
C VAL A 171 -1.06 -6.81 6.09
N GLN A 172 -0.42 -6.44 7.19
CA GLN A 172 -0.81 -6.93 8.50
C GLN A 172 -1.74 -5.90 9.09
N THR A 173 -2.96 -5.91 8.62
CA THR A 173 -3.93 -4.94 9.04
C THR A 173 -4.42 -5.24 10.45
N GLU A 174 -4.37 -4.24 11.33
CA GLU A 174 -4.77 -4.44 12.70
C GLU A 174 -6.28 -4.30 12.84
N MET A 175 -6.90 -3.76 11.77
CA MET A 175 -8.36 -3.59 11.73
C MET A 175 -8.77 -2.58 12.79
N ARG A 176 -7.99 -1.50 12.82
CA ARG A 176 -8.15 -0.36 13.72
C ARG A 176 -9.59 -0.11 14.16
N GLY A 177 -10.50 0.04 13.20
CA GLY A 177 -11.88 0.30 13.53
C GLY A 177 -12.69 0.66 12.31
N LYS A 178 -14.01 0.72 12.49
CA LYS A 178 -14.93 1.06 11.42
C LYS A 178 -14.98 -0.05 10.37
N LEU A 179 -15.14 -1.29 10.84
CA LEU A 179 -15.35 -2.45 9.96
C LEU A 179 -15.65 -3.70 10.78
N SER A 180 -16.49 -4.55 10.21
CA SER A 180 -16.95 -5.77 10.87
C SER A 180 -16.37 -7.00 10.14
N PRO A 181 -16.43 -8.21 10.74
CA PRO A 181 -15.82 -9.42 10.19
C PRO A 181 -15.95 -9.55 8.66
N SER A 182 -17.17 -9.53 8.16
CA SER A 182 -17.43 -9.73 6.74
C SER A 182 -17.05 -8.51 5.92
N ILE A 183 -16.76 -7.41 6.60
CA ILE A 183 -16.38 -6.15 5.94
C ILE A 183 -14.89 -6.18 5.70
N ILE A 184 -14.21 -6.64 6.73
CA ILE A 184 -12.80 -6.92 6.72
C ILE A 184 -12.48 -7.93 5.61
N GLU A 185 -13.40 -8.88 5.45
CA GLU A 185 -13.31 -9.88 4.41
C GLU A 185 -13.34 -9.22 3.04
N LYS A 186 -13.89 -8.02 2.99
CA LYS A 186 -13.87 -7.21 1.79
C LYS A 186 -12.63 -6.34 1.80
N THR A 187 -12.41 -5.65 2.92
CA THR A 187 -11.44 -4.55 2.94
C THR A 187 -10.01 -4.99 2.65
N MET A 188 -9.61 -6.19 3.05
CA MET A 188 -8.23 -6.64 2.77
C MET A 188 -8.04 -6.96 1.29
N PRO A 189 -8.70 -8.00 0.75
CA PRO A 189 -8.50 -8.40 -0.65
C PRO A 189 -8.88 -7.29 -1.60
N SER A 190 -10.00 -6.63 -1.33
CA SER A 190 -10.53 -5.63 -2.23
C SER A 190 -9.64 -4.41 -2.29
N ASN A 191 -8.84 -4.20 -1.25
CA ASN A 191 -7.91 -3.08 -1.24
C ASN A 191 -6.56 -3.46 -1.82
N LEU A 192 -6.10 -4.68 -1.57
CA LEU A 192 -4.86 -5.15 -2.16
C LEU A 192 -4.94 -5.18 -3.67
N VAL A 193 -6.02 -5.78 -4.19
CA VAL A 193 -6.23 -5.85 -5.63
C VAL A 193 -6.44 -4.46 -6.21
N ASN A 194 -7.02 -3.61 -5.38
CA ASN A 194 -7.35 -2.26 -5.78
C ASN A 194 -6.11 -1.39 -5.85
N PHE A 195 -5.23 -1.51 -4.87
CA PHE A 195 -4.00 -0.75 -4.90
C PHE A 195 -3.20 -1.18 -6.13
N ILE A 196 -3.44 -2.41 -6.57
CA ILE A 196 -2.85 -2.92 -7.78
C ILE A 196 -3.54 -2.42 -9.04
N LEU A 197 -4.85 -2.42 -9.08
CA LEU A 197 -5.53 -1.97 -10.29
C LEU A 197 -5.43 -0.46 -10.42
N ASN A 198 -5.41 0.25 -9.29
CA ASN A 198 -5.01 1.64 -9.30
C ASN A 198 -3.59 1.77 -9.78
N ALA A 199 -2.83 0.70 -9.62
CA ALA A 199 -1.46 0.69 -10.08
C ALA A 199 -1.45 0.41 -11.55
N LYS A 200 -2.46 -0.34 -11.98
CA LYS A 200 -2.61 -0.60 -13.39
C LYS A 200 -2.98 0.70 -14.08
N ASP A 201 -3.91 1.41 -13.48
CA ASP A 201 -4.49 2.56 -14.12
C ASP A 201 -3.67 3.80 -13.86
N GLY A 202 -2.92 3.79 -12.76
CA GLY A 202 -2.00 4.90 -12.48
C GLY A 202 -0.73 4.78 -13.30
N ILE A 203 -0.39 3.54 -13.64
CA ILE A 203 0.71 3.23 -14.52
C ILE A 203 0.30 3.50 -15.96
N LYS A 204 -0.96 3.23 -16.26
CA LYS A 204 -1.49 3.52 -17.58
C LYS A 204 -1.78 5.00 -17.68
N ALA A 205 -1.95 5.62 -16.53
CA ALA A 205 -2.02 7.07 -16.44
C ALA A 205 -0.69 7.66 -16.89
N HIS A 206 0.35 6.83 -16.84
CA HIS A 206 1.65 7.19 -17.41
C HIS A 206 1.77 6.68 -18.85
N ARG A 207 1.49 5.41 -19.06
CA ARG A 207 1.76 4.73 -20.33
C ARG A 207 0.72 5.10 -21.40
N THR A 208 -0.52 5.16 -20.96
CA THR A 208 -1.65 5.41 -21.84
C THR A 208 -2.04 6.90 -21.78
N PRO A 209 -2.44 7.49 -22.92
CA PRO A 209 -2.84 8.90 -22.98
C PRO A 209 -4.21 9.18 -22.33
N SER A 210 -4.47 8.52 -21.20
CA SER A 210 -5.72 8.71 -20.47
C SER A 210 -5.58 9.82 -19.44
N ARG A 211 -4.37 10.36 -19.34
CA ARG A 211 -4.08 11.47 -18.44
C ARG A 211 -4.79 12.75 -18.93
N ARG A 212 -5.30 12.70 -20.16
CA ARG A 212 -6.04 13.81 -20.73
C ARG A 212 -7.37 14.02 -19.99
N GLY A 213 -7.84 12.97 -19.35
CA GLY A 213 -8.98 13.09 -18.48
C GLY A 213 -8.54 13.15 -17.04
N PHE A 214 -7.81 14.20 -16.71
CA PHE A 214 -7.19 14.33 -15.39
C PHE A 214 -8.22 14.55 -14.31
N HIS A 215 -8.58 13.48 -13.62
CA HIS A 215 -9.47 13.53 -12.47
C HIS A 215 -9.49 12.15 -11.79
N HIS A 216 -9.83 11.13 -12.59
CA HIS A 216 -9.74 9.72 -12.19
C HIS A 216 -10.81 9.32 -11.16
N ASN A 217 -10.78 9.94 -9.99
CA ASN A 217 -11.76 9.66 -8.96
C ASN A 217 -13.08 10.35 -9.29
N SER A 218 -13.88 9.69 -10.11
CA SER A 218 -15.15 10.25 -10.57
C SER A 218 -16.03 10.66 -9.40
N HIS A 219 -16.00 9.85 -8.33
CA HIS A 219 -16.79 10.13 -7.12
C HIS A 219 -18.23 10.46 -7.49
N SER A 220 -18.91 9.48 -8.05
CA SER A 220 -20.30 9.64 -8.44
C SER A 220 -21.14 8.54 -7.80
N MET A 1 18.37 7.97 14.72
CA MET A 1 17.36 8.06 13.65
C MET A 1 16.41 6.87 13.75
N ASP A 2 15.36 7.02 14.54
CA ASP A 2 14.50 5.91 14.89
C ASP A 2 13.79 5.37 13.68
N PHE A 3 13.15 6.27 12.94
CA PHE A 3 12.24 5.90 11.88
C PHE A 3 12.94 5.05 10.85
N LYS A 4 14.20 5.38 10.63
CA LYS A 4 14.96 4.70 9.64
C LYS A 4 15.32 3.34 10.16
N ALA A 5 15.69 3.27 11.42
CA ALA A 5 16.10 2.04 12.06
C ALA A 5 15.05 0.94 11.95
N ILE A 6 13.80 1.29 12.22
CA ILE A 6 12.75 0.27 12.30
C ILE A 6 12.32 -0.09 10.90
N ALA A 7 12.31 0.91 10.05
CA ALA A 7 11.91 0.78 8.66
C ALA A 7 12.95 0.03 7.85
N GLN A 8 14.17 0.45 8.03
CA GLN A 8 15.33 -0.12 7.37
C GLN A 8 15.36 -1.62 7.58
N GLN A 9 14.91 -2.02 8.75
CA GLN A 9 14.85 -3.44 9.10
C GLN A 9 13.49 -4.01 8.71
N THR A 10 12.47 -3.16 8.78
CA THR A 10 11.12 -3.53 8.40
C THR A 10 11.02 -3.81 6.90
N ALA A 11 11.79 -3.07 6.11
CA ALA A 11 11.87 -3.32 4.67
C ALA A 11 12.08 -4.79 4.35
N GLN A 12 13.15 -5.35 4.86
CA GLN A 12 13.48 -6.74 4.60
C GLN A 12 12.58 -7.68 5.39
N GLU A 13 11.77 -7.14 6.28
CA GLU A 13 10.80 -7.95 7.02
C GLU A 13 9.58 -8.19 6.16
N VAL A 14 9.07 -7.12 5.58
CA VAL A 14 7.94 -7.22 4.67
C VAL A 14 8.38 -7.89 3.38
N LEU A 15 9.59 -7.56 2.95
CA LEU A 15 10.20 -8.21 1.83
C LEU A 15 10.49 -9.63 2.21
N GLY A 16 10.64 -9.82 3.51
CA GLY A 16 10.88 -11.13 4.06
C GLY A 16 9.68 -12.01 3.88
N TYR A 17 8.56 -11.38 3.58
CA TYR A 17 7.33 -12.07 3.32
C TYR A 17 7.19 -12.35 1.84
N ASN A 18 7.95 -11.61 1.04
CA ASN A 18 7.93 -11.82 -0.41
C ASN A 18 8.99 -12.84 -0.80
N ARG A 19 10.04 -12.93 -0.01
CA ARG A 19 11.14 -13.85 -0.30
C ARG A 19 10.88 -15.19 0.38
N ASP A 20 10.03 -15.17 1.39
CA ASP A 20 9.63 -16.37 2.10
C ASP A 20 8.13 -16.51 1.99
N THR A 21 7.67 -17.57 1.37
CA THR A 21 6.26 -17.73 1.13
C THR A 21 5.75 -19.05 1.66
N SER A 22 5.07 -18.99 2.78
CA SER A 22 4.57 -20.17 3.46
C SER A 22 3.64 -19.77 4.60
N GLY A 23 2.73 -20.66 4.97
CA GLY A 23 1.88 -20.43 6.12
C GLY A 23 0.64 -19.63 5.77
N TRP A 24 0.46 -19.32 4.50
CA TRP A 24 -0.69 -18.53 4.06
C TRP A 24 -1.54 -19.31 3.07
N LYS A 25 -2.31 -18.59 2.29
CA LYS A 25 -3.27 -19.18 1.39
C LYS A 25 -3.86 -18.12 0.50
N VAL A 26 -3.79 -18.32 -0.79
CA VAL A 26 -4.42 -17.39 -1.70
C VAL A 26 -5.92 -17.50 -1.57
N VAL A 27 -6.49 -16.44 -1.05
CA VAL A 27 -7.90 -16.37 -0.79
C VAL A 27 -8.60 -15.79 -2.00
N LYS A 28 -7.85 -15.03 -2.79
CA LYS A 28 -8.45 -14.33 -3.89
C LYS A 28 -7.43 -14.01 -4.98
N THR A 29 -7.72 -14.44 -6.21
CA THR A 29 -6.82 -14.20 -7.33
C THR A 29 -7.60 -14.11 -8.64
N SER A 30 -7.05 -13.35 -9.57
CA SER A 30 -7.66 -13.15 -10.86
C SER A 30 -6.70 -13.64 -11.96
N LYS A 31 -6.62 -12.93 -13.08
CA LYS A 31 -5.75 -13.35 -14.17
C LYS A 31 -4.46 -12.53 -14.17
N LYS A 32 -4.19 -11.88 -13.06
CA LYS A 32 -2.96 -11.09 -12.89
C LYS A 32 -2.56 -10.97 -11.43
N ILE A 33 -3.54 -11.01 -10.54
CA ILE A 33 -3.29 -10.75 -9.13
C ILE A 33 -3.58 -11.98 -8.28
N THR A 34 -3.07 -11.95 -7.06
CA THR A 34 -3.10 -13.08 -6.17
C THR A 34 -2.98 -12.63 -4.72
N VAL A 35 -4.04 -12.82 -3.94
CA VAL A 35 -4.06 -12.42 -2.54
C VAL A 35 -3.93 -13.63 -1.63
N SER A 36 -2.81 -13.75 -0.95
CA SER A 36 -2.58 -14.86 -0.05
C SER A 36 -2.59 -14.39 1.39
N SER A 37 -3.48 -15.02 2.16
CA SER A 37 -3.76 -14.59 3.52
C SER A 37 -3.20 -15.56 4.57
N LYS A 38 -2.51 -14.99 5.54
CA LYS A 38 -2.06 -15.71 6.73
C LYS A 38 -2.26 -14.87 7.97
N ALA A 39 -2.79 -15.49 9.01
CA ALA A 39 -3.15 -14.78 10.25
C ALA A 39 -1.96 -14.09 10.88
N SER A 40 -2.11 -12.81 11.17
CA SER A 40 -1.08 -12.04 11.84
C SER A 40 -1.19 -12.23 13.35
N ARG A 41 -0.09 -12.04 14.05
CA ARG A 41 -0.04 -12.30 15.47
C ARG A 41 -0.43 -11.09 16.29
N LYS A 42 -1.01 -10.10 15.61
CA LYS A 42 -1.51 -8.92 16.28
C LYS A 42 -2.49 -9.31 17.38
N PHE A 43 -3.31 -10.31 17.08
CA PHE A 43 -4.41 -10.76 17.94
C PHE A 43 -5.45 -11.50 17.11
N HIS A 44 -6.19 -10.75 16.32
CA HIS A 44 -7.20 -11.31 15.43
C HIS A 44 -7.25 -10.49 14.16
N GLY A 45 -6.37 -10.82 13.24
CA GLY A 45 -6.26 -10.13 11.99
C GLY A 45 -5.39 -10.91 11.06
N ASN A 46 -5.65 -10.84 9.78
CA ASN A 46 -4.91 -11.65 8.84
C ASN A 46 -4.08 -10.77 7.92
N LEU A 47 -2.90 -11.27 7.56
CA LEU A 47 -2.05 -10.58 6.62
C LEU A 47 -2.39 -11.06 5.23
N TYR A 48 -2.53 -10.13 4.31
CA TYR A 48 -2.90 -10.46 2.94
C TYR A 48 -1.83 -9.97 1.99
N ARG A 49 -1.24 -10.88 1.24
CA ARG A 49 -0.28 -10.49 0.21
C ARG A 49 -0.96 -10.53 -1.14
N VAL A 50 -1.05 -9.40 -1.79
CA VAL A 50 -1.63 -9.34 -3.11
C VAL A 50 -0.52 -9.13 -4.12
N GLU A 51 -0.54 -9.92 -5.16
CA GLU A 51 0.56 -9.98 -6.08
C GLU A 51 0.07 -10.00 -7.51
N GLY A 52 0.44 -8.99 -8.26
CA GLY A 52 0.04 -8.90 -9.65
C GLY A 52 1.13 -8.34 -10.51
N ILE A 53 1.26 -8.82 -11.72
CA ILE A 53 2.25 -8.25 -12.63
C ILE A 53 1.70 -7.03 -13.33
N ILE A 54 2.38 -5.92 -13.16
CA ILE A 54 2.03 -4.70 -13.86
C ILE A 54 3.04 -4.48 -14.98
N PRO A 55 2.58 -4.62 -16.23
CA PRO A 55 3.41 -4.50 -17.45
C PRO A 55 4.00 -3.11 -17.65
N GLU A 56 4.72 -2.63 -16.64
CA GLU A 56 5.42 -1.39 -16.71
C GLU A 56 6.62 -1.49 -15.78
N SER A 57 7.55 -0.55 -15.87
CA SER A 57 8.74 -0.62 -15.08
C SER A 57 8.45 -0.39 -13.61
N PRO A 58 9.19 -1.11 -12.77
CA PRO A 58 9.12 -0.95 -11.31
C PRO A 58 9.51 0.47 -10.91
N ALA A 59 10.13 1.15 -11.86
CA ALA A 59 10.44 2.56 -11.73
C ALA A 59 9.19 3.40 -11.79
N LYS A 60 8.34 3.13 -12.78
CA LYS A 60 7.10 3.86 -12.92
C LYS A 60 6.21 3.51 -11.74
N LEU A 61 6.39 2.30 -11.25
CA LEU A 61 5.71 1.84 -10.06
C LEU A 61 6.13 2.69 -8.86
N SER A 62 7.43 2.78 -8.61
CA SER A 62 7.93 3.64 -7.54
C SER A 62 7.61 5.10 -7.82
N ASP A 63 7.11 5.38 -9.03
CA ASP A 63 6.66 6.71 -9.38
C ASP A 63 5.18 6.92 -9.09
N PHE A 64 4.35 5.88 -9.24
CA PHE A 64 2.91 6.06 -9.21
C PHE A 64 2.41 6.22 -7.77
N LEU A 65 2.90 5.37 -6.87
CA LEU A 65 2.46 5.40 -5.48
C LEU A 65 3.25 6.45 -4.68
N TYR A 66 4.26 7.00 -5.37
CA TYR A 66 5.42 7.69 -4.79
C TYR A 66 5.31 7.96 -3.29
N GLN A 67 4.47 8.93 -2.89
CA GLN A 67 4.43 9.34 -1.48
C GLN A 67 3.15 10.02 -1.08
N THR A 68 2.86 11.16 -1.70
CA THR A 68 1.89 12.10 -1.18
C THR A 68 1.76 13.29 -2.14
N GLY A 69 2.01 13.04 -3.40
CA GLY A 69 2.08 14.15 -4.33
C GLY A 69 1.21 13.96 -5.54
N ASP A 70 0.80 12.73 -5.78
CA ASP A 70 -0.01 12.40 -6.95
C ASP A 70 -0.78 11.11 -6.77
N ARG A 71 -0.33 10.24 -5.86
CA ARG A 71 -0.94 8.94 -5.72
C ARG A 71 -2.35 9.06 -5.17
N ILE A 72 -2.67 10.22 -4.63
CA ILE A 72 -4.04 10.50 -4.20
C ILE A 72 -4.81 11.14 -5.34
N THR A 73 -4.07 11.71 -6.29
CA THR A 73 -4.68 12.52 -7.32
C THR A 73 -5.24 11.63 -8.42
N TRP A 74 -4.70 10.44 -8.57
CA TRP A 74 -5.21 9.51 -9.57
C TRP A 74 -5.98 8.36 -8.92
N ASP A 75 -5.97 8.33 -7.59
CA ASP A 75 -6.45 7.17 -6.84
C ASP A 75 -7.96 7.04 -6.84
N LYS A 76 -8.43 5.97 -6.21
CA LYS A 76 -9.84 5.66 -6.11
C LYS A 76 -10.26 5.52 -4.65
N SER A 77 -9.31 5.24 -3.78
CA SER A 77 -9.59 5.01 -2.38
C SER A 77 -8.80 6.01 -1.53
N LEU A 78 -8.20 6.97 -2.21
CA LEU A 78 -7.46 8.02 -1.51
C LEU A 78 -8.21 9.35 -1.61
N GLN A 79 -7.75 10.32 -0.84
CA GLN A 79 -8.43 11.59 -0.71
C GLN A 79 -7.46 12.74 -0.50
N VAL A 80 -6.68 12.65 0.57
CA VAL A 80 -5.93 13.80 1.05
C VAL A 80 -4.51 13.42 1.45
N TYR A 81 -3.53 13.99 0.76
CA TYR A 81 -2.15 13.80 1.11
C TYR A 81 -1.69 14.89 2.08
N ASN A 82 -0.71 14.53 2.90
CA ASN A 82 -0.04 15.47 3.80
C ASN A 82 1.33 14.91 4.19
N MET A 83 2.38 15.54 3.68
CA MET A 83 3.74 15.15 4.01
C MET A 83 4.03 15.56 5.44
N VAL A 84 4.04 14.60 6.37
CA VAL A 84 4.10 14.93 7.80
C VAL A 84 5.54 15.14 8.27
N HIS A 85 6.28 14.06 8.36
CA HIS A 85 7.63 14.12 8.89
C HIS A 85 8.56 13.28 8.02
N ARG A 86 9.40 13.94 7.26
CA ARG A 86 10.33 13.25 6.37
C ARG A 86 11.66 13.07 7.08
N ILE A 87 11.99 11.82 7.37
CA ILE A 87 13.22 11.51 8.06
C ILE A 87 14.39 11.63 7.11
N ASP A 88 14.15 11.23 5.87
CA ASP A 88 15.16 11.27 4.84
C ASP A 88 14.48 11.28 3.48
N SER A 89 15.27 11.31 2.42
CA SER A 89 14.73 11.32 1.07
C SER A 89 14.29 9.92 0.65
N ASP A 90 14.37 8.98 1.58
CA ASP A 90 13.99 7.61 1.29
C ASP A 90 13.21 7.05 2.46
N THR A 91 12.91 7.91 3.43
CA THR A 91 12.21 7.47 4.60
C THR A 91 11.24 8.58 5.01
N PHE A 92 9.97 8.31 4.84
CA PHE A 92 8.97 9.33 5.07
C PHE A 92 7.88 8.83 5.98
N ILE A 93 7.00 9.72 6.31
CA ILE A 93 5.75 9.38 6.94
C ILE A 93 4.67 10.14 6.21
N CYS A 94 3.69 9.43 5.68
CA CYS A 94 2.70 10.07 4.85
C CYS A 94 1.36 10.09 5.56
N HIS A 95 0.80 11.28 5.70
CA HIS A 95 -0.57 11.41 6.11
C HIS A 95 -1.46 11.39 4.89
N THR A 96 -2.32 10.43 4.83
CA THR A 96 -3.21 10.27 3.71
C THR A 96 -4.63 9.92 4.18
N ILE A 97 -5.61 10.70 3.80
CA ILE A 97 -6.99 10.35 4.10
C ILE A 97 -7.47 9.28 3.14
N THR A 98 -8.09 8.25 3.69
CA THR A 98 -8.50 7.09 2.91
C THR A 98 -10.02 7.04 2.80
N GLN A 99 -10.49 6.54 1.66
CA GLN A 99 -11.92 6.41 1.41
C GLN A 99 -12.44 5.06 1.91
N SER A 100 -13.73 4.82 1.76
CA SER A 100 -14.36 3.62 2.28
C SER A 100 -14.96 2.79 1.15
N PHE A 101 -14.21 1.80 0.66
CA PHE A 101 -14.67 0.99 -0.44
C PHE A 101 -15.41 -0.25 0.07
N ALA A 102 -16.74 -0.14 0.13
CA ALA A 102 -17.63 -1.24 0.54
C ALA A 102 -19.05 -0.71 0.72
N VAL A 103 -19.50 0.04 -0.29
CA VAL A 103 -20.85 0.66 -0.35
C VAL A 103 -21.10 1.70 0.76
N GLY A 104 -20.35 1.65 1.85
CA GLY A 104 -20.50 2.66 2.89
C GLY A 104 -20.49 2.08 4.29
N SER A 105 -20.33 0.78 4.40
CA SER A 105 -20.27 0.12 5.71
C SER A 105 -19.03 0.55 6.48
N ILE A 106 -17.99 0.89 5.75
CA ILE A 106 -16.71 1.23 6.34
C ILE A 106 -16.60 2.74 6.54
N SER A 107 -15.92 3.14 7.61
CA SER A 107 -15.69 4.53 7.90
C SER A 107 -14.47 5.03 7.13
N PRO A 108 -14.42 6.35 6.82
CA PRO A 108 -13.24 6.95 6.21
C PRO A 108 -12.03 6.78 7.11
N ARG A 109 -10.89 6.43 6.54
CA ARG A 109 -9.75 6.09 7.36
C ARG A 109 -8.66 7.12 7.23
N ASP A 110 -7.79 7.14 8.22
CA ASP A 110 -6.65 8.00 8.21
C ASP A 110 -5.42 7.15 7.96
N PHE A 111 -4.48 7.67 7.22
CA PHE A 111 -3.28 6.92 6.89
C PHE A 111 -2.06 7.68 7.37
N ILE A 112 -1.37 7.09 8.32
CA ILE A 112 -0.11 7.61 8.82
C ILE A 112 0.89 6.49 8.87
N ASP A 113 1.54 6.26 7.77
CA ASP A 113 2.49 5.17 7.70
C ASP A 113 3.88 5.68 7.47
N LEU A 114 4.81 5.18 8.27
CA LEU A 114 6.22 5.45 8.05
C LEU A 114 6.73 4.53 6.99
N VAL A 115 7.25 5.11 5.96
CA VAL A 115 7.50 4.40 4.74
C VAL A 115 8.94 4.49 4.33
N TYR A 116 9.54 3.34 4.13
CA TYR A 116 10.90 3.29 3.66
C TYR A 116 10.95 2.84 2.21
N ILE A 117 11.48 3.71 1.35
CA ILE A 117 11.59 3.42 -0.06
C ILE A 117 12.98 2.85 -0.36
N LYS A 118 13.06 1.53 -0.49
CA LYS A 118 14.32 0.87 -0.79
C LYS A 118 14.26 0.25 -2.17
N ARG A 119 15.35 0.29 -2.91
CA ARG A 119 15.39 -0.23 -4.25
C ARG A 119 16.54 -1.20 -4.36
N TYR A 120 16.23 -2.47 -4.18
CA TYR A 120 17.21 -3.51 -4.37
C TYR A 120 17.59 -3.52 -5.84
N GLU A 121 18.88 -3.27 -6.09
CA GLU A 121 19.46 -3.14 -7.43
C GLU A 121 18.86 -4.12 -8.44
N GLY A 122 17.80 -3.68 -9.11
CA GLY A 122 17.14 -4.48 -10.11
C GLY A 122 16.55 -5.74 -9.54
N ASN A 123 16.03 -5.64 -8.32
CA ASN A 123 15.45 -6.78 -7.64
C ASN A 123 14.11 -6.41 -7.03
N MET A 124 14.02 -5.24 -6.36
CA MET A 124 12.76 -4.81 -5.72
C MET A 124 12.74 -3.29 -5.51
N ASN A 125 11.64 -2.67 -5.92
CA ASN A 125 11.37 -1.28 -5.62
C ASN A 125 10.28 -1.22 -4.56
N ILE A 126 10.67 -1.44 -3.32
CA ILE A 126 9.73 -1.60 -2.22
C ILE A 126 9.58 -0.33 -1.40
N ILE A 127 8.35 -0.05 -0.98
CA ILE A 127 8.13 0.88 0.10
C ILE A 127 7.63 0.11 1.33
N SER A 128 8.45 0.03 2.34
CA SER A 128 8.09 -0.65 3.57
C SER A 128 7.52 0.34 4.56
N SER A 129 6.25 0.18 4.85
CA SER A 129 5.52 1.15 5.63
C SER A 129 5.15 0.59 7.00
N LYS A 130 5.04 1.47 7.98
CA LYS A 130 4.62 1.10 9.31
C LYS A 130 3.64 2.14 9.78
N SER A 131 2.41 1.76 10.03
CA SER A 131 1.47 2.69 10.58
C SER A 131 1.98 3.08 11.94
N VAL A 132 2.63 4.22 11.98
CA VAL A 132 3.45 4.57 13.08
C VAL A 132 2.79 5.66 13.88
N ASP A 133 2.91 5.57 15.17
CA ASP A 133 2.16 6.42 16.05
C ASP A 133 3.07 7.53 16.52
N PHE A 134 3.34 8.41 15.59
CA PHE A 134 4.33 9.45 15.78
C PHE A 134 3.65 10.78 16.17
N PRO A 135 4.40 11.70 16.78
CA PRO A 135 3.84 12.92 17.37
C PRO A 135 3.49 14.02 16.36
N GLU A 136 3.97 13.89 15.12
CA GLU A 136 3.82 14.95 14.15
C GLU A 136 2.38 15.04 13.71
N TYR A 137 1.63 13.97 13.99
CA TYR A 137 0.23 13.96 13.62
C TYR A 137 -0.56 12.87 14.34
N PRO A 138 -1.55 13.29 15.14
CA PRO A 138 -2.58 12.39 15.66
C PRO A 138 -3.81 12.39 14.75
N PRO A 139 -4.50 11.23 14.62
CA PRO A 139 -5.68 11.12 13.76
C PRO A 139 -6.88 11.84 14.32
N SER A 140 -8.06 11.39 13.92
CA SER A 140 -9.30 12.05 14.30
C SER A 140 -10.39 11.00 14.43
N SER A 141 -11.43 11.28 15.21
CA SER A 141 -12.45 10.28 15.50
C SER A 141 -13.36 10.02 14.28
N ASN A 142 -13.11 10.73 13.19
CA ASN A 142 -13.84 10.51 11.95
C ASN A 142 -12.96 9.76 10.96
N TYR A 143 -11.66 9.74 11.24
CA TYR A 143 -10.68 9.09 10.36
C TYR A 143 -9.76 8.22 11.19
N ILE A 144 -9.90 6.92 11.06
CA ILE A 144 -9.11 6.02 11.86
C ILE A 144 -7.82 5.66 11.14
N ARG A 145 -6.71 6.12 11.71
CA ARG A 145 -5.39 5.72 11.24
C ARG A 145 -5.32 4.20 11.12
N GLY A 146 -5.43 3.72 9.89
CA GLY A 146 -5.37 2.30 9.65
C GLY A 146 -4.05 1.73 10.11
N TYR A 147 -4.10 0.83 11.06
CA TYR A 147 -2.88 0.33 11.65
C TYR A 147 -2.28 -0.78 10.82
N ASN A 148 -1.52 -0.38 9.82
CA ASN A 148 -0.71 -1.29 9.03
C ASN A 148 0.53 -1.68 9.80
N HIS A 149 0.49 -2.85 10.42
CA HIS A 149 1.66 -3.35 11.12
C HIS A 149 2.70 -3.78 10.09
N PRO A 150 3.96 -3.30 10.26
CA PRO A 150 5.03 -3.27 9.25
C PRO A 150 4.79 -4.10 8.00
N CYS A 151 3.81 -3.68 7.23
CA CYS A 151 3.51 -4.27 5.96
C CYS A 151 3.82 -3.26 4.87
N GLY A 152 4.07 -3.74 3.68
CA GLY A 152 4.60 -2.85 2.68
C GLY A 152 4.12 -3.15 1.28
N PHE A 153 4.98 -2.90 0.34
CA PHE A 153 4.58 -2.82 -1.06
C PHE A 153 5.82 -2.96 -1.91
N VAL A 154 6.12 -4.18 -2.31
CA VAL A 154 7.33 -4.41 -3.05
C VAL A 154 7.04 -4.56 -4.54
N CYS A 155 7.82 -3.87 -5.33
CA CYS A 155 7.69 -3.94 -6.78
C CYS A 155 8.92 -4.60 -7.36
N SER A 156 8.78 -5.83 -7.82
CA SER A 156 9.95 -6.62 -8.18
C SER A 156 10.10 -6.72 -9.69
N PRO A 157 11.18 -6.13 -10.23
CA PRO A 157 11.50 -6.24 -11.65
C PRO A 157 11.46 -7.70 -12.12
N MET A 158 10.60 -7.98 -13.09
CA MET A 158 10.43 -9.36 -13.56
C MET A 158 11.58 -9.79 -14.44
N GLU A 159 11.37 -10.89 -15.15
CA GLU A 159 12.36 -11.37 -16.07
C GLU A 159 12.54 -10.38 -17.21
N GLU A 160 11.50 -9.57 -17.43
CA GLU A 160 11.47 -8.60 -18.51
C GLU A 160 11.58 -7.19 -17.95
N ASN A 161 12.07 -7.14 -16.71
CA ASN A 161 12.34 -5.92 -15.94
C ASN A 161 11.46 -4.70 -16.31
N PRO A 162 11.85 -3.79 -17.26
CA PRO A 162 11.07 -2.58 -17.49
C PRO A 162 9.78 -2.83 -18.26
N ALA A 163 9.67 -4.02 -18.83
CA ALA A 163 8.52 -4.38 -19.63
C ALA A 163 7.44 -5.01 -18.76
N TYR A 164 7.85 -5.77 -17.75
CA TYR A 164 6.92 -6.36 -16.82
C TYR A 164 7.46 -6.28 -15.39
N SER A 165 6.64 -5.84 -14.46
CA SER A 165 7.07 -5.72 -13.09
C SER A 165 6.16 -6.51 -12.17
N LYS A 166 6.76 -7.08 -11.13
CA LYS A 166 6.05 -7.88 -10.17
C LYS A 166 5.61 -7.05 -8.97
N LEU A 167 4.35 -6.68 -8.99
CA LEU A 167 3.75 -5.90 -7.92
C LEU A 167 3.28 -6.85 -6.82
N VAL A 168 3.96 -6.84 -5.70
CA VAL A 168 3.55 -7.68 -4.57
C VAL A 168 3.46 -6.86 -3.27
N MET A 169 2.23 -6.74 -2.78
CA MET A 169 1.91 -5.89 -1.65
C MET A 169 1.43 -6.72 -0.48
N PHE A 170 1.83 -6.30 0.71
CA PHE A 170 1.45 -6.98 1.93
C PHE A 170 0.60 -6.07 2.80
N VAL A 171 -0.55 -6.57 3.20
CA VAL A 171 -1.41 -5.88 4.13
C VAL A 171 -1.47 -6.64 5.45
N GLN A 172 -0.93 -6.03 6.49
CA GLN A 172 -1.07 -6.54 7.84
C GLN A 172 -1.85 -5.51 8.61
N THR A 173 -2.85 -5.01 7.91
CA THR A 173 -3.68 -3.93 8.37
C THR A 173 -4.56 -4.39 9.53
N GLU A 174 -4.88 -3.47 10.42
CA GLU A 174 -5.63 -3.80 11.63
C GLU A 174 -7.13 -3.86 11.36
N MET A 175 -7.50 -3.38 10.17
CA MET A 175 -8.86 -3.54 9.65
C MET A 175 -9.84 -2.70 10.47
N ARG A 176 -9.37 -1.55 10.92
CA ARG A 176 -10.18 -0.69 11.78
C ARG A 176 -11.32 -0.03 11.01
N GLY A 177 -12.21 0.62 11.74
CA GLY A 177 -13.42 1.17 11.17
C GLY A 177 -14.64 0.64 11.87
N LYS A 178 -14.40 -0.34 12.76
CA LYS A 178 -15.45 -0.96 13.56
C LYS A 178 -16.48 -1.64 12.68
N LEU A 179 -16.02 -2.44 11.73
CA LEU A 179 -16.90 -3.15 10.84
C LEU A 179 -17.30 -4.48 11.47
N SER A 180 -17.93 -5.31 10.68
CA SER A 180 -18.33 -6.64 11.11
C SER A 180 -17.51 -7.65 10.32
N PRO A 181 -17.31 -8.87 10.85
CA PRO A 181 -16.50 -9.91 10.18
C PRO A 181 -16.77 -10.00 8.68
N SER A 182 -18.04 -9.98 8.30
CA SER A 182 -18.44 -10.14 6.91
C SER A 182 -18.08 -8.89 6.07
N ILE A 183 -17.73 -7.80 6.72
CA ILE A 183 -17.35 -6.56 6.03
C ILE A 183 -15.86 -6.57 5.80
N ILE A 184 -15.20 -7.01 6.82
CA ILE A 184 -13.76 -7.09 6.89
C ILE A 184 -13.21 -8.07 5.88
N GLU A 185 -13.92 -9.17 5.70
CA GLU A 185 -13.55 -10.15 4.68
C GLU A 185 -13.68 -9.51 3.30
N LYS A 186 -14.40 -8.41 3.24
CA LYS A 186 -14.49 -7.62 2.04
C LYS A 186 -13.44 -6.52 2.05
N THR A 187 -13.28 -5.85 3.19
CA THR A 187 -12.46 -4.63 3.24
C THR A 187 -11.00 -4.90 2.84
N MET A 188 -10.46 -6.07 3.17
CA MET A 188 -9.07 -6.35 2.79
C MET A 188 -8.97 -6.72 1.32
N PRO A 189 -9.65 -7.80 0.85
CA PRO A 189 -9.52 -8.25 -0.54
C PRO A 189 -10.01 -7.21 -1.53
N SER A 190 -10.87 -6.30 -1.08
CA SER A 190 -11.31 -5.22 -1.93
C SER A 190 -10.28 -4.11 -1.97
N ASN A 191 -9.43 -4.04 -0.95
CA ASN A 191 -8.43 -2.97 -0.86
C ASN A 191 -7.12 -3.38 -1.52
N LEU A 192 -6.77 -4.64 -1.36
CA LEU A 192 -5.53 -5.18 -1.92
C LEU A 192 -5.53 -5.08 -3.43
N VAL A 193 -6.54 -5.68 -4.02
CA VAL A 193 -6.63 -5.78 -5.47
C VAL A 193 -6.84 -4.39 -6.04
N ASN A 194 -7.54 -3.59 -5.24
CA ASN A 194 -7.80 -2.22 -5.58
C ASN A 194 -6.51 -1.46 -5.66
N PHE A 195 -5.66 -1.61 -4.66
CA PHE A 195 -4.39 -0.90 -4.64
C PHE A 195 -3.53 -1.30 -5.83
N ILE A 196 -3.77 -2.50 -6.36
CA ILE A 196 -3.10 -2.94 -7.56
C ILE A 196 -3.77 -2.36 -8.79
N LEU A 197 -5.06 -2.11 -8.71
CA LEU A 197 -5.78 -1.44 -9.77
C LEU A 197 -5.44 0.03 -9.75
N ASN A 198 -5.29 0.54 -8.56
CA ASN A 198 -4.64 1.82 -8.34
C ASN A 198 -3.33 1.84 -9.11
N ALA A 199 -2.65 0.72 -9.11
CA ALA A 199 -1.36 0.63 -9.74
C ALA A 199 -1.49 0.45 -11.24
N LYS A 200 -2.38 -0.44 -11.65
CA LYS A 200 -2.69 -0.59 -13.06
C LYS A 200 -3.08 0.74 -13.68
N ASP A 201 -3.94 1.44 -12.96
CA ASP A 201 -4.50 2.69 -13.43
C ASP A 201 -3.50 3.82 -13.22
N GLY A 202 -2.91 3.87 -12.04
CA GLY A 202 -1.94 4.90 -11.73
C GLY A 202 -0.70 4.81 -12.59
N ILE A 203 -0.33 3.59 -12.98
CA ILE A 203 0.82 3.37 -13.83
C ILE A 203 0.54 3.89 -15.23
N LYS A 204 -0.69 3.72 -15.69
CA LYS A 204 -1.07 4.21 -17.00
C LYS A 204 -1.46 5.65 -16.89
N ALA A 205 -1.81 6.07 -15.70
CA ALA A 205 -1.96 7.49 -15.41
C ALA A 205 -0.61 8.17 -15.44
N HIS A 206 0.42 7.44 -15.01
CA HIS A 206 1.79 7.98 -15.02
C HIS A 206 2.48 7.74 -16.36
N ARG A 207 1.85 7.00 -17.27
CA ARG A 207 2.41 6.74 -18.59
C ARG A 207 1.55 7.38 -19.67
N THR A 208 0.28 7.07 -19.61
CA THR A 208 -0.73 7.51 -20.55
C THR A 208 -1.50 8.69 -19.94
N PRO A 209 -2.10 9.58 -20.74
CA PRO A 209 -2.98 10.62 -20.23
C PRO A 209 -4.29 10.04 -19.67
N SER A 210 -4.15 9.08 -18.75
CA SER A 210 -5.29 8.42 -18.15
C SER A 210 -5.72 9.11 -16.87
N ARG A 211 -5.43 10.41 -16.77
CA ARG A 211 -5.90 11.21 -15.65
C ARG A 211 -7.30 11.71 -15.94
N ARG A 212 -8.12 10.82 -16.50
CA ARG A 212 -9.51 11.14 -16.80
C ARG A 212 -10.27 11.39 -15.50
N GLY A 213 -10.14 10.46 -14.57
CA GLY A 213 -10.73 10.65 -13.25
C GLY A 213 -9.77 11.36 -12.31
N PHE A 214 -9.25 12.49 -12.77
CA PHE A 214 -8.26 13.23 -12.03
C PHE A 214 -8.84 13.81 -10.73
N HIS A 215 -8.12 13.64 -9.64
CA HIS A 215 -8.49 14.22 -8.37
C HIS A 215 -7.52 15.33 -8.02
N HIS A 216 -7.49 16.36 -8.83
CA HIS A 216 -6.61 17.50 -8.59
C HIS A 216 -7.24 18.38 -7.51
N ASN A 217 -6.50 18.60 -6.44
CA ASN A 217 -7.04 19.33 -5.30
C ASN A 217 -7.02 20.84 -5.55
N SER A 218 -8.01 21.31 -6.30
CA SER A 218 -8.23 22.73 -6.43
C SER A 218 -8.90 23.24 -5.17
N HIS A 219 -9.71 22.37 -4.58
CA HIS A 219 -10.30 22.58 -3.28
C HIS A 219 -10.21 21.29 -2.48
N SER A 220 -10.92 20.27 -2.96
CA SER A 220 -10.87 18.94 -2.36
C SER A 220 -11.39 17.91 -3.37
N MET A 1 18.50 9.60 14.32
CA MET A 1 17.49 8.85 13.55
C MET A 1 16.92 7.70 14.37
N ASP A 2 15.60 7.66 14.47
CA ASP A 2 14.90 6.62 15.20
C ASP A 2 14.08 5.78 14.24
N PHE A 3 13.45 6.46 13.30
CA PHE A 3 12.55 5.82 12.35
C PHE A 3 13.36 4.98 11.38
N LYS A 4 14.58 5.42 11.15
CA LYS A 4 15.49 4.73 10.29
C LYS A 4 16.03 3.49 10.98
N ALA A 5 15.64 3.31 12.22
CA ALA A 5 15.95 2.10 12.95
C ALA A 5 14.83 1.10 12.77
N ILE A 6 13.59 1.57 12.91
CA ILE A 6 12.45 0.66 12.92
C ILE A 6 12.02 0.32 11.50
N ALA A 7 12.04 1.33 10.67
CA ALA A 7 11.60 1.22 9.29
C ALA A 7 12.61 0.48 8.45
N GLN A 8 13.86 0.76 8.72
CA GLN A 8 14.95 0.13 8.02
C GLN A 8 15.04 -1.33 8.39
N GLN A 9 14.55 -1.63 9.57
CA GLN A 9 14.41 -3.01 10.00
C GLN A 9 13.12 -3.58 9.43
N THR A 10 12.13 -2.70 9.29
CA THR A 10 10.83 -3.06 8.76
C THR A 10 10.89 -3.32 7.26
N ALA A 11 11.67 -2.53 6.51
CA ALA A 11 11.85 -2.76 5.07
C ALA A 11 12.17 -4.22 4.77
N GLN A 12 13.26 -4.69 5.32
CA GLN A 12 13.68 -6.08 5.12
C GLN A 12 12.85 -7.04 5.97
N GLU A 13 11.90 -6.50 6.72
CA GLU A 13 10.98 -7.32 7.48
C GLU A 13 9.75 -7.59 6.63
N VAL A 14 9.25 -6.54 5.98
CA VAL A 14 8.20 -6.69 5.01
C VAL A 14 8.75 -7.37 3.78
N LEU A 15 9.89 -6.91 3.30
CA LEU A 15 10.54 -7.57 2.20
C LEU A 15 10.90 -8.97 2.62
N GLY A 16 11.04 -9.12 3.94
CA GLY A 16 11.34 -10.40 4.51
C GLY A 16 10.22 -11.37 4.25
N TYR A 17 9.05 -10.83 3.95
CA TYR A 17 7.89 -11.64 3.68
C TYR A 17 7.86 -11.98 2.20
N ASN A 18 8.35 -11.06 1.38
CA ASN A 18 8.14 -11.17 -0.05
C ASN A 18 9.14 -12.14 -0.66
N ARG A 19 10.19 -12.41 0.10
CA ARG A 19 11.20 -13.39 -0.28
C ARG A 19 10.96 -14.69 0.47
N ASP A 20 10.24 -14.61 1.58
CA ASP A 20 9.96 -15.77 2.42
C ASP A 20 8.46 -16.02 2.48
N THR A 21 7.95 -16.72 1.49
CA THR A 21 6.52 -16.88 1.36
C THR A 21 6.07 -18.29 1.71
N SER A 22 5.10 -18.38 2.63
CA SER A 22 4.65 -19.64 3.20
C SER A 22 3.66 -19.37 4.33
N GLY A 23 2.89 -20.40 4.70
CA GLY A 23 2.00 -20.28 5.85
C GLY A 23 0.70 -19.58 5.54
N TRP A 24 0.53 -19.20 4.29
CA TRP A 24 -0.65 -18.48 3.86
C TRP A 24 -1.50 -19.33 2.93
N LYS A 25 -2.32 -18.66 2.13
CA LYS A 25 -3.29 -19.31 1.30
C LYS A 25 -3.94 -18.27 0.40
N VAL A 26 -3.78 -18.42 -0.90
CA VAL A 26 -4.43 -17.49 -1.81
C VAL A 26 -5.93 -17.60 -1.69
N VAL A 27 -6.49 -16.51 -1.27
CA VAL A 27 -7.90 -16.44 -1.05
C VAL A 27 -8.59 -15.83 -2.25
N LYS A 28 -7.85 -15.01 -3.00
CA LYS A 28 -8.49 -14.23 -4.02
C LYS A 28 -7.50 -13.90 -5.13
N THR A 29 -7.79 -14.31 -6.35
CA THR A 29 -6.97 -13.95 -7.48
C THR A 29 -7.82 -13.87 -8.74
N SER A 30 -7.58 -12.82 -9.50
CA SER A 30 -8.39 -12.51 -10.67
C SER A 30 -7.85 -13.21 -11.91
N LYS A 31 -6.67 -12.78 -12.38
CA LYS A 31 -6.07 -13.39 -13.55
C LYS A 31 -4.60 -12.96 -13.69
N LYS A 32 -4.02 -12.46 -12.59
CA LYS A 32 -2.67 -11.92 -12.64
C LYS A 32 -2.27 -11.39 -11.26
N ILE A 33 -3.27 -10.95 -10.53
CA ILE A 33 -3.10 -10.53 -9.15
C ILE A 33 -3.51 -11.65 -8.23
N THR A 34 -2.92 -11.68 -7.05
CA THR A 34 -3.01 -12.84 -6.18
C THR A 34 -3.03 -12.42 -4.71
N VAL A 35 -4.17 -12.61 -4.05
CA VAL A 35 -4.34 -12.21 -2.67
C VAL A 35 -4.27 -13.44 -1.75
N SER A 36 -3.23 -13.50 -0.95
CA SER A 36 -2.97 -14.63 -0.06
C SER A 36 -3.27 -14.24 1.38
N SER A 37 -3.97 -15.10 2.09
CA SER A 37 -4.31 -14.87 3.48
C SER A 37 -3.41 -15.70 4.39
N LYS A 38 -2.77 -15.03 5.33
CA LYS A 38 -1.85 -15.68 6.24
C LYS A 38 -2.32 -15.53 7.68
N ALA A 39 -1.99 -14.41 8.31
CA ALA A 39 -2.38 -14.15 9.70
C ALA A 39 -1.95 -12.75 10.12
N SER A 40 -2.88 -11.97 10.65
CA SER A 40 -2.55 -10.68 11.22
C SER A 40 -2.22 -10.89 12.69
N ARG A 41 -2.72 -10.00 13.55
CA ARG A 41 -2.60 -10.19 14.98
C ARG A 41 -3.39 -11.43 15.42
N LYS A 42 -4.17 -11.98 14.48
CA LYS A 42 -4.98 -13.19 14.70
C LYS A 42 -6.00 -12.98 15.81
N PHE A 43 -6.28 -11.73 16.09
CA PHE A 43 -7.21 -11.39 17.15
C PHE A 43 -8.54 -11.02 16.52
N HIS A 44 -8.45 -10.27 15.44
CA HIS A 44 -9.57 -10.04 14.55
C HIS A 44 -9.03 -9.58 13.22
N GLY A 45 -8.42 -10.48 12.49
CA GLY A 45 -7.85 -10.14 11.22
C GLY A 45 -6.87 -11.16 10.72
N ASN A 46 -6.97 -11.47 9.44
CA ASN A 46 -5.97 -12.27 8.75
C ASN A 46 -5.15 -11.35 7.89
N LEU A 47 -3.91 -11.73 7.64
CA LEU A 47 -3.03 -10.93 6.82
C LEU A 47 -3.32 -11.22 5.36
N TYR A 48 -3.52 -10.18 4.58
CA TYR A 48 -3.83 -10.34 3.18
C TYR A 48 -2.72 -9.76 2.34
N ARG A 49 -2.11 -10.60 1.54
CA ARG A 49 -1.03 -10.18 0.66
C ARG A 49 -1.50 -10.22 -0.78
N VAL A 50 -1.10 -9.26 -1.59
CA VAL A 50 -1.51 -9.26 -2.97
C VAL A 50 -0.29 -9.12 -3.87
N GLU A 51 -0.34 -9.80 -5.00
CA GLU A 51 0.78 -9.90 -5.90
C GLU A 51 0.28 -9.97 -7.32
N GLY A 52 0.53 -8.92 -8.06
CA GLY A 52 0.02 -8.85 -9.41
C GLY A 52 1.05 -8.30 -10.36
N ILE A 53 1.20 -8.93 -11.50
CA ILE A 53 2.12 -8.42 -12.48
C ILE A 53 1.46 -7.34 -13.31
N ILE A 54 2.03 -6.16 -13.23
CA ILE A 54 1.58 -5.05 -14.03
C ILE A 54 2.48 -4.96 -15.27
N PRO A 55 1.91 -5.22 -16.45
CA PRO A 55 2.63 -5.22 -17.73
C PRO A 55 3.16 -3.85 -18.13
N GLU A 56 3.78 -3.16 -17.18
CA GLU A 56 4.37 -1.88 -17.42
C GLU A 56 5.73 -1.87 -16.74
N SER A 57 6.47 -0.79 -16.87
CA SER A 57 7.76 -0.69 -16.25
C SER A 57 7.61 -0.31 -14.80
N PRO A 58 8.45 -0.95 -13.96
CA PRO A 58 8.52 -0.71 -12.52
C PRO A 58 8.91 0.75 -12.24
N ALA A 59 9.30 1.43 -13.31
CA ALA A 59 9.63 2.84 -13.27
C ALA A 59 8.38 3.66 -12.97
N LYS A 60 7.32 3.45 -13.75
CA LYS A 60 6.07 4.15 -13.53
C LYS A 60 5.41 3.60 -12.28
N LEU A 61 5.75 2.36 -11.94
CA LEU A 61 5.29 1.76 -10.69
C LEU A 61 5.86 2.54 -9.51
N SER A 62 7.18 2.57 -9.44
CA SER A 62 7.88 3.30 -8.39
C SER A 62 7.61 4.80 -8.52
N ASP A 63 7.08 5.19 -9.67
CA ASP A 63 6.78 6.59 -9.93
C ASP A 63 5.46 6.99 -9.29
N PHE A 64 4.43 6.16 -9.47
CA PHE A 64 3.09 6.54 -9.05
C PHE A 64 2.92 6.43 -7.53
N LEU A 65 3.39 5.34 -6.93
CA LEU A 65 3.10 5.06 -5.53
C LEU A 65 4.03 5.84 -4.62
N TYR A 66 4.99 6.54 -5.21
CA TYR A 66 6.13 7.02 -4.46
C TYR A 66 5.72 7.77 -3.19
N GLN A 67 4.77 8.70 -3.35
CA GLN A 67 4.24 9.54 -2.26
C GLN A 67 3.68 10.81 -2.84
N THR A 68 2.38 10.96 -2.70
CA THR A 68 1.66 12.15 -3.11
C THR A 68 2.11 12.70 -4.46
N GLY A 69 2.53 11.82 -5.36
CA GLY A 69 3.10 12.26 -6.60
C GLY A 69 2.07 12.33 -7.69
N ASP A 70 1.06 11.52 -7.54
CA ASP A 70 0.04 11.32 -8.56
C ASP A 70 -0.86 10.22 -8.10
N ARG A 71 -0.29 9.32 -7.31
CA ARG A 71 -1.02 8.20 -6.73
C ARG A 71 -2.37 8.65 -6.21
N ILE A 72 -2.36 9.66 -5.35
CA ILE A 72 -3.58 10.12 -4.73
C ILE A 72 -4.40 10.97 -5.66
N THR A 73 -3.80 11.37 -6.76
CA THR A 73 -4.39 12.37 -7.58
C THR A 73 -5.29 11.72 -8.63
N TRP A 74 -4.94 10.50 -9.03
CA TRP A 74 -5.75 9.76 -10.00
C TRP A 74 -6.42 8.55 -9.36
N ASP A 75 -6.11 8.33 -8.09
CA ASP A 75 -6.53 7.12 -7.38
C ASP A 75 -8.04 7.03 -7.19
N LYS A 76 -8.44 5.90 -6.61
CA LYS A 76 -9.83 5.57 -6.37
C LYS A 76 -10.06 5.31 -4.88
N SER A 77 -9.02 4.87 -4.20
CA SER A 77 -9.10 4.56 -2.79
C SER A 77 -8.25 5.55 -2.02
N LEU A 78 -7.65 6.47 -2.75
CA LEU A 78 -6.84 7.53 -2.15
C LEU A 78 -7.55 8.86 -2.26
N GLN A 79 -6.97 9.88 -1.64
CA GLN A 79 -7.59 11.18 -1.55
C GLN A 79 -6.53 12.24 -1.31
N VAL A 80 -5.91 12.15 -0.16
CA VAL A 80 -5.04 13.20 0.33
C VAL A 80 -3.78 12.58 0.93
N TYR A 81 -2.64 12.90 0.37
CA TYR A 81 -1.39 12.42 0.94
C TYR A 81 -0.64 13.59 1.57
N ASN A 82 -0.33 13.44 2.84
CA ASN A 82 0.32 14.47 3.61
C ASN A 82 1.63 13.94 4.12
N MET A 83 2.68 14.63 3.79
CA MET A 83 4.01 14.22 4.20
C MET A 83 4.31 14.82 5.57
N VAL A 84 4.15 14.00 6.60
CA VAL A 84 4.06 14.50 7.98
C VAL A 84 5.42 14.88 8.52
N HIS A 85 6.30 13.90 8.59
CA HIS A 85 7.65 14.12 9.06
C HIS A 85 8.59 13.22 8.28
N ARG A 86 9.66 13.80 7.76
CA ARG A 86 10.61 13.04 6.99
C ARG A 86 11.91 12.93 7.77
N ILE A 87 12.44 11.72 7.82
CA ILE A 87 13.54 11.40 8.73
C ILE A 87 14.88 11.54 8.04
N ASP A 88 14.95 11.03 6.83
CA ASP A 88 16.19 10.99 6.09
C ASP A 88 15.87 11.06 4.61
N SER A 89 16.81 10.69 3.77
CA SER A 89 16.67 10.88 2.35
C SER A 89 15.51 10.04 1.76
N ASP A 90 15.28 8.86 2.33
CA ASP A 90 14.28 7.95 1.79
C ASP A 90 13.49 7.33 2.92
N THR A 91 13.29 8.11 3.97
CA THR A 91 12.57 7.64 5.12
C THR A 91 11.55 8.69 5.50
N PHE A 92 10.29 8.38 5.24
CA PHE A 92 9.23 9.35 5.41
C PHE A 92 8.18 8.81 6.35
N ILE A 93 7.25 9.65 6.73
CA ILE A 93 6.09 9.18 7.45
C ILE A 93 4.84 9.56 6.67
N CYS A 94 3.99 8.57 6.48
CA CYS A 94 2.85 8.68 5.59
C CYS A 94 1.60 9.12 6.34
N HIS A 95 1.07 10.27 5.96
CA HIS A 95 -0.30 10.63 6.32
C HIS A 95 -1.18 10.53 5.07
N THR A 96 -1.75 9.37 4.87
CA THR A 96 -2.55 9.11 3.68
C THR A 96 -4.03 9.00 4.02
N ILE A 97 -4.85 9.85 3.43
CA ILE A 97 -6.28 9.73 3.59
C ILE A 97 -6.83 8.71 2.60
N THR A 98 -7.61 7.79 3.13
CA THR A 98 -8.14 6.68 2.39
C THR A 98 -9.63 6.89 2.11
N GLN A 99 -10.12 6.30 1.04
CA GLN A 99 -11.52 6.41 0.67
C GLN A 99 -12.33 5.26 1.25
N SER A 100 -13.65 5.41 1.17
CA SER A 100 -14.58 4.46 1.79
C SER A 100 -14.98 3.36 0.82
N PHE A 101 -14.00 2.71 0.19
CA PHE A 101 -14.27 1.73 -0.83
C PHE A 101 -14.77 0.42 -0.24
N ALA A 102 -16.06 0.23 -0.35
CA ALA A 102 -16.72 -1.00 0.07
C ALA A 102 -18.12 -1.08 -0.52
N VAL A 103 -18.76 0.08 -0.56
CA VAL A 103 -20.15 0.24 -0.96
C VAL A 103 -20.68 1.52 -0.31
N GLY A 104 -19.96 1.94 0.71
CA GLY A 104 -20.36 3.09 1.50
C GLY A 104 -20.61 2.70 2.95
N SER A 105 -19.98 1.62 3.40
CA SER A 105 -20.14 1.18 4.79
C SER A 105 -18.93 1.61 5.62
N ILE A 106 -17.98 2.23 4.95
CA ILE A 106 -16.73 2.63 5.59
C ILE A 106 -16.64 4.15 5.61
N SER A 107 -16.00 4.69 6.63
CA SER A 107 -15.76 6.12 6.71
C SER A 107 -14.33 6.42 6.25
N PRO A 108 -14.05 7.66 5.82
CA PRO A 108 -12.71 8.08 5.40
C PRO A 108 -11.65 7.65 6.40
N ARG A 109 -10.74 6.79 5.96
CA ARG A 109 -9.77 6.20 6.87
C ARG A 109 -8.44 6.90 6.67
N ASP A 110 -7.64 7.00 7.71
CA ASP A 110 -6.35 7.64 7.57
C ASP A 110 -5.24 6.64 7.79
N PHE A 111 -4.16 6.86 7.09
CA PHE A 111 -2.97 6.05 7.27
C PHE A 111 -1.84 6.90 7.80
N ILE A 112 -1.23 6.44 8.88
CA ILE A 112 0.01 7.01 9.38
C ILE A 112 1.03 5.92 9.54
N ASP A 113 1.63 5.57 8.44
CA ASP A 113 2.62 4.52 8.43
C ASP A 113 3.97 5.12 8.11
N LEU A 114 4.95 4.80 8.92
CA LEU A 114 6.29 5.25 8.65
C LEU A 114 6.88 4.44 7.53
N VAL A 115 7.26 5.12 6.50
CA VAL A 115 7.53 4.51 5.24
C VAL A 115 8.99 4.65 4.86
N TYR A 116 9.61 3.53 4.62
CA TYR A 116 10.95 3.53 4.15
C TYR A 116 11.01 2.96 2.74
N ILE A 117 11.57 3.73 1.82
CA ILE A 117 11.66 3.32 0.44
C ILE A 117 13.03 2.74 0.14
N LYS A 118 13.09 1.43 0.04
CA LYS A 118 14.31 0.74 -0.31
C LYS A 118 14.32 0.41 -1.79
N ARG A 119 15.37 0.79 -2.48
CA ARG A 119 15.45 0.58 -3.91
C ARG A 119 16.58 -0.37 -4.20
N TYR A 120 16.24 -1.65 -4.26
CA TYR A 120 17.20 -2.65 -4.63
C TYR A 120 17.46 -2.54 -6.12
N GLU A 121 18.70 -2.19 -6.42
CA GLU A 121 19.23 -2.05 -7.79
C GLU A 121 18.50 -2.92 -8.81
N GLY A 122 17.45 -2.35 -9.41
CA GLY A 122 16.66 -3.05 -10.41
C GLY A 122 16.16 -4.39 -9.91
N ASN A 123 15.70 -4.39 -8.67
CA ASN A 123 15.25 -5.61 -8.02
C ASN A 123 13.95 -5.36 -7.27
N MET A 124 13.89 -4.30 -6.48
CA MET A 124 12.68 -4.01 -5.70
C MET A 124 12.66 -2.57 -5.21
N ASN A 125 11.64 -1.85 -5.61
CA ASN A 125 11.42 -0.49 -5.15
C ASN A 125 10.27 -0.51 -4.14
N ILE A 126 10.62 -0.92 -2.94
CA ILE A 126 9.64 -1.16 -1.90
C ILE A 126 9.41 0.07 -1.01
N ILE A 127 8.15 0.33 -0.67
CA ILE A 127 7.85 1.27 0.41
C ILE A 127 7.38 0.48 1.65
N SER A 128 8.29 0.32 2.59
CA SER A 128 7.99 -0.36 3.84
C SER A 128 7.40 0.61 4.84
N SER A 129 6.13 0.42 5.12
CA SER A 129 5.40 1.30 6.00
C SER A 129 5.14 0.63 7.35
N LYS A 130 5.34 1.39 8.40
CA LYS A 130 5.19 0.87 9.74
C LYS A 130 4.28 1.79 10.50
N SER A 131 3.10 1.31 10.84
CA SER A 131 2.09 2.12 11.48
C SER A 131 2.65 2.68 12.76
N VAL A 132 3.10 3.90 12.66
CA VAL A 132 3.91 4.45 13.67
C VAL A 132 3.14 5.51 14.42
N ASP A 133 3.23 5.44 15.71
CA ASP A 133 2.43 6.29 16.58
C ASP A 133 3.26 7.48 16.96
N PHE A 134 3.46 8.34 15.98
CA PHE A 134 4.37 9.46 16.13
C PHE A 134 3.59 10.75 16.44
N PRO A 135 4.28 11.75 17.01
CA PRO A 135 3.64 12.95 17.60
C PRO A 135 2.87 13.84 16.63
N GLU A 136 3.25 13.83 15.35
CA GLU A 136 2.76 14.85 14.43
C GLU A 136 1.30 14.62 14.12
N TYR A 137 0.85 13.39 14.33
CA TYR A 137 -0.52 13.05 14.02
C TYR A 137 -1.19 12.25 15.12
N PRO A 138 -2.12 12.88 15.85
CA PRO A 138 -3.09 12.20 16.68
C PRO A 138 -4.43 12.06 15.93
N PRO A 139 -4.90 10.81 15.69
CA PRO A 139 -6.16 10.58 14.98
C PRO A 139 -7.36 11.13 15.74
N SER A 140 -8.55 10.91 15.20
CA SER A 140 -9.75 11.53 15.73
C SER A 140 -10.93 10.58 15.56
N SER A 141 -12.14 11.10 15.64
CA SER A 141 -13.30 10.25 15.54
C SER A 141 -13.62 9.92 14.08
N ASN A 142 -13.49 10.90 13.21
CA ASN A 142 -13.83 10.73 11.80
C ASN A 142 -12.86 9.78 11.10
N TYR A 143 -11.58 9.95 11.41
CA TYR A 143 -10.53 9.22 10.73
C TYR A 143 -9.99 8.12 11.62
N ILE A 144 -9.81 6.94 11.05
CA ILE A 144 -9.32 5.83 11.80
C ILE A 144 -7.92 5.48 11.34
N ARG A 145 -6.96 5.88 12.15
CA ARG A 145 -5.54 5.62 11.92
C ARG A 145 -5.31 4.14 11.63
N GLY A 146 -5.17 3.82 10.36
CA GLY A 146 -4.91 2.45 9.96
C GLY A 146 -3.61 1.92 10.51
N TYR A 147 -3.71 0.99 11.45
CA TYR A 147 -2.52 0.41 12.04
C TYR A 147 -2.03 -0.75 11.17
N ASN A 148 -1.29 -0.42 10.13
CA ASN A 148 -0.71 -1.43 9.26
C ASN A 148 0.54 -2.01 9.92
N HIS A 149 0.39 -3.19 10.52
CA HIS A 149 1.52 -3.88 11.12
C HIS A 149 2.59 -4.11 10.07
N PRO A 150 3.78 -3.48 10.24
CA PRO A 150 4.77 -3.21 9.20
C PRO A 150 4.48 -3.85 7.84
N CYS A 151 3.42 -3.37 7.21
CA CYS A 151 3.03 -3.83 5.89
C CYS A 151 3.75 -3.01 4.86
N GLY A 152 4.01 -3.58 3.72
CA GLY A 152 4.77 -2.85 2.73
C GLY A 152 4.25 -3.06 1.35
N PHE A 153 5.08 -2.72 0.39
CA PHE A 153 4.66 -2.53 -0.97
C PHE A 153 5.88 -2.63 -1.84
N VAL A 154 6.27 -3.84 -2.17
CA VAL A 154 7.49 -4.03 -2.92
C VAL A 154 7.19 -4.15 -4.41
N CYS A 155 7.92 -3.38 -5.17
CA CYS A 155 7.78 -3.41 -6.61
C CYS A 155 9.01 -4.03 -7.24
N SER A 156 8.84 -5.14 -7.93
CA SER A 156 9.97 -5.91 -8.39
C SER A 156 10.06 -5.92 -9.91
N PRO A 157 11.11 -5.28 -10.46
CA PRO A 157 11.47 -5.46 -11.85
C PRO A 157 11.69 -6.94 -12.15
N MET A 158 10.90 -7.49 -13.07
CA MET A 158 10.97 -8.92 -13.35
C MET A 158 12.13 -9.25 -14.27
N GLU A 159 12.20 -10.47 -14.73
CA GLU A 159 13.14 -10.82 -15.79
C GLU A 159 12.71 -10.11 -17.06
N GLU A 160 11.39 -9.93 -17.18
CA GLU A 160 10.78 -9.21 -18.28
C GLU A 160 10.38 -7.81 -17.80
N ASN A 161 11.13 -7.34 -16.82
CA ASN A 161 10.81 -6.11 -16.06
C ASN A 161 10.21 -4.96 -16.86
N PRO A 162 10.76 -4.56 -18.03
CA PRO A 162 10.25 -3.37 -18.71
C PRO A 162 8.88 -3.62 -19.34
N ALA A 163 8.53 -4.89 -19.51
CA ALA A 163 7.27 -5.26 -20.11
C ALA A 163 6.33 -5.88 -19.08
N TYR A 164 6.90 -6.41 -18.01
CA TYR A 164 6.15 -7.00 -16.91
C TYR A 164 6.82 -6.67 -15.59
N SER A 165 6.10 -6.00 -14.70
CA SER A 165 6.66 -5.66 -13.42
C SER A 165 5.90 -6.32 -12.28
N LYS A 166 6.64 -6.74 -11.25
CA LYS A 166 6.03 -7.49 -10.17
C LYS A 166 5.63 -6.58 -9.01
N LEU A 167 4.34 -6.35 -8.93
CA LEU A 167 3.74 -5.58 -7.86
C LEU A 167 3.33 -6.52 -6.72
N VAL A 168 4.09 -6.50 -5.63
CA VAL A 168 3.79 -7.38 -4.49
C VAL A 168 3.71 -6.59 -3.17
N MET A 169 2.59 -6.75 -2.48
CA MET A 169 2.27 -5.97 -1.31
C MET A 169 1.60 -6.85 -0.27
N PHE A 170 1.80 -6.58 1.01
CA PHE A 170 1.02 -7.26 2.03
C PHE A 170 0.41 -6.25 2.98
N VAL A 171 -0.80 -6.56 3.42
CA VAL A 171 -1.55 -5.76 4.35
C VAL A 171 -1.87 -6.58 5.60
N GLN A 172 -1.36 -6.12 6.72
CA GLN A 172 -1.66 -6.67 8.02
C GLN A 172 -2.25 -5.54 8.85
N THR A 173 -3.20 -4.89 8.20
CA THR A 173 -3.83 -3.69 8.74
C THR A 173 -4.76 -4.03 9.91
N GLU A 174 -4.92 -3.08 10.83
CA GLU A 174 -5.79 -3.28 11.96
C GLU A 174 -6.78 -2.13 12.05
N MET A 175 -7.93 -2.34 11.44
CA MET A 175 -9.05 -1.43 11.50
C MET A 175 -9.53 -1.29 12.94
N ARG A 176 -8.91 -0.37 13.66
CA ARG A 176 -9.26 -0.11 15.06
C ARG A 176 -10.62 0.57 15.23
N GLY A 177 -11.47 0.46 14.21
CA GLY A 177 -12.81 1.00 14.34
C GLY A 177 -13.54 1.11 13.01
N LYS A 178 -14.75 1.66 13.07
CA LYS A 178 -15.58 1.96 11.89
C LYS A 178 -16.23 0.72 11.28
N LEU A 179 -15.43 -0.19 10.75
CA LEU A 179 -15.93 -1.32 10.02
C LEU A 179 -16.31 -2.45 10.96
N SER A 180 -17.13 -3.32 10.44
CA SER A 180 -17.59 -4.50 11.15
C SER A 180 -17.02 -5.73 10.47
N PRO A 181 -17.04 -6.91 11.13
CA PRO A 181 -16.49 -8.16 10.61
C PRO A 181 -16.68 -8.36 9.10
N SER A 182 -17.91 -8.22 8.64
CA SER A 182 -18.26 -8.50 7.25
C SER A 182 -17.80 -7.39 6.30
N ILE A 183 -17.36 -6.25 6.84
CA ILE A 183 -16.94 -5.13 6.01
C ILE A 183 -15.47 -5.26 5.71
N ILE A 184 -14.80 -5.77 6.70
CA ILE A 184 -13.38 -5.98 6.71
C ILE A 184 -13.00 -7.10 5.75
N GLU A 185 -13.82 -8.14 5.71
CA GLU A 185 -13.62 -9.22 4.78
C GLU A 185 -13.80 -8.70 3.35
N LYS A 186 -14.45 -7.54 3.25
CA LYS A 186 -14.61 -6.88 1.97
C LYS A 186 -13.49 -5.88 1.77
N THR A 187 -13.10 -5.19 2.85
CA THR A 187 -12.15 -4.09 2.71
C THR A 187 -10.75 -4.56 2.33
N MET A 188 -10.40 -5.81 2.64
CA MET A 188 -9.07 -6.32 2.28
C MET A 188 -8.99 -6.74 0.80
N PRO A 189 -9.78 -7.75 0.38
CA PRO A 189 -9.70 -8.27 -0.99
C PRO A 189 -10.11 -7.21 -2.03
N SER A 190 -10.91 -6.26 -1.61
CA SER A 190 -11.33 -5.21 -2.52
C SER A 190 -10.29 -4.11 -2.61
N ASN A 191 -9.52 -3.92 -1.55
CA ASN A 191 -8.59 -2.81 -1.48
C ASN A 191 -7.22 -3.19 -2.03
N LEU A 192 -6.79 -4.43 -1.79
CA LEU A 192 -5.47 -4.86 -2.23
C LEU A 192 -5.38 -4.87 -3.73
N VAL A 193 -6.39 -5.45 -4.36
CA VAL A 193 -6.45 -5.51 -5.80
C VAL A 193 -6.64 -4.12 -6.35
N ASN A 194 -7.32 -3.30 -5.57
CA ASN A 194 -7.61 -1.94 -5.93
C ASN A 194 -6.34 -1.11 -5.87
N PHE A 195 -5.48 -1.38 -4.90
CA PHE A 195 -4.16 -0.75 -4.84
C PHE A 195 -3.37 -1.09 -6.09
N ILE A 196 -3.57 -2.30 -6.59
CA ILE A 196 -2.92 -2.72 -7.82
C ILE A 196 -3.65 -2.16 -9.03
N LEU A 197 -4.94 -1.95 -8.88
CA LEU A 197 -5.74 -1.34 -9.94
C LEU A 197 -5.43 0.12 -10.06
N ASN A 198 -5.17 0.73 -8.92
CA ASN A 198 -4.55 2.04 -8.89
C ASN A 198 -3.33 1.99 -9.78
N ALA A 199 -2.54 0.96 -9.59
CA ALA A 199 -1.30 0.83 -10.28
C ALA A 199 -1.55 0.60 -11.76
N LYS A 200 -2.49 -0.28 -12.06
CA LYS A 200 -2.94 -0.49 -13.43
C LYS A 200 -3.37 0.84 -14.03
N ASP A 201 -4.17 1.57 -13.28
CA ASP A 201 -4.85 2.75 -13.79
C ASP A 201 -3.88 3.93 -13.89
N GLY A 202 -3.01 4.08 -12.92
CA GLY A 202 -2.03 5.17 -12.97
C GLY A 202 -0.90 4.87 -13.93
N ILE A 203 -0.63 3.59 -14.11
CA ILE A 203 0.32 3.11 -15.10
C ILE A 203 -0.25 3.27 -16.50
N LYS A 204 -1.53 3.00 -16.65
CA LYS A 204 -2.19 3.14 -17.94
C LYS A 204 -2.58 4.58 -18.15
N ALA A 205 -2.60 5.33 -17.08
CA ALA A 205 -2.69 6.78 -17.18
C ALA A 205 -1.41 7.28 -17.83
N HIS A 206 -0.34 6.50 -17.68
CA HIS A 206 0.93 6.80 -18.33
C HIS A 206 0.94 6.36 -19.80
N ARG A 207 0.59 5.09 -20.05
CA ARG A 207 0.76 4.52 -21.39
C ARG A 207 -0.50 4.69 -22.25
N THR A 208 -1.65 4.63 -21.61
CA THR A 208 -2.93 4.70 -22.29
C THR A 208 -3.48 6.13 -22.21
N PRO A 209 -4.28 6.56 -23.20
CA PRO A 209 -5.06 7.81 -23.10
C PRO A 209 -6.13 7.73 -22.00
N SER A 210 -5.75 7.20 -20.85
CA SER A 210 -6.66 7.03 -19.72
C SER A 210 -6.53 8.22 -18.78
N ARG A 211 -6.36 9.39 -19.37
CA ARG A 211 -6.18 10.63 -18.61
C ARG A 211 -7.53 11.22 -18.22
N ARG A 212 -8.53 10.35 -18.18
CA ARG A 212 -9.85 10.70 -17.66
C ARG A 212 -9.76 11.04 -16.18
N GLY A 213 -8.79 10.44 -15.51
CA GLY A 213 -8.55 10.73 -14.11
C GLY A 213 -7.37 11.65 -13.92
N PHE A 214 -6.92 12.26 -15.02
CA PHE A 214 -5.77 13.15 -14.98
C PHE A 214 -6.11 14.40 -14.17
N HIS A 215 -5.40 14.60 -13.06
CA HIS A 215 -5.65 15.72 -12.16
C HIS A 215 -7.04 15.64 -11.55
N HIS A 216 -7.40 14.47 -11.03
CA HIS A 216 -8.68 14.30 -10.36
C HIS A 216 -8.62 14.93 -8.97
N ASN A 217 -7.53 14.63 -8.24
CA ASN A 217 -7.32 15.15 -6.90
C ASN A 217 -8.40 14.69 -5.93
N SER A 218 -8.42 15.29 -4.75
CA SER A 218 -9.46 15.03 -3.78
C SER A 218 -10.51 16.12 -3.85
N HIS A 219 -10.04 17.37 -3.80
CA HIS A 219 -10.92 18.53 -3.84
C HIS A 219 -10.07 19.80 -3.94
N SER A 220 -8.85 19.72 -3.45
CA SER A 220 -7.90 20.82 -3.54
C SER A 220 -6.49 20.24 -3.46
N MET A 1 19.73 7.37 14.07
CA MET A 1 18.40 7.34 13.41
C MET A 1 17.36 6.75 14.34
N ASP A 2 16.11 6.77 13.89
CA ASP A 2 15.00 6.24 14.64
C ASP A 2 14.00 5.67 13.68
N PHE A 3 13.40 6.54 12.87
CA PHE A 3 12.42 6.13 11.90
C PHE A 3 13.06 5.28 10.84
N LYS A 4 14.31 5.56 10.55
CA LYS A 4 15.01 4.86 9.54
C LYS A 4 15.38 3.51 10.08
N ALA A 5 15.85 3.50 11.32
CA ALA A 5 16.30 2.28 11.99
C ALA A 5 15.26 1.16 11.90
N ILE A 6 14.02 1.46 12.28
CA ILE A 6 13.02 0.40 12.41
C ILE A 6 12.39 0.10 11.07
N ALA A 7 12.32 1.12 10.23
CA ALA A 7 11.75 1.01 8.91
C ALA A 7 12.68 0.27 7.97
N GLN A 8 13.94 0.60 8.11
CA GLN A 8 15.02 -0.02 7.36
C GLN A 8 15.10 -1.50 7.70
N GLN A 9 14.74 -1.81 8.93
CA GLN A 9 14.66 -3.20 9.36
C GLN A 9 13.33 -3.79 8.93
N THR A 10 12.34 -2.92 8.87
CA THR A 10 11.00 -3.29 8.49
C THR A 10 10.92 -3.59 6.99
N ALA A 11 11.64 -2.83 6.18
CA ALA A 11 11.74 -3.12 4.75
C ALA A 11 12.00 -4.59 4.46
N GLN A 12 13.14 -5.07 4.91
CA GLN A 12 13.53 -6.46 4.69
C GLN A 12 12.65 -7.42 5.51
N GLU A 13 11.79 -6.85 6.34
CA GLU A 13 10.89 -7.64 7.17
C GLU A 13 9.61 -7.93 6.41
N VAL A 14 9.07 -6.91 5.73
CA VAL A 14 7.89 -7.12 4.91
C VAL A 14 8.28 -7.76 3.60
N LEU A 15 9.49 -7.47 3.18
CA LEU A 15 10.07 -8.13 2.04
C LEU A 15 10.50 -9.50 2.47
N GLY A 16 10.65 -9.64 3.77
CA GLY A 16 10.87 -10.94 4.36
C GLY A 16 9.66 -11.81 4.13
N TYR A 17 8.52 -11.15 3.90
CA TYR A 17 7.29 -11.83 3.58
C TYR A 17 7.26 -12.20 2.12
N ASN A 18 7.89 -11.37 1.28
CA ASN A 18 7.96 -11.68 -0.15
C ASN A 18 8.83 -12.93 -0.38
N ARG A 19 9.54 -13.31 0.67
CA ARG A 19 10.40 -14.49 0.65
C ARG A 19 9.77 -15.57 1.51
N ASP A 20 8.64 -15.22 2.11
CA ASP A 20 7.94 -16.07 3.05
C ASP A 20 6.69 -16.65 2.41
N THR A 21 6.63 -17.96 2.33
CA THR A 21 5.50 -18.61 1.70
C THR A 21 5.02 -19.77 2.56
N SER A 22 3.79 -19.70 3.01
CA SER A 22 3.32 -20.58 4.07
C SER A 22 1.93 -21.13 3.76
N GLY A 23 1.26 -21.63 4.79
CA GLY A 23 -0.08 -22.18 4.63
C GLY A 23 -1.14 -21.10 4.50
N TRP A 24 -1.01 -20.29 3.45
CA TRP A 24 -1.99 -19.28 3.13
C TRP A 24 -2.95 -19.83 2.09
N LYS A 25 -3.57 -18.94 1.36
CA LYS A 25 -4.54 -19.29 0.37
C LYS A 25 -4.96 -18.05 -0.35
N VAL A 26 -4.97 -18.11 -1.64
CA VAL A 26 -5.43 -16.98 -2.41
C VAL A 26 -6.90 -16.78 -2.18
N VAL A 27 -7.22 -15.64 -1.62
CA VAL A 27 -8.58 -15.33 -1.27
C VAL A 27 -9.26 -14.67 -2.45
N LYS A 28 -8.46 -14.06 -3.32
CA LYS A 28 -9.00 -13.37 -4.46
C LYS A 28 -7.97 -13.22 -5.57
N THR A 29 -8.43 -13.41 -6.80
CA THR A 29 -7.60 -13.21 -7.98
C THR A 29 -8.40 -12.65 -9.12
N SER A 30 -7.73 -11.92 -9.99
CA SER A 30 -8.35 -11.45 -11.23
C SER A 30 -7.57 -11.97 -12.44
N LYS A 31 -6.88 -13.10 -12.26
CA LYS A 31 -6.19 -13.79 -13.35
C LYS A 31 -5.00 -12.98 -13.84
N LYS A 32 -4.32 -12.38 -12.87
CA LYS A 32 -3.15 -11.55 -13.12
C LYS A 32 -2.69 -10.98 -11.79
N ILE A 33 -3.66 -10.77 -10.91
CA ILE A 33 -3.41 -10.31 -9.55
C ILE A 33 -3.92 -11.34 -8.57
N THR A 34 -3.30 -11.39 -7.40
CA THR A 34 -3.45 -12.51 -6.49
C THR A 34 -3.25 -12.07 -5.04
N VAL A 35 -4.31 -12.13 -4.25
CA VAL A 35 -4.16 -11.92 -2.81
C VAL A 35 -4.21 -13.23 -2.04
N SER A 36 -3.08 -13.61 -1.48
CA SER A 36 -2.96 -14.82 -0.68
C SER A 36 -2.98 -14.48 0.81
N SER A 37 -4.00 -15.02 1.47
CA SER A 37 -4.27 -14.69 2.85
C SER A 37 -3.92 -15.86 3.77
N LYS A 38 -3.19 -15.57 4.85
CA LYS A 38 -2.94 -16.56 5.89
C LYS A 38 -3.26 -16.03 7.29
N ALA A 39 -2.27 -15.48 7.99
CA ALA A 39 -2.43 -15.09 9.38
C ALA A 39 -1.60 -13.86 9.72
N SER A 40 -2.18 -12.94 10.48
CA SER A 40 -1.46 -11.77 10.95
C SER A 40 -1.03 -11.96 12.39
N ARG A 41 0.19 -11.56 12.70
CA ARG A 41 0.72 -11.68 14.05
C ARG A 41 0.23 -10.55 14.94
N LYS A 42 -0.78 -9.83 14.47
CA LYS A 42 -1.38 -8.75 15.23
C LYS A 42 -1.87 -9.25 16.57
N PHE A 43 -2.34 -10.52 16.56
CA PHE A 43 -2.94 -11.20 17.71
C PHE A 43 -3.91 -12.25 17.20
N HIS A 44 -5.02 -11.80 16.64
CA HIS A 44 -6.05 -12.69 16.11
C HIS A 44 -6.62 -12.14 14.80
N GLY A 45 -5.93 -12.42 13.71
CA GLY A 45 -6.40 -11.99 12.41
C GLY A 45 -5.57 -12.58 11.29
N ASN A 46 -5.93 -12.27 10.07
CA ASN A 46 -5.24 -12.81 8.90
C ASN A 46 -4.45 -11.74 8.18
N LEU A 47 -3.47 -12.18 7.39
CA LEU A 47 -2.57 -11.29 6.67
C LEU A 47 -2.69 -11.56 5.19
N TYR A 48 -2.60 -10.50 4.38
CA TYR A 48 -2.87 -10.62 2.96
C TYR A 48 -1.64 -10.25 2.16
N ARG A 49 -1.21 -11.18 1.31
CA ARG A 49 -0.19 -10.89 0.32
C ARG A 49 -0.87 -10.43 -0.96
N VAL A 50 -0.70 -9.18 -1.29
CA VAL A 50 -1.36 -8.61 -2.43
C VAL A 50 -0.38 -8.44 -3.58
N GLU A 51 -0.52 -9.30 -4.56
CA GLU A 51 0.47 -9.43 -5.61
C GLU A 51 -0.18 -9.34 -6.98
N GLY A 52 0.54 -8.79 -7.93
CA GLY A 52 0.07 -8.72 -9.29
C GLY A 52 1.17 -8.30 -10.22
N ILE A 53 1.17 -8.79 -11.45
CA ILE A 53 2.16 -8.34 -12.41
C ILE A 53 1.60 -7.18 -13.22
N ILE A 54 2.24 -6.04 -13.08
CA ILE A 54 1.91 -4.89 -13.86
C ILE A 54 2.91 -4.77 -15.02
N PRO A 55 2.43 -5.03 -16.25
CA PRO A 55 3.23 -4.95 -17.48
C PRO A 55 3.76 -3.54 -17.73
N GLU A 56 4.64 -3.11 -16.85
CA GLU A 56 5.26 -1.82 -16.93
C GLU A 56 6.57 -1.88 -16.14
N SER A 57 7.33 -0.81 -16.20
CA SER A 57 8.56 -0.74 -15.50
C SER A 57 8.31 -0.41 -14.04
N PRO A 58 9.06 -1.07 -13.17
CA PRO A 58 9.02 -0.86 -11.71
C PRO A 58 9.33 0.58 -11.38
N ALA A 59 9.87 1.28 -12.36
CA ALA A 59 10.16 2.69 -12.28
C ALA A 59 8.90 3.50 -12.25
N LYS A 60 8.01 3.22 -13.20
CA LYS A 60 6.78 3.96 -13.32
C LYS A 60 5.86 3.60 -12.17
N LEU A 61 6.03 2.37 -11.69
CA LEU A 61 5.34 1.91 -10.50
C LEU A 61 5.77 2.75 -9.30
N SER A 62 7.08 2.86 -9.11
CA SER A 62 7.63 3.70 -8.06
C SER A 62 7.36 5.17 -8.36
N ASP A 63 6.90 5.44 -9.58
CA ASP A 63 6.65 6.80 -10.01
C ASP A 63 5.21 7.23 -9.69
N PHE A 64 4.26 6.31 -9.71
CA PHE A 64 2.86 6.67 -9.47
C PHE A 64 2.58 6.77 -7.96
N LEU A 65 3.05 5.79 -7.18
CA LEU A 65 2.69 5.76 -5.76
C LEU A 65 3.53 6.74 -4.95
N TYR A 66 4.52 7.32 -5.64
CA TYR A 66 5.70 7.90 -5.00
C TYR A 66 5.40 8.57 -3.67
N GLN A 67 4.51 9.55 -3.69
CA GLN A 67 4.20 10.31 -2.48
C GLN A 67 2.82 10.96 -2.55
N THR A 68 2.73 12.09 -3.20
CA THR A 68 1.57 12.96 -3.10
C THR A 68 1.36 13.71 -4.40
N GLY A 69 1.75 13.07 -5.48
CA GLY A 69 1.82 13.75 -6.74
C GLY A 69 0.60 13.57 -7.57
N ASP A 70 0.09 12.37 -7.54
CA ASP A 70 -0.97 11.99 -8.45
C ASP A 70 -1.66 10.73 -7.97
N ARG A 71 -0.96 9.95 -7.16
CA ARG A 71 -1.47 8.70 -6.62
C ARG A 71 -2.84 8.91 -6.00
N ILE A 72 -3.04 10.09 -5.42
CA ILE A 72 -4.29 10.41 -4.74
C ILE A 72 -5.20 11.23 -5.63
N THR A 73 -4.74 11.57 -6.81
CA THR A 73 -5.54 12.37 -7.68
C THR A 73 -6.30 11.50 -8.68
N TRP A 74 -5.71 10.36 -9.05
CA TRP A 74 -6.35 9.43 -9.99
C TRP A 74 -6.85 8.18 -9.29
N ASP A 75 -6.64 8.14 -7.98
CA ASP A 75 -6.89 6.96 -7.15
C ASP A 75 -8.34 6.46 -7.18
N LYS A 76 -8.55 5.40 -6.42
CA LYS A 76 -9.86 4.85 -6.16
C LYS A 76 -9.99 4.34 -4.73
N SER A 77 -8.89 4.42 -3.98
CA SER A 77 -8.85 3.91 -2.62
C SER A 77 -8.24 4.96 -1.72
N LEU A 78 -7.99 6.11 -2.30
CA LEU A 78 -7.29 7.20 -1.61
C LEU A 78 -8.17 8.44 -1.52
N GLN A 79 -7.58 9.54 -1.09
CA GLN A 79 -8.29 10.78 -0.86
C GLN A 79 -7.31 11.94 -0.82
N VAL A 80 -6.46 11.91 0.19
CA VAL A 80 -5.56 13.02 0.50
C VAL A 80 -4.23 12.46 0.96
N TYR A 81 -3.15 13.15 0.65
CA TYR A 81 -1.84 12.73 1.10
C TYR A 81 -1.04 13.93 1.61
N ASN A 82 -0.49 13.79 2.79
CA ASN A 82 0.27 14.85 3.43
C ASN A 82 1.58 14.28 3.91
N MET A 83 2.65 14.85 3.43
CA MET A 83 3.99 14.42 3.78
C MET A 83 4.37 15.04 5.12
N VAL A 84 4.11 14.28 6.19
CA VAL A 84 4.16 14.80 7.56
C VAL A 84 5.60 15.06 7.99
N HIS A 85 6.26 14.01 8.45
CA HIS A 85 7.64 14.12 8.88
C HIS A 85 8.53 13.34 7.94
N ARG A 86 9.38 14.06 7.24
CA ARG A 86 10.33 13.47 6.33
C ARG A 86 11.68 13.33 7.02
N ILE A 87 12.04 12.10 7.34
CA ILE A 87 13.23 11.83 8.13
C ILE A 87 14.48 11.93 7.27
N ASP A 88 14.42 11.29 6.12
CA ASP A 88 15.57 11.19 5.26
C ASP A 88 15.08 11.21 3.81
N SER A 89 16.00 11.12 2.87
CA SER A 89 15.63 11.26 1.47
C SER A 89 14.76 10.10 0.98
N ASP A 90 14.73 9.00 1.73
CA ASP A 90 13.89 7.88 1.32
C ASP A 90 13.21 7.27 2.52
N THR A 91 12.98 8.09 3.55
CA THR A 91 12.31 7.63 4.71
C THR A 91 11.38 8.73 5.18
N PHE A 92 10.10 8.49 5.08
CA PHE A 92 9.13 9.50 5.41
C PHE A 92 8.03 8.90 6.26
N ILE A 93 7.10 9.74 6.67
CA ILE A 93 5.88 9.28 7.28
C ILE A 93 4.74 9.90 6.51
N CYS A 94 3.78 9.09 6.15
CA CYS A 94 2.69 9.55 5.30
C CYS A 94 1.41 9.76 6.08
N HIS A 95 0.79 10.90 5.88
CA HIS A 95 -0.58 11.13 6.32
C HIS A 95 -1.52 11.03 5.13
N THR A 96 -2.07 9.85 4.96
CA THR A 96 -2.89 9.56 3.81
C THR A 96 -4.32 9.27 4.22
N ILE A 97 -5.27 10.05 3.71
CA ILE A 97 -6.66 9.78 3.98
C ILE A 97 -7.12 8.62 3.10
N THR A 98 -7.47 7.54 3.76
CA THR A 98 -7.84 6.31 3.09
C THR A 98 -9.35 6.24 2.92
N GLN A 99 -9.80 5.82 1.74
CA GLN A 99 -11.22 5.67 1.48
C GLN A 99 -11.78 4.43 2.19
N SER A 100 -13.06 4.48 2.47
CA SER A 100 -13.75 3.41 3.14
C SER A 100 -14.21 2.33 2.16
N PHE A 101 -13.26 1.58 1.64
CA PHE A 101 -13.55 0.58 0.62
C PHE A 101 -14.06 -0.70 1.25
N ALA A 102 -15.39 -0.82 1.26
CA ALA A 102 -16.10 -2.02 1.73
C ALA A 102 -17.60 -1.78 1.64
N VAL A 103 -18.04 -1.31 0.48
CA VAL A 103 -19.44 -0.97 0.23
C VAL A 103 -19.83 0.34 0.93
N GLY A 104 -19.34 0.50 2.15
CA GLY A 104 -19.64 1.71 2.91
C GLY A 104 -19.79 1.44 4.40
N SER A 105 -19.31 0.28 4.85
CA SER A 105 -19.39 -0.10 6.25
C SER A 105 -18.40 0.70 7.09
N ILE A 106 -17.40 1.25 6.42
CA ILE A 106 -16.27 1.85 7.09
C ILE A 106 -16.31 3.37 6.94
N SER A 107 -15.62 4.07 7.82
CA SER A 107 -15.44 5.51 7.68
C SER A 107 -14.05 5.78 7.09
N PRO A 108 -13.88 6.91 6.36
CA PRO A 108 -12.59 7.30 5.80
C PRO A 108 -11.49 7.27 6.85
N ARG A 109 -10.42 6.56 6.56
CA ARG A 109 -9.42 6.27 7.57
C ARG A 109 -8.20 7.16 7.43
N ASP A 110 -7.41 7.18 8.49
CA ASP A 110 -6.20 7.96 8.54
C ASP A 110 -5.01 7.04 8.43
N PHE A 111 -4.29 7.14 7.35
CA PHE A 111 -3.15 6.29 7.14
C PHE A 111 -1.88 7.06 7.49
N ILE A 112 -1.29 6.69 8.61
CA ILE A 112 -0.04 7.31 9.05
C ILE A 112 0.99 6.22 9.22
N ASP A 113 1.61 5.87 8.14
CA ASP A 113 2.59 4.81 8.18
C ASP A 113 3.95 5.37 7.81
N LEU A 114 4.92 5.05 8.65
CA LEU A 114 6.29 5.42 8.39
C LEU A 114 6.86 4.54 7.33
N VAL A 115 7.32 5.15 6.29
CA VAL A 115 7.57 4.47 5.06
C VAL A 115 9.01 4.61 4.63
N TYR A 116 9.64 3.47 4.41
CA TYR A 116 10.98 3.46 3.91
C TYR A 116 11.04 2.96 2.47
N ILE A 117 11.62 3.77 1.60
CA ILE A 117 11.72 3.43 0.18
C ILE A 117 13.08 2.78 -0.08
N LYS A 118 13.08 1.47 -0.26
CA LYS A 118 14.32 0.73 -0.43
C LYS A 118 14.46 0.24 -1.88
N ARG A 119 15.70 0.13 -2.33
CA ARG A 119 16.00 -0.24 -3.68
C ARG A 119 16.95 -1.42 -3.69
N TYR A 120 16.39 -2.59 -3.84
CA TYR A 120 17.18 -3.76 -4.12
C TYR A 120 17.55 -3.68 -5.59
N GLU A 121 18.82 -3.39 -5.84
CA GLU A 121 19.36 -3.17 -7.18
C GLU A 121 18.79 -4.13 -8.21
N GLY A 122 17.76 -3.67 -8.90
CA GLY A 122 17.11 -4.44 -9.94
C GLY A 122 16.46 -5.68 -9.41
N ASN A 123 15.90 -5.57 -8.23
CA ASN A 123 15.25 -6.69 -7.59
C ASN A 123 13.95 -6.25 -6.91
N MET A 124 13.96 -5.09 -6.22
CA MET A 124 12.75 -4.61 -5.55
C MET A 124 12.77 -3.11 -5.32
N ASN A 125 11.65 -2.48 -5.62
CA ASN A 125 11.40 -1.09 -5.27
C ASN A 125 10.30 -1.05 -4.23
N ILE A 126 10.70 -1.22 -2.99
CA ILE A 126 9.75 -1.40 -1.90
C ILE A 126 9.61 -0.15 -1.04
N ILE A 127 8.38 0.20 -0.69
CA ILE A 127 8.15 1.19 0.35
C ILE A 127 7.54 0.50 1.57
N SER A 128 8.37 0.28 2.57
CA SER A 128 7.94 -0.39 3.78
C SER A 128 7.42 0.60 4.80
N SER A 129 6.19 0.40 5.21
CA SER A 129 5.47 1.38 6.00
C SER A 129 5.05 0.79 7.35
N LYS A 130 5.16 1.60 8.40
CA LYS A 130 4.79 1.16 9.73
C LYS A 130 3.85 2.17 10.31
N SER A 131 2.66 1.75 10.68
CA SER A 131 1.71 2.67 11.26
C SER A 131 2.30 3.20 12.55
N VAL A 132 2.86 4.36 12.45
CA VAL A 132 3.69 4.85 13.48
C VAL A 132 3.00 5.99 14.17
N ASP A 133 3.00 5.91 15.48
CA ASP A 133 2.18 6.77 16.29
C ASP A 133 2.99 7.97 16.71
N PHE A 134 3.34 8.75 15.72
CA PHE A 134 4.28 9.85 15.90
C PHE A 134 3.52 11.15 16.15
N PRO A 135 4.17 12.12 16.80
CA PRO A 135 3.50 13.32 17.35
C PRO A 135 2.99 14.31 16.31
N GLU A 136 3.51 14.26 15.09
CA GLU A 136 3.22 15.27 14.11
C GLU A 136 1.80 15.11 13.61
N TYR A 137 1.23 13.94 13.88
CA TYR A 137 -0.16 13.71 13.53
C TYR A 137 -0.81 12.60 14.34
N PRO A 138 -1.74 12.97 15.21
CA PRO A 138 -2.65 12.04 15.88
C PRO A 138 -4.02 11.98 15.17
N PRO A 139 -4.64 10.79 15.14
CA PRO A 139 -5.97 10.60 14.54
C PRO A 139 -7.09 11.15 15.42
N SER A 140 -8.32 10.89 15.02
CA SER A 140 -9.48 11.42 15.71
C SER A 140 -10.56 10.35 15.74
N SER A 141 -11.78 10.70 16.10
CA SER A 141 -12.82 9.70 16.17
C SER A 141 -13.27 9.27 14.78
N ASN A 142 -13.31 10.21 13.85
CA ASN A 142 -13.69 9.92 12.48
C ASN A 142 -12.56 9.19 11.76
N TYR A 143 -11.41 9.83 11.68
CA TYR A 143 -10.26 9.27 11.01
C TYR A 143 -9.47 8.41 11.97
N ILE A 144 -9.47 7.13 11.72
CA ILE A 144 -8.74 6.20 12.54
C ILE A 144 -7.45 5.84 11.85
N ARG A 145 -6.35 6.14 12.52
CA ARG A 145 -5.03 5.73 12.07
C ARG A 145 -5.03 4.23 11.79
N GLY A 146 -5.14 3.86 10.52
CA GLY A 146 -5.07 2.48 10.13
C GLY A 146 -3.78 1.87 10.56
N TYR A 147 -3.84 1.03 11.60
CA TYR A 147 -2.63 0.52 12.19
C TYR A 147 -2.11 -0.69 11.43
N ASN A 148 -1.32 -0.43 10.41
CA ASN A 148 -0.64 -1.48 9.68
C ASN A 148 0.63 -1.88 10.39
N HIS A 149 0.67 -3.12 10.87
CA HIS A 149 1.87 -3.65 11.49
C HIS A 149 2.90 -3.88 10.40
N PRO A 150 4.13 -3.37 10.60
CA PRO A 150 5.20 -3.22 9.60
C PRO A 150 5.03 -4.02 8.32
N CYS A 151 4.05 -3.62 7.54
CA CYS A 151 3.85 -4.15 6.22
C CYS A 151 4.47 -3.19 5.21
N GLY A 152 4.27 -3.44 3.94
CA GLY A 152 4.87 -2.59 2.95
C GLY A 152 4.40 -2.90 1.57
N PHE A 153 5.26 -2.65 0.61
CA PHE A 153 4.85 -2.59 -0.78
C PHE A 153 6.06 -2.76 -1.66
N VAL A 154 6.31 -3.97 -2.12
CA VAL A 154 7.49 -4.21 -2.89
C VAL A 154 7.17 -4.33 -4.37
N CYS A 155 7.93 -3.63 -5.16
CA CYS A 155 7.78 -3.68 -6.60
C CYS A 155 9.00 -4.34 -7.23
N SER A 156 8.81 -5.51 -7.78
CA SER A 156 9.94 -6.35 -8.14
C SER A 156 10.11 -6.44 -9.66
N PRO A 157 11.20 -5.86 -10.18
CA PRO A 157 11.55 -5.98 -11.59
C PRO A 157 11.52 -7.45 -12.03
N MET A 158 10.75 -7.75 -13.07
CA MET A 158 10.57 -9.13 -13.50
C MET A 158 11.75 -9.61 -14.32
N GLU A 159 11.57 -10.75 -14.97
CA GLU A 159 12.56 -11.26 -15.88
C GLU A 159 12.63 -10.37 -17.11
N GLU A 160 11.51 -9.70 -17.37
CA GLU A 160 11.40 -8.77 -18.48
C GLU A 160 11.48 -7.35 -17.95
N ASN A 161 12.14 -7.26 -16.79
CA ASN A 161 12.42 -6.02 -16.04
C ASN A 161 11.62 -4.78 -16.48
N PRO A 162 12.03 -4.02 -17.54
CA PRO A 162 11.37 -2.75 -17.87
C PRO A 162 10.00 -2.92 -18.53
N ALA A 163 9.69 -4.15 -18.92
CA ALA A 163 8.44 -4.44 -19.61
C ALA A 163 7.42 -5.08 -18.69
N TYR A 164 7.90 -5.84 -17.70
CA TYR A 164 7.01 -6.45 -16.72
C TYR A 164 7.54 -6.26 -15.32
N SER A 165 6.66 -5.89 -14.40
CA SER A 165 7.06 -5.72 -13.03
C SER A 165 6.16 -6.49 -12.08
N LYS A 166 6.75 -6.96 -11.00
CA LYS A 166 6.06 -7.74 -10.01
C LYS A 166 5.66 -6.89 -8.82
N LEU A 167 4.41 -6.52 -8.79
CA LEU A 167 3.83 -5.74 -7.73
C LEU A 167 3.40 -6.66 -6.59
N VAL A 168 4.17 -6.69 -5.51
CA VAL A 168 3.79 -7.52 -4.37
C VAL A 168 3.88 -6.74 -3.06
N MET A 169 2.72 -6.56 -2.46
CA MET A 169 2.57 -5.77 -1.27
C MET A 169 2.02 -6.69 -0.18
N PHE A 170 2.33 -6.39 1.06
CA PHE A 170 1.73 -7.14 2.16
C PHE A 170 0.96 -6.21 3.06
N VAL A 171 -0.20 -6.68 3.50
CA VAL A 171 -1.02 -5.91 4.41
C VAL A 171 -1.21 -6.65 5.72
N GLN A 172 -0.81 -6.00 6.80
CA GLN A 172 -0.95 -6.56 8.13
C GLN A 172 -1.72 -5.55 8.96
N THR A 173 -2.76 -5.03 8.33
CA THR A 173 -3.56 -3.95 8.86
C THR A 173 -4.38 -4.39 10.06
N GLU A 174 -4.42 -3.54 11.10
CA GLU A 174 -5.16 -3.86 12.30
C GLU A 174 -6.62 -3.51 12.17
N MET A 175 -6.91 -2.47 11.40
CA MET A 175 -8.28 -1.97 11.27
C MET A 175 -8.85 -1.64 12.66
N ARG A 176 -8.15 -0.75 13.35
CA ARG A 176 -8.54 -0.32 14.69
C ARG A 176 -9.85 0.49 14.68
N GLY A 177 -10.39 0.70 13.49
CA GLY A 177 -11.64 1.42 13.36
C GLY A 177 -12.84 0.57 13.75
N LYS A 178 -14.02 0.97 13.29
CA LYS A 178 -15.23 0.23 13.64
C LYS A 178 -15.57 -0.77 12.54
N LEU A 179 -14.70 -1.76 12.38
CA LEU A 179 -14.95 -2.84 11.46
C LEU A 179 -15.08 -4.13 12.22
N SER A 180 -15.81 -5.04 11.63
CA SER A 180 -16.04 -6.35 12.18
C SER A 180 -15.32 -7.32 11.25
N PRO A 181 -14.96 -8.53 11.71
CA PRO A 181 -14.28 -9.52 10.85
C PRO A 181 -14.85 -9.56 9.42
N SER A 182 -16.18 -9.60 9.31
CA SER A 182 -16.84 -9.70 8.01
C SER A 182 -16.72 -8.41 7.19
N ILE A 183 -16.29 -7.31 7.81
CA ILE A 183 -16.14 -6.04 7.09
C ILE A 183 -14.78 -6.04 6.45
N ILE A 184 -13.86 -6.51 7.24
CA ILE A 184 -12.49 -6.70 6.88
C ILE A 184 -12.39 -7.75 5.78
N GLU A 185 -13.27 -8.73 5.87
CA GLU A 185 -13.40 -9.76 4.85
C GLU A 185 -13.75 -9.13 3.52
N LYS A 186 -14.37 -7.96 3.59
CA LYS A 186 -14.71 -7.22 2.39
C LYS A 186 -13.62 -6.22 2.08
N THR A 187 -13.14 -5.53 3.11
CA THR A 187 -12.25 -4.40 2.89
C THR A 187 -10.88 -4.85 2.37
N MET A 188 -10.42 -6.04 2.75
CA MET A 188 -9.07 -6.45 2.43
C MET A 188 -8.95 -6.97 0.98
N PRO A 189 -9.60 -8.10 0.61
CA PRO A 189 -9.42 -8.68 -0.72
C PRO A 189 -9.90 -7.77 -1.84
N SER A 190 -10.84 -6.88 -1.54
CA SER A 190 -11.39 -6.00 -2.55
C SER A 190 -10.52 -4.78 -2.75
N ASN A 191 -9.86 -4.35 -1.68
CA ASN A 191 -9.11 -3.09 -1.71
C ASN A 191 -7.67 -3.32 -2.13
N LEU A 192 -7.13 -4.51 -1.87
CA LEU A 192 -5.73 -4.74 -2.16
C LEU A 192 -5.54 -4.95 -3.64
N VAL A 193 -6.43 -5.71 -4.25
CA VAL A 193 -6.38 -5.91 -5.68
C VAL A 193 -6.69 -4.59 -6.37
N ASN A 194 -7.50 -3.81 -5.69
CA ASN A 194 -7.90 -2.50 -6.17
C ASN A 194 -6.74 -1.52 -6.04
N PHE A 195 -5.93 -1.71 -5.01
CA PHE A 195 -4.73 -0.92 -4.82
C PHE A 195 -3.76 -1.20 -5.96
N ILE A 196 -3.81 -2.42 -6.46
CA ILE A 196 -3.04 -2.79 -7.63
C ILE A 196 -3.69 -2.27 -8.90
N LEU A 197 -5.00 -2.14 -8.87
CA LEU A 197 -5.73 -1.53 -9.97
C LEU A 197 -5.48 -0.05 -10.00
N ASN A 198 -5.31 0.51 -8.82
CA ASN A 198 -4.75 1.84 -8.71
C ASN A 198 -3.47 1.89 -9.52
N ALA A 199 -2.67 0.84 -9.41
CA ALA A 199 -1.41 0.79 -10.10
C ALA A 199 -1.61 0.55 -11.58
N LYS A 200 -2.51 -0.37 -11.91
CA LYS A 200 -2.88 -0.62 -13.30
C LYS A 200 -3.32 0.65 -13.98
N ASP A 201 -4.14 1.42 -13.28
CA ASP A 201 -4.74 2.62 -13.87
C ASP A 201 -3.82 3.80 -13.73
N GLY A 202 -3.13 3.91 -12.59
CA GLY A 202 -2.19 4.99 -12.40
C GLY A 202 -0.99 4.85 -13.31
N ILE A 203 -0.63 3.62 -13.61
CA ILE A 203 0.48 3.36 -14.49
C ILE A 203 0.11 3.74 -15.91
N LYS A 204 -1.17 3.58 -16.26
CA LYS A 204 -1.63 3.98 -17.57
C LYS A 204 -2.02 5.43 -17.56
N ALA A 205 -2.29 5.94 -16.38
CA ALA A 205 -2.40 7.37 -16.19
C ALA A 205 -1.05 7.99 -16.51
N HIS A 206 0.01 7.29 -16.12
CA HIS A 206 1.37 7.76 -16.41
C HIS A 206 1.82 7.47 -17.85
N ARG A 207 1.53 6.28 -18.38
CA ARG A 207 2.03 5.91 -19.71
C ARG A 207 1.03 6.25 -20.81
N THR A 208 -0.22 5.93 -20.56
CA THR A 208 -1.28 6.12 -21.52
C THR A 208 -1.77 7.57 -21.47
N PRO A 209 -2.15 8.16 -22.62
CA PRO A 209 -2.67 9.54 -22.69
C PRO A 209 -4.02 9.72 -21.95
N SER A 210 -4.09 9.18 -20.75
CA SER A 210 -5.26 9.37 -19.89
C SER A 210 -5.16 10.72 -19.17
N ARG A 211 -3.96 11.30 -19.20
CA ARG A 211 -3.72 12.62 -18.63
C ARG A 211 -4.05 13.71 -19.64
N ARG A 212 -4.90 13.37 -20.60
CA ARG A 212 -5.37 14.30 -21.61
C ARG A 212 -6.05 15.51 -20.96
N GLY A 213 -6.70 15.28 -19.83
CA GLY A 213 -7.30 16.34 -19.06
C GLY A 213 -6.92 16.26 -17.61
N PHE A 214 -5.62 16.12 -17.36
CA PHE A 214 -5.09 15.96 -16.02
C PHE A 214 -5.29 17.23 -15.20
N HIS A 215 -6.26 17.20 -14.29
CA HIS A 215 -6.59 18.36 -13.49
C HIS A 215 -5.65 18.45 -12.29
N HIS A 216 -5.12 17.32 -11.85
CA HIS A 216 -4.16 17.30 -10.75
C HIS A 216 -4.76 17.98 -9.51
N ASN A 217 -5.87 17.44 -9.04
CA ASN A 217 -6.61 18.05 -7.93
C ASN A 217 -6.04 17.62 -6.59
N SER A 218 -4.89 16.95 -6.63
CA SER A 218 -4.21 16.50 -5.44
C SER A 218 -3.68 17.69 -4.63
N HIS A 219 -3.54 18.84 -5.28
CA HIS A 219 -3.06 20.03 -4.59
C HIS A 219 -4.21 20.68 -3.83
N SER A 220 -4.02 20.90 -2.54
CA SER A 220 -5.06 21.47 -1.70
C SER A 220 -4.47 22.60 -0.87
N MET A 1 20.32 6.60 12.49
CA MET A 1 18.96 6.47 11.93
C MET A 1 17.93 6.33 13.04
N ASP A 2 16.73 6.85 12.81
CA ASP A 2 15.66 6.75 13.78
C ASP A 2 14.48 6.02 13.17
N PHE A 3 13.62 6.73 12.45
CA PHE A 3 12.53 6.10 11.73
C PHE A 3 13.10 5.18 10.69
N LYS A 4 14.26 5.54 10.19
CA LYS A 4 14.89 4.81 9.17
C LYS A 4 15.37 3.52 9.77
N ALA A 5 15.77 3.56 11.03
CA ALA A 5 16.21 2.37 11.73
C ALA A 5 15.09 1.34 11.80
N ILE A 6 13.87 1.83 11.95
CA ILE A 6 12.73 0.96 12.15
C ILE A 6 12.28 0.44 10.80
N ALA A 7 12.28 1.35 9.85
CA ALA A 7 11.79 1.12 8.52
C ALA A 7 12.78 0.37 7.65
N GLN A 8 14.04 0.62 7.90
CA GLN A 8 15.13 -0.08 7.24
C GLN A 8 15.19 -1.50 7.73
N GLN A 9 14.64 -1.69 8.90
CA GLN A 9 14.43 -3.03 9.42
C GLN A 9 13.12 -3.58 8.87
N THR A 10 12.09 -2.75 8.97
CA THR A 10 10.76 -3.06 8.47
C THR A 10 10.78 -3.44 6.99
N ALA A 11 11.59 -2.75 6.19
CA ALA A 11 11.78 -3.11 4.77
C ALA A 11 12.00 -4.59 4.56
N GLN A 12 13.02 -5.13 5.18
CA GLN A 12 13.38 -6.53 5.01
C GLN A 12 12.50 -7.44 5.87
N GLU A 13 11.67 -6.83 6.71
CA GLU A 13 10.65 -7.58 7.43
C GLU A 13 9.48 -7.84 6.49
N VAL A 14 9.00 -6.78 5.85
CA VAL A 14 7.92 -6.89 4.89
C VAL A 14 8.39 -7.63 3.64
N LEU A 15 9.61 -7.35 3.24
CA LEU A 15 10.22 -8.07 2.15
C LEU A 15 10.47 -9.48 2.58
N GLY A 16 10.48 -9.65 3.89
CA GLY A 16 10.60 -10.96 4.48
C GLY A 16 9.39 -11.79 4.14
N TYR A 17 8.31 -11.10 3.83
CA TYR A 17 7.07 -11.76 3.44
C TYR A 17 7.02 -11.91 1.94
N ASN A 18 7.93 -11.23 1.26
CA ASN A 18 8.02 -11.33 -0.18
C ASN A 18 8.77 -12.60 -0.56
N ARG A 19 9.53 -13.10 0.40
CA ARG A 19 10.30 -14.31 0.21
C ARG A 19 9.63 -15.46 0.96
N ASP A 20 8.59 -15.10 1.71
CA ASP A 20 7.81 -16.06 2.47
C ASP A 20 6.73 -16.67 1.60
N THR A 21 6.84 -17.95 1.37
CA THR A 21 5.83 -18.67 0.63
C THR A 21 5.54 -19.97 1.35
N SER A 22 4.43 -19.98 2.07
CA SER A 22 4.20 -21.00 3.07
C SER A 22 2.74 -21.44 3.10
N GLY A 23 2.25 -21.83 4.28
CA GLY A 23 0.88 -22.28 4.42
C GLY A 23 -0.13 -21.15 4.31
N TRP A 24 -0.19 -20.53 3.15
CA TRP A 24 -1.20 -19.54 2.83
C TRP A 24 -2.24 -20.16 1.91
N LYS A 25 -2.94 -19.32 1.18
CA LYS A 25 -3.97 -19.76 0.30
C LYS A 25 -4.47 -18.57 -0.48
N VAL A 26 -4.35 -18.62 -1.79
CA VAL A 26 -4.85 -17.53 -2.57
C VAL A 26 -6.36 -17.42 -2.40
N VAL A 27 -6.77 -16.31 -1.85
CA VAL A 27 -8.15 -16.09 -1.57
C VAL A 27 -8.79 -15.45 -2.78
N LYS A 28 -7.97 -14.81 -3.60
CA LYS A 28 -8.51 -14.08 -4.73
C LYS A 28 -7.49 -13.89 -5.84
N THR A 29 -7.84 -14.36 -7.03
CA THR A 29 -7.11 -14.03 -8.24
C THR A 29 -8.09 -13.56 -9.30
N SER A 30 -7.72 -12.54 -10.06
CA SER A 30 -8.61 -12.02 -11.07
C SER A 30 -7.96 -12.00 -12.46
N LYS A 31 -6.88 -11.26 -12.59
CA LYS A 31 -6.25 -11.02 -13.88
C LYS A 31 -4.76 -10.78 -13.72
N LYS A 32 -4.03 -11.86 -13.43
CA LYS A 32 -2.58 -11.83 -13.29
C LYS A 32 -2.21 -11.29 -11.93
N ILE A 33 -3.19 -11.33 -11.04
CA ILE A 33 -3.05 -10.86 -9.69
C ILE A 33 -3.53 -11.91 -8.73
N THR A 34 -2.89 -11.97 -7.58
CA THR A 34 -3.01 -13.07 -6.66
C THR A 34 -2.96 -12.58 -5.22
N VAL A 35 -4.09 -12.60 -4.56
CA VAL A 35 -4.18 -12.23 -3.16
C VAL A 35 -4.21 -13.48 -2.29
N SER A 36 -3.08 -13.79 -1.67
CA SER A 36 -2.94 -14.97 -0.83
C SER A 36 -3.22 -14.63 0.62
N SER A 37 -3.96 -15.49 1.30
CA SER A 37 -4.34 -15.25 2.67
C SER A 37 -4.02 -16.44 3.56
N LYS A 38 -3.46 -16.14 4.71
CA LYS A 38 -3.21 -17.14 5.76
C LYS A 38 -3.33 -16.45 7.11
N ALA A 39 -3.52 -17.23 8.17
CA ALA A 39 -3.70 -16.67 9.52
C ALA A 39 -2.54 -15.76 9.90
N SER A 40 -2.87 -14.57 10.39
CA SER A 40 -1.84 -13.59 10.76
C SER A 40 -1.18 -13.96 12.07
N ARG A 41 -1.96 -14.63 12.92
CA ARG A 41 -1.53 -15.22 14.19
C ARG A 41 -0.88 -14.20 15.15
N LYS A 42 -0.94 -12.93 14.82
CA LYS A 42 -0.57 -11.88 15.76
C LYS A 42 -1.84 -11.43 16.48
N PHE A 43 -2.94 -12.02 16.05
CA PHE A 43 -4.27 -11.70 16.53
C PHE A 43 -5.24 -12.67 15.87
N HIS A 44 -6.49 -12.66 16.30
CA HIS A 44 -7.46 -13.60 15.75
C HIS A 44 -7.98 -13.10 14.40
N GLY A 45 -7.11 -13.19 13.40
CA GLY A 45 -7.47 -12.76 12.07
C GLY A 45 -6.56 -13.40 11.04
N ASN A 46 -6.70 -12.98 9.79
CA ASN A 46 -5.90 -13.52 8.72
C ASN A 46 -5.15 -12.41 7.99
N LEU A 47 -3.98 -12.76 7.48
CA LEU A 47 -3.09 -11.83 6.80
C LEU A 47 -3.14 -12.08 5.31
N TYR A 48 -2.86 -11.06 4.52
CA TYR A 48 -2.97 -11.15 3.08
C TYR A 48 -1.70 -10.68 2.40
N ARG A 49 -1.19 -11.49 1.49
CA ARG A 49 -0.13 -11.06 0.60
C ARG A 49 -0.72 -10.87 -0.79
N VAL A 50 -0.62 -9.66 -1.29
CA VAL A 50 -1.29 -9.27 -2.51
C VAL A 50 -0.27 -9.04 -3.60
N GLU A 51 -0.39 -9.76 -4.69
CA GLU A 51 0.64 -9.80 -5.69
C GLU A 51 0.04 -9.76 -7.08
N GLY A 52 0.75 -9.17 -8.01
CA GLY A 52 0.36 -9.20 -9.40
C GLY A 52 1.44 -8.64 -10.28
N ILE A 53 1.53 -9.11 -11.51
CA ILE A 53 2.49 -8.54 -12.43
C ILE A 53 1.85 -7.42 -13.21
N ILE A 54 2.31 -6.22 -12.96
CA ILE A 54 1.85 -5.07 -13.67
C ILE A 54 2.72 -4.86 -14.90
N PRO A 55 2.12 -4.98 -16.09
CA PRO A 55 2.82 -4.82 -17.38
C PRO A 55 3.34 -3.40 -17.61
N GLU A 56 4.13 -2.93 -16.67
CA GLU A 56 4.79 -1.66 -16.76
C GLU A 56 6.01 -1.71 -15.88
N SER A 57 6.93 -0.79 -16.08
CA SER A 57 8.16 -0.78 -15.33
C SER A 57 7.91 -0.36 -13.90
N PRO A 58 8.62 -1.02 -12.98
CA PRO A 58 8.67 -0.68 -11.56
C PRO A 58 9.05 0.78 -11.34
N ALA A 59 9.48 1.44 -12.42
CA ALA A 59 9.75 2.86 -12.42
C ALA A 59 8.46 3.65 -12.34
N LYS A 60 7.48 3.28 -13.15
CA LYS A 60 6.16 3.88 -13.08
C LYS A 60 5.55 3.53 -11.74
N LEU A 61 5.83 2.31 -11.32
CA LEU A 61 5.32 1.81 -10.06
C LEU A 61 5.82 2.67 -8.91
N SER A 62 7.13 2.81 -8.82
CA SER A 62 7.73 3.67 -7.82
C SER A 62 7.42 5.13 -8.10
N ASP A 63 6.93 5.41 -9.30
CA ASP A 63 6.62 6.78 -9.67
C ASP A 63 5.28 7.20 -9.11
N PHE A 64 4.26 6.37 -9.33
CA PHE A 64 2.91 6.75 -8.93
C PHE A 64 2.77 6.76 -7.42
N LEU A 65 3.24 5.71 -6.74
CA LEU A 65 2.93 5.53 -5.33
C LEU A 65 3.76 6.46 -4.46
N TYR A 66 4.81 7.02 -5.08
CA TYR A 66 5.94 7.65 -4.41
C TYR A 66 5.63 8.12 -2.98
N GLN A 67 4.67 9.03 -2.85
CA GLN A 67 4.26 9.55 -1.54
C GLN A 67 3.22 10.66 -1.69
N THR A 68 3.51 11.66 -2.52
CA THR A 68 2.71 12.88 -2.58
C THR A 68 2.66 13.49 -3.98
N GLY A 69 2.86 12.70 -5.01
CA GLY A 69 3.09 13.32 -6.30
C GLY A 69 2.25 12.79 -7.44
N ASP A 70 1.36 11.85 -7.17
CA ASP A 70 0.63 11.19 -8.24
C ASP A 70 -0.47 10.30 -7.68
N ARG A 71 -0.14 9.60 -6.62
CA ARG A 71 -0.92 8.45 -6.19
C ARG A 71 -2.22 8.84 -5.55
N ILE A 72 -2.32 10.08 -5.07
CA ILE A 72 -3.58 10.51 -4.50
C ILE A 72 -4.34 11.36 -5.49
N THR A 73 -3.69 11.69 -6.59
CA THR A 73 -4.27 12.58 -7.54
C THR A 73 -5.15 11.81 -8.53
N TRP A 74 -4.71 10.60 -8.87
CA TRP A 74 -5.46 9.77 -9.82
C TRP A 74 -6.18 8.63 -9.11
N ASP A 75 -5.99 8.54 -7.80
CA ASP A 75 -6.43 7.37 -7.04
C ASP A 75 -7.94 7.25 -6.99
N LYS A 76 -8.37 6.10 -6.50
CA LYS A 76 -9.78 5.76 -6.42
C LYS A 76 -10.23 5.57 -4.98
N SER A 77 -9.26 5.30 -4.10
CA SER A 77 -9.55 5.03 -2.71
C SER A 77 -8.79 6.01 -1.83
N LEU A 78 -8.18 6.99 -2.46
CA LEU A 78 -7.40 8.01 -1.74
C LEU A 78 -8.11 9.35 -1.74
N GLN A 79 -7.48 10.33 -1.10
CA GLN A 79 -8.06 11.64 -0.92
C GLN A 79 -6.99 12.71 -0.81
N VAL A 80 -6.24 12.67 0.28
CA VAL A 80 -5.38 13.78 0.67
C VAL A 80 -4.08 13.26 1.25
N TYR A 81 -2.97 13.72 0.71
CA TYR A 81 -1.67 13.43 1.25
C TYR A 81 -1.28 14.47 2.29
N ASN A 82 -0.45 14.08 3.22
CA ASN A 82 0.24 15.04 4.06
C ASN A 82 1.59 14.48 4.46
N MET A 83 2.62 14.91 3.76
CA MET A 83 3.97 14.49 4.06
C MET A 83 4.40 15.12 5.37
N VAL A 84 4.32 14.34 6.44
CA VAL A 84 4.49 14.86 7.80
C VAL A 84 5.97 15.07 8.13
N HIS A 85 6.57 14.09 8.78
CA HIS A 85 7.96 14.19 9.18
C HIS A 85 8.82 13.33 8.27
N ARG A 86 9.62 13.97 7.44
CA ARG A 86 10.52 13.25 6.56
C ARG A 86 11.87 13.08 7.22
N ILE A 87 12.14 11.85 7.61
CA ILE A 87 13.37 11.51 8.31
C ILE A 87 14.56 11.70 7.39
N ASP A 88 14.34 11.29 6.17
CA ASP A 88 15.35 11.31 5.14
C ASP A 88 14.61 11.34 3.81
N SER A 89 15.28 11.76 2.75
CA SER A 89 14.65 11.84 1.44
C SER A 89 14.43 10.44 0.84
N ASP A 90 14.51 9.44 1.70
CA ASP A 90 14.33 8.06 1.29
C ASP A 90 13.46 7.37 2.33
N THR A 91 13.04 8.13 3.34
CA THR A 91 12.28 7.58 4.42
C THR A 91 11.27 8.61 4.91
N PHE A 92 10.00 8.34 4.68
CA PHE A 92 8.96 9.33 4.96
C PHE A 92 7.93 8.78 5.91
N ILE A 93 6.98 9.62 6.24
CA ILE A 93 5.81 9.20 6.96
C ILE A 93 4.60 9.81 6.26
N CYS A 94 3.63 8.97 5.92
CA CYS A 94 2.51 9.41 5.11
C CYS A 94 1.27 9.67 5.95
N HIS A 95 0.92 10.94 6.12
CA HIS A 95 -0.40 11.30 6.63
C HIS A 95 -1.39 11.26 5.48
N THR A 96 -1.74 10.06 5.09
CA THR A 96 -2.58 9.82 3.93
C THR A 96 -4.05 9.65 4.32
N ILE A 97 -4.88 10.60 3.95
CA ILE A 97 -6.32 10.45 4.14
C ILE A 97 -6.86 9.54 3.05
N THR A 98 -7.50 8.49 3.48
CA THR A 98 -7.99 7.44 2.60
C THR A 98 -9.52 7.47 2.56
N GLN A 99 -10.08 7.13 1.41
CA GLN A 99 -11.52 7.25 1.20
C GLN A 99 -12.27 6.06 1.78
N SER A 100 -13.59 6.09 1.63
CA SER A 100 -14.46 5.08 2.18
C SER A 100 -14.80 4.03 1.12
N PHE A 101 -14.18 2.88 1.23
CA PHE A 101 -14.50 1.76 0.38
C PHE A 101 -15.21 0.72 1.22
N ALA A 102 -16.37 0.30 0.74
CA ALA A 102 -17.32 -0.49 1.52
C ALA A 102 -17.96 0.41 2.55
N VAL A 103 -18.71 1.39 2.02
CA VAL A 103 -19.28 2.49 2.81
C VAL A 103 -20.41 2.04 3.73
N GLY A 104 -20.38 0.78 4.14
CA GLY A 104 -21.35 0.29 5.09
C GLY A 104 -20.79 0.34 6.50
N SER A 105 -19.50 0.05 6.62
CA SER A 105 -18.84 0.01 7.91
C SER A 105 -17.46 0.64 7.83
N ILE A 106 -17.07 1.10 6.66
CA ILE A 106 -15.75 1.65 6.46
C ILE A 106 -15.84 3.13 6.10
N SER A 107 -15.70 3.96 7.13
CA SER A 107 -15.62 5.40 6.96
C SER A 107 -14.19 5.76 6.53
N PRO A 108 -13.99 6.95 5.92
CA PRO A 108 -12.66 7.47 5.59
C PRO A 108 -11.60 7.11 6.62
N ARG A 109 -10.44 6.70 6.15
CA ARG A 109 -9.43 6.18 7.04
C ARG A 109 -8.15 6.97 6.88
N ASP A 110 -7.64 7.47 7.98
CA ASP A 110 -6.52 8.39 7.97
C ASP A 110 -5.25 7.63 8.29
N PHE A 111 -4.29 7.62 7.39
CA PHE A 111 -3.10 6.80 7.57
C PHE A 111 -1.91 7.62 8.08
N ILE A 112 -1.11 6.98 8.90
CA ILE A 112 0.18 7.50 9.34
C ILE A 112 1.19 6.38 9.32
N ASP A 113 1.64 6.05 8.14
CA ASP A 113 2.58 4.97 7.97
C ASP A 113 3.97 5.50 7.74
N LEU A 114 4.90 5.07 8.57
CA LEU A 114 6.30 5.33 8.29
C LEU A 114 6.77 4.41 7.20
N VAL A 115 7.28 5.02 6.17
CA VAL A 115 7.55 4.34 4.95
C VAL A 115 8.98 4.51 4.51
N TYR A 116 9.63 3.41 4.26
CA TYR A 116 10.97 3.45 3.74
C TYR A 116 11.02 2.95 2.31
N ILE A 117 11.62 3.74 1.44
CA ILE A 117 11.76 3.36 0.05
C ILE A 117 13.05 2.56 -0.11
N LYS A 118 12.93 1.25 -0.16
CA LYS A 118 14.08 0.37 -0.23
C LYS A 118 14.34 -0.04 -1.66
N ARG A 119 15.55 0.23 -2.12
CA ARG A 119 15.93 -0.06 -3.47
C ARG A 119 17.02 -1.10 -3.50
N TYR A 120 16.60 -2.34 -3.61
CA TYR A 120 17.51 -3.38 -3.99
C TYR A 120 17.82 -3.15 -5.46
N GLU A 121 18.99 -2.57 -5.70
CA GLU A 121 19.42 -2.13 -7.02
C GLU A 121 19.21 -3.20 -8.08
N GLY A 122 18.09 -3.05 -8.77
CA GLY A 122 17.68 -3.97 -9.81
C GLY A 122 17.24 -5.29 -9.24
N ASN A 123 16.47 -5.21 -8.17
CA ASN A 123 15.98 -6.40 -7.49
C ASN A 123 14.60 -6.12 -6.92
N MET A 124 14.44 -5.00 -6.21
CA MET A 124 13.15 -4.64 -5.60
C MET A 124 13.04 -3.14 -5.38
N ASN A 125 11.89 -2.59 -5.74
CA ASN A 125 11.59 -1.20 -5.50
C ASN A 125 10.41 -1.13 -4.54
N ILE A 126 10.72 -1.28 -3.26
CA ILE A 126 9.69 -1.39 -2.24
C ILE A 126 9.53 -0.10 -1.44
N ILE A 127 8.29 0.23 -1.13
CA ILE A 127 8.05 1.16 -0.05
C ILE A 127 7.55 0.38 1.16
N SER A 128 8.32 0.43 2.21
CA SER A 128 7.93 -0.16 3.46
C SER A 128 6.90 0.76 4.12
N SER A 129 6.19 0.25 5.09
CA SER A 129 5.22 1.06 5.79
C SER A 129 4.97 0.50 7.19
N LYS A 130 4.87 1.39 8.16
CA LYS A 130 4.66 1.01 9.53
C LYS A 130 3.93 2.12 10.25
N SER A 131 2.76 1.82 10.78
CA SER A 131 1.98 2.81 11.46
C SER A 131 2.73 3.25 12.68
N VAL A 132 3.28 4.44 12.63
CA VAL A 132 4.02 4.93 13.76
C VAL A 132 3.20 5.94 14.49
N ASP A 133 3.45 6.05 15.76
CA ASP A 133 2.62 6.84 16.61
C ASP A 133 3.35 8.09 17.06
N PHE A 134 3.63 8.92 16.07
CA PHE A 134 4.38 10.14 16.27
C PHE A 134 3.39 11.35 16.34
N PRO A 135 3.88 12.59 16.61
CA PRO A 135 3.06 13.81 16.74
C PRO A 135 1.73 13.87 15.96
N GLU A 136 1.76 13.75 14.63
CA GLU A 136 0.57 13.92 13.78
C GLU A 136 -0.38 12.73 13.87
N TYR A 137 0.18 11.57 14.20
CA TYR A 137 -0.54 10.29 14.20
C TYR A 137 -1.90 10.27 14.97
N PRO A 138 -2.01 10.84 16.20
CA PRO A 138 -3.27 10.87 16.96
C PRO A 138 -4.53 11.10 16.10
N PRO A 139 -5.43 10.09 16.05
CA PRO A 139 -6.61 10.10 15.18
C PRO A 139 -7.84 10.74 15.80
N SER A 140 -8.99 10.49 15.17
CA SER A 140 -10.25 11.07 15.57
C SER A 140 -11.36 10.04 15.35
N SER A 141 -12.61 10.45 15.49
CA SER A 141 -13.71 9.54 15.24
C SER A 141 -14.02 9.46 13.74
N ASN A 142 -13.76 10.55 13.04
CA ASN A 142 -14.00 10.63 11.60
C ASN A 142 -12.88 9.94 10.84
N TYR A 143 -11.69 9.95 11.42
CA TYR A 143 -10.51 9.41 10.79
C TYR A 143 -9.91 8.33 11.65
N ILE A 144 -9.93 7.10 11.17
CA ILE A 144 -9.35 6.02 11.92
C ILE A 144 -7.96 5.79 11.42
N ARG A 145 -7.01 6.09 12.27
CA ARG A 145 -5.62 6.05 11.91
C ARG A 145 -5.21 4.68 11.39
N GLY A 146 -4.67 4.70 10.18
CA GLY A 146 -4.15 3.52 9.51
C GLY A 146 -3.36 2.62 10.42
N TYR A 147 -4.03 1.59 10.87
CA TYR A 147 -3.44 0.58 11.74
C TYR A 147 -2.75 -0.49 10.91
N ASN A 148 -1.66 -0.08 10.29
CA ASN A 148 -0.90 -0.98 9.47
C ASN A 148 0.36 -1.44 10.20
N HIS A 149 0.38 -2.71 10.57
CA HIS A 149 1.59 -3.35 11.10
C HIS A 149 2.68 -3.30 10.04
N PRO A 150 3.97 -3.53 10.40
CA PRO A 150 5.11 -3.45 9.48
C PRO A 150 4.91 -4.23 8.17
N CYS A 151 4.10 -3.67 7.32
CA CYS A 151 3.82 -4.24 6.01
C CYS A 151 4.39 -3.32 4.95
N GLY A 152 4.13 -3.60 3.69
CA GLY A 152 4.69 -2.76 2.67
C GLY A 152 4.21 -3.13 1.30
N PHE A 153 5.02 -2.80 0.32
CA PHE A 153 4.57 -2.75 -1.06
C PHE A 153 5.80 -2.83 -1.95
N VAL A 154 6.23 -4.05 -2.23
CA VAL A 154 7.45 -4.22 -2.97
C VAL A 154 7.18 -4.38 -4.45
N CYS A 155 7.82 -3.57 -5.25
CA CYS A 155 7.71 -3.66 -6.69
C CYS A 155 8.98 -4.24 -7.26
N SER A 156 8.93 -5.48 -7.69
CA SER A 156 10.14 -6.19 -8.06
C SER A 156 10.32 -6.22 -9.57
N PRO A 157 11.43 -5.66 -10.07
CA PRO A 157 11.80 -5.77 -11.48
C PRO A 157 11.77 -7.22 -11.94
N MET A 158 10.93 -7.52 -12.92
CA MET A 158 10.75 -8.90 -13.35
C MET A 158 11.81 -9.34 -14.33
N GLU A 159 11.57 -10.49 -14.95
CA GLU A 159 12.45 -10.98 -15.99
C GLU A 159 12.39 -10.02 -17.19
N GLU A 160 11.22 -9.45 -17.36
CA GLU A 160 10.95 -8.48 -18.41
C GLU A 160 10.68 -7.13 -17.79
N ASN A 161 11.33 -6.92 -16.66
CA ASN A 161 11.14 -5.76 -15.76
C ASN A 161 10.55 -4.49 -16.39
N PRO A 162 11.12 -3.91 -17.46
CA PRO A 162 10.60 -2.66 -18.00
C PRO A 162 9.21 -2.80 -18.63
N ALA A 163 8.84 -4.03 -18.97
CA ALA A 163 7.57 -4.31 -19.61
C ALA A 163 6.64 -5.10 -18.69
N TYR A 164 7.24 -5.79 -17.72
CA TYR A 164 6.48 -6.55 -16.72
C TYR A 164 7.11 -6.36 -15.36
N SER A 165 6.34 -6.00 -14.36
CA SER A 165 6.90 -5.79 -13.04
C SER A 165 6.16 -6.59 -11.99
N LYS A 166 6.87 -7.01 -10.96
CA LYS A 166 6.31 -7.79 -9.89
C LYS A 166 5.80 -6.91 -8.76
N LEU A 167 4.52 -6.70 -8.75
CA LEU A 167 3.86 -5.94 -7.71
C LEU A 167 3.47 -6.90 -6.59
N VAL A 168 4.19 -6.84 -5.48
CA VAL A 168 3.84 -7.69 -4.34
C VAL A 168 3.82 -6.90 -3.02
N MET A 169 2.66 -6.92 -2.42
CA MET A 169 2.37 -6.20 -1.19
C MET A 169 1.90 -7.22 -0.16
N PHE A 170 1.95 -6.87 1.09
CA PHE A 170 1.34 -7.68 2.13
C PHE A 170 0.82 -6.75 3.21
N VAL A 171 -0.25 -7.17 3.86
CA VAL A 171 -0.92 -6.34 4.84
C VAL A 171 -1.32 -7.15 6.08
N GLN A 172 -1.00 -6.60 7.23
CA GLN A 172 -1.38 -7.20 8.51
C GLN A 172 -2.24 -6.19 9.24
N THR A 173 -3.39 -5.93 8.65
CA THR A 173 -4.30 -4.90 9.09
C THR A 173 -4.74 -5.11 10.54
N GLU A 174 -4.64 -4.05 11.35
CA GLU A 174 -4.97 -4.16 12.77
C GLU A 174 -6.46 -4.01 13.03
N MET A 175 -7.13 -3.34 12.09
CA MET A 175 -8.59 -3.29 12.01
C MET A 175 -9.18 -2.62 13.25
N ARG A 176 -8.57 -1.50 13.64
CA ARG A 176 -8.95 -0.81 14.87
C ARG A 176 -10.25 -0.02 14.69
N GLY A 177 -10.83 -0.09 13.51
CA GLY A 177 -12.13 0.53 13.29
C GLY A 177 -13.24 -0.41 13.66
N LYS A 178 -14.47 0.05 13.57
CA LYS A 178 -15.62 -0.80 13.91
C LYS A 178 -16.14 -1.53 12.68
N LEU A 179 -15.38 -2.53 12.24
CA LEU A 179 -15.80 -3.40 11.16
C LEU A 179 -16.06 -4.77 11.72
N SER A 180 -16.87 -5.52 11.04
CA SER A 180 -17.22 -6.88 11.43
C SER A 180 -16.64 -7.84 10.40
N PRO A 181 -16.50 -9.14 10.74
CA PRO A 181 -15.97 -10.15 9.82
C PRO A 181 -16.49 -10.00 8.39
N SER A 182 -17.81 -9.82 8.26
CA SER A 182 -18.44 -9.68 6.96
C SER A 182 -17.95 -8.45 6.17
N ILE A 183 -17.38 -7.48 6.88
CA ILE A 183 -16.92 -6.25 6.24
C ILE A 183 -15.48 -6.42 5.83
N ILE A 184 -14.77 -7.08 6.70
CA ILE A 184 -13.36 -7.33 6.58
C ILE A 184 -13.06 -8.33 5.49
N GLU A 185 -13.92 -9.32 5.34
CA GLU A 185 -13.77 -10.30 4.28
C GLU A 185 -14.00 -9.62 2.95
N LYS A 186 -14.61 -8.45 3.00
CA LYS A 186 -14.73 -7.61 1.83
C LYS A 186 -13.54 -6.69 1.76
N THR A 187 -13.24 -6.02 2.88
CA THR A 187 -12.28 -4.90 2.86
C THR A 187 -10.89 -5.32 2.40
N MET A 188 -10.50 -6.55 2.65
CA MET A 188 -9.15 -7.00 2.30
C MET A 188 -9.07 -7.36 0.80
N PRO A 189 -9.84 -8.36 0.32
CA PRO A 189 -9.79 -8.78 -1.09
C PRO A 189 -10.20 -7.68 -2.05
N SER A 190 -11.02 -6.74 -1.59
CA SER A 190 -11.49 -5.66 -2.43
C SER A 190 -10.45 -4.57 -2.55
N ASN A 191 -9.67 -4.41 -1.50
CA ASN A 191 -8.72 -3.30 -1.41
C ASN A 191 -7.37 -3.66 -1.99
N LEU A 192 -6.96 -4.91 -1.84
CA LEU A 192 -5.63 -5.31 -2.27
C LEU A 192 -5.54 -5.40 -3.79
N VAL A 193 -6.56 -5.95 -4.42
CA VAL A 193 -6.57 -6.06 -5.88
C VAL A 193 -6.75 -4.67 -6.46
N ASN A 194 -7.45 -3.85 -5.70
CA ASN A 194 -7.70 -2.47 -6.06
C ASN A 194 -6.45 -1.63 -5.88
N PHE A 195 -5.69 -1.84 -4.82
CA PHE A 195 -4.41 -1.16 -4.68
C PHE A 195 -3.54 -1.46 -5.89
N ILE A 196 -3.68 -2.68 -6.41
CA ILE A 196 -3.00 -3.05 -7.63
C ILE A 196 -3.68 -2.46 -8.86
N LEU A 197 -4.98 -2.28 -8.78
CA LEU A 197 -5.73 -1.66 -9.85
C LEU A 197 -5.40 -0.21 -9.93
N ASN A 198 -5.29 0.41 -8.77
CA ASN A 198 -4.69 1.73 -8.68
C ASN A 198 -3.38 1.73 -9.43
N ALA A 199 -2.59 0.69 -9.20
CA ALA A 199 -1.28 0.61 -9.80
C ALA A 199 -1.40 0.46 -11.29
N LYS A 200 -2.30 -0.41 -11.72
CA LYS A 200 -2.61 -0.53 -13.13
C LYS A 200 -3.07 0.81 -13.66
N ASP A 201 -3.95 1.45 -12.92
CA ASP A 201 -4.64 2.67 -13.35
C ASP A 201 -3.66 3.82 -13.46
N GLY A 202 -2.79 3.95 -12.46
CA GLY A 202 -1.80 5.03 -12.48
C GLY A 202 -0.63 4.70 -13.41
N ILE A 203 -0.48 3.42 -13.69
CA ILE A 203 0.50 2.93 -14.64
C ILE A 203 -0.04 3.12 -16.05
N LYS A 204 -1.35 2.98 -16.20
CA LYS A 204 -1.99 3.19 -17.49
C LYS A 204 -2.17 4.67 -17.70
N ALA A 205 -2.33 5.40 -16.61
CA ALA A 205 -2.31 6.85 -16.65
C ALA A 205 -0.98 7.33 -17.23
N HIS A 206 0.03 6.46 -17.13
CA HIS A 206 1.32 6.74 -17.74
C HIS A 206 1.32 6.47 -19.25
N ARG A 207 0.81 5.30 -19.66
CA ARG A 207 0.98 4.84 -21.03
C ARG A 207 -0.30 4.92 -21.86
N THR A 208 -1.42 4.70 -21.21
CA THR A 208 -2.71 4.67 -21.88
C THR A 208 -3.42 6.02 -21.74
N PRO A 209 -4.13 6.48 -22.79
CA PRO A 209 -4.94 7.71 -22.72
C PRO A 209 -6.17 7.54 -21.82
N SER A 210 -5.95 6.89 -20.68
CA SER A 210 -7.00 6.63 -19.72
C SER A 210 -7.29 7.87 -18.90
N ARG A 211 -6.34 8.80 -18.91
CA ARG A 211 -6.49 10.05 -18.18
C ARG A 211 -7.21 11.09 -19.04
N ARG A 212 -7.88 10.61 -20.08
CA ARG A 212 -8.79 11.42 -20.86
C ARG A 212 -9.85 11.97 -19.94
N GLY A 213 -10.43 11.09 -19.13
CA GLY A 213 -11.30 11.51 -18.06
C GLY A 213 -10.47 11.94 -16.87
N PHE A 214 -9.75 13.04 -17.04
CA PHE A 214 -8.82 13.53 -16.04
C PHE A 214 -9.53 13.89 -14.74
N HIS A 215 -8.84 13.66 -13.64
CA HIS A 215 -9.36 13.96 -12.32
C HIS A 215 -8.20 14.28 -11.38
N HIS A 216 -8.28 15.43 -10.74
CA HIS A 216 -7.28 15.83 -9.76
C HIS A 216 -7.93 16.71 -8.70
N ASN A 217 -7.34 16.74 -7.52
CA ASN A 217 -7.93 17.46 -6.41
C ASN A 217 -7.31 18.86 -6.29
N SER A 218 -7.84 19.80 -7.07
CA SER A 218 -7.46 21.21 -6.94
C SER A 218 -7.97 21.71 -5.59
N HIS A 219 -9.13 21.21 -5.22
CA HIS A 219 -9.76 21.47 -3.93
C HIS A 219 -11.04 20.66 -3.87
N SER A 220 -11.56 20.33 -5.05
CA SER A 220 -12.65 19.39 -5.18
C SER A 220 -12.42 18.53 -6.42
N MET A 1 17.83 8.54 10.85
CA MET A 1 17.29 8.89 12.19
C MET A 1 16.70 7.65 12.85
N ASP A 2 15.84 7.85 13.84
CA ASP A 2 15.26 6.74 14.57
C ASP A 2 14.34 5.94 13.68
N PHE A 3 13.58 6.65 12.85
CA PHE A 3 12.61 6.02 11.98
C PHE A 3 13.34 5.15 10.98
N LYS A 4 14.51 5.60 10.60
CA LYS A 4 15.35 4.87 9.68
C LYS A 4 15.98 3.69 10.38
N ALA A 5 15.73 3.55 11.65
CA ALA A 5 16.14 2.37 12.36
C ALA A 5 15.02 1.35 12.33
N ILE A 6 13.80 1.82 12.51
CA ILE A 6 12.65 0.94 12.67
C ILE A 6 12.17 0.49 11.31
N ALA A 7 12.09 1.46 10.41
CA ALA A 7 11.62 1.25 9.05
C ALA A 7 12.61 0.45 8.24
N GLN A 8 13.86 0.74 8.45
CA GLN A 8 14.94 0.07 7.75
C GLN A 8 15.01 -1.39 8.17
N GLN A 9 14.52 -1.65 9.37
CA GLN A 9 14.37 -3.03 9.84
C GLN A 9 13.08 -3.59 9.26
N THR A 10 12.08 -2.72 9.18
CA THR A 10 10.77 -3.08 8.68
C THR A 10 10.80 -3.39 7.18
N ALA A 11 11.62 -2.65 6.42
CA ALA A 11 11.79 -2.93 4.99
C ALA A 11 12.01 -4.41 4.71
N GLN A 12 13.05 -4.98 5.30
CA GLN A 12 13.40 -6.37 5.06
C GLN A 12 12.57 -7.30 5.93
N GLU A 13 11.62 -6.72 6.65
CA GLU A 13 10.69 -7.48 7.45
C GLU A 13 9.48 -7.80 6.59
N VAL A 14 8.94 -6.78 5.94
CA VAL A 14 7.83 -6.95 5.03
C VAL A 14 8.30 -7.69 3.78
N LEU A 15 9.51 -7.39 3.38
CA LEU A 15 10.17 -8.07 2.31
C LEU A 15 10.56 -9.44 2.77
N GLY A 16 10.60 -9.58 4.09
CA GLY A 16 10.82 -10.87 4.68
C GLY A 16 9.68 -11.80 4.32
N TYR A 17 8.56 -11.20 3.98
CA TYR A 17 7.39 -11.95 3.55
C TYR A 17 7.38 -12.13 2.04
N ASN A 18 7.97 -11.18 1.31
CA ASN A 18 8.02 -11.28 -0.14
C ASN A 18 8.94 -12.42 -0.60
N ARG A 19 9.79 -12.91 0.30
CA ARG A 19 10.69 -14.01 -0.05
C ARG A 19 10.43 -15.26 0.78
N ASP A 20 9.53 -15.17 1.75
CA ASP A 20 9.18 -16.32 2.58
C ASP A 20 7.70 -16.61 2.51
N THR A 21 7.37 -17.89 2.37
CA THR A 21 6.00 -18.29 2.21
C THR A 21 5.68 -19.53 3.04
N SER A 22 4.73 -19.40 3.95
CA SER A 22 4.34 -20.51 4.81
C SER A 22 3.04 -20.19 5.53
N GLY A 23 2.11 -21.13 5.51
CA GLY A 23 0.91 -21.01 6.30
C GLY A 23 -0.20 -20.23 5.60
N TRP A 24 0.11 -19.67 4.45
CA TRP A 24 -0.86 -18.87 3.72
C TRP A 24 -1.27 -19.57 2.43
N LYS A 25 -1.99 -18.86 1.59
CA LYS A 25 -2.65 -19.41 0.44
C LYS A 25 -3.35 -18.31 -0.30
N VAL A 26 -3.18 -18.26 -1.61
CA VAL A 26 -3.97 -17.35 -2.40
C VAL A 26 -5.43 -17.68 -2.26
N VAL A 27 -6.16 -16.72 -1.77
CA VAL A 27 -7.56 -16.90 -1.52
C VAL A 27 -8.36 -16.39 -2.71
N LYS A 28 -7.75 -15.49 -3.47
CA LYS A 28 -8.46 -14.84 -4.53
C LYS A 28 -7.53 -14.32 -5.61
N THR A 29 -7.84 -14.67 -6.85
CA THR A 29 -7.13 -14.13 -7.99
C THR A 29 -8.10 -13.42 -8.92
N SER A 30 -7.63 -12.40 -9.62
CA SER A 30 -8.49 -11.64 -10.52
C SER A 30 -7.70 -11.07 -11.68
N LYS A 31 -7.24 -11.95 -12.58
CA LYS A 31 -6.52 -11.55 -13.79
C LYS A 31 -5.10 -11.14 -13.45
N LYS A 32 -4.28 -12.13 -13.11
CA LYS A 32 -2.83 -11.96 -12.90
C LYS A 32 -2.50 -11.38 -11.54
N ILE A 33 -3.51 -11.20 -10.72
CA ILE A 33 -3.29 -10.74 -9.37
C ILE A 33 -3.70 -11.80 -8.37
N THR A 34 -2.95 -11.89 -7.30
CA THR A 34 -2.97 -13.05 -6.42
C THR A 34 -2.98 -12.61 -4.97
N VAL A 35 -4.13 -12.72 -4.31
CA VAL A 35 -4.23 -12.30 -2.93
C VAL A 35 -4.08 -13.51 -2.02
N SER A 36 -2.88 -13.67 -1.49
CA SER A 36 -2.56 -14.76 -0.57
C SER A 36 -2.78 -14.34 0.87
N SER A 37 -3.66 -15.07 1.52
CA SER A 37 -4.08 -14.76 2.86
C SER A 37 -3.50 -15.78 3.85
N LYS A 38 -2.99 -15.27 4.95
CA LYS A 38 -2.45 -16.12 6.00
C LYS A 38 -3.17 -15.86 7.31
N ALA A 39 -2.63 -14.92 8.09
CA ALA A 39 -3.16 -14.59 9.40
C ALA A 39 -2.33 -13.47 10.01
N SER A 40 -2.98 -12.57 10.72
CA SER A 40 -2.31 -11.51 11.44
C SER A 40 -2.44 -11.73 12.93
N ARG A 41 -1.59 -12.60 13.46
CA ARG A 41 -1.60 -12.89 14.88
C ARG A 41 -0.92 -11.76 15.64
N LYS A 42 -0.39 -10.81 14.89
CA LYS A 42 0.14 -9.59 15.46
C LYS A 42 -0.97 -8.80 16.15
N PHE A 43 -2.21 -9.20 15.85
CA PHE A 43 -3.38 -8.62 16.49
C PHE A 43 -4.46 -9.70 16.63
N HIS A 44 -5.36 -9.78 15.66
CA HIS A 44 -6.35 -10.85 15.62
C HIS A 44 -7.12 -10.80 14.30
N GLY A 45 -6.44 -11.11 13.21
CA GLY A 45 -7.07 -11.13 11.92
C GLY A 45 -6.27 -11.95 10.95
N ASN A 46 -6.18 -11.48 9.73
CA ASN A 46 -5.42 -12.18 8.72
C ASN A 46 -4.57 -11.21 7.93
N LEU A 47 -3.46 -11.69 7.42
CA LEU A 47 -2.57 -10.87 6.63
C LEU A 47 -2.74 -11.25 5.17
N TYR A 48 -2.80 -10.25 4.31
CA TYR A 48 -3.11 -10.48 2.91
C TYR A 48 -2.01 -9.92 2.03
N ARG A 49 -1.48 -10.75 1.16
CA ARG A 49 -0.49 -10.29 0.19
C ARG A 49 -1.06 -10.38 -1.20
N VAL A 50 -1.14 -9.26 -1.89
CA VAL A 50 -1.63 -9.26 -3.24
C VAL A 50 -0.45 -9.17 -4.19
N GLU A 51 -0.52 -9.95 -5.24
CA GLU A 51 0.61 -10.15 -6.12
C GLU A 51 0.14 -10.13 -7.56
N GLY A 52 0.47 -9.08 -8.27
CA GLY A 52 0.02 -8.95 -9.62
C GLY A 52 1.10 -8.43 -10.53
N ILE A 53 1.14 -8.93 -11.74
CA ILE A 53 2.10 -8.44 -12.70
C ILE A 53 1.53 -7.25 -13.43
N ILE A 54 2.26 -6.16 -13.38
CA ILE A 54 1.88 -4.98 -14.11
C ILE A 54 2.81 -4.83 -15.30
N PRO A 55 2.25 -4.96 -16.51
CA PRO A 55 2.98 -4.80 -17.78
C PRO A 55 3.52 -3.39 -17.95
N GLU A 56 4.48 -3.07 -17.11
CA GLU A 56 5.16 -1.80 -17.13
C GLU A 56 6.46 -1.96 -16.37
N SER A 57 7.30 -0.94 -16.41
CA SER A 57 8.56 -0.98 -15.72
C SER A 57 8.36 -0.63 -14.26
N PRO A 58 9.15 -1.29 -13.41
CA PRO A 58 9.12 -1.09 -11.96
C PRO A 58 9.50 0.34 -11.61
N ALA A 59 10.02 1.03 -12.61
CA ALA A 59 10.35 2.44 -12.49
C ALA A 59 9.09 3.28 -12.41
N LYS A 60 8.19 3.07 -13.35
CA LYS A 60 6.96 3.84 -13.39
C LYS A 60 6.08 3.40 -12.24
N LEU A 61 6.26 2.16 -11.84
CA LEU A 61 5.59 1.63 -10.66
C LEU A 61 6.05 2.38 -9.42
N SER A 62 7.36 2.45 -9.22
CA SER A 62 7.92 3.20 -8.12
C SER A 62 7.65 4.70 -8.31
N ASP A 63 7.20 5.07 -9.50
CA ASP A 63 6.92 6.45 -9.81
C ASP A 63 5.53 6.87 -9.32
N PHE A 64 4.54 5.98 -9.49
CA PHE A 64 3.16 6.34 -9.16
C PHE A 64 2.88 6.21 -7.66
N LEU A 65 3.38 5.14 -7.03
CA LEU A 65 3.06 4.84 -5.64
C LEU A 65 4.00 5.58 -4.70
N TYR A 66 4.77 6.49 -5.28
CA TYR A 66 5.89 7.13 -4.59
C TYR A 66 5.55 7.54 -3.14
N GLN A 67 4.70 8.57 -2.94
CA GLN A 67 4.31 8.94 -1.57
C GLN A 67 3.05 9.82 -1.48
N THR A 68 3.05 10.97 -2.12
CA THR A 68 2.10 12.02 -1.77
C THR A 68 1.88 13.03 -2.90
N GLY A 69 2.14 12.62 -4.13
CA GLY A 69 2.25 13.62 -5.18
C GLY A 69 1.39 13.37 -6.40
N ASP A 70 0.62 12.30 -6.40
CA ASP A 70 -0.06 11.86 -7.62
C ASP A 70 -1.01 10.71 -7.32
N ARG A 71 -0.57 9.81 -6.47
CA ARG A 71 -1.29 8.58 -6.17
C ARG A 71 -2.72 8.87 -5.72
N ILE A 72 -2.89 9.92 -4.94
CA ILE A 72 -4.20 10.26 -4.38
C ILE A 72 -5.01 11.09 -5.35
N THR A 73 -4.38 11.51 -6.42
CA THR A 73 -5.04 12.38 -7.35
C THR A 73 -5.75 11.56 -8.42
N TRP A 74 -5.26 10.35 -8.67
CA TRP A 74 -5.89 9.48 -9.66
C TRP A 74 -6.56 8.26 -9.03
N ASP A 75 -6.39 8.11 -7.72
CA ASP A 75 -6.82 6.89 -7.02
C ASP A 75 -8.35 6.77 -6.93
N LYS A 76 -8.79 5.63 -6.42
CA LYS A 76 -10.21 5.32 -6.26
C LYS A 76 -10.57 5.41 -4.79
N SER A 77 -9.58 5.14 -3.96
CA SER A 77 -9.80 5.02 -2.53
C SER A 77 -8.83 5.88 -1.75
N LEU A 78 -8.28 6.88 -2.41
CA LEU A 78 -7.41 7.82 -1.73
C LEU A 78 -8.08 9.19 -1.62
N GLN A 79 -7.66 9.96 -0.63
CA GLN A 79 -8.36 11.19 -0.28
C GLN A 79 -7.42 12.38 -0.23
N VAL A 80 -6.45 12.32 0.65
CA VAL A 80 -5.64 13.50 0.92
C VAL A 80 -4.28 13.14 1.50
N TYR A 81 -3.26 13.66 0.85
CA TYR A 81 -1.88 13.45 1.25
C TYR A 81 -1.45 14.54 2.23
N ASN A 82 -0.62 14.15 3.18
CA ASN A 82 0.03 15.10 4.09
C ASN A 82 1.37 14.54 4.52
N MET A 83 2.46 15.13 4.04
CA MET A 83 3.78 14.68 4.46
C MET A 83 4.09 15.28 5.82
N VAL A 84 4.11 14.41 6.84
CA VAL A 84 4.16 14.87 8.22
C VAL A 84 5.60 15.13 8.64
N HIS A 85 6.34 14.06 8.82
CA HIS A 85 7.75 14.15 9.19
C HIS A 85 8.58 13.35 8.20
N ARG A 86 9.51 14.01 7.54
CA ARG A 86 10.43 13.33 6.64
C ARG A 86 11.74 13.15 7.37
N ILE A 87 12.19 11.91 7.42
CA ILE A 87 13.29 11.57 8.32
C ILE A 87 14.64 11.69 7.64
N ASP A 88 14.82 10.97 6.55
CA ASP A 88 16.17 10.77 6.01
C ASP A 88 16.17 10.73 4.49
N SER A 89 15.30 11.53 3.87
CA SER A 89 15.23 11.64 2.41
C SER A 89 14.60 10.42 1.75
N ASP A 90 14.82 9.23 2.32
CA ASP A 90 14.30 8.00 1.74
C ASP A 90 13.33 7.38 2.71
N THR A 91 12.99 8.16 3.73
CA THR A 91 12.16 7.69 4.80
C THR A 91 11.17 8.77 5.16
N PHE A 92 9.90 8.48 4.97
CA PHE A 92 8.87 9.48 5.18
C PHE A 92 7.83 8.96 6.16
N ILE A 93 6.88 9.81 6.45
CA ILE A 93 5.69 9.42 7.18
C ILE A 93 4.50 10.05 6.49
N CYS A 94 3.61 9.23 5.98
CA CYS A 94 2.53 9.73 5.14
C CYS A 94 1.22 9.86 5.92
N HIS A 95 0.82 11.09 6.16
CA HIS A 95 -0.50 11.38 6.72
C HIS A 95 -1.52 11.32 5.58
N THR A 96 -1.75 10.11 5.11
CA THR A 96 -2.61 9.84 3.98
C THR A 96 -4.01 9.45 4.44
N ILE A 97 -5.00 10.27 4.13
CA ILE A 97 -6.37 9.86 4.40
C ILE A 97 -6.87 9.03 3.22
N THR A 98 -7.38 7.86 3.54
CA THR A 98 -7.88 6.95 2.52
C THR A 98 -9.40 6.85 2.62
N GLN A 99 -10.00 6.29 1.58
CA GLN A 99 -11.41 6.04 1.54
C GLN A 99 -11.65 4.54 1.47
N SER A 100 -11.47 3.85 2.58
CA SER A 100 -11.67 2.40 2.63
C SER A 100 -13.16 2.06 2.73
N PHE A 101 -13.96 2.91 2.11
CA PHE A 101 -15.41 2.77 2.08
C PHE A 101 -15.81 1.46 1.40
N ALA A 102 -16.09 0.47 2.22
CA ALA A 102 -16.61 -0.80 1.72
C ALA A 102 -18.06 -0.67 1.30
N VAL A 103 -18.93 -0.54 2.29
CA VAL A 103 -20.36 -0.39 2.03
C VAL A 103 -20.86 0.83 2.78
N GLY A 104 -19.92 1.54 3.37
CA GLY A 104 -20.26 2.58 4.31
C GLY A 104 -19.95 2.16 5.72
N SER A 105 -19.43 0.95 5.83
CA SER A 105 -19.06 0.38 7.12
C SER A 105 -17.81 1.08 7.63
N ILE A 106 -16.98 1.46 6.69
CA ILE A 106 -15.67 1.98 6.98
C ILE A 106 -15.60 3.44 6.57
N SER A 107 -15.39 4.31 7.54
CA SER A 107 -15.21 5.72 7.28
C SER A 107 -13.85 5.94 6.62
N PRO A 108 -13.63 7.13 6.01
CA PRO A 108 -12.31 7.50 5.50
C PRO A 108 -11.25 7.31 6.57
N ARG A 109 -10.35 6.37 6.34
CA ARG A 109 -9.39 6.03 7.37
C ARG A 109 -8.15 6.87 7.21
N ASP A 110 -7.64 7.34 8.33
CA ASP A 110 -6.50 8.21 8.30
C ASP A 110 -5.25 7.38 8.48
N PHE A 111 -4.29 7.52 7.59
CA PHE A 111 -3.07 6.75 7.69
C PHE A 111 -1.91 7.62 8.12
N ILE A 112 -1.02 6.99 8.88
CA ILE A 112 0.24 7.59 9.28
C ILE A 112 1.31 6.53 9.14
N ASP A 113 1.58 6.18 7.92
CA ASP A 113 2.51 5.12 7.63
C ASP A 113 3.91 5.69 7.48
N LEU A 114 4.79 5.31 8.38
CA LEU A 114 6.19 5.60 8.22
C LEU A 114 6.76 4.68 7.18
N VAL A 115 7.26 5.29 6.15
CA VAL A 115 7.53 4.58 4.94
C VAL A 115 8.98 4.71 4.54
N TYR A 116 9.61 3.58 4.37
CA TYR A 116 10.97 3.56 3.91
C TYR A 116 11.04 3.06 2.48
N ILE A 117 11.55 3.92 1.61
CA ILE A 117 11.69 3.58 0.21
C ILE A 117 13.04 2.93 -0.04
N LYS A 118 13.05 1.61 -0.10
CA LYS A 118 14.26 0.86 -0.37
C LYS A 118 14.20 0.31 -1.77
N ARG A 119 15.34 0.33 -2.44
CA ARG A 119 15.39 -0.12 -3.80
C ARG A 119 16.55 -1.07 -3.95
N TYR A 120 16.23 -2.33 -4.03
CA TYR A 120 17.20 -3.32 -4.44
C TYR A 120 17.42 -3.12 -5.92
N GLU A 121 18.64 -2.73 -6.27
CA GLU A 121 19.04 -2.41 -7.65
C GLU A 121 18.46 -3.38 -8.66
N GLY A 122 17.34 -2.97 -9.25
CA GLY A 122 16.66 -3.76 -10.25
C GLY A 122 16.19 -5.09 -9.70
N ASN A 123 15.76 -5.07 -8.45
CA ASN A 123 15.31 -6.27 -7.77
C ASN A 123 14.00 -6.00 -7.04
N MET A 124 13.92 -4.88 -6.32
CA MET A 124 12.72 -4.55 -5.55
C MET A 124 12.62 -3.06 -5.26
N ASN A 125 11.53 -2.47 -5.69
CA ASN A 125 11.22 -1.07 -5.41
C ASN A 125 10.16 -1.00 -4.33
N ILE A 126 10.58 -1.29 -3.11
CA ILE A 126 9.65 -1.43 -2.00
C ILE A 126 9.52 -0.16 -1.16
N ILE A 127 8.28 0.20 -0.82
CA ILE A 127 8.04 1.16 0.25
C ILE A 127 7.56 0.41 1.49
N SER A 128 8.42 0.38 2.49
CA SER A 128 8.11 -0.29 3.75
C SER A 128 7.45 0.69 4.72
N SER A 129 6.20 0.43 5.05
CA SER A 129 5.43 1.37 5.84
C SER A 129 5.08 0.79 7.21
N LYS A 130 5.05 1.66 8.20
CA LYS A 130 4.63 1.30 9.53
C LYS A 130 3.69 2.35 10.01
N SER A 131 2.49 1.98 10.40
CA SER A 131 1.64 2.92 11.05
C SER A 131 2.33 3.27 12.36
N VAL A 132 3.01 4.38 12.36
CA VAL A 132 3.96 4.64 13.38
C VAL A 132 3.39 5.66 14.33
N ASP A 133 3.51 5.35 15.59
CA ASP A 133 2.80 6.02 16.63
C ASP A 133 3.61 7.22 17.09
N PHE A 134 3.71 8.21 16.21
CA PHE A 134 4.58 9.34 16.44
C PHE A 134 3.72 10.59 16.78
N PRO A 135 4.34 11.74 17.12
CA PRO A 135 3.65 12.98 17.55
C PRO A 135 2.31 13.30 16.85
N GLU A 136 2.28 13.29 15.53
CA GLU A 136 1.08 13.73 14.78
C GLU A 136 0.04 12.62 14.67
N TYR A 137 0.54 11.41 14.83
CA TYR A 137 -0.25 10.20 14.65
C TYR A 137 -1.53 10.10 15.51
N PRO A 138 -1.55 10.56 16.80
CA PRO A 138 -2.79 10.60 17.59
C PRO A 138 -3.99 11.10 16.77
N PRO A 139 -5.00 10.23 16.56
CA PRO A 139 -6.14 10.50 15.69
C PRO A 139 -7.28 11.26 16.37
N SER A 140 -8.48 11.04 15.85
CA SER A 140 -9.68 11.68 16.36
C SER A 140 -10.78 10.64 16.43
N SER A 141 -12.03 11.07 16.45
CA SER A 141 -13.13 10.12 16.50
C SER A 141 -13.58 9.74 15.08
N ASN A 142 -13.55 10.70 14.17
CA ASN A 142 -14.01 10.47 12.80
C ASN A 142 -12.97 9.70 12.01
N TYR A 143 -11.72 10.13 12.08
CA TYR A 143 -10.65 9.50 11.33
C TYR A 143 -9.96 8.46 12.17
N ILE A 144 -9.90 7.25 11.65
CA ILE A 144 -9.31 6.16 12.39
C ILE A 144 -7.97 5.82 11.78
N ARG A 145 -6.92 6.21 12.49
CA ARG A 145 -5.57 5.91 12.07
C ARG A 145 -5.39 4.41 11.95
N GLY A 146 -5.43 3.91 10.72
CA GLY A 146 -5.25 2.50 10.48
C GLY A 146 -3.87 2.04 10.88
N TYR A 147 -3.81 1.14 11.85
CA TYR A 147 -2.52 0.68 12.34
C TYR A 147 -1.99 -0.46 11.49
N ASN A 148 -1.37 -0.09 10.38
CA ASN A 148 -0.70 -1.05 9.53
C ASN A 148 0.56 -1.55 10.21
N HIS A 149 0.51 -2.79 10.69
CA HIS A 149 1.68 -3.45 11.26
C HIS A 149 2.67 -3.70 10.14
N PRO A 150 3.95 -3.31 10.38
CA PRO A 150 5.05 -3.25 9.38
C PRO A 150 4.81 -4.02 8.09
N CYS A 151 3.87 -3.54 7.31
CA CYS A 151 3.60 -4.06 5.99
C CYS A 151 4.27 -3.16 4.96
N GLY A 152 4.04 -3.42 3.70
CA GLY A 152 4.69 -2.62 2.69
C GLY A 152 4.22 -2.93 1.32
N PHE A 153 5.10 -2.74 0.37
CA PHE A 153 4.72 -2.68 -1.03
C PHE A 153 5.96 -2.88 -1.86
N VAL A 154 6.24 -4.11 -2.23
CA VAL A 154 7.43 -4.38 -2.97
C VAL A 154 7.13 -4.54 -4.45
N CYS A 155 7.93 -3.89 -5.25
CA CYS A 155 7.80 -3.99 -6.69
C CYS A 155 9.02 -4.70 -7.26
N SER A 156 8.78 -5.79 -7.98
CA SER A 156 9.88 -6.64 -8.40
C SER A 156 9.99 -6.72 -9.91
N PRO A 157 11.10 -6.21 -10.48
CA PRO A 157 11.42 -6.38 -11.90
C PRO A 157 11.30 -7.84 -12.33
N MET A 158 10.45 -8.11 -13.30
CA MET A 158 10.16 -9.48 -13.70
C MET A 158 11.24 -10.06 -14.59
N GLU A 159 10.92 -11.20 -15.19
CA GLU A 159 11.78 -11.80 -16.20
C GLU A 159 11.87 -10.85 -17.39
N GLU A 160 10.78 -10.13 -17.59
CA GLU A 160 10.67 -9.17 -18.68
C GLU A 160 10.83 -7.76 -18.13
N ASN A 161 11.57 -7.69 -17.03
CA ASN A 161 11.85 -6.47 -16.25
C ASN A 161 11.14 -5.19 -16.73
N PRO A 162 11.58 -4.51 -17.81
CA PRO A 162 11.01 -3.21 -18.20
C PRO A 162 9.61 -3.31 -18.81
N ALA A 163 9.21 -4.51 -19.19
CA ALA A 163 7.94 -4.73 -19.86
C ALA A 163 6.91 -5.36 -18.92
N TYR A 164 7.40 -6.09 -17.92
CA TYR A 164 6.54 -6.69 -16.92
C TYR A 164 7.17 -6.52 -15.55
N SER A 165 6.39 -6.09 -14.57
CA SER A 165 6.90 -5.96 -13.23
C SER A 165 5.98 -6.66 -12.23
N LYS A 166 6.59 -7.20 -11.19
CA LYS A 166 5.86 -7.92 -10.17
C LYS A 166 5.49 -7.00 -9.01
N LEU A 167 4.22 -6.64 -9.00
CA LEU A 167 3.65 -5.82 -7.96
C LEU A 167 3.17 -6.71 -6.81
N VAL A 168 3.92 -6.75 -5.72
CA VAL A 168 3.52 -7.54 -4.57
C VAL A 168 3.46 -6.69 -3.28
N MET A 169 2.27 -6.58 -2.73
CA MET A 169 2.03 -5.73 -1.58
C MET A 169 1.46 -6.55 -0.44
N PHE A 170 1.82 -6.19 0.77
CA PHE A 170 1.34 -6.89 1.96
C PHE A 170 0.57 -5.93 2.82
N VAL A 171 -0.56 -6.36 3.31
CA VAL A 171 -1.37 -5.54 4.17
C VAL A 171 -1.56 -6.24 5.52
N GLN A 172 -1.08 -5.60 6.59
CA GLN A 172 -1.13 -6.18 7.92
C GLN A 172 -1.79 -5.16 8.84
N THR A 173 -2.93 -4.72 8.38
CA THR A 173 -3.66 -3.65 9.05
C THR A 173 -4.29 -4.16 10.35
N GLU A 174 -4.45 -3.26 11.31
CA GLU A 174 -4.98 -3.62 12.62
C GLU A 174 -6.50 -3.68 12.60
N MET A 175 -7.07 -3.02 11.59
CA MET A 175 -8.49 -3.13 11.29
C MET A 175 -9.35 -2.51 12.39
N ARG A 176 -8.85 -1.41 12.97
CA ARG A 176 -9.60 -0.69 13.99
C ARG A 176 -10.65 0.20 13.32
N GLY A 177 -10.89 -0.05 12.04
CA GLY A 177 -11.72 0.83 11.25
C GLY A 177 -13.19 0.43 11.23
N LYS A 178 -13.67 -0.10 12.35
CA LYS A 178 -15.11 -0.34 12.55
C LYS A 178 -15.69 -1.30 11.51
N LEU A 179 -15.25 -2.56 11.54
CA LEU A 179 -15.70 -3.53 10.56
C LEU A 179 -15.74 -4.93 11.15
N SER A 180 -16.50 -5.78 10.50
CA SER A 180 -16.70 -7.15 10.92
C SER A 180 -16.02 -8.08 9.90
N PRO A 181 -15.72 -9.34 10.27
CA PRO A 181 -15.01 -10.28 9.39
C PRO A 181 -15.46 -10.24 7.92
N SER A 182 -16.78 -10.24 7.70
CA SER A 182 -17.31 -10.26 6.34
C SER A 182 -17.13 -8.91 5.64
N ILE A 183 -16.87 -7.88 6.42
CA ILE A 183 -16.66 -6.53 5.89
C ILE A 183 -15.21 -6.40 5.48
N ILE A 184 -14.41 -7.04 6.29
CA ILE A 184 -12.99 -7.10 6.13
C ILE A 184 -12.62 -7.90 4.90
N GLU A 185 -13.45 -8.90 4.61
CA GLU A 185 -13.40 -9.60 3.34
C GLU A 185 -13.50 -8.59 2.20
N LYS A 186 -14.26 -7.55 2.46
CA LYS A 186 -14.48 -6.48 1.50
C LYS A 186 -13.48 -5.34 1.68
N THR A 187 -12.77 -5.32 2.81
CA THR A 187 -11.74 -4.29 2.97
C THR A 187 -10.36 -4.76 2.49
N MET A 188 -9.94 -5.96 2.86
CA MET A 188 -8.58 -6.38 2.54
C MET A 188 -8.47 -6.89 1.10
N PRO A 189 -9.09 -8.04 0.76
CA PRO A 189 -8.98 -8.61 -0.58
C PRO A 189 -9.51 -7.67 -1.65
N SER A 190 -10.50 -6.88 -1.30
CA SER A 190 -11.14 -5.98 -2.27
C SER A 190 -10.29 -4.75 -2.54
N ASN A 191 -9.51 -4.32 -1.55
CA ASN A 191 -8.71 -3.11 -1.68
C ASN A 191 -7.33 -3.42 -2.23
N LEU A 192 -6.81 -4.61 -1.95
CA LEU A 192 -5.49 -4.97 -2.44
C LEU A 192 -5.45 -5.02 -3.96
N VAL A 193 -6.43 -5.70 -4.54
CA VAL A 193 -6.50 -5.84 -5.99
C VAL A 193 -6.78 -4.48 -6.62
N ASN A 194 -7.59 -3.71 -5.92
CA ASN A 194 -7.95 -2.36 -6.33
C ASN A 194 -6.75 -1.44 -6.27
N PHE A 195 -5.85 -1.70 -5.33
CA PHE A 195 -4.63 -0.92 -5.23
C PHE A 195 -3.69 -1.30 -6.37
N ILE A 196 -3.81 -2.53 -6.85
CA ILE A 196 -3.06 -2.94 -8.02
C ILE A 196 -3.73 -2.41 -9.28
N LEU A 197 -5.03 -2.21 -9.21
CA LEU A 197 -5.75 -1.57 -10.30
C LEU A 197 -5.41 -0.10 -10.32
N ASN A 198 -5.30 0.46 -9.15
CA ASN A 198 -4.68 1.77 -8.99
C ASN A 198 -3.35 1.79 -9.70
N ALA A 199 -2.63 0.69 -9.62
CA ALA A 199 -1.33 0.62 -10.23
C ALA A 199 -1.46 0.44 -11.73
N LYS A 200 -2.38 -0.41 -12.16
CA LYS A 200 -2.66 -0.60 -13.58
C LYS A 200 -3.10 0.72 -14.22
N ASP A 201 -3.94 1.43 -13.50
CA ASP A 201 -4.54 2.65 -14.04
C ASP A 201 -3.64 3.84 -13.79
N GLY A 202 -2.99 3.85 -12.63
CA GLY A 202 -2.08 4.93 -12.30
C GLY A 202 -0.82 4.86 -13.13
N ILE A 203 -0.45 3.66 -13.53
CA ILE A 203 0.70 3.47 -14.38
C ILE A 203 0.38 3.98 -15.78
N LYS A 204 -0.88 3.85 -16.19
CA LYS A 204 -1.30 4.31 -17.50
C LYS A 204 -1.67 5.77 -17.42
N ALA A 205 -2.04 6.20 -16.24
CA ALA A 205 -2.15 7.61 -15.94
C ALA A 205 -0.77 8.23 -16.02
N HIS A 206 0.22 7.44 -15.65
CA HIS A 206 1.62 7.86 -15.64
C HIS A 206 2.33 7.52 -16.96
N ARG A 207 1.63 6.84 -17.86
CA ARG A 207 2.21 6.40 -19.14
C ARG A 207 1.45 7.03 -20.30
N THR A 208 0.14 6.90 -20.21
CA THR A 208 -0.79 7.41 -21.21
C THR A 208 -1.31 8.78 -20.77
N PRO A 209 -1.69 9.66 -21.72
CA PRO A 209 -2.27 10.98 -21.43
C PRO A 209 -3.57 10.89 -20.61
N SER A 210 -3.41 10.59 -19.33
CA SER A 210 -4.53 10.57 -18.39
C SER A 210 -4.32 11.66 -17.34
N ARG A 211 -3.36 12.54 -17.62
CA ARG A 211 -3.08 13.67 -16.75
C ARG A 211 -3.65 14.93 -17.36
N ARG A 212 -4.49 14.74 -18.39
CA ARG A 212 -5.19 15.85 -19.04
C ARG A 212 -6.08 16.55 -18.02
N GLY A 213 -6.48 15.81 -17.00
CA GLY A 213 -7.24 16.38 -15.91
C GLY A 213 -6.72 15.89 -14.58
N PHE A 214 -5.91 16.70 -13.93
CA PHE A 214 -5.38 16.37 -12.60
C PHE A 214 -6.47 16.55 -11.54
N HIS A 215 -6.11 16.25 -10.29
CA HIS A 215 -7.01 16.45 -9.14
C HIS A 215 -8.12 15.41 -9.13
N HIS A 216 -8.34 14.78 -7.97
CA HIS A 216 -9.46 13.86 -7.81
C HIS A 216 -10.77 14.62 -7.88
N ASN A 217 -11.33 14.69 -9.09
CA ASN A 217 -12.49 15.51 -9.39
C ASN A 217 -13.79 14.88 -8.91
N SER A 218 -13.79 14.39 -7.67
CA SER A 218 -14.99 13.81 -7.08
C SER A 218 -15.52 14.71 -5.97
N HIS A 219 -14.93 15.91 -5.86
CA HIS A 219 -15.28 16.88 -4.84
C HIS A 219 -15.11 16.26 -3.43
N SER A 220 -14.04 15.52 -3.27
CA SER A 220 -13.74 14.88 -2.01
C SER A 220 -12.23 14.80 -1.83
N MET A 1 19.60 6.55 11.52
CA MET A 1 18.85 7.78 11.87
C MET A 1 17.92 7.55 13.07
N ASP A 2 16.73 6.98 12.82
CA ASP A 2 15.75 6.74 13.88
C ASP A 2 14.56 5.97 13.33
N PHE A 3 13.68 6.68 12.62
CA PHE A 3 12.59 6.04 11.91
C PHE A 3 13.17 5.12 10.87
N LYS A 4 14.33 5.52 10.39
CA LYS A 4 15.07 4.78 9.44
C LYS A 4 15.41 3.45 10.06
N ALA A 5 15.93 3.49 11.29
CA ALA A 5 16.32 2.30 12.01
C ALA A 5 15.22 1.23 12.01
N ILE A 6 13.98 1.64 12.30
CA ILE A 6 12.91 0.67 12.48
C ILE A 6 12.37 0.23 11.13
N ALA A 7 12.32 1.19 10.23
CA ALA A 7 11.75 1.01 8.93
C ALA A 7 12.73 0.33 7.98
N GLN A 8 13.99 0.59 8.23
CA GLN A 8 15.08 -0.04 7.50
C GLN A 8 15.09 -1.51 7.82
N GLN A 9 14.68 -1.81 9.02
CA GLN A 9 14.54 -3.19 9.44
C GLN A 9 13.22 -3.72 8.92
N THR A 10 12.19 -2.93 9.09
CA THR A 10 10.86 -3.25 8.61
C THR A 10 10.87 -3.51 7.09
N ALA A 11 11.69 -2.75 6.37
CA ALA A 11 11.90 -2.98 4.94
C ALA A 11 12.17 -4.45 4.64
N GLN A 12 13.23 -4.97 5.23
CA GLN A 12 13.63 -6.35 4.97
C GLN A 12 12.78 -7.32 5.78
N GLU A 13 11.94 -6.79 6.66
CA GLU A 13 10.97 -7.62 7.37
C GLU A 13 9.80 -7.92 6.48
N VAL A 14 9.29 -6.89 5.84
CA VAL A 14 8.17 -7.03 4.95
C VAL A 14 8.64 -7.68 3.66
N LEU A 15 9.79 -7.26 3.19
CA LEU A 15 10.40 -7.88 2.05
C LEU A 15 10.85 -9.27 2.43
N GLY A 16 11.01 -9.44 3.72
CA GLY A 16 11.28 -10.75 4.26
C GLY A 16 10.11 -11.68 4.03
N TYR A 17 8.95 -11.10 3.72
CA TYR A 17 7.77 -11.86 3.42
C TYR A 17 7.78 -12.20 1.95
N ASN A 18 8.33 -11.31 1.13
CA ASN A 18 8.30 -11.52 -0.29
C ASN A 18 9.35 -12.56 -0.69
N ARG A 19 10.15 -12.96 0.28
CA ARG A 19 11.15 -14.00 0.09
C ARG A 19 10.89 -15.17 1.04
N ASP A 20 9.74 -15.17 1.68
CA ASP A 20 9.35 -16.22 2.62
C ASP A 20 7.89 -16.58 2.43
N THR A 21 7.62 -17.78 1.93
CA THR A 21 6.27 -18.13 1.55
C THR A 21 5.83 -19.46 2.16
N SER A 22 4.92 -19.38 3.11
CA SER A 22 4.48 -20.54 3.85
C SER A 22 3.27 -20.22 4.72
N GLY A 23 2.54 -21.26 5.11
CA GLY A 23 1.44 -21.11 6.08
C GLY A 23 0.24 -20.37 5.52
N TRP A 24 0.26 -20.07 4.24
CA TRP A 24 -0.82 -19.32 3.61
C TRP A 24 -1.45 -20.13 2.50
N LYS A 25 -2.20 -19.46 1.66
CA LYS A 25 -2.91 -20.07 0.56
C LYS A 25 -3.59 -19.01 -0.25
N VAL A 26 -3.47 -19.11 -1.55
CA VAL A 26 -4.14 -18.19 -2.43
C VAL A 26 -5.64 -18.37 -2.35
N VAL A 27 -6.28 -17.31 -1.95
CA VAL A 27 -7.71 -17.33 -1.81
C VAL A 27 -8.34 -16.75 -3.07
N LYS A 28 -7.62 -15.85 -3.73
CA LYS A 28 -8.22 -15.09 -4.82
C LYS A 28 -7.17 -14.71 -5.84
N THR A 29 -7.48 -14.90 -7.10
CA THR A 29 -6.58 -14.46 -8.16
C THR A 29 -7.35 -14.17 -9.45
N SER A 30 -6.81 -13.27 -10.25
CA SER A 30 -7.46 -12.84 -11.47
C SER A 30 -6.61 -13.20 -12.69
N LYS A 31 -5.80 -14.27 -12.54
CA LYS A 31 -4.99 -14.79 -13.65
C LYS A 31 -3.88 -13.80 -13.99
N LYS A 32 -3.55 -12.97 -13.02
CA LYS A 32 -2.52 -11.96 -13.19
C LYS A 32 -2.14 -11.41 -11.83
N ILE A 33 -3.16 -11.19 -11.00
CA ILE A 33 -2.94 -10.85 -9.61
C ILE A 33 -3.35 -12.03 -8.75
N THR A 34 -2.75 -12.14 -7.59
CA THR A 34 -2.87 -13.33 -6.77
C THR A 34 -2.84 -12.98 -5.29
N VAL A 35 -3.92 -13.32 -4.60
CA VAL A 35 -4.09 -12.96 -3.20
C VAL A 35 -4.01 -14.20 -2.32
N SER A 36 -2.94 -14.29 -1.55
CA SER A 36 -2.74 -15.38 -0.61
C SER A 36 -3.11 -14.93 0.81
N SER A 37 -3.90 -15.73 1.48
CA SER A 37 -4.39 -15.41 2.81
C SER A 37 -3.62 -16.18 3.86
N LYS A 38 -3.05 -15.46 4.81
CA LYS A 38 -2.32 -16.06 5.92
C LYS A 38 -2.68 -15.33 7.21
N ALA A 39 -3.23 -16.07 8.17
CA ALA A 39 -3.62 -15.50 9.47
C ALA A 39 -2.57 -14.54 10.02
N SER A 40 -3.05 -13.41 10.56
CA SER A 40 -2.17 -12.36 11.09
C SER A 40 -1.44 -12.82 12.34
N ARG A 41 -0.91 -11.84 13.06
CA ARG A 41 -0.29 -12.08 14.36
C ARG A 41 -1.36 -12.43 15.41
N LYS A 42 -2.56 -12.76 14.93
CA LYS A 42 -3.66 -13.20 15.79
C LYS A 42 -4.17 -12.05 16.64
N PHE A 43 -4.25 -10.88 16.03
CA PHE A 43 -4.68 -9.70 16.73
C PHE A 43 -5.71 -8.94 15.91
N HIS A 44 -5.59 -9.06 14.59
CA HIS A 44 -6.59 -8.49 13.69
C HIS A 44 -7.44 -9.61 13.12
N GLY A 45 -6.83 -10.47 12.33
CA GLY A 45 -7.52 -11.60 11.76
C GLY A 45 -6.63 -12.35 10.81
N ASN A 46 -6.72 -12.02 9.53
CA ASN A 46 -5.86 -12.62 8.53
C ASN A 46 -5.05 -11.56 7.81
N LEU A 47 -3.80 -11.89 7.53
CA LEU A 47 -2.93 -11.03 6.74
C LEU A 47 -3.05 -11.48 5.29
N TYR A 48 -2.86 -10.59 4.34
CA TYR A 48 -3.17 -10.91 2.96
C TYR A 48 -2.05 -10.45 2.04
N ARG A 49 -1.72 -11.29 1.07
CA ARG A 49 -0.70 -10.95 0.09
C ARG A 49 -1.29 -10.84 -1.30
N VAL A 50 -0.99 -9.77 -1.99
CA VAL A 50 -1.31 -9.69 -3.41
C VAL A 50 -0.05 -9.69 -4.24
N GLU A 51 -0.14 -10.32 -5.38
CA GLU A 51 0.95 -10.39 -6.33
C GLU A 51 0.39 -10.27 -7.73
N GLY A 52 0.64 -9.15 -8.36
CA GLY A 52 0.15 -8.93 -9.69
C GLY A 52 1.20 -8.32 -10.57
N ILE A 53 1.25 -8.70 -11.82
CA ILE A 53 2.20 -8.11 -12.73
C ILE A 53 1.62 -6.86 -13.36
N ILE A 54 2.20 -5.72 -13.01
CA ILE A 54 1.84 -4.46 -13.63
C ILE A 54 2.66 -4.29 -14.89
N PRO A 55 2.01 -4.29 -16.05
CA PRO A 55 2.66 -4.11 -17.36
C PRO A 55 3.26 -2.71 -17.53
N GLU A 56 4.16 -2.36 -16.62
CA GLU A 56 4.90 -1.14 -16.70
C GLU A 56 6.16 -1.29 -15.85
N SER A 57 7.09 -0.36 -15.98
CA SER A 57 8.33 -0.41 -15.28
C SER A 57 8.13 -0.14 -13.80
N PRO A 58 8.96 -0.79 -12.99
CA PRO A 58 8.96 -0.64 -11.53
C PRO A 58 9.31 0.79 -11.13
N ALA A 59 9.72 1.56 -12.13
CA ALA A 59 10.02 2.97 -11.95
C ALA A 59 8.73 3.76 -11.72
N LYS A 60 7.77 3.62 -12.63
CA LYS A 60 6.50 4.29 -12.50
C LYS A 60 5.74 3.65 -11.34
N LEU A 61 6.07 2.41 -11.04
CA LEU A 61 5.52 1.76 -9.87
C LEU A 61 5.97 2.49 -8.62
N SER A 62 7.29 2.57 -8.44
CA SER A 62 7.86 3.29 -7.31
C SER A 62 7.54 4.79 -7.41
N ASP A 63 7.03 5.20 -8.56
CA ASP A 63 6.70 6.59 -8.82
C ASP A 63 5.29 6.94 -8.36
N PHE A 64 4.33 6.03 -8.53
CA PHE A 64 2.94 6.34 -8.22
C PHE A 64 2.63 6.10 -6.75
N LEU A 65 3.07 4.97 -6.20
CA LEU A 65 2.70 4.59 -4.85
C LEU A 65 3.62 5.27 -3.86
N TYR A 66 4.45 6.15 -4.40
CA TYR A 66 5.48 6.85 -3.65
C TYR A 66 4.91 7.46 -2.36
N GLN A 67 4.10 8.50 -2.50
CA GLN A 67 3.49 9.17 -1.35
C GLN A 67 2.58 10.31 -1.83
N THR A 68 3.08 11.05 -2.81
CA THR A 68 2.40 12.24 -3.30
C THR A 68 2.73 12.42 -4.78
N GLY A 69 2.98 11.32 -5.45
CA GLY A 69 3.49 11.36 -6.79
C GLY A 69 2.44 11.78 -7.76
N ASP A 70 1.24 11.30 -7.49
CA ASP A 70 0.16 11.29 -8.44
C ASP A 70 -0.91 10.33 -7.95
N ARG A 71 -0.47 9.41 -7.08
CA ARG A 71 -1.32 8.40 -6.48
C ARG A 71 -2.68 8.96 -6.11
N ILE A 72 -2.69 10.06 -5.37
CA ILE A 72 -3.96 10.56 -4.83
C ILE A 72 -4.72 11.38 -5.84
N THR A 73 -4.06 11.74 -6.92
CA THR A 73 -4.68 12.60 -7.89
C THR A 73 -5.51 11.77 -8.86
N TRP A 74 -5.09 10.53 -9.10
CA TRP A 74 -5.82 9.65 -10.02
C TRP A 74 -6.47 8.47 -9.29
N ASP A 75 -6.22 8.37 -8.00
CA ASP A 75 -6.58 7.17 -7.23
C ASP A 75 -8.08 6.89 -7.19
N LYS A 76 -8.38 5.69 -6.73
CA LYS A 76 -9.72 5.17 -6.62
C LYS A 76 -10.30 5.51 -5.25
N SER A 77 -9.40 5.47 -4.27
CA SER A 77 -9.77 5.60 -2.88
C SER A 77 -8.82 6.50 -2.11
N LEU A 78 -8.16 7.42 -2.78
CA LEU A 78 -7.29 8.38 -2.10
C LEU A 78 -7.90 9.77 -2.15
N GLN A 79 -7.35 10.65 -1.33
CA GLN A 79 -7.89 12.00 -1.20
C GLN A 79 -6.78 13.02 -0.98
N VAL A 80 -6.08 12.89 0.13
CA VAL A 80 -5.20 13.94 0.60
C VAL A 80 -3.91 13.37 1.16
N TYR A 81 -2.79 13.70 0.54
CA TYR A 81 -1.48 13.38 1.08
C TYR A 81 -0.99 14.53 1.97
N ASN A 82 -0.18 14.20 2.94
CA ASN A 82 0.57 15.20 3.69
C ASN A 82 1.92 14.61 4.07
N MET A 83 2.97 15.21 3.56
CA MET A 83 4.32 14.75 3.84
C MET A 83 4.73 15.24 5.22
N VAL A 84 4.44 14.42 6.23
CA VAL A 84 4.51 14.87 7.63
C VAL A 84 5.95 15.11 8.05
N HIS A 85 6.63 14.03 8.40
CA HIS A 85 8.00 14.14 8.86
C HIS A 85 8.88 13.30 7.96
N ARG A 86 9.82 13.97 7.30
CA ARG A 86 10.74 13.30 6.40
C ARG A 86 12.06 13.08 7.10
N ILE A 87 12.27 11.85 7.57
CA ILE A 87 13.42 11.51 8.39
C ILE A 87 14.69 11.51 7.57
N ASP A 88 14.56 10.98 6.38
CA ASP A 88 15.69 10.75 5.50
C ASP A 88 15.19 10.72 4.07
N SER A 89 16.10 10.79 3.12
CA SER A 89 15.76 10.82 1.71
C SER A 89 15.04 9.55 1.27
N ASP A 90 15.04 8.51 2.11
CA ASP A 90 14.36 7.27 1.78
C ASP A 90 13.43 6.87 2.91
N THR A 91 13.20 7.77 3.86
CA THR A 91 12.44 7.43 5.02
C THR A 91 11.45 8.54 5.32
N PHE A 92 10.19 8.25 5.12
CA PHE A 92 9.16 9.25 5.25
C PHE A 92 8.06 8.77 6.15
N ILE A 93 7.16 9.67 6.48
CA ILE A 93 5.93 9.30 7.14
C ILE A 93 4.79 9.90 6.33
N CYS A 94 3.85 9.06 5.96
CA CYS A 94 2.89 9.39 4.95
C CYS A 94 1.51 9.60 5.56
N HIS A 95 1.09 10.87 5.64
CA HIS A 95 -0.28 11.16 6.01
C HIS A 95 -1.15 11.04 4.77
N THR A 96 -2.06 10.11 4.80
CA THR A 96 -2.90 9.89 3.65
C THR A 96 -4.37 9.72 4.03
N ILE A 97 -5.21 10.64 3.57
CA ILE A 97 -6.64 10.50 3.78
C ILE A 97 -7.21 9.50 2.79
N THR A 98 -7.94 8.53 3.32
CA THR A 98 -8.48 7.44 2.52
C THR A 98 -9.96 7.65 2.23
N GLN A 99 -10.39 7.18 1.07
CA GLN A 99 -11.77 7.30 0.65
C GLN A 99 -12.64 6.22 1.28
N SER A 100 -13.95 6.39 1.15
CA SER A 100 -14.91 5.49 1.75
C SER A 100 -15.33 4.41 0.77
N PHE A 101 -14.81 3.20 0.95
CA PHE A 101 -15.20 2.08 0.15
C PHE A 101 -15.95 1.07 1.01
N ALA A 102 -16.45 0.05 0.36
CA ALA A 102 -17.34 -0.94 0.98
C ALA A 102 -18.59 -0.27 1.52
N VAL A 103 -19.34 0.33 0.59
CA VAL A 103 -20.64 0.99 0.84
C VAL A 103 -20.50 2.28 1.65
N GLY A 104 -19.40 2.43 2.38
CA GLY A 104 -19.22 3.61 3.19
C GLY A 104 -19.03 3.26 4.65
N SER A 105 -19.09 1.96 4.97
CA SER A 105 -18.79 1.50 6.31
C SER A 105 -17.37 1.88 6.67
N ILE A 106 -16.51 1.83 5.66
CA ILE A 106 -15.14 2.25 5.78
C ILE A 106 -15.05 3.72 5.38
N SER A 107 -15.54 4.57 6.27
CA SER A 107 -15.62 6.01 6.03
C SER A 107 -14.21 6.61 5.92
N PRO A 108 -14.10 7.93 5.56
CA PRO A 108 -12.79 8.57 5.35
C PRO A 108 -11.76 8.18 6.38
N ARG A 109 -10.77 7.43 5.95
CA ARG A 109 -9.78 6.88 6.85
C ARG A 109 -8.51 7.71 6.82
N ASP A 110 -7.70 7.60 7.87
CA ASP A 110 -6.47 8.37 7.96
C ASP A 110 -5.28 7.42 7.92
N PHE A 111 -4.32 7.72 7.09
CA PHE A 111 -3.08 6.97 7.07
C PHE A 111 -1.94 7.78 7.64
N ILE A 112 -1.26 7.18 8.59
CA ILE A 112 0.01 7.70 9.10
C ILE A 112 0.99 6.56 9.20
N ASP A 113 1.52 6.17 8.07
CA ASP A 113 2.46 5.07 8.02
C ASP A 113 3.86 5.57 7.78
N LEU A 114 4.79 5.12 8.61
CA LEU A 114 6.20 5.40 8.41
C LEU A 114 6.73 4.48 7.34
N VAL A 115 7.18 5.08 6.30
CA VAL A 115 7.45 4.36 5.08
C VAL A 115 8.90 4.46 4.71
N TYR A 116 9.51 3.31 4.52
CA TYR A 116 10.86 3.29 4.03
C TYR A 116 10.89 2.81 2.60
N ILE A 117 11.28 3.71 1.71
CA ILE A 117 11.35 3.39 0.31
C ILE A 117 12.78 3.06 -0.07
N LYS A 118 13.10 1.77 -0.13
CA LYS A 118 14.41 1.35 -0.55
C LYS A 118 14.33 0.54 -1.81
N ARG A 119 15.21 0.85 -2.74
CA ARG A 119 15.29 0.09 -3.95
C ARG A 119 16.48 -0.83 -3.86
N TYR A 120 16.19 -2.10 -3.92
CA TYR A 120 17.20 -3.07 -4.19
C TYR A 120 17.51 -2.95 -5.68
N GLU A 121 18.69 -2.40 -5.96
CA GLU A 121 19.15 -2.10 -7.32
C GLU A 121 18.73 -3.15 -8.34
N GLY A 122 17.66 -2.81 -9.03
CA GLY A 122 17.08 -3.67 -10.05
C GLY A 122 16.71 -5.02 -9.49
N ASN A 123 16.04 -4.97 -8.36
CA ASN A 123 15.73 -6.17 -7.60
C ASN A 123 14.36 -6.01 -6.94
N MET A 124 14.18 -4.93 -6.19
CA MET A 124 12.92 -4.67 -5.48
C MET A 124 12.79 -3.19 -5.14
N ASN A 125 11.71 -2.57 -5.62
CA ASN A 125 11.43 -1.18 -5.31
C ASN A 125 10.31 -1.13 -4.30
N ILE A 126 10.67 -1.30 -3.05
CA ILE A 126 9.71 -1.47 -1.98
C ILE A 126 9.54 -0.22 -1.14
N ILE A 127 8.30 0.03 -0.72
CA ILE A 127 8.05 0.93 0.38
C ILE A 127 7.54 0.10 1.56
N SER A 128 8.31 0.07 2.63
CA SER A 128 7.92 -0.64 3.83
C SER A 128 7.37 0.34 4.86
N SER A 129 6.09 0.20 5.17
CA SER A 129 5.43 1.16 6.03
C SER A 129 5.09 0.58 7.39
N LYS A 130 5.18 1.42 8.40
CA LYS A 130 4.83 1.06 9.76
C LYS A 130 3.84 2.07 10.27
N SER A 131 2.69 1.63 10.72
CA SER A 131 1.73 2.55 11.26
C SER A 131 2.29 3.15 12.52
N VAL A 132 2.90 4.29 12.37
CA VAL A 132 3.72 4.82 13.40
C VAL A 132 3.02 6.00 14.04
N ASP A 133 2.95 5.93 15.34
CA ASP A 133 2.10 6.82 16.10
C ASP A 133 2.95 7.94 16.64
N PHE A 134 3.35 8.78 15.71
CA PHE A 134 4.36 9.80 15.97
C PHE A 134 3.68 11.16 16.15
N PRO A 135 4.33 12.08 16.88
CA PRO A 135 3.67 13.32 17.33
C PRO A 135 3.58 14.45 16.30
N GLU A 136 4.11 14.26 15.10
CA GLU A 136 4.07 15.30 14.11
C GLU A 136 2.67 15.36 13.53
N TYR A 137 1.90 14.31 13.81
CA TYR A 137 0.50 14.28 13.40
C TYR A 137 -0.30 13.23 14.16
N PRO A 138 -1.27 13.67 14.96
CA PRO A 138 -2.27 12.81 15.57
C PRO A 138 -3.56 12.79 14.73
N PRO A 139 -4.19 11.61 14.58
CA PRO A 139 -5.44 11.47 13.82
C PRO A 139 -6.65 12.11 14.51
N SER A 140 -7.83 11.76 14.04
CA SER A 140 -9.06 12.34 14.54
C SER A 140 -10.09 11.22 14.67
N SER A 141 -11.33 11.55 14.98
CA SER A 141 -12.35 10.52 15.10
C SER A 141 -12.90 10.17 13.71
N ASN A 142 -13.12 11.19 12.88
CA ASN A 142 -13.55 10.98 11.51
C ASN A 142 -12.56 10.09 10.78
N TYR A 143 -11.29 10.48 10.84
CA TYR A 143 -10.25 9.81 10.10
C TYR A 143 -9.58 8.81 11.01
N ILE A 144 -9.80 7.54 10.73
CA ILE A 144 -9.28 6.48 11.55
C ILE A 144 -7.90 6.10 11.08
N ARG A 145 -6.90 6.48 11.86
CA ARG A 145 -5.52 6.15 11.54
C ARG A 145 -5.34 4.64 11.39
N GLY A 146 -5.20 4.21 10.15
CA GLY A 146 -5.02 2.81 9.87
C GLY A 146 -3.74 2.26 10.47
N TYR A 147 -3.88 1.30 11.36
CA TYR A 147 -2.73 0.74 12.03
C TYR A 147 -2.15 -0.39 11.18
N ASN A 148 -1.55 -0.01 10.06
CA ASN A 148 -0.89 -0.94 9.18
C ASN A 148 0.32 -1.56 9.90
N HIS A 149 0.11 -2.75 10.46
CA HIS A 149 1.17 -3.50 11.15
C HIS A 149 2.30 -3.80 10.18
N PRO A 150 3.51 -3.27 10.46
CA PRO A 150 4.66 -3.19 9.54
C PRO A 150 4.61 -4.11 8.34
N CYS A 151 3.73 -3.80 7.43
CA CYS A 151 3.65 -4.47 6.15
C CYS A 151 3.80 -3.42 5.08
N GLY A 152 3.96 -3.83 3.84
CA GLY A 152 4.40 -2.88 2.85
C GLY A 152 3.95 -3.20 1.47
N PHE A 153 4.80 -2.86 0.53
CA PHE A 153 4.40 -2.76 -0.85
C PHE A 153 5.65 -2.81 -1.70
N VAL A 154 5.97 -3.98 -2.20
CA VAL A 154 7.20 -4.13 -2.94
C VAL A 154 6.92 -4.24 -4.43
N CYS A 155 7.75 -3.56 -5.20
CA CYS A 155 7.62 -3.57 -6.65
C CYS A 155 8.87 -4.18 -7.27
N SER A 156 8.74 -5.37 -7.82
CA SER A 156 9.91 -6.14 -8.21
C SER A 156 10.01 -6.26 -9.72
N PRO A 157 11.17 -5.88 -10.30
CA PRO A 157 11.43 -6.05 -11.73
C PRO A 157 11.24 -7.51 -12.15
N MET A 158 10.33 -7.74 -13.10
CA MET A 158 10.02 -9.10 -13.53
C MET A 158 11.05 -9.63 -14.50
N GLU A 159 10.67 -10.68 -15.20
CA GLU A 159 11.50 -11.24 -16.25
C GLU A 159 11.54 -10.27 -17.43
N GLU A 160 10.41 -9.62 -17.66
CA GLU A 160 10.30 -8.56 -18.67
C GLU A 160 10.31 -7.20 -17.97
N ASN A 161 11.02 -7.18 -16.85
CA ASN A 161 11.07 -6.06 -15.88
C ASN A 161 10.63 -4.68 -16.40
N PRO A 162 11.22 -4.08 -17.46
CA PRO A 162 10.86 -2.73 -17.85
C PRO A 162 9.48 -2.63 -18.50
N ALA A 163 8.97 -3.76 -18.97
CA ALA A 163 7.68 -3.82 -19.64
C ALA A 163 6.63 -4.47 -18.74
N TYR A 164 7.09 -5.34 -17.85
CA TYR A 164 6.22 -6.01 -16.89
C TYR A 164 6.89 -6.03 -15.54
N SER A 165 6.20 -5.58 -14.50
CA SER A 165 6.81 -5.53 -13.18
C SER A 165 5.97 -6.26 -12.15
N LYS A 166 6.64 -6.77 -11.13
CA LYS A 166 6.00 -7.55 -10.10
C LYS A 166 5.53 -6.68 -8.95
N LEU A 167 4.24 -6.45 -8.94
CA LEU A 167 3.57 -5.73 -7.88
C LEU A 167 3.18 -6.68 -6.77
N VAL A 168 3.92 -6.69 -5.67
CA VAL A 168 3.58 -7.58 -4.55
C VAL A 168 3.46 -6.83 -3.22
N MET A 169 2.38 -7.11 -2.48
CA MET A 169 2.04 -6.32 -1.30
C MET A 169 1.43 -7.20 -0.19
N PHE A 170 1.84 -6.94 1.05
CA PHE A 170 1.25 -7.59 2.23
C PHE A 170 0.47 -6.57 3.02
N VAL A 171 -0.73 -6.94 3.45
CA VAL A 171 -1.56 -6.08 4.27
C VAL A 171 -2.16 -6.85 5.45
N GLN A 172 -1.85 -6.40 6.65
CA GLN A 172 -2.54 -6.87 7.84
C GLN A 172 -3.48 -5.78 8.29
N THR A 173 -3.00 -4.54 8.03
CA THR A 173 -3.72 -3.28 8.29
C THR A 173 -4.83 -3.42 9.32
N GLU A 174 -4.60 -2.87 10.50
CA GLU A 174 -5.35 -3.24 11.68
C GLU A 174 -6.73 -2.60 11.69
N MET A 175 -6.92 -1.53 10.92
CA MET A 175 -8.22 -0.88 10.82
C MET A 175 -8.83 -0.69 12.20
N ARG A 176 -8.03 -0.07 13.07
CA ARG A 176 -8.30 0.09 14.50
C ARG A 176 -9.80 0.12 14.85
N GLY A 177 -10.52 1.11 14.35
CA GLY A 177 -11.93 1.22 14.70
C GLY A 177 -12.73 2.00 13.69
N LYS A 178 -13.47 1.28 12.85
CA LYS A 178 -14.41 1.92 11.93
C LYS A 178 -15.27 0.87 11.22
N LEU A 179 -14.94 -0.41 11.43
CA LEU A 179 -15.65 -1.48 10.77
C LEU A 179 -15.90 -2.61 11.75
N SER A 180 -16.62 -3.61 11.30
CA SER A 180 -16.86 -4.82 12.05
C SER A 180 -16.11 -5.96 11.36
N PRO A 181 -15.82 -7.08 12.04
CA PRO A 181 -15.08 -8.21 11.45
C PRO A 181 -15.59 -8.57 10.06
N SER A 182 -16.90 -8.48 9.88
CA SER A 182 -17.56 -8.81 8.62
C SER A 182 -17.19 -7.84 7.49
N ILE A 183 -16.77 -6.63 7.87
CA ILE A 183 -16.40 -5.62 6.90
C ILE A 183 -14.93 -5.74 6.60
N ILE A 184 -14.21 -6.05 7.65
CA ILE A 184 -12.79 -6.17 7.66
C ILE A 184 -12.33 -7.35 6.82
N GLU A 185 -13.08 -8.44 6.88
CA GLU A 185 -12.79 -9.59 6.04
C GLU A 185 -12.97 -9.23 4.57
N LYS A 186 -13.69 -8.13 4.34
CA LYS A 186 -13.85 -7.60 3.01
C LYS A 186 -12.77 -6.56 2.74
N THR A 187 -12.50 -5.72 3.74
CA THR A 187 -11.66 -4.54 3.52
C THR A 187 -10.23 -4.89 3.11
N MET A 188 -9.72 -6.05 3.53
CA MET A 188 -8.34 -6.40 3.20
C MET A 188 -8.20 -6.85 1.74
N PRO A 189 -8.86 -7.95 1.32
CA PRO A 189 -8.72 -8.46 -0.05
C PRO A 189 -9.21 -7.44 -1.08
N SER A 190 -10.21 -6.66 -0.71
CA SER A 190 -10.79 -5.69 -1.62
C SER A 190 -9.85 -4.50 -1.80
N ASN A 191 -8.99 -4.27 -0.83
CA ASN A 191 -8.10 -3.11 -0.86
C ASN A 191 -6.80 -3.47 -1.57
N LEU A 192 -6.33 -4.68 -1.33
CA LEU A 192 -5.11 -5.19 -1.94
C LEU A 192 -5.21 -5.19 -3.46
N VAL A 193 -6.21 -5.89 -3.97
CA VAL A 193 -6.36 -6.06 -5.41
C VAL A 193 -6.64 -4.72 -6.04
N ASN A 194 -7.34 -3.90 -5.29
CA ASN A 194 -7.64 -2.54 -5.69
C ASN A 194 -6.37 -1.74 -5.79
N PHE A 195 -5.51 -1.82 -4.79
CA PHE A 195 -4.25 -1.10 -4.82
C PHE A 195 -3.42 -1.52 -6.04
N ILE A 196 -3.60 -2.75 -6.48
CA ILE A 196 -2.94 -3.21 -7.68
C ILE A 196 -3.64 -2.68 -8.93
N LEU A 197 -4.94 -2.49 -8.83
CA LEU A 197 -5.71 -1.91 -9.90
C LEU A 197 -5.43 -0.43 -9.98
N ASN A 198 -5.29 0.17 -8.82
CA ASN A 198 -4.76 1.52 -8.74
C ASN A 198 -3.46 1.57 -9.49
N ALA A 199 -2.65 0.53 -9.31
CA ALA A 199 -1.36 0.47 -9.95
C ALA A 199 -1.53 0.35 -11.43
N LYS A 200 -2.35 -0.60 -11.81
CA LYS A 200 -2.61 -0.86 -13.20
C LYS A 200 -3.21 0.36 -13.88
N ASP A 201 -4.13 1.00 -13.17
CA ASP A 201 -4.84 2.15 -13.71
C ASP A 201 -3.96 3.38 -13.69
N GLY A 202 -3.32 3.60 -12.55
CA GLY A 202 -2.52 4.80 -12.37
C GLY A 202 -1.26 4.78 -13.21
N ILE A 203 -0.67 3.61 -13.32
CA ILE A 203 0.50 3.44 -14.16
C ILE A 203 0.17 3.81 -15.60
N LYS A 204 -0.96 3.35 -16.13
CA LYS A 204 -1.29 3.61 -17.52
C LYS A 204 -1.96 4.97 -17.64
N ALA A 205 -2.54 5.41 -16.55
CA ALA A 205 -2.97 6.79 -16.44
C ALA A 205 -1.75 7.69 -16.58
N HIS A 206 -0.63 7.23 -16.04
CA HIS A 206 0.59 8.01 -16.09
C HIS A 206 1.39 7.81 -17.39
N ARG A 207 1.33 6.63 -18.00
CA ARG A 207 2.18 6.36 -19.16
C ARG A 207 1.37 6.32 -20.47
N THR A 208 0.10 6.01 -20.37
CA THR A 208 -0.77 5.97 -21.53
C THR A 208 -1.62 7.24 -21.60
N PRO A 209 -1.78 7.85 -22.79
CA PRO A 209 -2.56 9.06 -22.99
C PRO A 209 -4.06 8.90 -22.70
N SER A 210 -4.43 7.78 -22.05
CA SER A 210 -5.82 7.54 -21.66
C SER A 210 -6.25 8.53 -20.58
N ARG A 211 -5.28 9.22 -20.00
CA ARG A 211 -5.55 10.26 -19.00
C ARG A 211 -6.21 11.48 -19.64
N ARG A 212 -6.54 11.38 -20.93
CA ARG A 212 -7.33 12.40 -21.60
C ARG A 212 -8.67 12.54 -20.89
N GLY A 213 -9.12 11.45 -20.27
CA GLY A 213 -10.27 11.50 -19.40
C GLY A 213 -9.84 11.53 -17.94
N PHE A 214 -9.52 12.72 -17.46
CA PHE A 214 -8.99 12.90 -16.12
C PHE A 214 -10.03 12.58 -15.04
N HIS A 215 -9.67 11.68 -14.15
CA HIS A 215 -10.42 11.48 -12.93
C HIS A 215 -9.58 11.94 -11.75
N HIS A 216 -9.79 13.18 -11.35
CA HIS A 216 -9.09 13.72 -10.19
C HIS A 216 -10.02 13.79 -9.00
N ASN A 217 -9.50 13.50 -7.83
CA ASN A 217 -10.31 13.49 -6.61
C ASN A 217 -10.51 14.91 -6.08
N SER A 218 -10.39 15.88 -6.97
CA SER A 218 -10.66 17.27 -6.64
C SER A 218 -12.15 17.44 -6.36
N HIS A 219 -12.96 16.64 -7.04
CA HIS A 219 -14.40 16.63 -6.84
C HIS A 219 -14.84 15.28 -6.33
N SER A 220 -15.54 15.31 -5.21
CA SER A 220 -16.05 14.09 -4.59
C SER A 220 -17.53 14.25 -4.32
N MET A 1 17.36 9.76 13.96
CA MET A 1 16.92 8.90 12.84
C MET A 1 16.40 7.56 13.34
N ASP A 2 15.47 7.60 14.29
CA ASP A 2 14.93 6.39 14.89
C ASP A 2 14.16 5.60 13.86
N PHE A 3 13.49 6.32 12.98
CA PHE A 3 12.62 5.72 12.00
C PHE A 3 13.43 4.91 11.03
N LYS A 4 14.63 5.39 10.79
CA LYS A 4 15.58 4.74 9.93
C LYS A 4 16.08 3.45 10.57
N ALA A 5 15.72 3.25 11.82
CA ALA A 5 16.02 2.00 12.48
C ALA A 5 14.86 1.04 12.31
N ILE A 6 13.65 1.55 12.46
CA ILE A 6 12.47 0.70 12.51
C ILE A 6 12.04 0.34 11.10
N ALA A 7 12.08 1.35 10.25
CA ALA A 7 11.67 1.23 8.86
C ALA A 7 12.67 0.45 8.05
N GLN A 8 13.92 0.80 8.23
CA GLN A 8 15.02 0.19 7.53
C GLN A 8 15.14 -1.28 7.88
N GLN A 9 14.66 -1.62 9.06
CA GLN A 9 14.55 -3.01 9.46
C GLN A 9 13.24 -3.59 8.93
N THR A 10 12.23 -2.74 8.84
CA THR A 10 10.92 -3.13 8.41
C THR A 10 10.87 -3.40 6.90
N ALA A 11 11.63 -2.63 6.11
CA ALA A 11 11.75 -2.95 4.68
C ALA A 11 12.01 -4.44 4.46
N GLN A 12 13.04 -4.95 5.10
CA GLN A 12 13.41 -6.35 4.99
C GLN A 12 12.47 -7.26 5.77
N GLU A 13 11.58 -6.67 6.55
CA GLU A 13 10.55 -7.44 7.23
C GLU A 13 9.42 -7.75 6.25
N VAL A 14 8.92 -6.71 5.61
CA VAL A 14 7.83 -6.84 4.66
C VAL A 14 8.31 -7.56 3.41
N LEU A 15 9.51 -7.22 2.98
CA LEU A 15 10.15 -7.90 1.90
C LEU A 15 10.49 -9.30 2.35
N GLY A 16 10.64 -9.42 3.65
CA GLY A 16 10.92 -10.70 4.26
C GLY A 16 9.76 -11.63 4.09
N TYR A 17 8.61 -11.05 3.77
CA TYR A 17 7.41 -11.83 3.53
C TYR A 17 7.36 -12.18 2.07
N ASN A 18 8.03 -11.38 1.24
CA ASN A 18 8.06 -11.65 -0.20
C ASN A 18 8.99 -12.82 -0.48
N ARG A 19 9.75 -13.21 0.54
CA ARG A 19 10.74 -14.27 0.39
C ARG A 19 10.35 -15.50 1.19
N ASP A 20 9.44 -15.32 2.13
CA ASP A 20 9.06 -16.41 3.03
C ASP A 20 7.55 -16.47 3.23
N THR A 21 6.86 -17.13 2.31
CA THR A 21 5.42 -17.30 2.39
C THR A 21 4.96 -18.58 1.71
N SER A 22 4.00 -19.27 2.34
CA SER A 22 3.54 -20.58 1.91
C SER A 22 2.25 -20.96 2.63
N GLY A 23 2.24 -20.73 3.95
CA GLY A 23 1.10 -21.10 4.77
C GLY A 23 -0.03 -20.10 4.72
N TRP A 24 -0.38 -19.69 3.52
CA TRP A 24 -1.48 -18.76 3.30
C TRP A 24 -2.52 -19.40 2.41
N LYS A 25 -3.18 -18.60 1.59
CA LYS A 25 -4.27 -19.04 0.78
C LYS A 25 -4.82 -17.87 -0.01
N VAL A 26 -4.85 -17.98 -1.32
CA VAL A 26 -5.43 -16.93 -2.12
C VAL A 26 -6.90 -16.78 -1.85
N VAL A 27 -7.23 -15.60 -1.41
CA VAL A 27 -8.59 -15.26 -1.08
C VAL A 27 -9.20 -14.48 -2.23
N LYS A 28 -8.34 -13.84 -3.03
CA LYS A 28 -8.84 -13.01 -4.10
C LYS A 28 -7.84 -12.91 -5.24
N THR A 29 -8.16 -13.52 -6.36
CA THR A 29 -7.29 -13.49 -7.52
C THR A 29 -8.08 -13.63 -8.81
N SER A 30 -7.52 -13.07 -9.88
CA SER A 30 -8.11 -13.19 -11.19
C SER A 30 -7.21 -14.01 -12.10
N LYS A 31 -6.36 -13.36 -12.89
CA LYS A 31 -5.40 -14.10 -13.72
C LYS A 31 -4.11 -13.30 -13.90
N LYS A 32 -3.90 -12.35 -13.00
CA LYS A 32 -2.68 -11.55 -12.98
C LYS A 32 -2.35 -11.12 -11.56
N ILE A 33 -3.40 -10.88 -10.79
CA ILE A 33 -3.26 -10.40 -9.43
C ILE A 33 -3.75 -11.46 -8.46
N THR A 34 -3.17 -11.48 -7.27
CA THR A 34 -3.33 -12.62 -6.37
C THR A 34 -3.24 -12.20 -4.91
N VAL A 35 -4.36 -12.19 -4.21
CA VAL A 35 -4.35 -11.88 -2.78
C VAL A 35 -4.31 -13.16 -1.97
N SER A 36 -3.19 -13.39 -1.33
CA SER A 36 -2.99 -14.54 -0.48
C SER A 36 -3.03 -14.14 0.99
N SER A 37 -3.92 -14.77 1.71
CA SER A 37 -4.17 -14.44 3.09
C SER A 37 -3.53 -15.48 4.00
N LYS A 38 -2.77 -15.00 4.97
CA LYS A 38 -1.98 -15.89 5.82
C LYS A 38 -2.39 -15.74 7.28
N ALA A 39 -1.72 -14.85 8.01
CA ALA A 39 -1.98 -14.65 9.43
C ALA A 39 -1.10 -13.51 9.94
N SER A 40 -1.65 -12.70 10.83
CA SER A 40 -0.88 -11.65 11.46
C SER A 40 0.08 -12.23 12.50
N ARG A 41 1.24 -11.60 12.62
CA ARG A 41 2.30 -12.06 13.51
C ARG A 41 1.88 -12.07 14.97
N LYS A 42 0.95 -11.20 15.34
CA LYS A 42 0.46 -11.16 16.72
C LYS A 42 -0.77 -12.01 16.89
N PHE A 43 -1.39 -12.34 15.75
CA PHE A 43 -2.50 -13.29 15.69
C PHE A 43 -3.78 -12.55 15.97
N HIS A 44 -3.79 -11.28 15.57
CA HIS A 44 -4.96 -10.45 15.80
C HIS A 44 -5.94 -10.64 14.65
N GLY A 45 -5.43 -11.18 13.55
CA GLY A 45 -6.20 -11.40 12.38
C GLY A 45 -5.35 -12.04 11.32
N ASN A 46 -5.53 -11.61 10.10
CA ASN A 46 -4.78 -12.19 9.00
C ASN A 46 -3.98 -11.14 8.27
N LEU A 47 -2.84 -11.57 7.75
CA LEU A 47 -2.02 -10.72 6.93
C LEU A 47 -2.31 -11.05 5.48
N TYR A 48 -2.39 -10.04 4.64
CA TYR A 48 -2.79 -10.23 3.26
C TYR A 48 -1.69 -9.77 2.32
N ARG A 49 -1.33 -10.60 1.36
CA ARG A 49 -0.36 -10.24 0.36
C ARG A 49 -0.98 -10.32 -1.02
N VAL A 50 -0.99 -9.22 -1.76
CA VAL A 50 -1.46 -9.26 -3.12
C VAL A 50 -0.28 -9.19 -4.07
N GLU A 51 -0.41 -9.87 -5.19
CA GLU A 51 0.69 -10.05 -6.12
C GLU A 51 0.17 -10.04 -7.54
N GLY A 52 0.55 -9.02 -8.29
CA GLY A 52 0.10 -8.91 -9.66
C GLY A 52 1.18 -8.34 -10.55
N ILE A 53 1.27 -8.81 -11.76
CA ILE A 53 2.25 -8.27 -12.69
C ILE A 53 1.68 -7.07 -13.42
N ILE A 54 2.33 -5.94 -13.27
CA ILE A 54 1.93 -4.73 -13.94
C ILE A 54 2.85 -4.47 -15.13
N PRO A 55 2.28 -4.42 -16.35
CA PRO A 55 3.01 -4.18 -17.60
C PRO A 55 3.70 -2.81 -17.67
N GLU A 56 4.60 -2.58 -16.74
CA GLU A 56 5.41 -1.38 -16.74
C GLU A 56 6.75 -1.68 -16.07
N SER A 57 7.64 -0.71 -16.08
CA SER A 57 8.86 -0.84 -15.35
C SER A 57 8.62 -0.51 -13.88
N PRO A 58 9.32 -1.24 -13.02
CA PRO A 58 9.25 -1.07 -11.56
C PRO A 58 9.62 0.35 -11.15
N ALA A 59 10.20 1.08 -12.08
CA ALA A 59 10.54 2.48 -11.89
C ALA A 59 9.28 3.34 -11.84
N LYS A 60 8.42 3.17 -12.84
CA LYS A 60 7.19 3.92 -12.90
C LYS A 60 6.30 3.49 -11.77
N LEU A 61 6.49 2.24 -11.35
CA LEU A 61 5.84 1.73 -10.17
C LEU A 61 6.28 2.51 -8.93
N SER A 62 7.57 2.53 -8.66
CA SER A 62 8.09 3.30 -7.53
C SER A 62 7.77 4.79 -7.70
N ASP A 63 7.41 5.17 -8.91
CA ASP A 63 7.14 6.58 -9.20
C ASP A 63 5.68 6.95 -8.98
N PHE A 64 4.75 6.11 -9.43
CA PHE A 64 3.33 6.47 -9.40
C PHE A 64 2.78 6.44 -7.98
N LEU A 65 3.12 5.40 -7.22
CA LEU A 65 2.53 5.21 -5.91
C LEU A 65 3.29 5.98 -4.83
N TYR A 66 4.43 6.56 -5.25
CA TYR A 66 5.51 7.04 -4.36
C TYR A 66 5.07 7.27 -2.92
N GLN A 67 4.25 8.30 -2.66
CA GLN A 67 3.75 8.51 -1.30
C GLN A 67 2.73 9.63 -1.17
N THR A 68 2.83 10.68 -1.97
CA THR A 68 2.06 11.88 -1.68
C THR A 68 1.92 12.82 -2.87
N GLY A 69 2.34 12.39 -4.03
CA GLY A 69 2.46 13.34 -5.12
C GLY A 69 1.53 13.07 -6.27
N ASP A 70 1.08 11.83 -6.39
CA ASP A 70 0.23 11.46 -7.51
C ASP A 70 -0.72 10.34 -7.10
N ARG A 71 -0.27 9.51 -6.17
CA ARG A 71 -0.98 8.30 -5.76
C ARG A 71 -2.44 8.59 -5.45
N ILE A 72 -2.68 9.67 -4.74
CA ILE A 72 -4.00 9.99 -4.26
C ILE A 72 -4.79 10.68 -5.34
N THR A 73 -4.12 11.13 -6.37
CA THR A 73 -4.77 11.86 -7.42
C THR A 73 -5.37 10.89 -8.43
N TRP A 74 -4.73 9.74 -8.61
CA TRP A 74 -5.20 8.78 -9.60
C TRP A 74 -5.88 7.59 -8.97
N ASP A 75 -5.78 7.46 -7.65
CA ASP A 75 -6.35 6.31 -6.97
C ASP A 75 -7.83 6.51 -6.67
N LYS A 76 -8.42 5.44 -6.20
CA LYS A 76 -9.85 5.33 -6.00
C LYS A 76 -10.17 5.02 -4.54
N SER A 77 -9.16 4.62 -3.77
CA SER A 77 -9.34 4.33 -2.36
C SER A 77 -8.53 5.32 -1.54
N LEU A 78 -8.00 6.32 -2.21
CA LEU A 78 -7.21 7.35 -1.56
C LEU A 78 -7.97 8.67 -1.53
N GLN A 79 -7.43 9.64 -0.80
CA GLN A 79 -8.15 10.87 -0.55
C GLN A 79 -7.21 12.06 -0.35
N VAL A 80 -6.40 12.01 0.70
CA VAL A 80 -5.64 13.18 1.11
C VAL A 80 -4.24 12.80 1.57
N TYR A 81 -3.26 13.47 1.01
CA TYR A 81 -1.87 13.32 1.42
C TYR A 81 -1.48 14.45 2.38
N ASN A 82 -0.62 14.13 3.34
CA ASN A 82 -0.08 15.14 4.25
C ASN A 82 1.26 14.66 4.78
N MET A 83 2.34 15.20 4.25
CA MET A 83 3.68 14.86 4.72
C MET A 83 3.84 15.33 6.15
N VAL A 84 3.91 14.39 7.08
CA VAL A 84 3.91 14.74 8.49
C VAL A 84 5.32 14.87 9.04
N HIS A 85 6.16 13.89 8.76
CA HIS A 85 7.53 13.93 9.24
C HIS A 85 8.48 13.25 8.26
N ARG A 86 9.27 14.05 7.58
CA ARG A 86 10.29 13.56 6.67
C ARG A 86 11.60 13.34 7.43
N ILE A 87 11.95 12.08 7.66
CA ILE A 87 13.16 11.77 8.40
C ILE A 87 14.39 11.98 7.53
N ASP A 88 14.27 11.57 6.29
CA ASP A 88 15.35 11.70 5.34
C ASP A 88 14.75 11.72 3.94
N SER A 89 15.58 11.59 2.91
CA SER A 89 15.10 11.65 1.54
C SER A 89 14.50 10.32 1.10
N ASP A 90 14.60 9.30 1.96
CA ASP A 90 14.10 7.98 1.60
C ASP A 90 13.23 7.45 2.71
N THR A 91 12.99 8.27 3.73
CA THR A 91 12.28 7.83 4.90
C THR A 91 11.32 8.91 5.31
N PHE A 92 10.05 8.59 5.26
CA PHE A 92 9.04 9.58 5.55
C PHE A 92 7.96 9.00 6.42
N ILE A 93 7.03 9.85 6.79
CA ILE A 93 5.78 9.43 7.37
C ILE A 93 4.69 10.24 6.71
N CYS A 94 3.68 9.57 6.18
CA CYS A 94 2.64 10.28 5.46
C CYS A 94 1.29 10.13 6.14
N HIS A 95 0.63 11.27 6.34
CA HIS A 95 -0.73 11.30 6.84
C HIS A 95 -1.71 11.21 5.67
N THR A 96 -1.98 9.97 5.29
CA THR A 96 -2.77 9.66 4.12
C THR A 96 -4.22 9.30 4.48
N ILE A 97 -5.16 10.14 4.08
CA ILE A 97 -6.56 9.82 4.29
C ILE A 97 -7.00 8.77 3.26
N THR A 98 -7.56 7.70 3.76
CA THR A 98 -7.92 6.55 2.93
C THR A 98 -9.43 6.37 2.87
N GLN A 99 -9.94 5.97 1.72
CA GLN A 99 -11.34 5.63 1.57
C GLN A 99 -11.52 4.13 1.69
N SER A 100 -11.54 3.64 2.91
CA SER A 100 -11.65 2.21 3.16
C SER A 100 -13.11 1.84 3.39
N PHE A 101 -13.82 1.58 2.30
CA PHE A 101 -15.22 1.20 2.40
C PHE A 101 -15.50 -0.14 1.73
N ALA A 102 -15.93 -1.09 2.53
CA ALA A 102 -16.53 -2.31 2.01
C ALA A 102 -18.01 -2.07 1.77
N VAL A 103 -18.29 -1.34 0.69
CA VAL A 103 -19.65 -0.99 0.29
C VAL A 103 -20.18 0.17 1.12
N GLY A 104 -19.83 0.21 2.40
CA GLY A 104 -20.28 1.29 3.25
C GLY A 104 -20.28 0.95 4.73
N SER A 105 -20.03 -0.32 5.04
CA SER A 105 -20.02 -0.76 6.43
C SER A 105 -18.77 -0.25 7.15
N ILE A 106 -17.88 0.35 6.38
CA ILE A 106 -16.62 0.84 6.89
C ILE A 106 -16.48 2.33 6.62
N SER A 107 -16.01 3.07 7.61
CA SER A 107 -15.82 4.50 7.47
C SER A 107 -14.44 4.80 6.91
N PRO A 108 -14.29 5.93 6.20
CA PRO A 108 -12.98 6.41 5.73
C PRO A 108 -11.94 6.37 6.84
N ARG A 109 -10.71 6.03 6.48
CA ARG A 109 -9.67 5.82 7.48
C ARG A 109 -8.51 6.72 7.17
N ASP A 110 -7.53 6.73 8.05
CA ASP A 110 -6.34 7.50 7.82
C ASP A 110 -5.11 6.64 8.08
N PHE A 111 -4.12 6.77 7.23
CA PHE A 111 -2.89 6.04 7.39
C PHE A 111 -1.76 6.96 7.78
N ILE A 112 -1.11 6.63 8.87
CA ILE A 112 0.11 7.31 9.27
C ILE A 112 1.26 6.35 9.08
N ASP A 113 1.58 6.08 7.84
CA ASP A 113 2.58 5.09 7.54
C ASP A 113 3.96 5.71 7.50
N LEU A 114 4.81 5.24 8.40
CA LEU A 114 6.23 5.50 8.28
C LEU A 114 6.79 4.64 7.20
N VAL A 115 7.41 5.26 6.25
CA VAL A 115 7.69 4.62 5.01
C VAL A 115 9.11 4.79 4.57
N TYR A 116 9.75 3.67 4.30
CA TYR A 116 11.09 3.71 3.72
C TYR A 116 11.05 3.22 2.28
N ILE A 117 11.38 4.11 1.36
CA ILE A 117 11.36 3.83 -0.06
C ILE A 117 12.74 3.38 -0.53
N LYS A 118 12.86 2.12 -0.91
CA LYS A 118 14.14 1.54 -1.29
C LYS A 118 13.98 0.65 -2.51
N ARG A 119 14.96 0.68 -3.40
CA ARG A 119 14.96 -0.24 -4.50
C ARG A 119 16.20 -1.11 -4.37
N TYR A 120 15.97 -2.37 -4.12
CA TYR A 120 17.02 -3.35 -4.19
C TYR A 120 17.46 -3.47 -5.64
N GLU A 121 18.72 -3.13 -5.89
CA GLU A 121 19.32 -3.11 -7.22
C GLU A 121 18.82 -4.25 -8.11
N GLY A 122 17.82 -3.91 -8.90
CA GLY A 122 17.22 -4.85 -9.83
C GLY A 122 16.68 -6.07 -9.15
N ASN A 123 16.04 -5.86 -8.02
CA ASN A 123 15.51 -6.94 -7.23
C ASN A 123 14.13 -6.59 -6.70
N MET A 124 13.99 -5.40 -6.08
CA MET A 124 12.73 -5.02 -5.46
C MET A 124 12.63 -3.52 -5.28
N ASN A 125 11.64 -2.92 -5.91
CA ASN A 125 11.37 -1.51 -5.81
C ASN A 125 10.27 -1.28 -4.79
N ILE A 126 10.64 -1.33 -3.53
CA ILE A 126 9.68 -1.36 -2.45
C ILE A 126 9.56 -0.04 -1.71
N ILE A 127 8.34 0.32 -1.34
CA ILE A 127 8.14 1.28 -0.29
C ILE A 127 7.62 0.55 0.95
N SER A 128 8.41 0.54 2.00
CA SER A 128 7.96 -0.04 3.25
C SER A 128 7.14 0.98 4.00
N SER A 129 6.26 0.52 4.85
CA SER A 129 5.34 1.39 5.56
C SER A 129 4.87 0.78 6.88
N LYS A 130 4.93 1.55 7.96
CA LYS A 130 4.43 1.13 9.24
C LYS A 130 3.58 2.23 9.78
N SER A 131 2.33 1.98 10.04
CA SER A 131 1.52 2.99 10.66
C SER A 131 2.06 3.22 12.04
N VAL A 132 2.82 4.28 12.16
CA VAL A 132 3.68 4.46 13.28
C VAL A 132 3.11 5.55 14.17
N ASP A 133 3.26 5.36 15.46
CA ASP A 133 2.59 6.21 16.42
C ASP A 133 3.52 7.33 16.85
N PHE A 134 3.74 8.23 15.92
CA PHE A 134 4.68 9.31 16.11
C PHE A 134 3.92 10.60 16.55
N PRO A 135 4.61 11.72 16.84
CA PRO A 135 3.99 12.97 17.35
C PRO A 135 2.68 13.43 16.68
N GLU A 136 2.62 13.47 15.34
CA GLU A 136 1.47 14.07 14.64
C GLU A 136 0.37 13.04 14.39
N TYR A 137 0.69 11.81 14.74
CA TYR A 137 -0.19 10.65 14.53
C TYR A 137 -1.61 10.78 15.13
N PRO A 138 -1.78 11.27 16.40
CA PRO A 138 -3.10 11.33 17.09
C PRO A 138 -4.30 11.58 16.16
N PRO A 139 -5.17 10.56 16.00
CA PRO A 139 -6.33 10.63 15.10
C PRO A 139 -7.52 11.38 15.70
N SER A 140 -8.67 11.11 15.10
CA SER A 140 -9.91 11.78 15.46
C SER A 140 -11.05 10.79 15.31
N SER A 141 -12.28 11.27 15.20
CA SER A 141 -13.41 10.37 15.06
C SER A 141 -13.68 10.05 13.59
N ASN A 142 -13.59 11.07 12.73
CA ASN A 142 -13.87 10.89 11.31
C ASN A 142 -12.78 10.09 10.64
N TYR A 143 -11.56 10.21 11.14
CA TYR A 143 -10.41 9.55 10.54
C TYR A 143 -9.77 8.62 11.53
N ILE A 144 -9.84 7.34 11.21
CA ILE A 144 -9.28 6.32 12.07
C ILE A 144 -7.99 5.81 11.50
N ARG A 145 -6.91 6.08 12.20
CA ARG A 145 -5.60 5.57 11.85
C ARG A 145 -5.62 4.05 11.73
N GLY A 146 -5.70 3.57 10.50
CA GLY A 146 -5.55 2.17 10.25
C GLY A 146 -4.14 1.76 10.53
N TYR A 147 -3.96 0.95 11.56
CA TYR A 147 -2.62 0.68 12.07
C TYR A 147 -1.96 -0.43 11.27
N ASN A 148 -1.42 -0.05 10.13
CA ASN A 148 -0.73 -0.98 9.24
C ASN A 148 0.59 -1.40 9.86
N HIS A 149 0.60 -2.58 10.46
CA HIS A 149 1.82 -3.13 11.03
C HIS A 149 2.77 -3.52 9.91
N PRO A 150 4.09 -3.37 10.19
CA PRO A 150 5.20 -3.38 9.23
C PRO A 150 4.88 -3.93 7.85
N CYS A 151 4.01 -3.24 7.17
CA CYS A 151 3.61 -3.58 5.83
C CYS A 151 4.52 -2.90 4.81
N GLY A 152 4.19 -3.05 3.55
CA GLY A 152 4.96 -2.42 2.51
C GLY A 152 4.39 -2.68 1.16
N PHE A 153 5.21 -2.48 0.15
CA PHE A 153 4.74 -2.42 -1.22
C PHE A 153 5.93 -2.63 -2.13
N VAL A 154 6.21 -3.87 -2.45
CA VAL A 154 7.41 -4.18 -3.20
C VAL A 154 7.08 -4.35 -4.68
N CYS A 155 7.87 -3.71 -5.52
CA CYS A 155 7.70 -3.82 -6.96
C CYS A 155 8.92 -4.52 -7.55
N SER A 156 8.73 -5.75 -7.98
CA SER A 156 9.87 -6.60 -8.29
C SER A 156 10.11 -6.69 -9.79
N PRO A 157 11.31 -6.33 -10.25
CA PRO A 157 11.75 -6.55 -11.63
C PRO A 157 11.56 -7.99 -12.07
N MET A 158 10.72 -8.22 -13.07
CA MET A 158 10.45 -9.58 -13.54
C MET A 158 11.51 -10.06 -14.50
N GLU A 159 11.19 -11.12 -15.21
CA GLU A 159 12.08 -11.58 -16.26
C GLU A 159 11.91 -10.68 -17.48
N GLU A 160 10.74 -10.06 -17.56
CA GLU A 160 10.45 -9.04 -18.56
C GLU A 160 10.53 -7.68 -17.91
N ASN A 161 11.34 -7.64 -16.85
CA ASN A 161 11.52 -6.49 -15.94
C ASN A 161 10.92 -5.15 -16.43
N PRO A 162 11.48 -4.47 -17.45
CA PRO A 162 11.02 -3.14 -17.82
C PRO A 162 9.65 -3.12 -18.51
N ALA A 163 9.22 -4.28 -18.98
CA ALA A 163 7.96 -4.38 -19.71
C ALA A 163 6.88 -4.97 -18.82
N TYR A 164 7.29 -5.80 -17.88
CA TYR A 164 6.38 -6.40 -16.92
C TYR A 164 7.03 -6.43 -15.55
N SER A 165 6.37 -5.88 -14.56
CA SER A 165 6.94 -5.82 -13.22
C SER A 165 6.04 -6.51 -12.21
N LYS A 166 6.65 -7.09 -11.20
CA LYS A 166 5.92 -7.84 -10.21
C LYS A 166 5.53 -6.97 -9.04
N LEU A 167 4.26 -6.62 -9.00
CA LEU A 167 3.71 -5.77 -7.97
C LEU A 167 3.22 -6.64 -6.83
N VAL A 168 3.91 -6.59 -5.71
CA VAL A 168 3.47 -7.35 -4.54
C VAL A 168 3.42 -6.49 -3.28
N MET A 169 2.27 -6.53 -2.61
CA MET A 169 2.02 -5.72 -1.43
C MET A 169 1.64 -6.61 -0.27
N PHE A 170 1.91 -6.14 0.94
CA PHE A 170 1.57 -6.87 2.15
C PHE A 170 0.91 -5.91 3.11
N VAL A 171 -0.12 -6.37 3.80
CA VAL A 171 -0.76 -5.52 4.79
C VAL A 171 -1.11 -6.31 6.06
N GLN A 172 -0.48 -5.90 7.17
CA GLN A 172 -0.81 -6.47 8.46
C GLN A 172 -1.50 -5.41 9.30
N THR A 173 -2.58 -4.89 8.77
CA THR A 173 -3.26 -3.78 9.41
C THR A 173 -4.02 -4.23 10.66
N GLU A 174 -4.05 -3.34 11.64
CA GLU A 174 -4.72 -3.59 12.89
C GLU A 174 -6.20 -3.26 12.76
N MET A 175 -6.51 -2.27 11.91
CA MET A 175 -7.88 -1.77 11.80
C MET A 175 -8.42 -1.45 13.18
N ARG A 176 -7.78 -0.48 13.83
CA ARG A 176 -8.24 -0.01 15.14
C ARG A 176 -9.72 0.31 15.12
N GLY A 177 -10.19 0.89 14.02
CA GLY A 177 -11.61 0.96 13.76
C GLY A 177 -12.07 -0.33 13.13
N LYS A 178 -12.27 -1.34 13.98
CA LYS A 178 -12.46 -2.70 13.51
C LYS A 178 -13.88 -2.96 13.03
N LEU A 179 -14.00 -3.90 12.12
CA LEU A 179 -15.28 -4.33 11.59
C LEU A 179 -15.56 -5.75 12.06
N SER A 180 -16.32 -6.49 11.28
CA SER A 180 -16.59 -7.88 11.53
C SER A 180 -15.89 -8.71 10.45
N PRO A 181 -15.45 -9.95 10.75
CA PRO A 181 -14.71 -10.78 9.79
C PRO A 181 -15.32 -10.77 8.39
N SER A 182 -16.63 -10.90 8.32
CA SER A 182 -17.35 -10.94 7.04
C SER A 182 -17.20 -9.64 6.24
N ILE A 183 -16.81 -8.57 6.93
CA ILE A 183 -16.67 -7.27 6.29
C ILE A 183 -15.25 -7.11 5.81
N ILE A 184 -14.37 -7.61 6.63
CA ILE A 184 -12.94 -7.51 6.43
C ILE A 184 -12.47 -8.45 5.34
N GLU A 185 -13.12 -9.60 5.25
CA GLU A 185 -12.83 -10.55 4.21
C GLU A 185 -13.23 -9.97 2.87
N LYS A 186 -14.07 -8.95 2.93
CA LYS A 186 -14.40 -8.18 1.75
C LYS A 186 -13.45 -6.99 1.63
N THR A 187 -13.17 -6.33 2.76
CA THR A 187 -12.44 -5.07 2.70
C THR A 187 -10.97 -5.26 2.30
N MET A 188 -10.31 -6.28 2.83
CA MET A 188 -8.89 -6.46 2.58
C MET A 188 -8.61 -7.00 1.18
N PRO A 189 -9.18 -8.16 0.79
CA PRO A 189 -8.88 -8.78 -0.50
C PRO A 189 -9.33 -7.93 -1.67
N SER A 190 -10.24 -7.00 -1.41
CA SER A 190 -10.70 -6.09 -2.44
C SER A 190 -9.77 -4.90 -2.53
N ASN A 191 -9.36 -4.39 -1.37
CA ASN A 191 -8.54 -3.19 -1.30
C ASN A 191 -7.18 -3.42 -1.96
N LEU A 192 -6.61 -4.60 -1.75
CA LEU A 192 -5.28 -4.89 -2.25
C LEU A 192 -5.28 -4.97 -3.77
N VAL A 193 -6.27 -5.65 -4.35
CA VAL A 193 -6.35 -5.75 -5.79
C VAL A 193 -6.82 -4.44 -6.39
N ASN A 194 -7.53 -3.65 -5.61
CA ASN A 194 -7.91 -2.30 -6.02
C ASN A 194 -6.68 -1.41 -6.07
N PHE A 195 -5.79 -1.58 -5.11
CA PHE A 195 -4.54 -0.83 -5.11
C PHE A 195 -3.62 -1.29 -6.23
N ILE A 196 -3.83 -2.48 -6.73
CA ILE A 196 -3.13 -2.89 -7.92
C ILE A 196 -3.82 -2.35 -9.15
N LEU A 197 -5.12 -2.18 -9.08
CA LEU A 197 -5.86 -1.63 -10.19
C LEU A 197 -5.54 -0.18 -10.39
N ASN A 198 -5.46 0.55 -9.30
CA ASN A 198 -4.97 1.91 -9.36
C ASN A 198 -3.53 1.92 -9.88
N ALA A 199 -2.84 0.79 -9.72
CA ALA A 199 -1.49 0.65 -10.21
C ALA A 199 -1.51 0.34 -11.69
N LYS A 200 -2.40 -0.55 -12.11
CA LYS A 200 -2.60 -0.80 -13.53
C LYS A 200 -2.97 0.51 -14.21
N ASP A 201 -3.91 1.20 -13.57
CA ASP A 201 -4.47 2.43 -14.12
C ASP A 201 -3.46 3.57 -14.06
N GLY A 202 -2.79 3.73 -12.94
CA GLY A 202 -1.83 4.82 -12.77
C GLY A 202 -0.57 4.60 -13.59
N ILE A 203 -0.30 3.34 -13.91
CA ILE A 203 0.80 2.98 -14.76
C ILE A 203 0.42 3.14 -16.23
N LYS A 204 -0.82 2.83 -16.53
CA LYS A 204 -1.30 3.02 -17.89
C LYS A 204 -1.49 4.49 -18.12
N ALA A 205 -1.78 5.21 -17.06
CA ALA A 205 -1.77 6.65 -17.09
C ALA A 205 -0.42 7.14 -17.59
N HIS A 206 0.63 6.39 -17.28
CA HIS A 206 1.97 6.75 -17.74
C HIS A 206 2.13 6.53 -19.25
N ARG A 207 1.70 5.38 -19.75
CA ARG A 207 1.99 5.00 -21.13
C ARG A 207 0.83 5.33 -22.06
N THR A 208 -0.36 5.26 -21.52
CA THR A 208 -1.58 5.50 -22.26
C THR A 208 -1.97 6.97 -22.12
N PRO A 209 -2.48 7.60 -23.20
CA PRO A 209 -2.89 9.01 -23.18
C PRO A 209 -4.12 9.29 -22.31
N SER A 210 -4.17 8.67 -21.13
CA SER A 210 -5.24 8.89 -20.19
C SER A 210 -4.85 9.97 -19.20
N ARG A 211 -3.56 10.18 -19.02
CA ARG A 211 -3.05 11.18 -18.10
C ARG A 211 -3.11 12.57 -18.73
N ARG A 212 -3.63 12.64 -19.94
CA ARG A 212 -3.76 13.92 -20.64
C ARG A 212 -4.86 14.73 -19.99
N GLY A 213 -5.94 14.06 -19.61
CA GLY A 213 -7.03 14.70 -18.91
C GLY A 213 -7.10 14.24 -17.48
N PHE A 214 -5.97 14.31 -16.79
CA PHE A 214 -5.87 13.86 -15.40
C PHE A 214 -6.67 14.76 -14.48
N HIS A 215 -7.06 14.22 -13.34
CA HIS A 215 -7.82 14.97 -12.36
C HIS A 215 -7.17 14.90 -10.99
N HIS A 216 -7.24 15.99 -10.26
CA HIS A 216 -6.66 16.07 -8.93
C HIS A 216 -7.68 15.71 -7.85
N ASN A 217 -7.29 15.88 -6.61
CA ASN A 217 -8.15 15.55 -5.48
C ASN A 217 -9.25 16.58 -5.33
N SER A 218 -10.49 16.09 -5.29
CA SER A 218 -11.66 16.93 -5.16
C SER A 218 -11.75 17.52 -3.76
N HIS A 219 -11.16 16.85 -2.80
CA HIS A 219 -11.10 17.35 -1.43
C HIS A 219 -9.84 18.16 -1.23
N SER A 220 -9.59 18.58 0.01
CA SER A 220 -8.41 19.33 0.38
C SER A 220 -8.41 20.71 -0.29
N MET A 1 19.38 6.61 13.49
CA MET A 1 18.17 7.42 13.77
C MET A 1 17.12 6.57 14.47
N ASP A 2 15.84 6.91 14.33
CA ASP A 2 14.80 6.18 15.02
C ASP A 2 13.92 5.46 14.02
N PHE A 3 13.30 6.22 13.12
CA PHE A 3 12.42 5.64 12.12
C PHE A 3 13.27 4.83 11.16
N LYS A 4 14.49 5.27 11.01
CA LYS A 4 15.47 4.66 10.15
C LYS A 4 15.99 3.39 10.79
N ALA A 5 15.56 3.14 12.00
CA ALA A 5 15.89 1.91 12.67
C ALA A 5 14.80 0.88 12.42
N ILE A 6 13.55 1.32 12.58
CA ILE A 6 12.43 0.40 12.54
C ILE A 6 12.03 0.11 11.11
N ALA A 7 12.09 1.14 10.30
CA ALA A 7 11.68 1.07 8.91
C ALA A 7 12.73 0.41 8.06
N GLN A 8 13.97 0.70 8.37
CA GLN A 8 15.11 0.12 7.68
C GLN A 8 15.16 -1.37 7.94
N GLN A 9 14.61 -1.76 9.05
CA GLN A 9 14.47 -3.17 9.36
C GLN A 9 13.16 -3.70 8.82
N THR A 10 12.12 -2.85 8.90
CA THR A 10 10.80 -3.18 8.40
C THR A 10 10.81 -3.37 6.89
N ALA A 11 11.64 -2.61 6.18
CA ALA A 11 11.85 -2.85 4.76
C ALA A 11 12.12 -4.32 4.51
N GLN A 12 13.19 -4.79 5.11
CA GLN A 12 13.62 -6.17 5.03
C GLN A 12 12.64 -7.11 5.72
N GLU A 13 11.77 -6.57 6.56
CA GLU A 13 10.73 -7.40 7.16
C GLU A 13 9.73 -7.80 6.10
N VAL A 14 9.16 -6.81 5.45
CA VAL A 14 8.09 -7.04 4.49
C VAL A 14 8.61 -7.71 3.24
N LEU A 15 9.74 -7.22 2.80
CA LEU A 15 10.45 -7.80 1.70
C LEU A 15 10.91 -9.18 2.07
N GLY A 16 11.22 -9.33 3.35
CA GLY A 16 11.59 -10.62 3.88
C GLY A 16 10.44 -11.59 3.82
N TYR A 17 9.24 -11.05 3.64
CA TYR A 17 8.07 -11.88 3.44
C TYR A 17 7.92 -12.15 1.95
N ASN A 18 8.45 -11.24 1.14
CA ASN A 18 8.46 -11.42 -0.30
C ASN A 18 9.41 -12.56 -0.65
N ARG A 19 10.18 -12.98 0.35
CA ARG A 19 11.11 -14.08 0.22
C ARG A 19 10.66 -15.28 1.05
N ASP A 20 9.81 -15.01 2.04
CA ASP A 20 9.36 -16.04 2.97
C ASP A 20 7.82 -16.13 2.97
N THR A 21 7.28 -16.40 1.81
CA THR A 21 5.85 -16.58 1.69
C THR A 21 5.52 -17.94 1.10
N SER A 22 4.66 -18.68 1.79
CA SER A 22 4.42 -20.08 1.47
C SER A 22 3.37 -20.64 2.42
N GLY A 23 3.38 -20.16 3.65
CA GLY A 23 2.48 -20.67 4.66
C GLY A 23 1.04 -20.25 4.43
N TRP A 24 0.84 -19.22 3.61
CA TRP A 24 -0.51 -18.77 3.33
C TRP A 24 -1.12 -19.48 2.15
N LYS A 25 -2.08 -18.82 1.54
CA LYS A 25 -2.97 -19.47 0.63
C LYS A 25 -3.82 -18.44 -0.06
N VAL A 26 -3.97 -18.56 -1.35
CA VAL A 26 -4.75 -17.61 -2.09
C VAL A 26 -6.20 -17.68 -1.71
N VAL A 27 -6.69 -16.54 -1.26
CA VAL A 27 -8.06 -16.39 -0.89
C VAL A 27 -8.81 -15.81 -2.07
N LYS A 28 -8.08 -15.13 -2.95
CA LYS A 28 -8.71 -14.47 -4.06
C LYS A 28 -7.71 -14.14 -5.14
N THR A 29 -8.05 -14.49 -6.38
CA THR A 29 -7.26 -14.10 -7.52
C THR A 29 -8.16 -13.52 -8.60
N SER A 30 -7.60 -12.64 -9.41
CA SER A 30 -8.35 -12.04 -10.50
C SER A 30 -7.78 -12.55 -11.83
N LYS A 31 -7.66 -11.66 -12.81
CA LYS A 31 -7.17 -12.07 -14.13
C LYS A 31 -5.73 -11.63 -14.32
N LYS A 32 -5.04 -11.32 -13.21
CA LYS A 32 -3.64 -10.91 -13.28
C LYS A 32 -3.03 -10.73 -11.89
N ILE A 33 -3.80 -11.02 -10.84
CA ILE A 33 -3.36 -10.79 -9.47
C ILE A 33 -3.77 -11.93 -8.56
N THR A 34 -3.17 -11.95 -7.37
CA THR A 34 -3.19 -13.11 -6.50
C THR A 34 -3.09 -12.69 -5.03
N VAL A 35 -4.15 -12.89 -4.26
CA VAL A 35 -4.18 -12.51 -2.85
C VAL A 35 -4.12 -13.75 -1.98
N SER A 36 -2.96 -14.00 -1.40
CA SER A 36 -2.74 -15.14 -0.51
C SER A 36 -2.73 -14.68 0.94
N SER A 37 -3.54 -15.33 1.76
CA SER A 37 -3.74 -14.87 3.13
C SER A 37 -3.34 -15.91 4.16
N LYS A 38 -2.63 -15.45 5.18
CA LYS A 38 -2.22 -16.27 6.32
C LYS A 38 -2.62 -15.58 7.62
N ALA A 39 -3.05 -16.37 8.60
CA ALA A 39 -3.61 -15.82 9.85
C ALA A 39 -2.65 -14.88 10.56
N SER A 40 -3.13 -13.68 10.87
CA SER A 40 -2.36 -12.70 11.64
C SER A 40 -2.34 -13.11 13.09
N ARG A 41 -1.20 -12.95 13.74
CA ARG A 41 -1.05 -13.41 15.11
C ARG A 41 -1.49 -12.35 16.11
N LYS A 42 -2.19 -11.32 15.64
CA LYS A 42 -2.85 -10.38 16.54
C LYS A 42 -3.77 -11.12 17.50
N PHE A 43 -4.42 -12.16 16.97
CA PHE A 43 -5.41 -12.94 17.73
C PHE A 43 -6.20 -13.82 16.77
N HIS A 44 -7.13 -13.21 16.05
CA HIS A 44 -7.94 -13.92 15.07
C HIS A 44 -8.12 -13.05 13.84
N GLY A 45 -7.17 -13.13 12.93
CA GLY A 45 -7.24 -12.39 11.70
C GLY A 45 -6.39 -13.06 10.65
N ASN A 46 -6.17 -12.40 9.53
CA ASN A 46 -5.33 -12.96 8.49
C ASN A 46 -4.72 -11.87 7.62
N LEU A 47 -3.41 -11.98 7.43
CA LEU A 47 -2.63 -11.03 6.65
C LEU A 47 -2.74 -11.38 5.18
N TYR A 48 -2.64 -10.40 4.30
CA TYR A 48 -2.87 -10.64 2.88
C TYR A 48 -1.63 -10.28 2.08
N ARG A 49 -1.24 -11.18 1.20
CA ARG A 49 -0.17 -10.94 0.25
C ARG A 49 -0.78 -10.88 -1.15
N VAL A 50 -0.70 -9.73 -1.81
CA VAL A 50 -1.14 -9.65 -3.19
C VAL A 50 0.05 -9.65 -4.12
N GLU A 51 -0.17 -10.17 -5.30
CA GLU A 51 0.87 -10.32 -6.29
C GLU A 51 0.26 -10.26 -7.68
N GLY A 52 0.53 -9.17 -8.37
CA GLY A 52 0.02 -9.00 -9.70
C GLY A 52 1.07 -8.37 -10.59
N ILE A 53 1.13 -8.80 -11.83
CA ILE A 53 2.12 -8.22 -12.72
C ILE A 53 1.58 -6.99 -13.41
N ILE A 54 2.32 -5.91 -13.28
CA ILE A 54 2.03 -4.68 -13.98
C ILE A 54 3.05 -4.51 -15.10
N PRO A 55 2.63 -4.88 -16.32
CA PRO A 55 3.49 -5.01 -17.53
C PRO A 55 4.11 -3.71 -18.03
N GLU A 56 4.72 -2.97 -17.13
CA GLU A 56 5.61 -1.90 -17.51
C GLU A 56 6.81 -1.91 -16.59
N SER A 57 7.42 -0.76 -16.41
CA SER A 57 8.63 -0.69 -15.65
C SER A 57 8.34 -0.40 -14.20
N PRO A 58 9.10 -1.06 -13.33
CA PRO A 58 9.09 -0.85 -11.89
C PRO A 58 9.40 0.60 -11.57
N ALA A 59 9.92 1.30 -12.58
CA ALA A 59 10.17 2.72 -12.48
C ALA A 59 8.88 3.50 -12.43
N LYS A 60 7.94 3.19 -13.32
CA LYS A 60 6.68 3.88 -13.31
C LYS A 60 5.96 3.50 -12.04
N LEU A 61 6.14 2.26 -11.63
CA LEU A 61 5.56 1.75 -10.41
C LEU A 61 6.07 2.53 -9.20
N SER A 62 7.38 2.61 -9.04
CA SER A 62 7.97 3.38 -7.95
C SER A 62 7.73 4.87 -8.15
N ASP A 63 7.23 5.24 -9.33
CA ASP A 63 7.00 6.64 -9.63
C ASP A 63 5.61 7.09 -9.14
N PHE A 64 4.59 6.27 -9.41
CA PHE A 64 3.22 6.66 -9.11
C PHE A 64 2.89 6.52 -7.62
N LEU A 65 3.32 5.43 -6.99
CA LEU A 65 2.86 5.11 -5.64
C LEU A 65 3.53 5.98 -4.60
N TYR A 66 4.52 6.73 -5.09
CA TYR A 66 5.55 7.40 -4.27
C TYR A 66 5.09 7.73 -2.85
N GLN A 67 3.99 8.49 -2.73
CA GLN A 67 3.50 8.96 -1.43
C GLN A 67 2.47 10.06 -1.62
N THR A 68 2.72 10.92 -2.58
CA THR A 68 2.03 12.19 -2.71
C THR A 68 2.26 12.79 -4.08
N GLY A 69 2.64 11.95 -5.03
CA GLY A 69 3.01 12.43 -6.32
C GLY A 69 1.81 12.77 -7.15
N ASP A 70 0.78 11.98 -6.95
CA ASP A 70 -0.38 11.97 -7.82
C ASP A 70 -1.21 10.74 -7.50
N ARG A 71 -0.57 9.79 -6.82
CA ARG A 71 -1.23 8.58 -6.34
C ARG A 71 -2.57 8.88 -5.70
N ILE A 72 -2.66 9.98 -4.96
CA ILE A 72 -3.92 10.32 -4.29
C ILE A 72 -4.79 11.18 -5.19
N THR A 73 -4.25 11.61 -6.31
CA THR A 73 -4.95 12.55 -7.15
C THR A 73 -5.77 11.82 -8.21
N TRP A 74 -5.32 10.62 -8.59
CA TRP A 74 -6.05 9.83 -9.57
C TRP A 74 -6.63 8.57 -8.97
N ASP A 75 -6.36 8.35 -7.68
CA ASP A 75 -6.73 7.10 -7.03
C ASP A 75 -8.23 6.97 -6.84
N LYS A 76 -8.60 5.81 -6.34
CA LYS A 76 -9.99 5.41 -6.18
C LYS A 76 -10.30 5.18 -4.71
N SER A 77 -9.26 5.12 -3.91
CA SER A 77 -9.37 4.95 -2.48
C SER A 77 -8.52 6.00 -1.77
N LEU A 78 -7.91 6.88 -2.53
CA LEU A 78 -7.07 7.91 -1.97
C LEU A 78 -7.73 9.28 -2.10
N GLN A 79 -7.44 10.15 -1.15
CA GLN A 79 -8.06 11.46 -1.09
C GLN A 79 -7.03 12.55 -0.87
N VAL A 80 -6.30 12.44 0.23
CA VAL A 80 -5.51 13.54 0.73
C VAL A 80 -4.18 13.04 1.26
N TYR A 81 -3.10 13.61 0.75
CA TYR A 81 -1.76 13.35 1.23
C TYR A 81 -1.34 14.39 2.25
N ASN A 82 -0.45 14.02 3.15
CA ASN A 82 0.25 14.98 4.01
C ASN A 82 1.60 14.44 4.40
N MET A 83 2.65 15.03 3.85
CA MET A 83 4.01 14.64 4.15
C MET A 83 4.37 15.18 5.54
N VAL A 84 4.19 14.32 6.55
CA VAL A 84 4.21 14.76 7.95
C VAL A 84 5.62 15.08 8.41
N HIS A 85 6.40 14.03 8.61
CA HIS A 85 7.78 14.19 9.03
C HIS A 85 8.67 13.26 8.24
N ARG A 86 9.61 13.83 7.53
CA ARG A 86 10.54 13.08 6.72
C ARG A 86 11.83 12.86 7.48
N ILE A 87 12.21 11.61 7.63
CA ILE A 87 13.35 11.23 8.44
C ILE A 87 14.63 11.40 7.63
N ASP A 88 14.56 11.00 6.38
CA ASP A 88 15.67 11.14 5.45
C ASP A 88 15.11 11.38 4.05
N SER A 89 15.93 11.17 3.03
CA SER A 89 15.48 11.37 1.66
C SER A 89 14.74 10.14 1.15
N ASP A 90 14.75 9.06 1.93
CA ASP A 90 14.10 7.83 1.52
C ASP A 90 13.33 7.23 2.69
N THR A 91 13.11 8.03 3.71
CA THR A 91 12.42 7.58 4.89
C THR A 91 11.41 8.64 5.27
N PHE A 92 10.13 8.34 5.09
CA PHE A 92 9.11 9.34 5.33
C PHE A 92 8.00 8.77 6.17
N ILE A 93 7.03 9.60 6.46
CA ILE A 93 5.78 9.19 7.07
C ILE A 93 4.67 9.95 6.36
N CYS A 94 3.65 9.24 5.93
CA CYS A 94 2.63 9.84 5.11
C CYS A 94 1.29 9.85 5.81
N HIS A 95 0.73 11.03 5.98
CA HIS A 95 -0.61 11.19 6.51
C HIS A 95 -1.62 11.08 5.36
N THR A 96 -1.95 9.86 5.05
CA THR A 96 -2.83 9.52 3.95
C THR A 96 -4.28 9.46 4.41
N ILE A 97 -5.12 10.31 3.84
CA ILE A 97 -6.55 10.20 4.06
C ILE A 97 -7.14 9.34 2.95
N THR A 98 -7.81 8.27 3.34
CA THR A 98 -8.32 7.30 2.39
C THR A 98 -9.85 7.36 2.32
N GLN A 99 -10.40 6.64 1.36
CA GLN A 99 -11.82 6.69 1.03
C GLN A 99 -12.60 5.57 1.72
N SER A 100 -13.91 5.65 1.60
CA SER A 100 -14.81 4.72 2.26
C SER A 100 -15.17 3.55 1.34
N PHE A 101 -14.34 2.52 1.34
CA PHE A 101 -14.65 1.29 0.64
C PHE A 101 -15.21 0.32 1.64
N ALA A 102 -16.45 -0.09 1.40
CA ALA A 102 -17.27 -0.84 2.36
C ALA A 102 -17.71 0.11 3.47
N VAL A 103 -18.42 1.16 3.07
CA VAL A 103 -18.77 2.28 3.93
C VAL A 103 -19.76 1.88 5.06
N GLY A 104 -20.13 0.60 5.09
CA GLY A 104 -21.01 0.12 6.15
C GLY A 104 -20.34 0.18 7.50
N SER A 105 -19.02 0.05 7.49
CA SER A 105 -18.24 0.11 8.72
C SER A 105 -16.91 0.83 8.48
N ILE A 106 -16.78 1.43 7.31
CA ILE A 106 -15.54 2.09 6.93
C ILE A 106 -15.81 3.50 6.40
N SER A 107 -15.43 4.48 7.20
CA SER A 107 -15.55 5.88 6.84
C SER A 107 -14.19 6.42 6.38
N PRO A 108 -14.11 7.70 5.94
CA PRO A 108 -12.82 8.33 5.58
C PRO A 108 -11.79 8.09 6.67
N ARG A 109 -10.79 7.27 6.36
CA ARG A 109 -9.90 6.77 7.37
C ARG A 109 -8.49 7.36 7.22
N ASP A 110 -7.78 7.46 8.33
CA ASP A 110 -6.47 8.07 8.34
C ASP A 110 -5.38 7.01 8.32
N PHE A 111 -4.39 7.22 7.49
CA PHE A 111 -3.23 6.36 7.45
C PHE A 111 -1.98 7.17 7.78
N ILE A 112 -1.37 6.86 8.90
CA ILE A 112 -0.06 7.41 9.24
C ILE A 112 0.97 6.32 9.12
N ASP A 113 1.32 5.99 7.90
CA ASP A 113 2.28 4.93 7.66
C ASP A 113 3.67 5.52 7.50
N LEU A 114 4.57 5.10 8.37
CA LEU A 114 5.98 5.40 8.22
C LEU A 114 6.54 4.53 7.14
N VAL A 115 7.07 5.15 6.14
CA VAL A 115 7.34 4.49 4.90
C VAL A 115 8.78 4.66 4.48
N TYR A 116 9.43 3.55 4.28
CA TYR A 116 10.78 3.57 3.79
C TYR A 116 10.80 3.14 2.33
N ILE A 117 11.13 4.08 1.46
CA ILE A 117 11.19 3.81 0.04
C ILE A 117 12.61 3.42 -0.35
N LYS A 118 12.84 2.13 -0.47
CA LYS A 118 14.15 1.63 -0.83
C LYS A 118 14.08 0.76 -2.05
N ARG A 119 15.03 0.92 -2.94
CA ARG A 119 15.09 0.12 -4.12
C ARG A 119 16.35 -0.72 -4.10
N TYR A 120 16.16 -2.01 -3.98
CA TYR A 120 17.20 -2.93 -4.30
C TYR A 120 17.38 -2.84 -5.80
N GLU A 121 18.45 -2.17 -6.22
CA GLU A 121 18.65 -1.78 -7.61
C GLU A 121 18.52 -2.95 -8.58
N GLY A 122 17.34 -3.03 -9.15
CA GLY A 122 17.02 -4.05 -10.13
C GLY A 122 16.58 -5.33 -9.49
N ASN A 123 16.10 -5.20 -8.27
CA ASN A 123 15.61 -6.30 -7.49
C ASN A 123 14.21 -5.99 -7.00
N MET A 124 14.05 -4.82 -6.38
CA MET A 124 12.77 -4.41 -5.80
C MET A 124 12.72 -2.89 -5.57
N ASN A 125 11.56 -2.32 -5.78
CA ASN A 125 11.26 -0.94 -5.42
C ASN A 125 10.15 -0.94 -4.37
N ILE A 126 10.54 -1.11 -3.12
CA ILE A 126 9.58 -1.31 -2.04
C ILE A 126 9.38 -0.05 -1.20
N ILE A 127 8.12 0.26 -0.90
CA ILE A 127 7.81 1.21 0.15
C ILE A 127 7.42 0.45 1.42
N SER A 128 8.31 0.47 2.39
CA SER A 128 8.12 -0.24 3.64
C SER A 128 7.39 0.65 4.64
N SER A 129 6.15 0.33 4.94
CA SER A 129 5.31 1.20 5.72
C SER A 129 4.94 0.58 7.06
N LYS A 130 4.83 1.42 8.08
CA LYS A 130 4.38 1.01 9.40
C LYS A 130 3.44 2.07 9.90
N SER A 131 2.21 1.72 10.22
CA SER A 131 1.31 2.69 10.79
C SER A 131 1.89 3.10 12.12
N VAL A 132 2.57 4.21 12.13
CA VAL A 132 3.42 4.53 13.22
C VAL A 132 2.80 5.67 13.99
N ASP A 133 2.88 5.60 15.28
CA ASP A 133 2.24 6.56 16.13
C ASP A 133 3.26 7.54 16.66
N PHE A 134 3.48 8.56 15.85
CA PHE A 134 4.61 9.45 16.03
C PHE A 134 4.16 10.89 16.34
N PRO A 135 5.03 11.66 17.02
CA PRO A 135 4.72 13.01 17.52
C PRO A 135 3.95 13.92 16.54
N GLU A 136 4.40 13.96 15.28
CA GLU A 136 4.00 15.01 14.36
C GLU A 136 2.52 14.93 14.06
N TYR A 137 1.95 13.74 14.19
CA TYR A 137 0.55 13.59 13.91
C TYR A 137 -0.11 12.50 14.72
N PRO A 138 -0.84 12.89 15.76
CA PRO A 138 -1.80 12.04 16.43
C PRO A 138 -3.17 12.18 15.76
N PRO A 139 -3.86 11.06 15.49
CA PRO A 139 -5.14 11.08 14.78
C PRO A 139 -6.25 11.72 15.60
N SER A 140 -7.47 11.62 15.10
CA SER A 140 -8.58 12.32 15.70
C SER A 140 -9.76 11.37 15.83
N SER A 141 -10.86 11.87 16.36
CA SER A 141 -12.02 11.03 16.54
C SER A 141 -12.87 11.01 15.27
N ASN A 142 -12.31 11.53 14.19
CA ASN A 142 -12.93 11.45 12.88
C ASN A 142 -12.02 10.72 11.91
N TYR A 143 -10.74 11.05 11.94
CA TYR A 143 -9.76 10.34 11.15
C TYR A 143 -9.13 9.24 11.97
N ILE A 144 -9.46 8.01 11.62
CA ILE A 144 -9.01 6.88 12.40
C ILE A 144 -7.74 6.31 11.80
N ARG A 145 -6.63 6.54 12.49
CA ARG A 145 -5.34 5.99 12.09
C ARG A 145 -5.43 4.46 12.01
N GLY A 146 -5.59 3.96 10.79
CA GLY A 146 -5.67 2.53 10.59
C GLY A 146 -4.37 1.86 10.94
N TYR A 147 -4.44 0.83 11.76
CA TYR A 147 -3.22 0.19 12.22
C TYR A 147 -2.74 -0.85 11.21
N ASN A 148 -1.97 -0.39 10.26
CA ASN A 148 -1.29 -1.26 9.32
C ASN A 148 0.01 -1.77 9.97
N HIS A 149 0.07 -3.07 10.18
CA HIS A 149 1.30 -3.71 10.64
C HIS A 149 2.41 -3.42 9.65
N PRO A 150 3.70 -3.44 10.10
CA PRO A 150 4.88 -3.41 9.21
C PRO A 150 4.67 -4.20 7.93
N CYS A 151 3.95 -3.59 7.03
CA CYS A 151 3.57 -4.16 5.77
C CYS A 151 3.80 -3.12 4.70
N GLY A 152 4.10 -3.56 3.51
CA GLY A 152 4.53 -2.62 2.51
C GLY A 152 3.96 -2.90 1.16
N PHE A 153 4.74 -2.59 0.16
CA PHE A 153 4.26 -2.53 -1.20
C PHE A 153 5.48 -2.63 -2.09
N VAL A 154 5.93 -3.85 -2.33
CA VAL A 154 7.17 -4.04 -3.04
C VAL A 154 6.91 -4.20 -4.53
N CYS A 155 7.78 -3.62 -5.29
CA CYS A 155 7.71 -3.74 -6.73
C CYS A 155 8.95 -4.44 -7.23
N SER A 156 8.79 -5.49 -7.98
CA SER A 156 9.93 -6.30 -8.37
C SER A 156 10.10 -6.36 -9.87
N PRO A 157 11.24 -5.93 -10.39
CA PRO A 157 11.63 -6.19 -11.78
C PRO A 157 11.49 -7.68 -12.09
N MET A 158 10.49 -8.02 -12.90
CA MET A 158 10.19 -9.42 -13.17
C MET A 158 11.22 -10.07 -14.06
N GLU A 159 10.86 -11.22 -14.58
CA GLU A 159 11.71 -11.94 -15.49
C GLU A 159 11.85 -11.17 -16.80
N GLU A 160 10.87 -10.33 -17.09
CA GLU A 160 10.89 -9.49 -18.28
C GLU A 160 11.13 -8.04 -17.89
N ASN A 161 11.56 -7.87 -16.64
CA ASN A 161 11.88 -6.57 -16.02
C ASN A 161 11.08 -5.36 -16.58
N PRO A 162 11.53 -4.63 -17.63
CA PRO A 162 10.81 -3.43 -18.08
C PRO A 162 9.52 -3.75 -18.83
N ALA A 163 9.38 -5.01 -19.22
CA ALA A 163 8.22 -5.44 -19.98
C ALA A 163 7.12 -5.94 -19.07
N TYR A 164 7.53 -6.48 -17.92
CA TYR A 164 6.58 -6.92 -16.91
C TYR A 164 7.15 -6.64 -15.54
N SER A 165 6.41 -5.92 -14.69
CA SER A 165 6.90 -5.65 -13.36
C SER A 165 6.05 -6.35 -12.32
N LYS A 166 6.68 -6.79 -11.25
CA LYS A 166 6.00 -7.53 -10.22
C LYS A 166 5.51 -6.62 -9.11
N LEU A 167 4.21 -6.51 -9.01
CA LEU A 167 3.59 -5.79 -7.93
C LEU A 167 3.20 -6.77 -6.82
N VAL A 168 3.95 -6.79 -5.73
CA VAL A 168 3.60 -7.64 -4.60
C VAL A 168 3.50 -6.82 -3.31
N MET A 169 2.45 -7.06 -2.56
CA MET A 169 2.12 -6.21 -1.43
C MET A 169 1.64 -7.04 -0.27
N PHE A 170 2.00 -6.63 0.94
CA PHE A 170 1.55 -7.30 2.14
C PHE A 170 0.79 -6.32 3.00
N VAL A 171 -0.30 -6.79 3.59
CA VAL A 171 -1.10 -5.94 4.46
C VAL A 171 -1.65 -6.73 5.64
N GLN A 172 -1.38 -6.23 6.84
CA GLN A 172 -1.98 -6.76 8.05
C GLN A 172 -2.65 -5.61 8.75
N THR A 173 -3.46 -4.93 7.99
CA THR A 173 -4.12 -3.72 8.45
C THR A 173 -5.26 -4.08 9.39
N GLU A 174 -5.25 -3.46 10.57
CA GLU A 174 -6.19 -3.79 11.63
C GLU A 174 -7.51 -3.06 11.44
N MET A 175 -7.48 -1.90 10.81
CA MET A 175 -8.69 -1.10 10.59
C MET A 175 -9.46 -0.97 11.91
N ARG A 176 -8.76 -0.49 12.93
CA ARG A 176 -9.32 -0.38 14.29
C ARG A 176 -10.28 0.81 14.39
N GLY A 177 -11.20 0.92 13.45
CA GLY A 177 -12.13 2.03 13.43
C GLY A 177 -13.57 1.60 13.34
N LYS A 178 -13.94 0.65 14.20
CA LYS A 178 -15.33 0.20 14.33
C LYS A 178 -15.76 -0.62 13.10
N LEU A 179 -15.06 -1.71 12.84
CA LEU A 179 -15.49 -2.66 11.82
C LEU A 179 -15.78 -3.99 12.49
N SER A 180 -16.38 -4.86 11.73
CA SER A 180 -16.68 -6.22 12.15
C SER A 180 -15.81 -7.15 11.33
N PRO A 181 -15.44 -8.33 11.85
CA PRO A 181 -14.65 -9.31 11.10
C PRO A 181 -15.11 -9.44 9.64
N SER A 182 -16.42 -9.50 9.46
CA SER A 182 -17.01 -9.66 8.14
C SER A 182 -16.72 -8.46 7.22
N ILE A 183 -16.46 -7.30 7.80
CA ILE A 183 -16.22 -6.08 7.03
C ILE A 183 -14.78 -6.06 6.60
N ILE A 184 -14.01 -6.68 7.43
CA ILE A 184 -12.58 -6.73 7.31
C ILE A 184 -12.19 -7.79 6.30
N GLU A 185 -12.97 -8.86 6.26
CA GLU A 185 -12.85 -9.89 5.25
C GLU A 185 -13.20 -9.32 3.89
N LYS A 186 -13.91 -8.20 3.91
CA LYS A 186 -14.22 -7.48 2.70
C LYS A 186 -13.18 -6.41 2.43
N THR A 187 -12.81 -5.67 3.47
CA THR A 187 -11.98 -4.48 3.30
C THR A 187 -10.57 -4.81 2.79
N MET A 188 -9.94 -5.85 3.33
CA MET A 188 -8.54 -6.13 3.02
C MET A 188 -8.34 -6.71 1.62
N PRO A 189 -8.98 -7.83 1.26
CA PRO A 189 -8.78 -8.46 -0.04
C PRO A 189 -9.22 -7.55 -1.18
N SER A 190 -10.21 -6.71 -0.93
CA SER A 190 -10.69 -5.78 -1.93
C SER A 190 -9.71 -4.63 -2.08
N ASN A 191 -9.08 -4.26 -0.97
CA ASN A 191 -8.22 -3.10 -0.93
C ASN A 191 -6.90 -3.35 -1.65
N LEU A 192 -6.31 -4.51 -1.43
CA LEU A 192 -5.01 -4.82 -2.00
C LEU A 192 -5.08 -4.91 -3.51
N VAL A 193 -6.12 -5.54 -4.02
CA VAL A 193 -6.31 -5.64 -5.46
C VAL A 193 -6.60 -4.27 -6.03
N ASN A 194 -7.25 -3.47 -5.22
CA ASN A 194 -7.59 -2.11 -5.55
C ASN A 194 -6.34 -1.24 -5.58
N PHE A 195 -5.39 -1.53 -4.71
CA PHE A 195 -4.11 -0.85 -4.71
C PHE A 195 -3.28 -1.30 -5.91
N ILE A 196 -3.57 -2.48 -6.41
CA ILE A 196 -2.94 -2.93 -7.63
C ILE A 196 -3.66 -2.36 -8.84
N LEU A 197 -4.95 -2.12 -8.69
CA LEU A 197 -5.74 -1.52 -9.75
C LEU A 197 -5.40 -0.07 -9.91
N ASN A 198 -5.26 0.60 -8.79
CA ASN A 198 -4.77 1.96 -8.82
C ASN A 198 -3.39 1.97 -9.45
N ALA A 199 -2.69 0.85 -9.40
CA ALA A 199 -1.41 0.75 -10.04
C ALA A 199 -1.58 0.49 -11.52
N LYS A 200 -2.47 -0.44 -11.84
CA LYS A 200 -2.81 -0.72 -13.23
C LYS A 200 -3.23 0.53 -13.95
N ASP A 201 -4.05 1.34 -13.28
CA ASP A 201 -4.56 2.56 -13.91
C ASP A 201 -3.60 3.71 -13.67
N GLY A 202 -3.15 3.83 -12.43
CA GLY A 202 -2.26 4.92 -12.06
C GLY A 202 -0.96 4.88 -12.83
N ILE A 203 -0.57 3.70 -13.28
CA ILE A 203 0.64 3.55 -14.06
C ILE A 203 0.51 4.22 -15.42
N LYS A 204 -0.63 4.06 -16.12
CA LYS A 204 -0.82 4.75 -17.39
C LYS A 204 -1.48 6.08 -17.15
N ALA A 205 -2.01 6.25 -15.95
CA ALA A 205 -2.38 7.58 -15.48
C ALA A 205 -1.12 8.40 -15.32
N HIS A 206 -0.03 7.69 -15.01
CA HIS A 206 1.28 8.30 -14.85
C HIS A 206 2.15 8.11 -16.11
N ARG A 207 1.66 7.32 -17.06
CA ARG A 207 2.40 7.03 -18.28
C ARG A 207 1.69 7.65 -19.48
N THR A 208 0.48 7.17 -19.72
CA THR A 208 -0.35 7.62 -20.81
C THR A 208 -0.91 9.01 -20.51
N PRO A 209 -0.88 9.94 -21.49
CA PRO A 209 -1.41 11.30 -21.32
C PRO A 209 -2.94 11.33 -21.26
N SER A 210 -3.51 10.42 -20.50
CA SER A 210 -4.95 10.30 -20.38
C SER A 210 -5.44 10.97 -19.10
N ARG A 211 -4.79 10.66 -17.99
CA ARG A 211 -5.23 11.15 -16.69
C ARG A 211 -4.56 12.48 -16.34
N ARG A 212 -4.36 13.32 -17.34
CA ARG A 212 -3.89 14.68 -17.09
C ARG A 212 -5.07 15.53 -16.66
N GLY A 213 -6.24 15.22 -17.20
CA GLY A 213 -7.47 15.83 -16.73
C GLY A 213 -8.07 15.02 -15.60
N PHE A 214 -7.23 14.68 -14.63
CA PHE A 214 -7.62 13.80 -13.54
C PHE A 214 -8.67 14.44 -12.64
N HIS A 215 -9.62 13.63 -12.21
CA HIS A 215 -10.64 14.07 -11.27
C HIS A 215 -10.09 13.90 -9.85
N HIS A 216 -10.00 14.99 -9.12
CA HIS A 216 -9.35 14.98 -7.81
C HIS A 216 -10.21 15.67 -6.76
N ASN A 217 -9.75 15.62 -5.51
CA ASN A 217 -10.42 16.25 -4.38
C ASN A 217 -11.73 15.52 -4.05
N SER A 218 -12.43 15.99 -3.03
CA SER A 218 -13.70 15.41 -2.63
C SER A 218 -14.85 16.00 -3.46
N HIS A 219 -14.52 16.95 -4.32
CA HIS A 219 -15.50 17.59 -5.18
C HIS A 219 -14.90 17.88 -6.54
N SER A 220 -15.62 17.54 -7.59
CA SER A 220 -15.20 17.82 -8.95
C SER A 220 -16.30 18.62 -9.66
N MET A 1 18.47 7.95 15.09
CA MET A 1 17.26 7.77 14.25
C MET A 1 16.43 6.60 14.75
N ASP A 2 15.12 6.79 14.78
CA ASP A 2 14.22 5.80 15.33
C ASP A 2 13.47 5.15 14.20
N PHE A 3 13.00 5.97 13.28
CA PHE A 3 12.18 5.51 12.18
C PHE A 3 13.02 4.62 11.29
N LYS A 4 14.26 4.97 11.15
CA LYS A 4 15.15 4.27 10.27
C LYS A 4 15.70 3.04 10.97
N ALA A 5 15.25 2.79 12.15
CA ALA A 5 15.60 1.58 12.85
C ALA A 5 14.54 0.52 12.58
N ILE A 6 13.29 0.91 12.77
CA ILE A 6 12.19 -0.04 12.69
C ILE A 6 11.76 -0.24 11.25
N ALA A 7 11.79 0.84 10.48
CA ALA A 7 11.41 0.84 9.08
C ALA A 7 12.43 0.12 8.23
N GLN A 8 13.68 0.42 8.51
CA GLN A 8 14.80 -0.18 7.80
C GLN A 8 14.79 -1.68 8.00
N GLN A 9 14.33 -2.09 9.17
CA GLN A 9 14.19 -3.51 9.44
C GLN A 9 12.84 -4.00 8.92
N THR A 10 11.88 -3.09 8.96
CA THR A 10 10.54 -3.33 8.44
C THR A 10 10.57 -3.60 6.95
N ALA A 11 11.42 -2.85 6.23
CA ALA A 11 11.63 -3.10 4.80
C ALA A 11 11.85 -4.59 4.52
N GLN A 12 12.93 -5.12 5.07
CA GLN A 12 13.30 -6.51 4.87
C GLN A 12 12.36 -7.46 5.60
N GLU A 13 11.55 -6.93 6.52
CA GLU A 13 10.52 -7.74 7.16
C GLU A 13 9.44 -8.08 6.15
N VAL A 14 8.87 -7.04 5.59
CA VAL A 14 7.78 -7.20 4.64
C VAL A 14 8.30 -7.84 3.36
N LEU A 15 9.48 -7.41 2.97
CA LEU A 15 10.15 -7.96 1.82
C LEU A 15 10.56 -9.37 2.14
N GLY A 16 10.68 -9.64 3.42
CA GLY A 16 11.01 -10.96 3.88
C GLY A 16 9.94 -11.94 3.49
N TYR A 17 8.75 -11.41 3.32
CA TYR A 17 7.61 -12.22 2.91
C TYR A 17 7.56 -12.25 1.41
N ASN A 18 8.35 -11.38 0.78
CA ASN A 18 8.53 -11.40 -0.66
C ASN A 18 9.60 -12.43 -1.04
N ARG A 19 10.31 -12.95 -0.04
CA ARG A 19 11.46 -13.81 -0.27
C ARG A 19 11.12 -15.26 0.05
N ASP A 20 10.13 -15.45 0.89
CA ASP A 20 9.68 -16.79 1.23
C ASP A 20 8.21 -16.78 1.59
N THR A 21 7.65 -17.96 1.72
CA THR A 21 6.23 -18.11 1.96
C THR A 21 6.01 -19.11 3.10
N SER A 22 5.15 -18.77 4.03
CA SER A 22 5.01 -19.56 5.25
C SER A 22 3.55 -19.73 5.68
N GLY A 23 3.05 -20.94 5.50
CA GLY A 23 1.76 -21.33 6.06
C GLY A 23 0.59 -20.48 5.60
N TRP A 24 0.63 -20.03 4.36
CA TRP A 24 -0.49 -19.30 3.80
C TRP A 24 -1.01 -20.00 2.57
N LYS A 25 -1.83 -19.30 1.82
CA LYS A 25 -2.50 -19.85 0.68
C LYS A 25 -3.25 -18.76 -0.02
N VAL A 26 -3.22 -18.81 -1.32
CA VAL A 26 -4.00 -17.88 -2.12
C VAL A 26 -5.46 -18.06 -1.82
N VAL A 27 -6.03 -17.02 -1.30
CA VAL A 27 -7.43 -17.04 -0.97
C VAL A 27 -8.24 -16.54 -2.14
N LYS A 28 -7.63 -15.70 -2.99
CA LYS A 28 -8.37 -15.20 -4.13
C LYS A 28 -7.44 -14.65 -5.22
N THR A 29 -7.86 -14.80 -6.46
CA THR A 29 -7.14 -14.28 -7.61
C THR A 29 -8.12 -13.79 -8.66
N SER A 30 -7.70 -12.82 -9.45
CA SER A 30 -8.52 -12.33 -10.55
C SER A 30 -8.03 -12.90 -11.89
N LYS A 31 -7.12 -12.19 -12.55
CA LYS A 31 -6.53 -12.71 -13.78
C LYS A 31 -5.15 -12.09 -14.02
N LYS A 32 -4.47 -11.77 -12.92
CA LYS A 32 -3.13 -11.18 -12.95
C LYS A 32 -2.65 -10.93 -11.54
N ILE A 33 -3.59 -10.86 -10.62
CA ILE A 33 -3.30 -10.60 -9.22
C ILE A 33 -3.66 -11.80 -8.36
N THR A 34 -3.10 -11.84 -7.17
CA THR A 34 -3.04 -13.05 -6.37
C THR A 34 -2.91 -12.72 -4.89
N VAL A 35 -3.96 -12.96 -4.10
CA VAL A 35 -3.89 -12.74 -2.66
C VAL A 35 -3.73 -14.04 -1.89
N SER A 36 -2.61 -14.16 -1.19
CA SER A 36 -2.34 -15.29 -0.32
C SER A 36 -2.50 -14.88 1.13
N SER A 37 -3.34 -15.60 1.84
CA SER A 37 -3.72 -15.22 3.19
C SER A 37 -3.15 -16.19 4.23
N LYS A 38 -2.59 -15.64 5.28
CA LYS A 38 -2.15 -16.40 6.45
C LYS A 38 -2.51 -15.63 7.71
N ALA A 39 -2.62 -16.31 8.84
CA ALA A 39 -2.90 -15.64 10.10
C ALA A 39 -1.80 -14.63 10.43
N SER A 40 -2.21 -13.40 10.71
CA SER A 40 -1.28 -12.29 10.88
C SER A 40 -0.37 -12.47 12.08
N ARG A 41 -0.90 -13.06 13.15
CA ARG A 41 -0.16 -13.33 14.40
C ARG A 41 0.12 -12.05 15.20
N LYS A 42 0.50 -10.98 14.51
CA LYS A 42 0.78 -9.70 15.14
C LYS A 42 -0.51 -8.95 15.40
N PHE A 43 -1.60 -9.57 14.97
CA PHE A 43 -2.91 -9.00 15.09
C PHE A 43 -3.89 -10.15 15.07
N HIS A 44 -4.99 -10.02 15.79
CA HIS A 44 -5.98 -11.08 15.86
C HIS A 44 -6.80 -11.14 14.58
N GLY A 45 -6.11 -11.45 13.49
CA GLY A 45 -6.73 -11.55 12.18
C GLY A 45 -5.84 -12.29 11.23
N ASN A 46 -5.94 -11.99 9.95
CA ASN A 46 -5.09 -12.64 8.97
C ASN A 46 -4.46 -11.63 8.02
N LEU A 47 -3.25 -11.95 7.59
CA LEU A 47 -2.46 -11.08 6.74
C LEU A 47 -2.58 -11.57 5.30
N TYR A 48 -2.56 -10.66 4.34
CA TYR A 48 -2.73 -11.01 2.95
C TYR A 48 -1.57 -10.50 2.12
N ARG A 49 -1.09 -11.32 1.19
CA ARG A 49 -0.18 -10.84 0.17
C ARG A 49 -0.93 -10.71 -1.14
N VAL A 50 -0.97 -9.52 -1.70
CA VAL A 50 -1.54 -9.36 -3.02
C VAL A 50 -0.40 -9.19 -4.00
N GLU A 51 -0.49 -9.90 -5.11
CA GLU A 51 0.65 -10.07 -5.97
C GLU A 51 0.21 -10.17 -7.42
N GLY A 52 0.53 -9.16 -8.19
CA GLY A 52 0.18 -9.16 -9.59
C GLY A 52 1.26 -8.54 -10.41
N ILE A 53 1.36 -8.91 -11.67
CA ILE A 53 2.34 -8.26 -12.53
C ILE A 53 1.69 -7.14 -13.32
N ILE A 54 2.30 -5.98 -13.22
CA ILE A 54 1.85 -4.82 -13.95
C ILE A 54 2.81 -4.56 -15.11
N PRO A 55 2.30 -4.74 -16.34
CA PRO A 55 3.07 -4.53 -17.59
C PRO A 55 3.51 -3.09 -17.79
N GLU A 56 4.27 -2.59 -16.86
CA GLU A 56 4.88 -1.29 -16.94
C GLU A 56 6.33 -1.44 -16.52
N SER A 57 6.98 -0.35 -16.22
CA SER A 57 8.27 -0.38 -15.60
C SER A 57 8.10 -0.08 -14.12
N PRO A 58 8.99 -0.62 -13.31
CA PRO A 58 8.97 -0.47 -11.86
C PRO A 58 9.25 0.97 -11.48
N ALA A 59 9.60 1.76 -12.49
CA ALA A 59 9.82 3.18 -12.34
C ALA A 59 8.51 3.92 -12.11
N LYS A 60 7.52 3.72 -12.98
CA LYS A 60 6.23 4.38 -12.80
C LYS A 60 5.56 3.77 -11.59
N LEU A 61 5.88 2.51 -11.34
CA LEU A 61 5.41 1.82 -10.17
C LEU A 61 5.93 2.51 -8.91
N SER A 62 7.24 2.73 -8.85
CA SER A 62 7.86 3.45 -7.73
C SER A 62 7.58 4.95 -7.85
N ASP A 63 6.95 5.35 -8.95
CA ASP A 63 6.60 6.75 -9.14
C ASP A 63 5.21 7.06 -8.59
N PHE A 64 4.27 6.16 -8.85
CA PHE A 64 2.89 6.39 -8.45
C PHE A 64 2.70 6.16 -6.94
N LEU A 65 3.26 5.06 -6.42
CA LEU A 65 2.87 4.57 -5.09
C LEU A 65 3.50 5.38 -3.99
N TYR A 66 4.17 6.45 -4.40
CA TYR A 66 4.88 7.35 -3.50
C TYR A 66 4.04 7.75 -2.25
N GLN A 67 2.72 7.48 -2.32
CA GLN A 67 1.80 7.55 -1.18
C GLN A 67 1.26 8.95 -1.03
N THR A 68 2.11 9.92 -1.25
CA THR A 68 1.69 11.29 -1.09
C THR A 68 2.24 12.15 -2.22
N GLY A 69 2.51 11.52 -3.34
CA GLY A 69 3.08 12.24 -4.44
C GLY A 69 2.11 12.44 -5.57
N ASP A 70 1.67 11.32 -6.11
CA ASP A 70 0.92 11.31 -7.35
C ASP A 70 -0.29 10.39 -7.21
N ARG A 71 -0.16 9.44 -6.30
CA ARG A 71 -1.03 8.29 -6.27
C ARG A 71 -2.42 8.71 -5.87
N ILE A 72 -2.47 9.66 -4.96
CA ILE A 72 -3.73 10.10 -4.41
C ILE A 72 -4.45 11.00 -5.42
N THR A 73 -3.68 11.56 -6.34
CA THR A 73 -4.24 12.55 -7.24
C THR A 73 -4.99 11.86 -8.37
N TRP A 74 -4.59 10.64 -8.67
CA TRP A 74 -5.29 9.87 -9.70
C TRP A 74 -6.06 8.70 -9.10
N ASP A 75 -5.98 8.58 -7.78
CA ASP A 75 -6.48 7.40 -7.09
C ASP A 75 -8.01 7.28 -7.16
N LYS A 76 -8.49 6.19 -6.61
CA LYS A 76 -9.90 5.84 -6.69
C LYS A 76 -10.47 5.51 -5.31
N SER A 77 -9.59 5.25 -4.36
CA SER A 77 -10.00 4.96 -3.00
C SER A 77 -9.20 5.81 -2.05
N LEU A 78 -8.71 6.93 -2.55
CA LEU A 78 -7.96 7.86 -1.71
C LEU A 78 -8.66 9.20 -1.58
N GLN A 79 -7.91 10.18 -1.06
CA GLN A 79 -8.51 11.43 -0.62
C GLN A 79 -7.47 12.55 -0.50
N VAL A 80 -6.66 12.50 0.56
CA VAL A 80 -5.83 13.65 0.92
C VAL A 80 -4.43 13.22 1.36
N TYR A 81 -3.42 13.73 0.67
CA TYR A 81 -2.03 13.48 1.00
C TYR A 81 -1.43 14.60 1.85
N ASN A 82 -0.41 14.25 2.63
CA ASN A 82 0.44 15.22 3.31
C ASN A 82 1.74 14.54 3.74
N MET A 83 2.85 14.92 3.12
CA MET A 83 4.15 14.42 3.53
C MET A 83 4.50 15.09 4.86
N VAL A 84 4.50 14.32 5.93
CA VAL A 84 4.62 14.88 7.28
C VAL A 84 6.08 15.02 7.70
N HIS A 85 6.64 13.97 8.28
CA HIS A 85 7.99 14.01 8.76
C HIS A 85 8.86 13.06 7.96
N ARG A 86 9.92 13.60 7.40
CA ARG A 86 10.85 12.80 6.62
C ARG A 86 12.11 12.58 7.46
N ILE A 87 12.58 11.34 7.48
CA ILE A 87 13.72 10.97 8.30
C ILE A 87 14.99 11.06 7.48
N ASP A 88 14.87 10.64 6.23
CA ASP A 88 15.94 10.71 5.28
C ASP A 88 15.34 10.85 3.89
N SER A 89 16.16 10.73 2.87
CA SER A 89 15.68 10.87 1.51
C SER A 89 15.00 9.59 1.03
N ASP A 90 15.01 8.56 1.87
CA ASP A 90 14.38 7.30 1.52
C ASP A 90 13.59 6.76 2.71
N THR A 91 13.31 7.66 3.65
CA THR A 91 12.57 7.29 4.83
C THR A 91 11.58 8.40 5.14
N PHE A 92 10.31 8.14 4.92
CA PHE A 92 9.29 9.17 5.04
C PHE A 92 8.19 8.72 5.96
N ILE A 93 7.26 9.62 6.19
CA ILE A 93 6.00 9.30 6.80
C ILE A 93 4.91 10.01 6.01
N CYS A 94 3.86 9.31 5.68
CA CYS A 94 2.82 9.88 4.84
C CYS A 94 1.50 10.01 5.58
N HIS A 95 0.95 11.22 5.55
CA HIS A 95 -0.40 11.45 6.01
C HIS A 95 -1.37 11.26 4.84
N THR A 96 -1.85 10.05 4.70
CA THR A 96 -2.69 9.66 3.59
C THR A 96 -4.13 9.41 4.03
N ILE A 97 -5.04 10.29 3.67
CA ILE A 97 -6.45 10.03 3.89
C ILE A 97 -6.94 9.08 2.82
N THR A 98 -7.44 7.93 3.26
CA THR A 98 -7.93 6.93 2.34
C THR A 98 -9.44 6.82 2.45
N GLN A 99 -10.06 6.39 1.37
CA GLN A 99 -11.47 6.15 1.35
C GLN A 99 -11.73 4.66 1.13
N SER A 100 -11.51 3.86 2.17
CA SER A 100 -11.71 2.41 2.09
C SER A 100 -13.20 2.06 2.10
N PHE A 101 -14.00 3.04 1.73
CA PHE A 101 -15.45 2.94 1.61
C PHE A 101 -15.84 1.70 0.80
N ALA A 102 -16.22 0.65 1.52
CA ALA A 102 -16.71 -0.57 0.90
C ALA A 102 -18.04 -0.34 0.20
N VAL A 103 -19.06 -0.14 0.99
CA VAL A 103 -20.39 0.12 0.50
C VAL A 103 -21.09 1.09 1.46
N GLY A 104 -20.27 1.73 2.28
CA GLY A 104 -20.80 2.62 3.30
C GLY A 104 -20.49 2.12 4.68
N SER A 105 -19.92 0.92 4.75
CA SER A 105 -19.62 0.30 6.02
C SER A 105 -18.35 0.89 6.60
N ILE A 106 -17.58 1.53 5.74
CA ILE A 106 -16.27 2.02 6.09
C ILE A 106 -16.15 3.49 5.76
N SER A 107 -15.81 4.29 6.76
CA SER A 107 -15.59 5.71 6.55
C SER A 107 -14.15 5.93 6.10
N PRO A 108 -13.83 7.11 5.54
CA PRO A 108 -12.46 7.45 5.19
C PRO A 108 -11.52 7.29 6.38
N ARG A 109 -10.41 6.62 6.16
CA ARG A 109 -9.46 6.38 7.24
C ARG A 109 -8.26 7.28 7.06
N ASP A 110 -7.56 7.54 8.15
CA ASP A 110 -6.38 8.38 8.07
C ASP A 110 -5.14 7.51 8.20
N PHE A 111 -4.33 7.45 7.17
CA PHE A 111 -3.15 6.60 7.18
C PHE A 111 -1.92 7.43 7.51
N ILE A 112 -1.17 6.96 8.48
CA ILE A 112 0.10 7.56 8.81
C ILE A 112 1.16 6.50 8.75
N ASP A 113 1.53 6.15 7.53
CA ASP A 113 2.50 5.10 7.32
C ASP A 113 3.89 5.70 7.29
N LEU A 114 4.72 5.29 8.22
CA LEU A 114 6.13 5.55 8.11
C LEU A 114 6.70 4.61 7.09
N VAL A 115 7.15 5.19 6.02
CA VAL A 115 7.41 4.47 4.83
C VAL A 115 8.86 4.56 4.45
N TYR A 116 9.46 3.41 4.35
CA TYR A 116 10.83 3.36 3.93
C TYR A 116 10.88 2.84 2.51
N ILE A 117 11.25 3.71 1.59
CA ILE A 117 11.32 3.32 0.20
C ILE A 117 12.70 2.75 -0.09
N LYS A 118 12.74 1.43 -0.07
CA LYS A 118 13.97 0.70 -0.29
C LYS A 118 13.98 0.21 -1.73
N ARG A 119 14.87 0.74 -2.53
CA ARG A 119 14.98 0.28 -3.88
C ARG A 119 16.22 -0.57 -4.00
N TYR A 120 16.01 -1.85 -4.15
CA TYR A 120 17.08 -2.72 -4.52
C TYR A 120 17.28 -2.51 -6.00
N GLU A 121 18.39 -1.86 -6.32
CA GLU A 121 18.74 -1.44 -7.69
C GLU A 121 18.39 -2.50 -8.73
N GLY A 122 17.20 -2.34 -9.29
CA GLY A 122 16.70 -3.24 -10.31
C GLY A 122 16.35 -4.60 -9.77
N ASN A 123 15.85 -4.60 -8.55
CA ASN A 123 15.47 -5.81 -7.86
C ASN A 123 14.09 -5.64 -7.23
N MET A 124 13.94 -4.59 -6.42
CA MET A 124 12.70 -4.35 -5.67
C MET A 124 12.61 -2.90 -5.25
N ASN A 125 11.54 -2.24 -5.66
CA ASN A 125 11.30 -0.86 -5.27
C ASN A 125 10.13 -0.83 -4.29
N ILE A 126 10.45 -1.11 -3.04
CA ILE A 126 9.44 -1.33 -2.01
C ILE A 126 9.21 -0.12 -1.14
N ILE A 127 7.95 0.16 -0.84
CA ILE A 127 7.62 1.11 0.23
C ILE A 127 7.26 0.33 1.49
N SER A 128 8.19 0.32 2.43
CA SER A 128 8.00 -0.35 3.71
C SER A 128 7.32 0.58 4.69
N SER A 129 6.08 0.30 5.01
CA SER A 129 5.26 1.28 5.71
C SER A 129 4.80 0.77 7.08
N LYS A 130 4.85 1.65 8.08
CA LYS A 130 4.41 1.30 9.42
C LYS A 130 3.52 2.41 9.91
N SER A 131 2.32 2.10 10.31
CA SER A 131 1.49 3.11 10.92
C SER A 131 2.18 3.53 12.19
N VAL A 132 2.87 4.65 12.13
CA VAL A 132 3.80 4.99 13.15
C VAL A 132 3.25 6.11 13.99
N ASP A 133 3.40 5.95 15.27
CA ASP A 133 2.76 6.84 16.21
C ASP A 133 3.64 8.04 16.47
N PHE A 134 3.58 8.99 15.56
CA PHE A 134 4.41 10.16 15.62
C PHE A 134 3.51 11.43 15.68
N PRO A 135 4.07 12.65 15.82
CA PRO A 135 3.32 13.93 15.89
C PRO A 135 1.91 13.97 15.25
N GLU A 136 1.82 13.81 13.93
CA GLU A 136 0.54 13.95 13.21
C GLU A 136 -0.40 12.76 13.47
N TYR A 137 0.18 11.59 13.70
CA TYR A 137 -0.55 10.33 13.78
C TYR A 137 -1.77 10.32 14.73
N PRO A 138 -1.71 10.91 15.96
CA PRO A 138 -2.88 10.96 16.87
C PRO A 138 -4.19 11.37 16.19
N PRO A 139 -5.12 10.40 16.03
CA PRO A 139 -6.40 10.60 15.35
C PRO A 139 -7.58 10.80 16.29
N SER A 140 -8.76 10.55 15.76
CA SER A 140 -10.00 10.63 16.50
C SER A 140 -10.83 9.41 16.16
N SER A 141 -12.14 9.48 16.30
CA SER A 141 -12.98 8.34 16.00
C SER A 141 -13.42 8.35 14.53
N ASN A 142 -13.78 9.52 14.02
CA ASN A 142 -14.23 9.65 12.63
C ASN A 142 -13.09 9.30 11.67
N TYR A 143 -11.96 9.95 11.85
CA TYR A 143 -10.78 9.64 11.07
C TYR A 143 -9.92 8.67 11.83
N ILE A 144 -9.89 7.45 11.34
CA ILE A 144 -9.23 6.40 12.06
C ILE A 144 -7.91 6.06 11.41
N ARG A 145 -6.87 6.24 12.19
CA ARG A 145 -5.54 5.83 11.78
C ARG A 145 -5.49 4.33 11.60
N GLY A 146 -5.60 3.90 10.35
CA GLY A 146 -5.49 2.50 10.05
C GLY A 146 -4.13 2.00 10.45
N TYR A 147 -4.08 1.14 11.45
CA TYR A 147 -2.82 0.74 12.00
C TYR A 147 -2.24 -0.42 11.20
N ASN A 148 -1.56 -0.06 10.12
CA ASN A 148 -0.85 -1.00 9.29
C ASN A 148 0.40 -1.48 10.02
N HIS A 149 0.31 -2.66 10.62
CA HIS A 149 1.48 -3.30 11.22
C HIS A 149 2.49 -3.54 10.12
N PRO A 150 3.79 -3.26 10.42
CA PRO A 150 4.91 -3.21 9.46
C PRO A 150 4.72 -3.99 8.17
N CYS A 151 3.80 -3.51 7.36
CA CYS A 151 3.53 -4.08 6.07
C CYS A 151 4.29 -3.31 5.00
N GLY A 152 4.07 -3.65 3.76
CA GLY A 152 4.81 -3.01 2.71
C GLY A 152 4.37 -3.48 1.35
N PHE A 153 4.88 -2.80 0.38
CA PHE A 153 4.31 -2.76 -0.95
C PHE A 153 5.45 -2.80 -1.92
N VAL A 154 5.91 -4.00 -2.22
CA VAL A 154 7.12 -4.14 -2.98
C VAL A 154 6.83 -4.26 -4.46
N CYS A 155 7.70 -3.67 -5.23
CA CYS A 155 7.63 -3.76 -6.67
C CYS A 155 8.90 -4.40 -7.19
N SER A 156 8.78 -5.44 -7.99
CA SER A 156 9.97 -6.16 -8.39
C SER A 156 10.15 -6.14 -9.90
N PRO A 157 11.18 -5.44 -10.38
CA PRO A 157 11.61 -5.56 -11.78
C PRO A 157 11.79 -7.03 -12.13
N MET A 158 10.85 -7.58 -12.90
CA MET A 158 10.83 -9.02 -13.13
C MET A 158 11.94 -9.47 -14.06
N GLU A 159 11.86 -10.73 -14.44
CA GLU A 159 12.78 -11.29 -15.41
C GLU A 159 12.64 -10.57 -16.75
N GLU A 160 11.50 -9.91 -16.91
CA GLU A 160 11.22 -9.16 -18.13
C GLU A 160 11.34 -7.67 -17.87
N ASN A 161 11.88 -7.35 -16.69
CA ASN A 161 12.04 -5.98 -16.17
C ASN A 161 11.02 -4.94 -16.70
N PRO A 162 11.29 -4.17 -17.79
CA PRO A 162 10.39 -3.09 -18.20
C PRO A 162 9.13 -3.59 -18.89
N ALA A 163 9.13 -4.87 -19.24
CA ALA A 163 8.00 -5.48 -19.92
C ALA A 163 7.01 -6.03 -18.92
N TYR A 164 7.52 -6.53 -17.80
CA TYR A 164 6.67 -7.05 -16.74
C TYR A 164 7.25 -6.64 -15.40
N SER A 165 6.48 -5.89 -14.63
CA SER A 165 6.95 -5.44 -13.35
C SER A 165 6.08 -5.99 -12.24
N LYS A 166 6.73 -6.44 -11.18
CA LYS A 166 6.04 -7.09 -10.09
C LYS A 166 5.39 -6.10 -9.16
N LEU A 167 4.12 -6.31 -8.91
CA LEU A 167 3.45 -5.65 -7.83
C LEU A 167 3.07 -6.65 -6.73
N VAL A 168 3.84 -6.70 -5.65
CA VAL A 168 3.48 -7.57 -4.51
C VAL A 168 3.45 -6.76 -3.21
N MET A 169 2.27 -6.72 -2.61
CA MET A 169 2.00 -5.89 -1.45
C MET A 169 1.38 -6.72 -0.33
N PHE A 170 1.86 -6.52 0.87
CA PHE A 170 1.40 -7.28 2.03
C PHE A 170 0.63 -6.37 2.96
N VAL A 171 -0.57 -6.80 3.32
CA VAL A 171 -1.43 -5.96 4.13
C VAL A 171 -1.58 -6.56 5.55
N GLN A 172 -1.20 -5.78 6.55
CA GLN A 172 -1.26 -6.23 7.93
C GLN A 172 -1.96 -5.18 8.76
N THR A 173 -3.10 -4.78 8.24
CA THR A 173 -3.87 -3.68 8.79
C THR A 173 -4.64 -4.11 10.04
N GLU A 174 -4.67 -3.22 11.04
CA GLU A 174 -5.29 -3.51 12.32
C GLU A 174 -6.80 -3.25 12.30
N MET A 175 -7.24 -2.32 11.45
CA MET A 175 -8.69 -2.08 11.26
C MET A 175 -9.41 -1.96 12.61
N ARG A 176 -8.81 -1.16 13.49
CA ARG A 176 -9.17 -1.12 14.91
C ARG A 176 -10.66 -1.03 15.18
N GLY A 177 -11.35 -0.07 14.58
CA GLY A 177 -12.75 0.12 14.90
C GLY A 177 -13.50 0.93 13.88
N LYS A 178 -13.96 0.28 12.82
CA LYS A 178 -14.81 0.95 11.84
C LYS A 178 -15.55 -0.07 10.97
N LEU A 179 -15.41 -1.35 11.30
CA LEU A 179 -16.03 -2.40 10.51
C LEU A 179 -16.49 -3.54 11.40
N SER A 180 -17.20 -4.47 10.79
CA SER A 180 -17.58 -5.73 11.41
C SER A 180 -16.86 -6.86 10.68
N PRO A 181 -16.75 -8.06 11.27
CA PRO A 181 -16.05 -9.20 10.62
C PRO A 181 -16.40 -9.35 9.14
N SER A 182 -17.68 -9.24 8.82
CA SER A 182 -18.17 -9.43 7.46
C SER A 182 -17.74 -8.29 6.53
N ILE A 183 -17.28 -7.19 7.11
CA ILE A 183 -16.84 -6.04 6.32
C ILE A 183 -15.37 -6.15 6.05
N ILE A 184 -14.70 -6.64 7.07
CA ILE A 184 -13.27 -6.80 7.10
C ILE A 184 -12.81 -7.85 6.11
N GLU A 185 -13.60 -8.92 5.99
CA GLU A 185 -13.32 -9.97 5.02
C GLU A 185 -13.37 -9.39 3.62
N LYS A 186 -14.06 -8.27 3.50
CA LYS A 186 -14.14 -7.55 2.25
C LYS A 186 -13.05 -6.49 2.18
N THR A 187 -12.84 -5.79 3.31
CA THR A 187 -11.99 -4.59 3.29
C THR A 187 -10.55 -4.89 2.90
N MET A 188 -10.01 -6.03 3.31
CA MET A 188 -8.60 -6.34 3.01
C MET A 188 -8.43 -6.78 1.56
N PRO A 189 -9.07 -7.89 1.13
CA PRO A 189 -8.90 -8.41 -0.23
C PRO A 189 -9.28 -7.38 -1.29
N SER A 190 -10.33 -6.60 -1.03
CA SER A 190 -10.78 -5.61 -2.00
C SER A 190 -9.80 -4.46 -2.09
N ASN A 191 -9.16 -4.15 -0.97
CA ASN A 191 -8.23 -3.03 -0.89
C ASN A 191 -6.93 -3.37 -1.60
N LEU A 192 -6.45 -4.58 -1.35
CA LEU A 192 -5.26 -5.10 -1.99
C LEU A 192 -5.33 -4.99 -3.50
N VAL A 193 -6.37 -5.55 -4.09
CA VAL A 193 -6.52 -5.56 -5.54
C VAL A 193 -6.71 -4.14 -6.04
N ASN A 194 -7.34 -3.34 -5.19
CA ASN A 194 -7.60 -1.95 -5.47
C ASN A 194 -6.32 -1.14 -5.45
N PHE A 195 -5.42 -1.46 -4.55
CA PHE A 195 -4.09 -0.85 -4.53
C PHE A 195 -3.35 -1.19 -5.82
N ILE A 196 -3.60 -2.37 -6.34
CA ILE A 196 -2.99 -2.79 -7.58
C ILE A 196 -3.71 -2.18 -8.77
N LEU A 197 -4.99 -1.92 -8.63
CA LEU A 197 -5.75 -1.27 -9.67
C LEU A 197 -5.37 0.18 -9.75
N ASN A 198 -5.13 0.75 -8.59
CA ASN A 198 -4.43 2.01 -8.51
C ASN A 198 -3.21 1.94 -9.39
N ALA A 199 -2.44 0.89 -9.19
CA ALA A 199 -1.19 0.75 -9.86
C ALA A 199 -1.40 0.57 -11.35
N LYS A 200 -2.34 -0.28 -11.69
CA LYS A 200 -2.72 -0.46 -13.08
C LYS A 200 -3.08 0.88 -13.68
N ASP A 201 -3.94 1.60 -12.98
CA ASP A 201 -4.57 2.80 -13.52
C ASP A 201 -3.61 3.98 -13.52
N GLY A 202 -2.81 4.12 -12.47
CA GLY A 202 -1.82 5.20 -12.45
C GLY A 202 -0.74 4.96 -13.46
N ILE A 203 -0.43 3.69 -13.63
CA ILE A 203 0.47 3.22 -14.66
C ILE A 203 -0.10 3.47 -16.05
N LYS A 204 -1.41 3.35 -16.17
CA LYS A 204 -2.06 3.60 -17.44
C LYS A 204 -2.13 5.10 -17.65
N ALA A 205 -2.39 5.81 -16.59
CA ALA A 205 -2.34 7.27 -16.59
C ALA A 205 -0.97 7.72 -17.05
N HIS A 206 0.04 6.93 -16.68
CA HIS A 206 1.40 7.17 -17.15
C HIS A 206 1.51 7.05 -18.66
N ARG A 207 0.88 6.05 -19.27
CA ARG A 207 1.15 5.78 -20.67
C ARG A 207 -0.12 5.63 -21.52
N THR A 208 -1.08 4.86 -21.03
CA THR A 208 -2.24 4.49 -21.82
C THR A 208 -3.15 5.71 -22.03
N PRO A 209 -3.67 5.88 -23.26
CA PRO A 209 -4.56 7.00 -23.62
C PRO A 209 -5.89 6.99 -22.86
N SER A 210 -6.01 6.08 -21.90
CA SER A 210 -7.19 6.03 -21.05
C SER A 210 -7.26 7.27 -20.16
N ARG A 211 -6.11 7.92 -19.96
CA ARG A 211 -6.04 9.13 -19.16
C ARG A 211 -6.58 10.35 -19.95
N ARG A 212 -7.29 10.06 -21.03
CA ARG A 212 -8.02 11.09 -21.76
C ARG A 212 -9.07 11.70 -20.84
N GLY A 213 -9.67 10.86 -20.01
CA GLY A 213 -10.63 11.33 -19.04
C GLY A 213 -10.01 11.40 -17.65
N PHE A 214 -8.81 11.94 -17.58
CA PHE A 214 -8.09 12.06 -16.31
C PHE A 214 -8.68 13.18 -15.48
N HIS A 215 -8.85 12.93 -14.19
CA HIS A 215 -9.42 13.93 -13.29
C HIS A 215 -8.45 14.31 -12.20
N HIS A 216 -7.75 15.42 -12.41
CA HIS A 216 -6.80 15.95 -11.44
C HIS A 216 -7.53 16.91 -10.50
N ASN A 217 -8.72 16.51 -10.08
CA ASN A 217 -9.57 17.36 -9.26
C ASN A 217 -9.31 17.09 -7.78
N SER A 218 -8.31 17.77 -7.24
CA SER A 218 -7.90 17.57 -5.86
C SER A 218 -8.68 18.48 -4.91
N HIS A 219 -9.57 19.28 -5.46
CA HIS A 219 -10.40 20.17 -4.64
C HIS A 219 -11.78 19.56 -4.46
N SER A 220 -12.58 19.63 -5.51
CA SER A 220 -13.89 18.99 -5.55
C SER A 220 -14.51 19.22 -6.92
N MET A 1 17.32 9.23 13.67
CA MET A 1 16.92 8.30 12.59
C MET A 1 16.24 7.05 13.17
N ASP A 2 15.31 7.26 14.11
CA ASP A 2 14.64 6.16 14.77
C ASP A 2 13.74 5.46 13.79
N PHE A 3 13.15 6.26 12.90
CA PHE A 3 12.23 5.74 11.90
C PHE A 3 13.00 4.89 10.93
N LYS A 4 14.23 5.30 10.70
CA LYS A 4 15.12 4.62 9.80
C LYS A 4 15.70 3.40 10.48
N ALA A 5 15.33 3.20 11.72
CA ALA A 5 15.68 1.98 12.41
C ALA A 5 14.59 0.94 12.26
N ILE A 6 13.36 1.39 12.41
CA ILE A 6 12.22 0.48 12.45
C ILE A 6 11.79 0.13 11.04
N ALA A 7 11.87 1.12 10.19
CA ALA A 7 11.42 1.01 8.82
C ALA A 7 12.45 0.33 7.96
N GLN A 8 13.69 0.68 8.19
CA GLN A 8 14.81 0.11 7.46
C GLN A 8 14.93 -1.36 7.78
N GLN A 9 14.52 -1.71 8.98
CA GLN A 9 14.49 -3.11 9.37
C GLN A 9 13.21 -3.75 8.85
N THR A 10 12.15 -2.95 8.82
CA THR A 10 10.85 -3.39 8.36
C THR A 10 10.84 -3.61 6.85
N ALA A 11 11.57 -2.78 6.12
CA ALA A 11 11.77 -3.00 4.68
C ALA A 11 12.06 -4.47 4.36
N GLN A 12 13.15 -4.98 4.89
CA GLN A 12 13.56 -6.35 4.61
C GLN A 12 12.70 -7.36 5.35
N GLU A 13 11.88 -6.90 6.29
CA GLU A 13 10.90 -7.77 6.93
C GLU A 13 9.81 -8.09 5.94
N VAL A 14 9.19 -7.04 5.42
CA VAL A 14 8.05 -7.17 4.54
C VAL A 14 8.49 -7.78 3.23
N LEU A 15 9.66 -7.37 2.81
CA LEU A 15 10.26 -7.85 1.62
C LEU A 15 10.79 -9.23 1.84
N GLY A 16 10.96 -9.54 3.11
CA GLY A 16 11.31 -10.88 3.51
C GLY A 16 10.22 -11.83 3.10
N TYR A 17 9.01 -11.31 3.04
CA TYR A 17 7.85 -12.11 2.66
C TYR A 17 7.72 -12.14 1.16
N ASN A 18 8.39 -11.24 0.47
CA ASN A 18 8.43 -11.31 -0.99
C ASN A 18 9.55 -12.25 -1.43
N ARG A 19 10.32 -12.75 -0.48
CA ARG A 19 11.45 -13.62 -0.80
C ARG A 19 11.15 -15.07 -0.46
N ASP A 20 10.18 -15.28 0.42
CA ASP A 20 9.73 -16.62 0.73
C ASP A 20 8.24 -16.64 1.05
N THR A 21 7.62 -17.78 0.83
CA THR A 21 6.18 -17.90 0.93
C THR A 21 5.77 -19.15 1.68
N SER A 22 4.90 -19.00 2.67
CA SER A 22 4.44 -20.14 3.46
C SER A 22 3.35 -19.74 4.44
N GLY A 23 2.55 -20.72 4.87
CA GLY A 23 1.61 -20.52 5.95
C GLY A 23 0.32 -19.86 5.51
N TRP A 24 0.17 -19.61 4.22
CA TRP A 24 -1.01 -18.91 3.73
C TRP A 24 -1.78 -19.76 2.73
N LYS A 25 -2.58 -19.10 1.91
CA LYS A 25 -3.47 -19.74 0.99
C LYS A 25 -4.09 -18.68 0.10
N VAL A 26 -3.89 -18.77 -1.20
CA VAL A 26 -4.55 -17.87 -2.11
C VAL A 26 -6.04 -17.90 -1.94
N VAL A 27 -6.56 -16.75 -1.64
CA VAL A 27 -7.97 -16.59 -1.42
C VAL A 27 -8.60 -15.82 -2.57
N LYS A 28 -7.80 -15.02 -3.25
CA LYS A 28 -8.35 -14.14 -4.27
C LYS A 28 -7.43 -14.00 -5.47
N THR A 29 -7.95 -14.35 -6.64
CA THR A 29 -7.25 -14.12 -7.88
C THR A 29 -8.23 -13.56 -8.91
N SER A 30 -7.94 -12.38 -9.45
CA SER A 30 -8.83 -11.75 -10.40
C SER A 30 -8.54 -12.26 -11.81
N LYS A 31 -7.49 -11.74 -12.44
CA LYS A 31 -7.09 -12.19 -13.76
C LYS A 31 -5.67 -11.73 -14.07
N LYS A 32 -4.94 -11.38 -13.01
CA LYS A 32 -3.60 -10.82 -13.14
C LYS A 32 -2.94 -10.67 -11.77
N ILE A 33 -3.65 -11.11 -10.72
CA ILE A 33 -3.23 -10.87 -9.35
C ILE A 33 -3.49 -12.08 -8.48
N THR A 34 -2.92 -12.08 -7.29
CA THR A 34 -2.94 -13.26 -6.44
C THR A 34 -2.86 -12.88 -4.96
N VAL A 35 -3.98 -12.96 -4.27
CA VAL A 35 -4.04 -12.62 -2.85
C VAL A 35 -4.05 -13.90 -2.00
N SER A 36 -3.06 -14.02 -1.13
CA SER A 36 -2.93 -15.18 -0.27
C SER A 36 -3.15 -14.78 1.18
N SER A 37 -4.03 -15.51 1.85
CA SER A 37 -4.41 -15.20 3.21
C SER A 37 -3.64 -16.06 4.18
N LYS A 38 -3.06 -15.42 5.18
CA LYS A 38 -2.17 -16.10 6.12
C LYS A 38 -2.69 -15.97 7.56
N ALA A 39 -2.15 -15.03 8.32
CA ALA A 39 -2.55 -14.84 9.72
C ALA A 39 -2.11 -13.47 10.19
N SER A 40 -2.96 -12.78 10.93
CA SER A 40 -2.65 -11.43 11.39
C SER A 40 -1.79 -11.49 12.65
N ARG A 41 -1.85 -10.42 13.44
CA ARG A 41 -1.17 -10.36 14.72
C ARG A 41 -1.91 -11.21 15.75
N LYS A 42 -2.85 -12.02 15.26
CA LYS A 42 -3.68 -12.87 16.11
C LYS A 42 -4.48 -12.04 17.09
N PHE A 43 -4.99 -10.92 16.61
CA PHE A 43 -5.71 -10.00 17.45
C PHE A 43 -6.85 -9.36 16.68
N HIS A 44 -7.02 -9.79 15.43
CA HIS A 44 -8.06 -9.25 14.57
C HIS A 44 -8.52 -10.28 13.54
N GLY A 45 -7.58 -10.98 12.93
CA GLY A 45 -7.93 -12.01 11.98
C GLY A 45 -6.74 -12.55 11.23
N ASN A 46 -6.73 -12.38 9.93
CA ASN A 46 -5.72 -12.97 9.09
C ASN A 46 -5.09 -11.94 8.16
N LEU A 47 -3.87 -12.23 7.75
CA LEU A 47 -3.08 -11.32 6.92
C LEU A 47 -3.28 -11.67 5.45
N TYR A 48 -3.13 -10.70 4.58
CA TYR A 48 -3.32 -10.93 3.16
C TYR A 48 -2.11 -10.44 2.37
N ARG A 49 -1.65 -11.26 1.43
CA ARG A 49 -0.56 -10.90 0.53
C ARG A 49 -1.06 -10.91 -0.90
N VAL A 50 -0.89 -9.84 -1.62
CA VAL A 50 -1.34 -9.78 -3.00
C VAL A 50 -0.14 -9.65 -3.94
N GLU A 51 -0.29 -10.19 -5.13
CA GLU A 51 0.82 -10.33 -6.04
C GLU A 51 0.33 -10.37 -7.48
N GLY A 52 0.60 -9.32 -8.23
CA GLY A 52 0.20 -9.28 -9.61
C GLY A 52 1.26 -8.69 -10.50
N ILE A 53 1.19 -8.96 -11.79
CA ILE A 53 2.17 -8.42 -12.70
C ILE A 53 1.61 -7.22 -13.43
N ILE A 54 2.20 -6.07 -13.18
CA ILE A 54 1.84 -4.85 -13.88
C ILE A 54 2.75 -4.65 -15.08
N PRO A 55 2.19 -4.77 -16.28
CA PRO A 55 2.90 -4.60 -17.56
C PRO A 55 3.50 -3.21 -17.73
N GLU A 56 4.52 -2.95 -16.95
CA GLU A 56 5.26 -1.71 -17.00
C GLU A 56 6.65 -1.95 -16.47
N SER A 57 7.37 -0.88 -16.21
CA SER A 57 8.65 -0.94 -15.60
C SER A 57 8.50 -0.57 -14.13
N PRO A 58 9.31 -1.18 -13.28
CA PRO A 58 9.30 -0.95 -11.84
C PRO A 58 9.64 0.50 -11.54
N ALA A 59 10.13 1.18 -12.56
CA ALA A 59 10.42 2.60 -12.50
C ALA A 59 9.16 3.43 -12.49
N LYS A 60 8.23 3.10 -13.38
CA LYS A 60 6.99 3.84 -13.44
C LYS A 60 6.16 3.51 -12.22
N LEU A 61 6.34 2.28 -11.77
CA LEU A 61 5.70 1.82 -10.55
C LEU A 61 6.19 2.64 -9.36
N SER A 62 7.50 2.76 -9.20
CA SER A 62 8.06 3.62 -8.17
C SER A 62 7.73 5.08 -8.47
N ASP A 63 7.29 5.35 -9.69
CA ASP A 63 6.98 6.71 -10.11
C ASP A 63 5.56 7.12 -9.71
N PHE A 64 4.58 6.30 -10.08
CA PHE A 64 3.18 6.66 -9.89
C PHE A 64 2.78 6.67 -8.41
N LEU A 65 3.27 5.69 -7.64
CA LEU A 65 2.76 5.51 -6.29
C LEU A 65 3.39 6.49 -5.31
N TYR A 66 4.56 7.01 -5.70
CA TYR A 66 5.59 7.56 -4.79
C TYR A 66 5.13 7.60 -3.33
N GLN A 67 4.21 8.52 -3.00
CA GLN A 67 3.50 8.50 -1.72
C GLN A 67 2.58 9.70 -1.55
N THR A 68 3.00 10.86 -2.03
CA THR A 68 2.31 12.10 -1.71
C THR A 68 2.37 13.11 -2.86
N GLY A 69 2.78 12.67 -4.03
CA GLY A 69 3.02 13.62 -5.10
C GLY A 69 2.14 13.41 -6.32
N ASP A 70 1.37 12.34 -6.32
CA ASP A 70 0.52 12.01 -7.46
C ASP A 70 -0.42 10.87 -7.08
N ARG A 71 0.07 10.00 -6.22
CA ARG A 71 -0.63 8.82 -5.70
C ARG A 71 -2.08 9.13 -5.42
N ILE A 72 -2.29 10.22 -4.68
CA ILE A 72 -3.61 10.62 -4.25
C ILE A 72 -4.26 11.57 -5.24
N THR A 73 -3.50 11.98 -6.23
CA THR A 73 -3.99 12.98 -7.16
C THR A 73 -4.80 12.33 -8.26
N TRP A 74 -4.41 11.12 -8.67
CA TRP A 74 -5.19 10.38 -9.65
C TRP A 74 -6.20 9.48 -8.92
N ASP A 75 -5.72 8.84 -7.84
CA ASP A 75 -6.59 8.28 -6.78
C ASP A 75 -7.67 7.28 -7.22
N LYS A 76 -7.88 6.26 -6.39
CA LYS A 76 -9.07 5.44 -6.51
C LYS A 76 -9.65 5.08 -5.13
N SER A 77 -8.79 4.99 -4.13
CA SER A 77 -9.22 4.74 -2.75
C SER A 77 -8.46 5.66 -1.83
N LEU A 78 -7.98 6.73 -2.41
CA LEU A 78 -7.19 7.73 -1.69
C LEU A 78 -7.99 9.02 -1.55
N GLN A 79 -7.36 10.05 -1.03
CA GLN A 79 -8.03 11.33 -0.82
C GLN A 79 -7.04 12.47 -0.68
N VAL A 80 -6.25 12.47 0.40
CA VAL A 80 -5.46 13.63 0.78
C VAL A 80 -4.12 13.23 1.34
N TYR A 81 -3.08 13.90 0.88
CA TYR A 81 -1.73 13.72 1.38
C TYR A 81 -1.37 14.85 2.35
N ASN A 82 -0.58 14.52 3.37
CA ASN A 82 0.02 15.51 4.25
C ASN A 82 1.33 14.96 4.79
N MET A 83 2.44 15.42 4.23
CA MET A 83 3.75 14.97 4.66
C MET A 83 4.02 15.46 6.08
N VAL A 84 3.97 14.53 7.03
CA VAL A 84 4.00 14.86 8.44
C VAL A 84 5.43 15.04 8.93
N HIS A 85 6.24 14.02 8.74
CA HIS A 85 7.64 14.07 9.13
C HIS A 85 8.48 13.23 8.19
N ARG A 86 9.33 13.90 7.42
CA ARG A 86 10.25 13.22 6.52
C ARG A 86 11.58 13.06 7.22
N ILE A 87 12.00 11.82 7.36
CA ILE A 87 13.13 11.47 8.21
C ILE A 87 14.43 11.92 7.57
N ASP A 88 14.63 11.50 6.33
CA ASP A 88 15.79 11.92 5.58
C ASP A 88 15.44 12.20 4.11
N SER A 89 15.67 11.23 3.25
CA SER A 89 15.42 11.40 1.83
C SER A 89 14.76 10.16 1.24
N ASP A 90 14.75 9.06 1.98
CA ASP A 90 14.18 7.82 1.47
C ASP A 90 13.24 7.23 2.50
N THR A 91 12.96 8.00 3.55
CA THR A 91 12.20 7.51 4.65
C THR A 91 11.27 8.60 5.10
N PHE A 92 9.98 8.34 5.01
CA PHE A 92 8.99 9.36 5.24
C PHE A 92 7.91 8.88 6.15
N ILE A 93 7.02 9.79 6.50
CA ILE A 93 5.76 9.44 7.11
C ILE A 93 4.67 10.22 6.40
N CYS A 94 3.69 9.52 5.87
CA CYS A 94 2.65 10.19 5.09
C CYS A 94 1.31 10.13 5.80
N HIS A 95 0.75 11.30 6.05
CA HIS A 95 -0.63 11.41 6.49
C HIS A 95 -1.54 11.26 5.27
N THR A 96 -1.88 10.03 5.00
CA THR A 96 -2.67 9.66 3.86
C THR A 96 -4.14 9.51 4.23
N ILE A 97 -4.99 10.36 3.70
CA ILE A 97 -6.43 10.19 3.90
C ILE A 97 -6.91 9.08 2.97
N THR A 98 -7.54 8.09 3.56
CA THR A 98 -7.90 6.87 2.88
C THR A 98 -9.41 6.75 2.70
N GLN A 99 -9.83 6.39 1.49
CA GLN A 99 -11.23 6.09 1.25
C GLN A 99 -11.48 4.60 1.49
N SER A 100 -11.70 4.24 2.76
CA SER A 100 -11.93 2.85 3.11
C SER A 100 -13.41 2.54 3.08
N PHE A 101 -13.88 1.99 1.98
CA PHE A 101 -15.30 1.69 1.82
C PHE A 101 -15.54 0.22 1.52
N ALA A 102 -15.94 -0.54 2.54
CA ALA A 102 -16.44 -1.90 2.32
C ALA A 102 -17.95 -1.84 2.21
N VAL A 103 -18.41 -1.39 1.04
CA VAL A 103 -19.85 -1.29 0.71
C VAL A 103 -20.62 -0.38 1.69
N GLY A 104 -19.88 0.36 2.51
CA GLY A 104 -20.52 1.28 3.42
C GLY A 104 -20.31 0.92 4.88
N SER A 105 -19.68 -0.22 5.11
CA SER A 105 -19.38 -0.66 6.47
C SER A 105 -18.28 0.19 7.11
N ILE A 106 -17.60 0.96 6.27
CA ILE A 106 -16.45 1.72 6.72
C ILE A 106 -16.56 3.16 6.24
N SER A 107 -16.11 4.09 7.06
CA SER A 107 -16.16 5.50 6.73
C SER A 107 -14.80 5.97 6.21
N PRO A 108 -14.71 7.19 5.64
CA PRO A 108 -13.42 7.79 5.27
C PRO A 108 -12.40 7.64 6.39
N ARG A 109 -11.23 7.12 6.06
CA ARG A 109 -10.28 6.75 7.08
C ARG A 109 -9.02 7.58 6.93
N ASP A 110 -8.22 7.61 7.98
CA ASP A 110 -6.97 8.33 7.96
C ASP A 110 -5.83 7.33 8.02
N PHE A 111 -4.63 7.73 7.67
CA PHE A 111 -3.50 6.84 7.71
C PHE A 111 -2.20 7.59 8.00
N ILE A 112 -1.38 7.03 8.88
CA ILE A 112 -0.05 7.53 9.14
C ILE A 112 0.94 6.42 8.89
N ASP A 113 1.40 6.34 7.67
CA ASP A 113 2.36 5.33 7.29
C ASP A 113 3.77 5.88 7.37
N LEU A 114 4.57 5.36 8.29
CA LEU A 114 6.00 5.56 8.16
C LEU A 114 6.52 4.63 7.11
N VAL A 115 7.11 5.21 6.12
CA VAL A 115 7.39 4.51 4.91
C VAL A 115 8.85 4.63 4.51
N TYR A 116 9.45 3.49 4.29
CA TYR A 116 10.81 3.47 3.79
C TYR A 116 10.83 2.99 2.35
N ILE A 117 11.18 3.88 1.45
CA ILE A 117 11.24 3.56 0.03
C ILE A 117 12.67 3.22 -0.36
N LYS A 118 12.89 1.97 -0.74
CA LYS A 118 14.21 1.52 -1.11
C LYS A 118 14.13 0.63 -2.34
N ARG A 119 15.10 0.78 -3.22
CA ARG A 119 15.16 -0.04 -4.40
C ARG A 119 16.39 -0.92 -4.32
N TYR A 120 16.13 -2.20 -4.21
CA TYR A 120 17.18 -3.18 -4.37
C TYR A 120 17.58 -3.17 -5.82
N GLU A 121 18.79 -2.69 -6.08
CA GLU A 121 19.34 -2.51 -7.44
C GLU A 121 18.90 -3.59 -8.41
N GLY A 122 17.84 -3.28 -9.13
CA GLY A 122 17.29 -4.20 -10.11
C GLY A 122 16.86 -5.50 -9.48
N ASN A 123 16.09 -5.38 -8.43
CA ASN A 123 15.65 -6.53 -7.67
C ASN A 123 14.29 -6.27 -7.06
N MET A 124 14.16 -5.15 -6.34
CA MET A 124 12.90 -4.83 -5.65
C MET A 124 12.80 -3.34 -5.34
N ASN A 125 11.78 -2.70 -5.89
CA ASN A 125 11.50 -1.30 -5.64
C ASN A 125 10.37 -1.21 -4.64
N ILE A 126 10.71 -1.30 -3.37
CA ILE A 126 9.73 -1.44 -2.31
C ILE A 126 9.47 -0.14 -1.58
N ILE A 127 8.19 0.09 -1.25
CA ILE A 127 7.85 1.08 -0.25
C ILE A 127 7.35 0.36 1.00
N SER A 128 8.13 0.45 2.05
CA SER A 128 7.74 -0.10 3.34
C SER A 128 6.78 0.85 4.01
N SER A 129 5.96 0.35 4.91
CA SER A 129 5.02 1.19 5.63
C SER A 129 4.71 0.65 7.02
N LYS A 130 4.79 1.52 8.01
CA LYS A 130 4.44 1.17 9.37
C LYS A 130 3.55 2.25 9.89
N SER A 131 2.37 1.90 10.34
CA SER A 131 1.52 2.90 10.94
C SER A 131 2.14 3.25 12.25
N VAL A 132 2.77 4.41 12.31
CA VAL A 132 3.48 4.76 13.49
C VAL A 132 2.69 5.74 14.30
N ASP A 133 2.93 5.71 15.57
CA ASP A 133 2.11 6.40 16.51
C ASP A 133 2.87 7.59 17.08
N PHE A 134 3.30 8.40 16.14
CA PHE A 134 4.13 9.56 16.41
C PHE A 134 3.23 10.80 16.63
N PRO A 135 3.79 12.01 16.93
CA PRO A 135 3.03 13.24 17.24
C PRO A 135 1.67 13.44 16.53
N GLU A 136 1.64 13.40 15.20
CA GLU A 136 0.42 13.70 14.45
C GLU A 136 -0.61 12.57 14.52
N TYR A 137 -0.10 11.35 14.65
CA TYR A 137 -0.90 10.11 14.60
C TYR A 137 -2.21 10.13 15.43
N PRO A 138 -2.24 10.66 16.68
CA PRO A 138 -3.50 10.74 17.47
C PRO A 138 -4.70 11.21 16.63
N PRO A 139 -5.63 10.29 16.31
CA PRO A 139 -6.77 10.56 15.43
C PRO A 139 -8.05 10.92 16.18
N SER A 140 -9.19 10.76 15.50
CA SER A 140 -10.49 11.07 16.05
C SER A 140 -11.49 10.05 15.53
N SER A 141 -12.77 10.34 15.60
CA SER A 141 -13.76 9.39 15.12
C SER A 141 -13.95 9.50 13.61
N ASN A 142 -14.09 10.74 13.13
CA ASN A 142 -14.30 10.99 11.70
C ASN A 142 -13.08 10.59 10.88
N TYR A 143 -11.94 10.55 11.54
CA TYR A 143 -10.70 10.13 10.91
C TYR A 143 -10.00 9.14 11.80
N ILE A 144 -10.00 7.88 11.39
CA ILE A 144 -9.32 6.88 12.16
C ILE A 144 -8.02 6.53 11.48
N ARG A 145 -6.93 6.81 12.16
CA ARG A 145 -5.62 6.37 11.70
C ARG A 145 -5.59 4.85 11.59
N GLY A 146 -5.76 4.36 10.37
CA GLY A 146 -5.76 2.93 10.14
C GLY A 146 -4.44 2.32 10.55
N TYR A 147 -4.46 1.48 11.56
CA TYR A 147 -3.23 1.03 12.18
C TYR A 147 -2.64 -0.15 11.43
N ASN A 148 -1.85 0.16 10.43
CA ASN A 148 -1.18 -0.83 9.63
C ASN A 148 0.12 -1.28 10.31
N HIS A 149 0.22 -2.58 10.52
CA HIS A 149 1.43 -3.17 11.09
C HIS A 149 2.53 -3.20 10.04
N PRO A 150 3.80 -3.35 10.46
CA PRO A 150 4.99 -3.36 9.58
C PRO A 150 4.87 -4.28 8.36
N CYS A 151 4.12 -3.82 7.40
CA CYS A 151 4.02 -4.46 6.11
C CYS A 151 4.26 -3.42 5.04
N GLY A 152 4.10 -3.77 3.78
CA GLY A 152 4.46 -2.83 2.76
C GLY A 152 3.96 -3.23 1.39
N PHE A 153 4.75 -2.86 0.41
CA PHE A 153 4.31 -2.81 -0.97
C PHE A 153 5.53 -2.83 -1.85
N VAL A 154 5.92 -4.00 -2.29
CA VAL A 154 7.14 -4.12 -3.03
C VAL A 154 6.89 -4.32 -4.51
N CYS A 155 7.81 -3.83 -5.29
CA CYS A 155 7.78 -4.05 -6.72
C CYS A 155 9.02 -4.83 -7.10
N SER A 156 8.88 -5.80 -7.98
CA SER A 156 10.00 -6.63 -8.35
C SER A 156 10.13 -6.73 -9.86
N PRO A 157 11.24 -6.22 -10.41
CA PRO A 157 11.56 -6.38 -11.83
C PRO A 157 11.43 -7.84 -12.28
N MET A 158 10.58 -8.08 -13.27
CA MET A 158 10.31 -9.45 -13.72
C MET A 158 11.39 -9.96 -14.64
N GLU A 159 11.10 -11.08 -15.28
CA GLU A 159 12.01 -11.65 -16.26
C GLU A 159 12.09 -10.72 -17.47
N GLU A 160 11.01 -9.97 -17.69
CA GLU A 160 10.93 -9.03 -18.79
C GLU A 160 11.28 -7.63 -18.32
N ASN A 161 11.86 -7.59 -17.11
CA ASN A 161 12.25 -6.38 -16.40
C ASN A 161 11.44 -5.10 -16.76
N PRO A 162 11.84 -4.28 -17.78
CA PRO A 162 11.14 -3.01 -18.05
C PRO A 162 9.77 -3.20 -18.70
N ALA A 163 9.49 -4.42 -19.14
CA ALA A 163 8.25 -4.70 -19.84
C ALA A 163 7.19 -5.26 -18.90
N TYR A 164 7.61 -6.03 -17.91
CA TYR A 164 6.67 -6.58 -16.94
C TYR A 164 7.25 -6.46 -15.55
N SER A 165 6.43 -6.03 -14.60
CA SER A 165 6.89 -5.84 -13.25
C SER A 165 6.04 -6.58 -12.25
N LYS A 166 6.68 -7.10 -11.22
CA LYS A 166 6.01 -7.83 -10.19
C LYS A 166 5.59 -6.92 -9.05
N LEU A 167 4.30 -6.68 -8.97
CA LEU A 167 3.71 -5.92 -7.90
C LEU A 167 3.26 -6.86 -6.79
N VAL A 168 3.98 -6.86 -5.68
CA VAL A 168 3.63 -7.74 -4.56
C VAL A 168 3.60 -6.98 -3.24
N MET A 169 2.50 -7.14 -2.52
CA MET A 169 2.22 -6.39 -1.31
C MET A 169 1.57 -7.30 -0.30
N PHE A 170 1.76 -7.02 0.98
CA PHE A 170 1.02 -7.75 2.00
C PHE A 170 0.72 -6.80 3.12
N VAL A 171 -0.37 -7.08 3.82
CA VAL A 171 -0.86 -6.17 4.82
C VAL A 171 -1.31 -6.91 6.09
N GLN A 172 -0.79 -6.47 7.23
CA GLN A 172 -1.21 -6.98 8.54
C GLN A 172 -1.83 -5.83 9.32
N THR A 173 -2.73 -5.14 8.66
CA THR A 173 -3.33 -3.94 9.23
C THR A 173 -4.33 -4.30 10.32
N GLU A 174 -4.49 -3.37 11.25
CA GLU A 174 -5.50 -3.50 12.27
C GLU A 174 -6.75 -2.75 11.86
N MET A 175 -6.55 -1.67 11.10
CA MET A 175 -7.64 -0.80 10.65
C MET A 175 -8.73 -0.64 11.70
N ARG A 176 -8.35 -0.01 12.82
CA ARG A 176 -9.31 0.34 13.86
C ARG A 176 -10.49 1.15 13.32
N GLY A 177 -11.46 1.42 14.17
CA GLY A 177 -12.66 2.09 13.74
C GLY A 177 -13.88 1.27 14.11
N LYS A 178 -14.96 1.41 13.36
CA LYS A 178 -16.16 0.62 13.62
C LYS A 178 -16.25 -0.55 12.65
N LEU A 179 -15.20 -1.36 12.60
CA LEU A 179 -15.20 -2.55 11.80
C LEU A 179 -15.15 -3.77 12.70
N SER A 180 -15.75 -4.82 12.22
CA SER A 180 -15.78 -6.08 12.92
C SER A 180 -15.00 -7.09 12.10
N PRO A 181 -14.65 -8.27 12.62
CA PRO A 181 -13.94 -9.29 11.84
C PRO A 181 -14.61 -9.53 10.49
N SER A 182 -15.93 -9.39 10.47
CA SER A 182 -16.71 -9.61 9.26
C SER A 182 -16.60 -8.45 8.26
N ILE A 183 -16.08 -7.31 8.70
CA ILE A 183 -15.96 -6.15 7.82
C ILE A 183 -14.61 -6.16 7.13
N ILE A 184 -13.64 -6.40 7.96
CA ILE A 184 -12.25 -6.48 7.58
C ILE A 184 -12.01 -7.60 6.59
N GLU A 185 -12.75 -8.68 6.76
CA GLU A 185 -12.62 -9.82 5.88
C GLU A 185 -13.17 -9.47 4.51
N LYS A 186 -13.96 -8.41 4.48
CA LYS A 186 -14.42 -7.85 3.23
C LYS A 186 -13.45 -6.78 2.75
N THR A 187 -12.96 -5.97 3.69
CA THR A 187 -12.21 -4.79 3.29
C THR A 187 -10.82 -5.12 2.78
N MET A 188 -10.15 -6.13 3.35
CA MET A 188 -8.78 -6.43 2.94
C MET A 188 -8.71 -7.03 1.54
N PRO A 189 -9.40 -8.16 1.25
CA PRO A 189 -9.33 -8.82 -0.06
C PRO A 189 -9.72 -7.89 -1.21
N SER A 190 -10.42 -6.82 -0.87
CA SER A 190 -10.75 -5.81 -1.84
C SER A 190 -9.60 -4.81 -1.93
N ASN A 191 -9.03 -4.52 -0.78
CA ASN A 191 -8.02 -3.46 -0.64
C ASN A 191 -6.74 -3.81 -1.37
N LEU A 192 -6.30 -5.06 -1.23
CA LEU A 192 -5.04 -5.49 -1.82
C LEU A 192 -5.09 -5.37 -3.34
N VAL A 193 -6.16 -5.90 -3.90
CA VAL A 193 -6.33 -5.91 -5.35
C VAL A 193 -6.52 -4.48 -5.85
N ASN A 194 -7.16 -3.69 -5.01
CA ASN A 194 -7.45 -2.32 -5.32
C ASN A 194 -6.21 -1.45 -5.19
N PHE A 195 -5.29 -1.84 -4.30
CA PHE A 195 -3.99 -1.20 -4.24
C PHE A 195 -3.21 -1.49 -5.51
N ILE A 196 -3.45 -2.66 -6.06
CA ILE A 196 -2.86 -2.99 -7.33
C ILE A 196 -3.59 -2.27 -8.46
N LEU A 197 -4.86 -1.99 -8.25
CA LEU A 197 -5.65 -1.30 -9.26
C LEU A 197 -5.24 0.13 -9.40
N ASN A 198 -5.00 0.79 -8.27
CA ASN A 198 -4.41 2.11 -8.34
C ASN A 198 -3.06 2.02 -9.04
N ALA A 199 -2.44 0.86 -9.01
CA ALA A 199 -1.20 0.69 -9.71
C ALA A 199 -1.44 0.44 -11.19
N LYS A 200 -2.37 -0.46 -11.49
CA LYS A 200 -2.73 -0.74 -12.88
C LYS A 200 -3.12 0.54 -13.60
N ASP A 201 -3.91 1.36 -12.92
CA ASP A 201 -4.46 2.56 -13.53
C ASP A 201 -3.58 3.78 -13.30
N GLY A 202 -2.92 3.84 -12.15
CA GLY A 202 -1.98 4.93 -11.88
C GLY A 202 -0.78 4.86 -12.80
N ILE A 203 -0.45 3.65 -13.21
CA ILE A 203 0.64 3.44 -14.14
C ILE A 203 0.23 3.93 -15.52
N LYS A 204 -1.07 3.88 -15.79
CA LYS A 204 -1.62 4.41 -17.02
C LYS A 204 -1.71 5.91 -16.87
N ALA A 205 -2.13 6.33 -15.70
CA ALA A 205 -2.12 7.73 -15.36
C ALA A 205 -0.72 8.31 -15.52
N HIS A 206 0.28 7.44 -15.36
CA HIS A 206 1.66 7.85 -15.59
C HIS A 206 2.23 7.36 -16.92
N ARG A 207 1.40 6.77 -17.78
CA ARG A 207 1.84 6.39 -19.12
C ARG A 207 0.88 6.93 -20.19
N THR A 208 -0.38 6.63 -20.02
CA THR A 208 -1.44 7.07 -20.91
C THR A 208 -1.84 8.51 -20.58
N PRO A 209 -1.92 9.39 -21.59
CA PRO A 209 -2.20 10.82 -21.39
C PRO A 209 -3.68 11.10 -21.05
N SER A 210 -4.47 10.05 -20.92
CA SER A 210 -5.89 10.19 -20.63
C SER A 210 -6.14 10.28 -19.11
N ARG A 211 -5.26 10.97 -18.42
CA ARG A 211 -5.44 11.20 -16.98
C ARG A 211 -5.71 12.67 -16.72
N ARG A 212 -5.90 13.44 -17.79
CA ARG A 212 -6.16 14.86 -17.68
C ARG A 212 -7.45 15.09 -16.89
N GLY A 213 -8.39 14.19 -17.06
CA GLY A 213 -9.62 14.24 -16.31
C GLY A 213 -9.91 12.92 -15.64
N PHE A 214 -8.86 12.13 -15.38
CA PHE A 214 -9.05 10.81 -14.80
C PHE A 214 -9.09 10.90 -13.28
N HIS A 215 -10.32 10.94 -12.73
CA HIS A 215 -10.58 10.90 -11.30
C HIS A 215 -9.61 11.78 -10.50
N HIS A 216 -9.23 12.92 -11.07
CA HIS A 216 -8.14 13.72 -10.52
C HIS A 216 -8.62 14.63 -9.39
N ASN A 217 -9.71 14.24 -8.75
CA ASN A 217 -10.30 14.98 -7.64
C ASN A 217 -10.47 16.46 -7.97
N SER A 218 -11.05 16.73 -9.13
CA SER A 218 -11.24 18.09 -9.61
C SER A 218 -12.43 18.74 -8.92
N HIS A 219 -13.26 17.91 -8.29
CA HIS A 219 -14.42 18.37 -7.51
C HIS A 219 -15.54 18.87 -8.40
N SER A 220 -15.25 19.82 -9.28
CA SER A 220 -16.24 20.36 -10.18
C SER A 220 -15.62 20.59 -11.55
N MET A 1 19.35 7.61 12.97
CA MET A 1 18.24 8.59 12.87
C MET A 1 17.13 8.25 13.87
N ASP A 2 16.22 7.36 13.47
CA ASP A 2 15.11 6.92 14.31
C ASP A 2 14.21 6.02 13.50
N PHE A 3 13.53 6.62 12.54
CA PHE A 3 12.65 5.89 11.68
C PHE A 3 13.48 5.05 10.74
N LYS A 4 14.69 5.51 10.53
CA LYS A 4 15.66 4.80 9.75
C LYS A 4 16.07 3.52 10.47
N ALA A 5 15.64 3.40 11.70
CA ALA A 5 15.86 2.20 12.46
C ALA A 5 14.70 1.25 12.26
N ILE A 6 13.50 1.76 12.43
CA ILE A 6 12.31 0.90 12.46
C ILE A 6 11.83 0.59 11.06
N ALA A 7 11.99 1.56 10.19
CA ALA A 7 11.53 1.47 8.82
C ALA A 7 12.48 0.66 7.98
N GLN A 8 13.74 0.86 8.24
CA GLN A 8 14.80 0.18 7.55
C GLN A 8 14.80 -1.29 7.91
N GLN A 9 14.25 -1.58 9.07
CA GLN A 9 13.99 -2.96 9.45
C GLN A 9 12.67 -3.38 8.84
N THR A 10 11.64 -2.57 9.07
CA THR A 10 10.32 -2.74 8.51
C THR A 10 10.36 -3.06 7.00
N ALA A 11 11.18 -2.34 6.24
CA ALA A 11 11.35 -2.65 4.82
C ALA A 11 11.67 -4.13 4.59
N GLN A 12 12.71 -4.59 5.23
CA GLN A 12 13.16 -5.97 5.07
C GLN A 12 12.26 -6.94 5.84
N GLU A 13 11.32 -6.39 6.61
CA GLU A 13 10.31 -7.20 7.28
C GLU A 13 9.20 -7.53 6.29
N VAL A 14 8.67 -6.49 5.66
CA VAL A 14 7.61 -6.64 4.68
C VAL A 14 8.13 -7.34 3.43
N LEU A 15 9.35 -7.00 3.06
CA LEU A 15 10.03 -7.66 1.99
C LEU A 15 10.34 -9.08 2.41
N GLY A 16 10.35 -9.26 3.72
CA GLY A 16 10.54 -10.57 4.30
C GLY A 16 9.40 -11.46 3.93
N TYR A 17 8.28 -10.84 3.60
CA TYR A 17 7.10 -11.58 3.18
C TYR A 17 7.12 -11.74 1.66
N ASN A 18 7.95 -10.94 1.01
CA ASN A 18 8.13 -11.04 -0.42
C ASN A 18 9.00 -12.25 -0.76
N ARG A 19 9.66 -12.76 0.26
CA ARG A 19 10.45 -13.97 0.12
C ARG A 19 9.83 -15.10 0.94
N ASP A 20 8.63 -14.82 1.45
CA ASP A 20 7.86 -15.81 2.19
C ASP A 20 6.61 -16.17 1.38
N THR A 21 6.70 -17.21 0.58
CA THR A 21 5.59 -17.58 -0.28
C THR A 21 5.28 -19.06 -0.18
N SER A 22 4.41 -19.41 0.76
CA SER A 22 4.05 -20.80 1.00
C SER A 22 3.00 -20.92 2.09
N GLY A 23 3.25 -20.27 3.23
CA GLY A 23 2.38 -20.40 4.38
C GLY A 23 1.07 -19.65 4.22
N TRP A 24 0.98 -18.84 3.18
CA TRP A 24 -0.23 -18.11 2.87
C TRP A 24 -1.28 -19.02 2.23
N LYS A 25 -2.25 -18.40 1.57
CA LYS A 25 -3.36 -19.09 0.99
C LYS A 25 -4.16 -18.12 0.14
N VAL A 26 -4.18 -18.36 -1.16
CA VAL A 26 -4.88 -17.48 -2.06
C VAL A 26 -6.36 -17.49 -1.79
N VAL A 27 -6.88 -16.30 -1.64
CA VAL A 27 -8.27 -16.09 -1.36
C VAL A 27 -8.92 -15.28 -2.46
N LYS A 28 -8.11 -14.49 -3.17
CA LYS A 28 -8.67 -13.59 -4.16
C LYS A 28 -7.75 -13.43 -5.35
N THR A 29 -8.30 -13.60 -6.54
CA THR A 29 -7.53 -13.43 -7.76
C THR A 29 -8.40 -12.86 -8.87
N SER A 30 -7.78 -12.16 -9.79
CA SER A 30 -8.48 -11.72 -11.00
C SER A 30 -8.01 -12.56 -12.18
N LYS A 31 -7.15 -12.01 -13.04
CA LYS A 31 -6.58 -12.79 -14.13
C LYS A 31 -5.11 -12.43 -14.37
N LYS A 32 -4.48 -11.82 -13.37
CA LYS A 32 -3.08 -11.45 -13.45
C LYS A 32 -2.57 -11.00 -12.09
N ILE A 33 -3.42 -11.19 -11.08
CA ILE A 33 -3.13 -10.75 -9.72
C ILE A 33 -3.67 -11.76 -8.72
N THR A 34 -3.17 -11.72 -7.50
CA THR A 34 -3.34 -12.82 -6.57
C THR A 34 -3.17 -12.37 -5.11
N VAL A 35 -4.27 -12.38 -4.36
CA VAL A 35 -4.23 -12.03 -2.94
C VAL A 35 -4.19 -13.29 -2.12
N SER A 36 -3.13 -13.46 -1.37
CA SER A 36 -2.94 -14.66 -0.59
C SER A 36 -2.86 -14.32 0.89
N SER A 37 -3.72 -14.95 1.67
CA SER A 37 -3.86 -14.61 3.08
C SER A 37 -3.12 -15.58 3.98
N LYS A 38 -2.56 -15.03 5.03
CA LYS A 38 -1.94 -15.83 6.10
C LYS A 38 -2.58 -15.43 7.42
N ALA A 39 -2.99 -16.41 8.21
CA ALA A 39 -3.61 -16.14 9.50
C ALA A 39 -2.67 -15.34 10.41
N SER A 40 -3.04 -14.10 10.71
CA SER A 40 -2.25 -13.24 11.56
C SER A 40 -2.08 -13.84 12.94
N ARG A 41 -0.89 -13.73 13.47
CA ARG A 41 -0.59 -14.26 14.79
C ARG A 41 -0.69 -13.15 15.83
N LYS A 42 -0.77 -11.92 15.35
CA LYS A 42 -0.78 -10.78 16.25
C LYS A 42 -2.21 -10.47 16.67
N PHE A 43 -3.14 -11.16 16.04
CA PHE A 43 -4.56 -11.00 16.33
C PHE A 43 -5.33 -12.04 15.55
N HIS A 44 -6.57 -12.30 15.94
CA HIS A 44 -7.34 -13.35 15.32
C HIS A 44 -7.95 -12.90 13.99
N GLY A 45 -7.07 -12.58 13.05
CA GLY A 45 -7.52 -12.22 11.72
C GLY A 45 -6.62 -12.86 10.69
N ASN A 46 -6.70 -12.41 9.46
CA ASN A 46 -5.83 -12.93 8.42
C ASN A 46 -5.20 -11.81 7.63
N LEU A 47 -3.90 -11.95 7.41
CA LEU A 47 -3.12 -10.97 6.67
C LEU A 47 -3.21 -11.27 5.19
N TYR A 48 -3.15 -10.24 4.35
CA TYR A 48 -3.33 -10.42 2.92
C TYR A 48 -2.12 -9.89 2.15
N ARG A 49 -1.46 -10.77 1.41
CA ARG A 49 -0.37 -10.37 0.51
C ARG A 49 -0.82 -10.56 -0.94
N VAL A 50 -0.88 -9.48 -1.71
CA VAL A 50 -1.31 -9.55 -3.09
C VAL A 50 -0.11 -9.44 -4.02
N GLU A 51 -0.21 -10.06 -5.18
CA GLU A 51 0.90 -10.19 -6.10
C GLU A 51 0.40 -10.33 -7.53
N GLY A 52 0.83 -9.42 -8.39
CA GLY A 52 0.50 -9.51 -9.80
C GLY A 52 1.50 -8.76 -10.64
N ILE A 53 1.55 -9.06 -11.93
CA ILE A 53 2.52 -8.41 -12.79
C ILE A 53 1.90 -7.24 -13.54
N ILE A 54 2.58 -6.11 -13.49
CA ILE A 54 2.14 -4.91 -14.19
C ILE A 54 3.06 -4.65 -15.39
N PRO A 55 2.51 -4.70 -16.60
CA PRO A 55 3.24 -4.48 -17.86
C PRO A 55 3.81 -3.06 -18.00
N GLU A 56 4.70 -2.72 -17.09
CA GLU A 56 5.43 -1.48 -17.12
C GLU A 56 6.77 -1.67 -16.42
N SER A 57 7.49 -0.59 -16.21
CA SER A 57 8.73 -0.65 -15.50
C SER A 57 8.50 -0.44 -14.01
N PRO A 58 9.32 -1.12 -13.20
CA PRO A 58 9.31 -1.01 -11.73
C PRO A 58 9.60 0.41 -11.29
N ALA A 59 10.03 1.22 -12.25
CA ALA A 59 10.31 2.61 -12.03
C ALA A 59 9.04 3.43 -11.98
N LYS A 60 8.20 3.25 -13.00
CA LYS A 60 6.97 4.00 -13.09
C LYS A 60 6.07 3.57 -11.95
N LEU A 61 6.24 2.31 -11.56
CA LEU A 61 5.56 1.76 -10.41
C LEU A 61 5.94 2.52 -9.15
N SER A 62 7.22 2.55 -8.84
CA SER A 62 7.70 3.27 -7.66
C SER A 62 7.49 4.77 -7.81
N ASP A 63 7.07 5.19 -9.00
CA ASP A 63 6.77 6.60 -9.23
C ASP A 63 5.34 6.95 -8.84
N PHE A 64 4.38 6.07 -9.17
CA PHE A 64 2.98 6.40 -8.99
C PHE A 64 2.57 6.27 -7.51
N LEU A 65 3.06 5.22 -6.84
CA LEU A 65 2.60 4.92 -5.48
C LEU A 65 3.36 5.72 -4.47
N TYR A 66 4.17 6.65 -4.97
CA TYR A 66 5.10 7.42 -4.15
C TYR A 66 4.40 8.18 -3.00
N GLN A 67 3.08 8.01 -2.90
CA GLN A 67 2.26 8.50 -1.78
C GLN A 67 1.93 9.96 -1.96
N THR A 68 2.78 10.65 -2.66
CA THR A 68 2.52 11.99 -3.08
C THR A 68 2.71 12.04 -4.60
N GLY A 69 2.60 10.85 -5.18
CA GLY A 69 2.81 10.68 -6.61
C GLY A 69 1.57 11.00 -7.40
N ASP A 70 0.53 11.45 -6.66
CA ASP A 70 -0.77 11.85 -7.22
C ASP A 70 -1.69 10.65 -7.18
N ARG A 71 -1.14 9.58 -6.61
CA ARG A 71 -1.81 8.32 -6.45
C ARG A 71 -3.13 8.51 -5.73
N ILE A 72 -3.08 9.38 -4.73
CA ILE A 72 -4.19 9.62 -3.85
C ILE A 72 -5.35 10.26 -4.60
N THR A 73 -5.01 10.94 -5.68
CA THR A 73 -5.98 11.68 -6.41
C THR A 73 -6.76 10.76 -7.35
N TRP A 74 -6.09 9.71 -7.82
CA TRP A 74 -6.72 8.80 -8.77
C TRP A 74 -6.96 7.43 -8.13
N ASP A 75 -6.58 7.29 -6.88
CA ASP A 75 -6.64 6.03 -6.14
C ASP A 75 -8.09 5.60 -5.88
N LYS A 76 -8.24 4.42 -5.30
CA LYS A 76 -9.55 3.86 -5.00
C LYS A 76 -9.92 4.17 -3.56
N SER A 77 -8.94 4.04 -2.69
CA SER A 77 -9.18 4.12 -1.27
C SER A 77 -8.41 5.28 -0.63
N LEU A 78 -7.92 6.20 -1.44
CA LEU A 78 -7.18 7.34 -0.92
C LEU A 78 -7.94 8.64 -1.06
N GLN A 79 -7.33 9.73 -0.62
CA GLN A 79 -7.95 11.03 -0.59
C GLN A 79 -6.91 12.15 -0.64
N VAL A 80 -6.05 12.20 0.38
CA VAL A 80 -5.21 13.37 0.61
C VAL A 80 -3.83 12.94 1.09
N TYR A 81 -2.79 13.43 0.43
CA TYR A 81 -1.43 13.16 0.85
C TYR A 81 -0.90 14.28 1.73
N ASN A 82 -0.05 13.92 2.69
CA ASN A 82 0.60 14.89 3.56
C ASN A 82 1.91 14.33 4.06
N MET A 83 3.02 14.83 3.55
CA MET A 83 4.32 14.39 4.00
C MET A 83 4.63 15.01 5.36
N VAL A 84 4.36 14.25 6.42
CA VAL A 84 4.38 14.80 7.78
C VAL A 84 5.79 15.06 8.24
N HIS A 85 6.57 13.98 8.33
CA HIS A 85 7.95 14.07 8.76
C HIS A 85 8.81 13.25 7.81
N ARG A 86 9.67 13.91 7.07
CA ARG A 86 10.53 13.24 6.11
C ARG A 86 11.90 13.03 6.75
N ILE A 87 12.15 11.79 7.15
CA ILE A 87 13.33 11.46 7.93
C ILE A 87 14.59 11.51 7.08
N ASP A 88 14.51 10.92 5.90
CA ASP A 88 15.66 10.78 5.03
C ASP A 88 15.22 10.97 3.58
N SER A 89 16.04 10.57 2.64
CA SER A 89 15.68 10.68 1.24
C SER A 89 14.78 9.51 0.84
N ASP A 90 14.73 8.48 1.68
CA ASP A 90 13.97 7.30 1.35
C ASP A 90 13.09 6.89 2.52
N THR A 91 12.91 7.80 3.46
CA THR A 91 12.18 7.47 4.66
C THR A 91 11.20 8.60 4.94
N PHE A 92 9.93 8.30 4.78
CA PHE A 92 8.92 9.31 4.90
C PHE A 92 7.83 8.85 5.82
N ILE A 93 6.95 9.78 6.17
CA ILE A 93 5.74 9.45 6.88
C ILE A 93 4.62 10.23 6.22
N CYS A 94 3.60 9.53 5.78
CA CYS A 94 2.53 10.17 5.06
C CYS A 94 1.25 10.20 5.88
N HIS A 95 0.70 11.41 6.05
CA HIS A 95 -0.63 11.59 6.60
C HIS A 95 -1.63 11.60 5.45
N THR A 96 -2.07 10.42 5.11
CA THR A 96 -2.97 10.23 4.01
C THR A 96 -4.37 9.99 4.54
N ILE A 97 -5.35 10.69 4.01
CA ILE A 97 -6.73 10.39 4.36
C ILE A 97 -7.19 9.21 3.53
N THR A 98 -7.74 8.22 4.21
CA THR A 98 -8.17 6.99 3.57
C THR A 98 -9.68 6.99 3.38
N GLN A 99 -10.12 6.42 2.26
CA GLN A 99 -11.53 6.31 1.96
C GLN A 99 -12.14 5.07 2.59
N SER A 100 -13.43 4.88 2.40
CA SER A 100 -14.16 3.78 2.99
C SER A 100 -14.52 2.74 1.95
N PHE A 101 -13.55 1.95 1.53
CA PHE A 101 -13.79 0.97 0.49
C PHE A 101 -14.31 -0.34 1.07
N ALA A 102 -15.65 -0.49 1.01
CA ALA A 102 -16.37 -1.72 1.34
C ALA A 102 -17.85 -1.42 1.49
N VAL A 103 -18.44 -0.90 0.42
CA VAL A 103 -19.87 -0.55 0.37
C VAL A 103 -20.19 0.69 1.22
N GLY A 104 -19.58 0.77 2.39
CA GLY A 104 -19.78 1.93 3.24
C GLY A 104 -19.91 1.55 4.70
N SER A 105 -19.47 0.35 5.06
CA SER A 105 -19.53 -0.12 6.45
C SER A 105 -18.31 0.32 7.24
N ILE A 106 -17.51 1.20 6.64
CA ILE A 106 -16.28 1.67 7.24
C ILE A 106 -16.24 3.19 7.21
N SER A 107 -15.75 3.79 8.28
CA SER A 107 -15.62 5.24 8.33
C SER A 107 -14.30 5.68 7.70
N PRO A 108 -14.23 6.91 7.16
CA PRO A 108 -13.00 7.45 6.58
C PRO A 108 -11.83 7.33 7.55
N ARG A 109 -10.72 6.82 7.07
CA ARG A 109 -9.66 6.41 7.96
C ARG A 109 -8.46 7.35 7.85
N ASP A 110 -7.67 7.43 8.91
CA ASP A 110 -6.43 8.18 8.88
C ASP A 110 -5.29 7.25 8.57
N PHE A 111 -4.37 7.71 7.76
CA PHE A 111 -3.23 6.93 7.36
C PHE A 111 -1.97 7.69 7.72
N ILE A 112 -1.27 7.17 8.72
CA ILE A 112 0.03 7.70 9.12
C ILE A 112 1.01 6.56 9.07
N ASP A 113 1.40 6.18 7.87
CA ASP A 113 2.27 5.05 7.71
C ASP A 113 3.68 5.53 7.43
N LEU A 114 4.60 5.08 8.26
CA LEU A 114 6.01 5.36 8.04
C LEU A 114 6.52 4.47 6.96
N VAL A 115 7.03 5.11 5.95
CA VAL A 115 7.32 4.46 4.72
C VAL A 115 8.78 4.61 4.34
N TYR A 116 9.43 3.48 4.13
CA TYR A 116 10.79 3.51 3.67
C TYR A 116 10.90 2.85 2.31
N ILE A 117 11.45 3.59 1.37
CA ILE A 117 11.58 3.13 0.00
C ILE A 117 12.97 2.54 -0.24
N LYS A 118 13.04 1.22 -0.18
CA LYS A 118 14.29 0.50 -0.41
C LYS A 118 14.27 -0.08 -1.81
N ARG A 119 15.35 0.05 -2.54
CA ARG A 119 15.42 -0.54 -3.84
C ARG A 119 16.61 -1.45 -3.90
N TYR A 120 16.34 -2.73 -3.96
CA TYR A 120 17.37 -3.70 -4.22
C TYR A 120 17.68 -3.68 -5.70
N GLU A 121 18.92 -3.31 -6.00
CA GLU A 121 19.46 -3.25 -7.37
C GLU A 121 18.82 -4.24 -8.33
N GLY A 122 17.80 -3.76 -9.03
CA GLY A 122 17.09 -4.55 -10.02
C GLY A 122 16.54 -5.83 -9.44
N ASN A 123 16.08 -5.72 -8.21
CA ASN A 123 15.58 -6.85 -7.47
C ASN A 123 14.21 -6.52 -6.90
N MET A 124 14.13 -5.40 -6.18
CA MET A 124 12.87 -4.98 -5.55
C MET A 124 12.88 -3.48 -5.28
N ASN A 125 11.86 -2.80 -5.79
CA ASN A 125 11.68 -1.38 -5.55
C ASN A 125 10.50 -1.21 -4.60
N ILE A 126 10.78 -1.35 -3.32
CA ILE A 126 9.72 -1.40 -2.32
C ILE A 126 9.57 -0.08 -1.59
N ILE A 127 8.33 0.32 -1.36
CA ILE A 127 8.04 1.28 -0.32
C ILE A 127 7.40 0.53 0.83
N SER A 128 8.02 0.56 1.98
CA SER A 128 7.43 -0.01 3.17
C SER A 128 6.47 0.99 3.78
N SER A 129 5.67 0.54 4.70
CA SER A 129 4.67 1.39 5.35
C SER A 129 4.26 0.81 6.69
N LYS A 130 4.48 1.56 7.75
CA LYS A 130 4.20 1.09 9.09
C LYS A 130 3.42 2.17 9.80
N SER A 131 2.17 1.89 10.16
CA SER A 131 1.35 2.88 10.81
C SER A 131 2.01 3.26 12.11
N VAL A 132 2.69 4.37 12.08
CA VAL A 132 3.60 4.68 13.12
C VAL A 132 3.01 5.78 13.97
N ASP A 133 3.16 5.64 15.26
CA ASP A 133 2.45 6.47 16.19
C ASP A 133 3.38 7.57 16.67
N PHE A 134 3.76 8.39 15.72
CA PHE A 134 4.77 9.40 15.90
C PHE A 134 4.15 10.72 16.37
N PRO A 135 4.98 11.62 16.93
CA PRO A 135 4.49 12.86 17.55
C PRO A 135 4.14 13.96 16.55
N GLU A 136 4.52 13.81 15.29
CA GLU A 136 4.38 14.87 14.33
C GLU A 136 2.92 15.03 13.96
N TYR A 137 2.13 14.00 14.26
CA TYR A 137 0.71 14.06 13.95
C TYR A 137 -0.11 13.02 14.70
N PRO A 138 -0.96 13.48 15.63
CA PRO A 138 -2.05 12.67 16.18
C PRO A 138 -3.26 12.74 15.25
N PRO A 139 -3.80 11.59 14.82
CA PRO A 139 -4.81 11.51 13.74
C PRO A 139 -6.03 12.40 13.94
N SER A 140 -7.07 11.85 14.56
CA SER A 140 -8.33 12.54 14.71
C SER A 140 -9.25 11.72 15.61
N SER A 141 -10.38 12.30 15.98
CA SER A 141 -11.42 11.60 16.69
C SER A 141 -12.39 10.99 15.67
N ASN A 142 -12.30 11.48 14.43
CA ASN A 142 -13.13 10.98 13.34
C ASN A 142 -12.34 9.97 12.52
N TYR A 143 -11.14 10.38 12.11
CA TYR A 143 -10.26 9.50 11.37
C TYR A 143 -9.50 8.62 12.33
N ILE A 144 -9.51 7.34 12.05
CA ILE A 144 -8.84 6.38 12.87
C ILE A 144 -7.53 6.02 12.21
N ARG A 145 -6.43 6.39 12.84
CA ARG A 145 -5.13 5.92 12.39
C ARG A 145 -5.16 4.41 12.41
N GLY A 146 -5.42 3.82 11.25
CA GLY A 146 -5.55 2.40 11.16
C GLY A 146 -4.26 1.73 11.45
N TYR A 147 -4.27 0.77 12.34
CA TYR A 147 -3.03 0.16 12.74
C TYR A 147 -2.62 -0.91 11.75
N ASN A 148 -1.61 -0.55 10.99
CA ASN A 148 -1.02 -1.41 10.00
C ASN A 148 0.37 -1.79 10.49
N HIS A 149 0.53 -3.07 10.82
CA HIS A 149 1.84 -3.61 11.22
C HIS A 149 2.84 -3.38 10.09
N PRO A 150 4.16 -3.48 10.36
CA PRO A 150 5.21 -3.31 9.34
C PRO A 150 4.93 -4.02 8.02
N CYS A 151 4.06 -3.42 7.25
CA CYS A 151 3.68 -3.90 5.94
C CYS A 151 4.26 -3.00 4.88
N GLY A 152 3.88 -3.19 3.64
CA GLY A 152 4.40 -2.35 2.60
C GLY A 152 3.97 -2.79 1.24
N PHE A 153 4.79 -2.46 0.27
CA PHE A 153 4.39 -2.49 -1.12
C PHE A 153 5.64 -2.64 -1.95
N VAL A 154 5.95 -3.84 -2.36
CA VAL A 154 7.18 -4.08 -3.05
C VAL A 154 6.94 -4.29 -4.53
N CYS A 155 7.87 -3.84 -5.31
CA CYS A 155 7.86 -4.08 -6.72
C CYS A 155 9.10 -4.87 -7.09
N SER A 156 8.95 -5.85 -7.94
CA SER A 156 10.06 -6.70 -8.30
C SER A 156 10.30 -6.68 -9.81
N PRO A 157 11.42 -6.09 -10.24
CA PRO A 157 11.86 -6.18 -11.63
C PRO A 157 11.87 -7.64 -12.10
N MET A 158 11.07 -7.94 -13.10
CA MET A 158 10.92 -9.32 -13.57
C MET A 158 12.08 -9.72 -14.46
N GLU A 159 11.88 -10.79 -15.21
CA GLU A 159 12.85 -11.17 -16.21
C GLU A 159 12.71 -10.22 -17.40
N GLU A 160 11.47 -9.85 -17.66
CA GLU A 160 11.12 -8.87 -18.67
C GLU A 160 10.95 -7.52 -17.98
N ASN A 161 11.67 -7.35 -16.88
CA ASN A 161 11.50 -6.25 -15.93
C ASN A 161 11.08 -4.88 -16.52
N PRO A 162 11.68 -4.36 -17.61
CA PRO A 162 11.31 -3.04 -18.09
C PRO A 162 9.95 -3.03 -18.79
N ALA A 163 9.48 -4.20 -19.20
CA ALA A 163 8.23 -4.33 -19.91
C ALA A 163 7.16 -4.98 -19.03
N TYR A 164 7.62 -5.77 -18.07
CA TYR A 164 6.75 -6.42 -17.11
C TYR A 164 7.37 -6.35 -15.73
N SER A 165 6.64 -5.81 -14.78
CA SER A 165 7.18 -5.65 -13.44
C SER A 165 6.26 -6.29 -12.41
N LYS A 166 6.86 -6.91 -11.41
CA LYS A 166 6.11 -7.63 -10.40
C LYS A 166 5.67 -6.72 -9.26
N LEU A 167 4.38 -6.62 -9.07
CA LEU A 167 3.79 -5.86 -7.99
C LEU A 167 3.33 -6.80 -6.87
N VAL A 168 3.91 -6.68 -5.69
CA VAL A 168 3.50 -7.50 -4.56
C VAL A 168 3.48 -6.72 -3.23
N MET A 169 2.33 -6.76 -2.53
CA MET A 169 2.06 -5.90 -1.38
C MET A 169 1.21 -6.65 -0.34
N PHE A 170 1.44 -6.38 0.95
CA PHE A 170 0.54 -6.92 1.99
C PHE A 170 0.21 -5.89 3.04
N VAL A 171 -0.86 -6.21 3.77
CA VAL A 171 -1.27 -5.43 4.93
C VAL A 171 -1.67 -6.35 6.08
N GLN A 172 -1.35 -5.93 7.29
CA GLN A 172 -1.79 -6.61 8.48
C GLN A 172 -2.61 -5.62 9.28
N THR A 173 -3.59 -5.07 8.60
CA THR A 173 -4.41 -4.00 9.14
C THR A 173 -5.19 -4.48 10.36
N GLU A 174 -5.37 -3.59 11.35
CA GLU A 174 -6.12 -3.96 12.55
C GLU A 174 -7.62 -3.84 12.29
N MET A 175 -7.97 -3.37 11.09
CA MET A 175 -9.36 -3.25 10.64
C MET A 175 -9.97 -1.98 11.22
N ARG A 176 -9.09 -1.17 11.80
CA ARG A 176 -9.42 0.13 12.38
C ARG A 176 -10.38 -0.02 13.57
N GLY A 177 -11.68 -0.04 13.28
CA GLY A 177 -12.66 -0.25 14.33
C GLY A 177 -13.11 -1.69 14.39
N LYS A 178 -12.52 -2.51 13.53
CA LYS A 178 -12.81 -3.93 13.43
C LYS A 178 -14.22 -4.15 12.90
N LEU A 179 -14.31 -4.39 11.60
CA LEU A 179 -15.60 -4.59 10.95
C LEU A 179 -16.04 -6.04 11.14
N SER A 180 -16.81 -6.54 10.19
CA SER A 180 -17.21 -7.94 10.20
C SER A 180 -16.51 -8.63 9.04
N PRO A 181 -16.26 -9.95 9.15
CA PRO A 181 -15.54 -10.72 8.11
C PRO A 181 -15.98 -10.37 6.68
N SER A 182 -17.29 -10.31 6.46
CA SER A 182 -17.85 -10.05 5.13
C SER A 182 -17.52 -8.64 4.66
N ILE A 183 -17.11 -7.77 5.58
CA ILE A 183 -16.79 -6.38 5.24
C ILE A 183 -15.33 -6.29 4.90
N ILE A 184 -14.57 -7.06 5.64
CA ILE A 184 -13.15 -7.08 5.56
C ILE A 184 -12.68 -7.79 4.30
N GLU A 185 -13.44 -8.78 3.88
CA GLU A 185 -13.17 -9.44 2.60
C GLU A 185 -13.39 -8.44 1.48
N LYS A 186 -14.18 -7.41 1.77
CA LYS A 186 -14.41 -6.35 0.82
C LYS A 186 -13.40 -5.23 1.03
N THR A 187 -12.86 -5.13 2.24
CA THR A 187 -11.92 -4.05 2.52
C THR A 187 -10.45 -4.47 2.25
N MET A 188 -10.00 -5.62 2.75
CA MET A 188 -8.58 -5.98 2.58
C MET A 188 -8.27 -6.56 1.20
N PRO A 189 -8.73 -7.80 0.87
CA PRO A 189 -8.32 -8.46 -0.37
C PRO A 189 -8.88 -7.76 -1.60
N SER A 190 -9.96 -7.03 -1.40
CA SER A 190 -10.59 -6.33 -2.49
C SER A 190 -9.91 -4.99 -2.73
N ASN A 191 -9.26 -4.45 -1.70
CA ASN A 191 -8.55 -3.20 -1.85
C ASN A 191 -7.12 -3.44 -2.31
N LEU A 192 -6.57 -4.60 -2.00
CA LEU A 192 -5.19 -4.91 -2.37
C LEU A 192 -5.04 -5.06 -3.87
N VAL A 193 -5.93 -5.82 -4.48
CA VAL A 193 -5.94 -5.95 -5.93
C VAL A 193 -6.34 -4.62 -6.57
N ASN A 194 -7.06 -3.81 -5.80
CA ASN A 194 -7.44 -2.48 -6.25
C ASN A 194 -6.27 -1.52 -6.18
N PHE A 195 -5.37 -1.74 -5.22
CA PHE A 195 -4.13 -0.99 -5.17
C PHE A 195 -3.26 -1.35 -6.37
N ILE A 196 -3.37 -2.60 -6.82
CA ILE A 196 -2.68 -3.04 -8.01
C ILE A 196 -3.39 -2.53 -9.26
N LEU A 197 -4.71 -2.38 -9.17
CA LEU A 197 -5.46 -1.76 -10.25
C LEU A 197 -5.16 -0.30 -10.30
N ASN A 198 -5.04 0.27 -9.13
CA ASN A 198 -4.50 1.59 -8.98
C ASN A 198 -3.14 1.64 -9.64
N ALA A 199 -2.41 0.56 -9.57
CA ALA A 199 -1.12 0.52 -10.19
C ALA A 199 -1.27 0.36 -11.69
N LYS A 200 -2.16 -0.51 -12.11
CA LYS A 200 -2.49 -0.67 -13.52
C LYS A 200 -2.93 0.66 -14.12
N ASP A 201 -3.77 1.36 -13.39
CA ASP A 201 -4.37 2.60 -13.89
C ASP A 201 -3.47 3.79 -13.64
N GLY A 202 -2.86 3.83 -12.47
CA GLY A 202 -1.96 4.92 -12.13
C GLY A 202 -0.71 4.88 -12.96
N ILE A 203 -0.34 3.69 -13.39
CA ILE A 203 0.80 3.51 -14.27
C ILE A 203 0.46 4.04 -15.66
N LYS A 204 -0.82 3.93 -16.01
CA LYS A 204 -1.29 4.46 -17.28
C LYS A 204 -1.62 5.93 -17.10
N ALA A 205 -1.92 6.29 -15.87
CA ALA A 205 -2.04 7.68 -15.50
C ALA A 205 -0.68 8.36 -15.57
N HIS A 206 0.36 7.56 -15.41
CA HIS A 206 1.74 8.05 -15.56
C HIS A 206 2.32 7.76 -16.95
N ARG A 207 1.63 6.96 -17.76
CA ARG A 207 2.08 6.61 -19.09
C ARG A 207 1.15 7.22 -20.14
N THR A 208 -0.09 6.81 -20.07
CA THR A 208 -1.14 7.32 -20.93
C THR A 208 -1.47 8.77 -20.55
N PRO A 209 -1.76 9.64 -21.52
CA PRO A 209 -2.18 11.01 -21.24
C PRO A 209 -3.59 11.08 -20.65
N SER A 210 -3.84 10.28 -19.62
CA SER A 210 -5.14 10.26 -18.96
C SER A 210 -5.26 11.42 -17.99
N ARG A 211 -4.16 11.72 -17.31
CA ARG A 211 -4.11 12.85 -16.38
C ARG A 211 -3.93 14.15 -17.14
N ARG A 212 -3.93 14.06 -18.46
CA ARG A 212 -4.08 15.23 -19.31
C ARG A 212 -5.50 15.74 -19.16
N GLY A 213 -6.43 14.80 -19.10
CA GLY A 213 -7.81 15.12 -18.83
C GLY A 213 -8.07 15.15 -17.34
N PHE A 214 -7.54 14.15 -16.63
CA PHE A 214 -7.66 14.12 -15.18
C PHE A 214 -6.57 14.96 -14.55
N HIS A 215 -6.91 16.20 -14.21
CA HIS A 215 -5.93 17.13 -13.68
C HIS A 215 -6.02 17.20 -12.17
N HIS A 216 -5.49 16.18 -11.51
CA HIS A 216 -5.54 16.06 -10.06
C HIS A 216 -6.99 16.09 -9.59
N ASN A 217 -7.63 14.93 -9.64
CA ASN A 217 -9.05 14.78 -9.34
C ASN A 217 -9.44 15.45 -8.04
N SER A 218 -10.22 16.51 -8.14
CA SER A 218 -10.73 17.22 -6.97
C SER A 218 -12.23 16.97 -6.84
N HIS A 219 -12.74 16.11 -7.73
CA HIS A 219 -14.16 15.73 -7.76
C HIS A 219 -15.03 16.87 -8.25
N SER A 220 -16.31 16.59 -8.44
CA SER A 220 -17.25 17.60 -8.92
C SER A 220 -18.65 17.31 -8.41
N MET A 1 18.37 8.87 13.40
CA MET A 1 17.22 8.34 12.62
C MET A 1 16.71 7.06 13.26
N ASP A 2 15.68 7.19 14.08
CA ASP A 2 15.10 6.05 14.75
C ASP A 2 14.18 5.35 13.80
N PHE A 3 13.49 6.15 13.00
CA PHE A 3 12.52 5.66 12.05
C PHE A 3 13.23 4.81 11.03
N LYS A 4 14.44 5.22 10.69
CA LYS A 4 15.24 4.51 9.76
C LYS A 4 15.49 3.11 10.28
N ALA A 5 15.89 3.03 11.54
CA ALA A 5 16.20 1.76 12.18
C ALA A 5 15.06 0.74 12.01
N ILE A 6 13.83 1.19 12.25
CA ILE A 6 12.70 0.26 12.28
C ILE A 6 12.26 -0.05 10.88
N ALA A 7 12.34 0.96 10.05
CA ALA A 7 11.88 0.90 8.69
C ALA A 7 12.85 0.17 7.81
N GLN A 8 14.11 0.46 8.02
CA GLN A 8 15.20 -0.11 7.27
C GLN A 8 15.20 -1.60 7.47
N GLN A 9 14.80 -2.01 8.66
CA GLN A 9 14.78 -3.42 9.00
C GLN A 9 13.41 -4.02 8.70
N THR A 10 12.37 -3.22 8.86
CA THR A 10 11.03 -3.69 8.56
C THR A 10 10.79 -3.73 7.06
N ALA A 11 11.51 -2.90 6.29
CA ALA A 11 11.48 -3.04 4.84
C ALA A 11 11.72 -4.48 4.40
N GLN A 12 12.71 -5.15 4.99
CA GLN A 12 12.96 -6.54 4.69
C GLN A 12 12.04 -7.46 5.49
N GLU A 13 11.22 -6.87 6.34
CA GLU A 13 10.21 -7.64 7.09
C GLU A 13 8.93 -7.73 6.27
N VAL A 14 8.52 -6.62 5.69
CA VAL A 14 7.42 -6.61 4.73
C VAL A 14 7.85 -7.37 3.48
N LEU A 15 9.11 -7.15 3.11
CA LEU A 15 9.73 -7.89 2.07
C LEU A 15 9.87 -9.31 2.53
N GLY A 16 9.86 -9.46 3.84
CA GLY A 16 9.91 -10.77 4.45
C GLY A 16 8.70 -11.56 4.06
N TYR A 17 7.64 -10.85 3.70
CA TYR A 17 6.41 -11.48 3.27
C TYR A 17 6.41 -11.63 1.77
N ASN A 18 7.39 -11.03 1.11
CA ASN A 18 7.48 -11.19 -0.34
C ASN A 18 8.34 -12.42 -0.64
N ARG A 19 8.98 -12.91 0.41
CA ARG A 19 9.84 -14.08 0.32
C ARG A 19 9.38 -15.17 1.28
N ASP A 20 8.27 -14.92 1.96
CA ASP A 20 7.76 -15.84 2.98
C ASP A 20 6.82 -16.85 2.37
N THR A 21 7.24 -18.09 2.35
CA THR A 21 6.39 -19.15 1.85
C THR A 21 6.36 -20.28 2.87
N SER A 22 5.35 -20.22 3.72
CA SER A 22 5.30 -21.08 4.88
C SER A 22 3.97 -21.83 4.94
N GLY A 23 2.92 -21.15 5.38
CA GLY A 23 1.64 -21.79 5.53
C GLY A 23 0.49 -20.89 5.11
N TRP A 24 0.50 -20.48 3.86
CA TRP A 24 -0.57 -19.67 3.32
C TRP A 24 -1.22 -20.37 2.15
N LYS A 25 -1.97 -19.62 1.38
CA LYS A 25 -2.80 -20.13 0.32
C LYS A 25 -3.44 -18.96 -0.38
N VAL A 26 -3.44 -18.98 -1.68
CA VAL A 26 -4.09 -17.93 -2.43
C VAL A 26 -5.57 -17.95 -2.21
N VAL A 27 -6.06 -16.83 -1.76
CA VAL A 27 -7.46 -16.67 -1.47
C VAL A 27 -8.12 -15.99 -2.65
N LYS A 28 -7.32 -15.28 -3.44
CA LYS A 28 -7.88 -14.50 -4.52
C LYS A 28 -6.87 -14.25 -5.62
N THR A 29 -7.11 -14.84 -6.78
CA THR A 29 -6.32 -14.57 -7.95
C THR A 29 -7.25 -14.27 -9.13
N SER A 30 -7.02 -13.14 -9.78
CA SER A 30 -7.84 -12.74 -10.90
C SER A 30 -7.34 -13.38 -12.20
N LYS A 31 -6.31 -12.80 -12.80
CA LYS A 31 -5.74 -13.33 -14.03
C LYS A 31 -4.31 -12.84 -14.23
N LYS A 32 -3.62 -12.58 -13.11
CA LYS A 32 -2.27 -12.04 -13.13
C LYS A 32 -1.84 -11.62 -11.72
N ILE A 33 -2.83 -11.41 -10.86
CA ILE A 33 -2.57 -11.05 -9.47
C ILE A 33 -2.92 -12.20 -8.55
N THR A 34 -2.34 -12.19 -7.38
CA THR A 34 -2.31 -13.36 -6.52
C THR A 34 -2.30 -12.97 -5.05
N VAL A 35 -3.46 -13.04 -4.40
CA VAL A 35 -3.56 -12.72 -2.99
C VAL A 35 -3.49 -13.97 -2.14
N SER A 36 -2.37 -14.16 -1.48
CA SER A 36 -2.16 -15.30 -0.60
C SER A 36 -2.45 -14.92 0.85
N SER A 37 -3.32 -15.70 1.46
CA SER A 37 -3.79 -15.47 2.81
C SER A 37 -3.10 -16.44 3.75
N LYS A 38 -2.49 -15.91 4.80
CA LYS A 38 -1.75 -16.74 5.74
C LYS A 38 -2.34 -16.63 7.14
N ALA A 39 -1.90 -15.63 7.89
CA ALA A 39 -2.38 -15.41 9.25
C ALA A 39 -1.76 -14.15 9.83
N SER A 40 -2.50 -13.48 10.69
CA SER A 40 -2.01 -12.29 11.35
C SER A 40 -2.53 -12.20 12.78
N ARG A 41 -3.79 -12.61 12.93
CA ARG A 41 -4.51 -12.57 14.21
C ARG A 41 -4.77 -11.13 14.65
N LYS A 42 -4.50 -10.17 13.77
CA LYS A 42 -4.70 -8.76 14.10
C LYS A 42 -6.18 -8.42 14.19
N PHE A 43 -7.03 -9.31 13.68
CA PHE A 43 -8.46 -9.03 13.65
C PHE A 43 -9.24 -10.23 13.15
N HIS A 44 -9.13 -10.49 11.85
CA HIS A 44 -9.91 -11.56 11.24
C HIS A 44 -9.02 -12.77 10.96
N GLY A 45 -8.11 -13.03 11.88
CA GLY A 45 -7.31 -14.23 11.82
C GLY A 45 -6.18 -14.15 10.82
N ASN A 46 -6.49 -13.77 9.60
CA ASN A 46 -5.55 -13.94 8.51
C ASN A 46 -4.91 -12.64 8.06
N LEU A 47 -3.89 -12.78 7.24
CA LEU A 47 -3.16 -11.67 6.66
C LEU A 47 -3.11 -11.88 5.15
N TYR A 48 -3.10 -10.82 4.37
CA TYR A 48 -3.26 -10.96 2.93
C TYR A 48 -2.10 -10.35 2.18
N ARG A 49 -1.61 -11.09 1.19
CA ARG A 49 -0.48 -10.64 0.39
C ARG A 49 -0.77 -10.79 -1.11
N VAL A 50 -0.77 -9.67 -1.83
CA VAL A 50 -1.03 -9.65 -3.27
C VAL A 50 0.26 -9.76 -4.04
N GLU A 51 0.16 -10.29 -5.25
CA GLU A 51 1.30 -10.43 -6.13
C GLU A 51 0.79 -10.43 -7.56
N GLY A 52 1.01 -9.35 -8.28
CA GLY A 52 0.52 -9.26 -9.63
C GLY A 52 1.51 -8.57 -10.52
N ILE A 53 1.64 -9.06 -11.74
CA ILE A 53 2.57 -8.45 -12.66
C ILE A 53 1.91 -7.34 -13.43
N ILE A 54 2.46 -6.14 -13.31
CA ILE A 54 2.03 -5.01 -14.09
C ILE A 54 2.93 -4.86 -15.30
N PRO A 55 2.35 -4.97 -16.51
CA PRO A 55 3.07 -4.84 -17.79
C PRO A 55 3.65 -3.45 -18.01
N GLU A 56 4.52 -3.04 -17.09
CA GLU A 56 5.21 -1.79 -17.15
C GLU A 56 6.48 -1.92 -16.34
N SER A 57 7.31 -0.91 -16.32
CA SER A 57 8.54 -0.95 -15.59
C SER A 57 8.32 -0.48 -14.17
N PRO A 58 9.01 -1.14 -13.23
CA PRO A 58 9.06 -0.78 -11.81
C PRO A 58 9.40 0.70 -11.60
N ALA A 59 9.88 1.35 -12.65
CA ALA A 59 10.17 2.78 -12.62
C ALA A 59 8.89 3.58 -12.68
N LYS A 60 8.01 3.23 -13.60
CA LYS A 60 6.74 3.93 -13.74
C LYS A 60 5.91 3.63 -12.51
N LEU A 61 6.14 2.43 -11.99
CA LEU A 61 5.51 1.99 -10.76
C LEU A 61 5.94 2.86 -9.59
N SER A 62 7.25 2.94 -9.38
CA SER A 62 7.77 3.80 -8.32
C SER A 62 7.43 5.27 -8.59
N ASP A 63 6.97 5.54 -9.80
CA ASP A 63 6.61 6.91 -10.18
C ASP A 63 5.20 7.28 -9.75
N PHE A 64 4.26 6.35 -9.92
CA PHE A 64 2.85 6.68 -9.72
C PHE A 64 2.41 6.55 -8.26
N LEU A 65 2.85 5.51 -7.57
CA LEU A 65 2.31 5.21 -6.24
C LEU A 65 3.10 5.90 -5.13
N TYR A 66 4.06 6.73 -5.52
CA TYR A 66 5.08 7.24 -4.60
C TYR A 66 4.50 7.66 -3.23
N GLN A 67 3.77 8.78 -3.18
CA GLN A 67 3.21 9.29 -1.93
C GLN A 67 2.20 10.40 -2.21
N THR A 68 2.71 11.46 -2.81
CA THR A 68 1.91 12.62 -3.20
C THR A 68 2.15 12.86 -4.67
N GLY A 69 2.50 11.76 -5.33
CA GLY A 69 3.00 11.82 -6.69
C GLY A 69 1.93 12.15 -7.69
N ASP A 70 0.68 12.03 -7.22
CA ASP A 70 -0.55 12.11 -8.03
C ASP A 70 -1.43 10.95 -7.61
N ARG A 71 -0.84 10.07 -6.80
CA ARG A 71 -1.42 8.79 -6.45
C ARG A 71 -2.75 8.96 -5.78
N ILE A 72 -2.88 9.99 -4.97
CA ILE A 72 -4.10 10.19 -4.20
C ILE A 72 -5.18 10.82 -5.05
N THR A 73 -4.80 11.34 -6.20
CA THR A 73 -5.76 12.02 -7.04
C THR A 73 -6.45 11.03 -7.96
N TRP A 74 -5.71 9.98 -8.37
CA TRP A 74 -6.28 8.98 -9.26
C TRP A 74 -6.71 7.74 -8.48
N ASP A 75 -6.37 7.71 -7.20
CA ASP A 75 -6.67 6.55 -6.35
C ASP A 75 -8.15 6.50 -6.04
N LYS A 76 -8.56 5.38 -5.51
CA LYS A 76 -9.97 5.10 -5.27
C LYS A 76 -10.27 5.03 -3.78
N SER A 77 -9.24 4.90 -2.98
CA SER A 77 -9.40 4.84 -1.54
C SER A 77 -8.65 5.99 -0.90
N LEU A 78 -8.19 6.91 -1.73
CA LEU A 78 -7.37 8.01 -1.24
C LEU A 78 -8.08 9.34 -1.31
N GLN A 79 -7.58 10.28 -0.51
CA GLN A 79 -8.13 11.62 -0.46
C GLN A 79 -7.01 12.64 -0.56
N VAL A 80 -6.22 12.70 0.50
CA VAL A 80 -5.32 13.83 0.71
C VAL A 80 -4.00 13.33 1.32
N TYR A 81 -2.87 13.83 0.84
CA TYR A 81 -1.58 13.45 1.40
C TYR A 81 -0.87 14.66 2.00
N ASN A 82 -0.13 14.39 3.07
CA ASN A 82 0.70 15.39 3.72
C ASN A 82 1.99 14.74 4.19
N MET A 83 3.10 15.29 3.74
CA MET A 83 4.42 14.77 4.06
C MET A 83 4.82 15.29 5.44
N VAL A 84 4.61 14.46 6.46
CA VAL A 84 4.71 14.91 7.86
C VAL A 84 6.14 15.14 8.28
N HIS A 85 6.82 14.05 8.61
CA HIS A 85 8.19 14.13 9.09
C HIS A 85 9.07 13.23 8.24
N ARG A 86 10.03 13.83 7.56
CA ARG A 86 10.87 13.10 6.65
C ARG A 86 12.23 12.85 7.29
N ILE A 87 12.42 11.62 7.75
CA ILE A 87 13.59 11.24 8.51
C ILE A 87 14.83 11.30 7.65
N ASP A 88 14.69 10.84 6.43
CA ASP A 88 15.76 10.84 5.46
C ASP A 88 15.15 11.01 4.08
N SER A 89 15.89 10.67 3.04
CA SER A 89 15.35 10.70 1.70
C SER A 89 14.81 9.33 1.32
N ASP A 90 14.85 8.41 2.28
CA ASP A 90 14.45 7.04 2.03
C ASP A 90 13.39 6.64 3.01
N THR A 91 13.06 7.55 3.92
CA THR A 91 12.19 7.24 5.01
C THR A 91 11.36 8.45 5.36
N PHE A 92 10.06 8.33 5.19
CA PHE A 92 9.15 9.42 5.43
C PHE A 92 8.03 8.94 6.32
N ILE A 93 7.15 9.84 6.68
CA ILE A 93 5.91 9.46 7.33
C ILE A 93 4.77 10.01 6.50
N CYS A 94 3.78 9.18 6.21
CA CYS A 94 2.72 9.57 5.30
C CYS A 94 1.42 9.83 6.03
N HIS A 95 1.06 11.11 6.12
CA HIS A 95 -0.27 11.50 6.55
C HIS A 95 -1.20 11.41 5.35
N THR A 96 -2.00 10.37 5.31
CA THR A 96 -2.78 10.04 4.14
C THR A 96 -4.27 9.90 4.47
N ILE A 97 -5.08 10.84 4.00
CA ILE A 97 -6.51 10.74 4.23
C ILE A 97 -7.12 9.70 3.29
N THR A 98 -7.99 8.89 3.86
CA THR A 98 -8.55 7.73 3.19
C THR A 98 -10.03 7.95 2.94
N GLN A 99 -10.51 7.39 1.84
CA GLN A 99 -11.90 7.55 1.46
C GLN A 99 -12.75 6.46 2.08
N SER A 100 -14.04 6.73 2.21
CA SER A 100 -14.97 5.79 2.78
C SER A 100 -15.31 4.71 1.76
N PHE A 101 -14.47 3.70 1.69
CA PHE A 101 -14.66 2.62 0.77
C PHE A 101 -15.44 1.51 1.45
N ALA A 102 -15.76 0.49 0.68
CA ALA A 102 -16.63 -0.60 1.12
C ALA A 102 -18.03 -0.06 1.38
N VAL A 103 -18.47 0.83 0.48
CA VAL A 103 -19.80 1.45 0.48
C VAL A 103 -20.00 2.43 1.64
N GLY A 104 -19.26 2.24 2.72
CA GLY A 104 -19.44 3.08 3.88
C GLY A 104 -19.33 2.31 5.18
N SER A 105 -19.10 1.00 5.07
CA SER A 105 -18.85 0.17 6.24
C SER A 105 -17.55 0.60 6.91
N ILE A 106 -16.68 1.22 6.12
CA ILE A 106 -15.39 1.66 6.60
C ILE A 106 -15.33 3.18 6.59
N SER A 107 -15.28 3.75 7.79
CA SER A 107 -15.39 5.20 7.97
C SER A 107 -14.16 5.93 7.41
N PRO A 108 -14.33 7.24 7.09
CA PRO A 108 -13.23 8.09 6.63
C PRO A 108 -12.00 7.90 7.50
N ARG A 109 -10.89 7.57 6.89
CA ARG A 109 -9.75 7.12 7.67
C ARG A 109 -8.54 8.01 7.41
N ASP A 110 -7.60 8.03 8.35
CA ASP A 110 -6.38 8.79 8.17
C ASP A 110 -5.20 7.88 8.40
N PHE A 111 -4.25 7.89 7.50
CA PHE A 111 -3.07 7.07 7.64
C PHE A 111 -1.91 7.89 8.16
N ILE A 112 -1.25 7.36 9.16
CA ILE A 112 0.02 7.90 9.63
C ILE A 112 1.00 6.75 9.71
N ASP A 113 1.45 6.32 8.57
CA ASP A 113 2.37 5.21 8.52
C ASP A 113 3.75 5.71 8.18
N LEU A 114 4.75 5.15 8.82
CA LEU A 114 6.12 5.49 8.48
C LEU A 114 6.53 4.69 7.28
N VAL A 115 6.94 5.37 6.25
CA VAL A 115 7.09 4.75 4.97
C VAL A 115 8.52 4.79 4.50
N TYR A 116 9.00 3.61 4.22
CA TYR A 116 10.37 3.43 3.83
C TYR A 116 10.43 2.95 2.38
N ILE A 117 11.07 3.74 1.54
CA ILE A 117 11.23 3.40 0.14
C ILE A 117 12.66 2.95 -0.11
N LYS A 118 12.86 1.65 -0.15
CA LYS A 118 14.18 1.08 -0.38
C LYS A 118 14.25 0.49 -1.77
N ARG A 119 15.41 0.61 -2.40
CA ARG A 119 15.58 0.17 -3.74
C ARG A 119 16.68 -0.87 -3.76
N TYR A 120 16.28 -2.11 -3.66
CA TYR A 120 17.19 -3.21 -3.81
C TYR A 120 17.71 -3.14 -5.23
N GLU A 121 19.01 -2.90 -5.35
CA GLU A 121 19.68 -2.61 -6.61
C GLU A 121 19.31 -3.60 -7.72
N GLY A 122 18.21 -3.30 -8.39
CA GLY A 122 17.71 -4.13 -9.46
C GLY A 122 17.02 -5.38 -8.97
N ASN A 123 16.44 -5.28 -7.78
CA ASN A 123 15.72 -6.39 -7.19
C ASN A 123 14.31 -5.95 -6.81
N MET A 124 14.19 -4.84 -6.09
CA MET A 124 12.89 -4.41 -5.56
C MET A 124 12.88 -2.92 -5.27
N ASN A 125 11.84 -2.24 -5.74
CA ASN A 125 11.60 -0.85 -5.40
C ASN A 125 10.44 -0.83 -4.41
N ILE A 126 10.73 -1.12 -3.17
CA ILE A 126 9.71 -1.27 -2.16
C ILE A 126 9.39 0.03 -1.46
N ILE A 127 8.12 0.39 -1.49
CA ILE A 127 7.59 1.34 -0.55
C ILE A 127 6.74 0.58 0.45
N SER A 128 7.15 0.60 1.69
CA SER A 128 6.36 0.01 2.73
C SER A 128 6.17 1.04 3.82
N SER A 129 5.28 0.76 4.72
CA SER A 129 4.82 1.73 5.69
C SER A 129 4.52 1.04 7.01
N LYS A 130 4.93 1.67 8.09
CA LYS A 130 4.86 1.05 9.39
C LYS A 130 4.07 1.95 10.27
N SER A 131 2.93 1.46 10.72
CA SER A 131 2.00 2.24 11.46
C SER A 131 2.66 2.79 12.68
N VAL A 132 3.03 4.03 12.61
CA VAL A 132 3.90 4.59 13.57
C VAL A 132 3.19 5.70 14.33
N ASP A 133 3.29 5.63 15.63
CA ASP A 133 2.59 6.54 16.50
C ASP A 133 3.55 7.63 16.90
N PHE A 134 3.75 8.58 16.00
CA PHE A 134 4.77 9.59 16.17
C PHE A 134 4.12 10.95 16.44
N PRO A 135 4.87 11.87 17.08
CA PRO A 135 4.31 13.11 17.59
C PRO A 135 4.04 14.19 16.55
N GLU A 136 4.61 14.05 15.36
CA GLU A 136 4.55 15.10 14.36
C GLU A 136 3.13 15.24 13.85
N TYR A 137 2.33 14.22 14.11
CA TYR A 137 0.94 14.25 13.67
C TYR A 137 0.10 13.18 14.35
N PRO A 138 -0.72 13.59 15.33
CA PRO A 138 -1.72 12.73 15.93
C PRO A 138 -3.03 12.79 15.16
N PRO A 139 -3.77 11.66 15.09
CA PRO A 139 -5.06 11.61 14.39
C PRO A 139 -6.14 12.38 15.15
N SER A 140 -7.38 12.17 14.77
CA SER A 140 -8.48 12.93 15.34
C SER A 140 -9.65 12.01 15.57
N SER A 141 -10.81 12.57 15.88
CA SER A 141 -11.97 11.73 16.10
C SER A 141 -12.58 11.30 14.77
N ASN A 142 -12.57 12.21 13.81
CA ASN A 142 -13.10 11.92 12.48
C ASN A 142 -12.06 11.22 11.62
N TYR A 143 -10.81 11.31 12.06
CA TYR A 143 -9.70 10.69 11.34
C TYR A 143 -9.09 9.59 12.17
N ILE A 144 -9.31 8.35 11.78
CA ILE A 144 -8.81 7.22 12.52
C ILE A 144 -7.49 6.76 11.92
N ARG A 145 -6.40 7.04 12.62
CA ARG A 145 -5.06 6.62 12.19
C ARG A 145 -5.03 5.14 11.84
N GLY A 146 -4.98 4.88 10.54
CA GLY A 146 -4.87 3.52 10.06
C GLY A 146 -3.56 2.89 10.46
N TYR A 147 -3.64 1.89 11.32
CA TYR A 147 -2.47 1.17 11.75
C TYR A 147 -2.14 0.07 10.76
N ASN A 148 -1.29 0.39 9.81
CA ASN A 148 -0.80 -0.58 8.85
C ASN A 148 0.45 -1.26 9.39
N HIS A 149 0.22 -2.26 10.26
CA HIS A 149 1.29 -3.04 10.88
C HIS A 149 2.29 -3.48 9.82
N PRO A 150 3.60 -3.12 10.01
CA PRO A 150 4.65 -3.09 8.99
C PRO A 150 4.35 -3.82 7.70
N CYS A 151 3.40 -3.27 6.97
CA CYS A 151 2.98 -3.83 5.70
C CYS A 151 3.12 -2.79 4.61
N GLY A 152 3.46 -3.22 3.41
CA GLY A 152 3.69 -2.25 2.37
C GLY A 152 3.40 -2.75 0.99
N PHE A 153 4.33 -2.48 0.09
CA PHE A 153 4.03 -2.45 -1.33
C PHE A 153 5.33 -2.56 -2.10
N VAL A 154 5.83 -3.77 -2.23
CA VAL A 154 7.12 -3.95 -2.84
C VAL A 154 6.97 -4.18 -4.34
N CYS A 155 7.81 -3.53 -5.09
CA CYS A 155 7.78 -3.64 -6.53
C CYS A 155 9.05 -4.33 -6.99
N SER A 156 8.92 -5.42 -7.71
CA SER A 156 10.09 -6.21 -8.08
C SER A 156 10.30 -6.21 -9.59
N PRO A 157 11.38 -5.53 -10.06
CA PRO A 157 11.84 -5.66 -11.43
C PRO A 157 11.97 -7.13 -11.82
N MET A 158 11.19 -7.56 -12.81
CA MET A 158 11.14 -8.98 -13.16
C MET A 158 12.28 -9.37 -14.06
N GLU A 159 12.17 -10.56 -14.64
CA GLU A 159 13.11 -10.98 -15.65
C GLU A 159 12.81 -10.27 -16.96
N GLU A 160 11.57 -9.81 -17.08
CA GLU A 160 11.13 -8.99 -18.19
C GLU A 160 11.00 -7.55 -17.72
N ASN A 161 11.82 -7.27 -16.70
CA ASN A 161 11.89 -5.99 -15.97
C ASN A 161 11.06 -4.84 -16.57
N PRO A 162 11.47 -4.22 -17.71
CA PRO A 162 10.82 -3.02 -18.21
C PRO A 162 9.44 -3.27 -18.85
N ALA A 163 9.14 -4.53 -19.13
CA ALA A 163 7.89 -4.87 -19.80
C ALA A 163 6.92 -5.56 -18.83
N TYR A 164 7.47 -6.20 -17.82
CA TYR A 164 6.69 -6.87 -16.80
C TYR A 164 7.30 -6.63 -15.43
N SER A 165 6.52 -6.14 -14.50
CA SER A 165 7.04 -5.85 -13.17
C SER A 165 6.24 -6.56 -12.10
N LYS A 166 6.93 -6.94 -11.03
CA LYS A 166 6.30 -7.68 -9.96
C LYS A 166 5.76 -6.75 -8.88
N LEU A 167 4.47 -6.56 -8.91
CA LEU A 167 3.78 -5.78 -7.91
C LEU A 167 3.32 -6.70 -6.77
N VAL A 168 3.98 -6.62 -5.63
CA VAL A 168 3.56 -7.44 -4.49
C VAL A 168 3.38 -6.60 -3.22
N MET A 169 2.22 -6.76 -2.59
CA MET A 169 1.81 -5.94 -1.45
C MET A 169 1.16 -6.82 -0.40
N PHE A 170 1.49 -6.62 0.86
CA PHE A 170 0.84 -7.38 1.92
C PHE A 170 0.29 -6.43 2.97
N VAL A 171 -0.79 -6.86 3.64
CA VAL A 171 -1.41 -6.05 4.68
C VAL A 171 -1.61 -6.83 5.96
N GLN A 172 -1.16 -6.21 7.06
CA GLN A 172 -1.44 -6.68 8.40
C GLN A 172 -2.19 -5.56 9.10
N THR A 173 -3.03 -4.92 8.30
CA THR A 173 -3.78 -3.75 8.72
C THR A 173 -4.52 -3.99 10.04
N GLU A 174 -4.38 -3.05 10.98
CA GLU A 174 -4.84 -3.27 12.35
C GLU A 174 -6.33 -3.02 12.50
N MET A 175 -6.88 -2.15 11.65
CA MET A 175 -8.31 -1.82 11.67
C MET A 175 -8.81 -1.60 13.10
N ARG A 176 -8.26 -0.59 13.73
CA ARG A 176 -8.67 -0.20 15.08
C ARG A 176 -10.15 0.16 15.11
N GLY A 177 -10.60 0.81 14.03
CA GLY A 177 -12.01 1.12 13.89
C GLY A 177 -12.85 -0.13 13.85
N LYS A 178 -14.11 -0.01 14.24
CA LYS A 178 -14.95 -1.18 14.36
C LYS A 178 -15.49 -1.63 13.02
N LEU A 179 -14.83 -2.62 12.42
CA LEU A 179 -15.35 -3.33 11.29
C LEU A 179 -15.78 -4.71 11.79
N SER A 180 -16.55 -5.39 11.00
CA SER A 180 -17.05 -6.71 11.36
C SER A 180 -16.40 -7.72 10.42
N PRO A 181 -16.41 -9.02 10.76
CA PRO A 181 -15.83 -10.05 9.89
C PRO A 181 -16.21 -9.84 8.44
N SER A 182 -17.50 -9.62 8.19
CA SER A 182 -18.02 -9.43 6.85
C SER A 182 -17.54 -8.12 6.20
N ILE A 183 -16.94 -7.24 7.00
CA ILE A 183 -16.47 -5.95 6.48
C ILE A 183 -15.04 -6.11 6.05
N ILE A 184 -14.31 -6.79 6.89
CA ILE A 184 -12.93 -7.11 6.68
C ILE A 184 -12.77 -8.05 5.49
N GLU A 185 -13.77 -8.89 5.30
CA GLU A 185 -13.82 -9.79 4.16
C GLU A 185 -13.95 -8.97 2.90
N LYS A 186 -14.57 -7.81 3.05
CA LYS A 186 -14.74 -6.90 1.95
C LYS A 186 -13.60 -5.88 1.90
N THR A 187 -12.97 -5.60 3.05
CA THR A 187 -11.92 -4.57 3.07
C THR A 187 -10.60 -5.10 2.51
N MET A 188 -10.20 -6.31 2.90
CA MET A 188 -8.87 -6.79 2.50
C MET A 188 -8.90 -7.32 1.07
N PRO A 189 -9.60 -8.46 0.81
CA PRO A 189 -9.53 -9.15 -0.50
C PRO A 189 -10.01 -8.28 -1.65
N SER A 190 -10.70 -7.20 -1.34
CA SER A 190 -11.11 -6.27 -2.36
C SER A 190 -10.01 -5.25 -2.62
N ASN A 191 -9.42 -4.74 -1.56
CA ASN A 191 -8.56 -3.58 -1.67
C ASN A 191 -7.13 -3.97 -2.04
N LEU A 192 -6.74 -5.22 -1.77
CA LEU A 192 -5.44 -5.70 -2.20
C LEU A 192 -5.33 -5.63 -3.72
N VAL A 193 -6.33 -6.21 -4.36
CA VAL A 193 -6.37 -6.27 -5.81
C VAL A 193 -6.67 -4.88 -6.38
N ASN A 194 -7.45 -4.14 -5.62
CA ASN A 194 -7.85 -2.80 -6.00
C ASN A 194 -6.70 -1.81 -5.90
N PHE A 195 -5.77 -2.05 -4.98
CA PHE A 195 -4.57 -1.23 -4.92
C PHE A 195 -3.68 -1.55 -6.11
N ILE A 196 -3.77 -2.77 -6.61
CA ILE A 196 -3.07 -3.15 -7.81
C ILE A 196 -3.80 -2.59 -9.03
N LEU A 197 -5.09 -2.38 -8.90
CA LEU A 197 -5.87 -1.72 -9.94
C LEU A 197 -5.50 -0.28 -10.01
N ASN A 198 -5.35 0.33 -8.86
CA ASN A 198 -4.76 1.65 -8.76
C ASN A 198 -3.46 1.69 -9.52
N ALA A 199 -2.75 0.56 -9.52
CA ALA A 199 -1.49 0.48 -10.18
C ALA A 199 -1.68 0.27 -11.67
N LYS A 200 -2.63 -0.57 -12.04
CA LYS A 200 -2.95 -0.79 -13.44
C LYS A 200 -3.38 0.52 -14.09
N ASP A 201 -4.18 1.27 -13.36
CA ASP A 201 -4.75 2.51 -13.87
C ASP A 201 -3.78 3.66 -13.68
N GLY A 202 -3.17 3.72 -12.51
CA GLY A 202 -2.22 4.79 -12.23
C GLY A 202 -1.00 4.72 -13.13
N ILE A 203 -0.63 3.49 -13.52
CA ILE A 203 0.53 3.29 -14.35
C ILE A 203 0.27 3.79 -15.76
N LYS A 204 -0.95 3.57 -16.26
CA LYS A 204 -1.29 3.99 -17.61
C LYS A 204 -1.70 5.45 -17.60
N ALA A 205 -2.23 5.88 -16.47
CA ALA A 205 -2.49 7.29 -16.23
C ALA A 205 -1.17 8.03 -16.21
N HIS A 206 -0.14 7.35 -15.72
CA HIS A 206 1.21 7.92 -15.71
C HIS A 206 2.00 7.51 -16.95
N ARG A 207 1.40 6.70 -17.81
CA ARG A 207 2.06 6.25 -19.03
C ARG A 207 1.51 7.01 -20.23
N THR A 208 0.20 6.99 -20.38
CA THR A 208 -0.46 7.75 -21.45
C THR A 208 -1.06 9.01 -20.85
N PRO A 209 -1.14 10.11 -21.62
CA PRO A 209 -1.72 11.38 -21.14
C PRO A 209 -3.24 11.30 -20.94
N SER A 210 -3.70 10.24 -20.29
CA SER A 210 -5.11 10.05 -20.02
C SER A 210 -5.53 10.92 -18.84
N ARG A 211 -4.54 11.37 -18.07
CA ARG A 211 -4.76 12.27 -16.96
C ARG A 211 -5.11 13.68 -17.46
N ARG A 212 -4.88 13.92 -18.74
CA ARG A 212 -5.25 15.19 -19.36
C ARG A 212 -6.78 15.33 -19.31
N GLY A 213 -7.47 14.27 -19.66
CA GLY A 213 -8.92 14.26 -19.59
C GLY A 213 -9.40 13.48 -18.37
N PHE A 214 -8.65 13.56 -17.29
CA PHE A 214 -8.97 12.85 -16.06
C PHE A 214 -9.84 13.72 -15.17
N HIS A 215 -10.82 13.10 -14.50
CA HIS A 215 -11.63 13.81 -13.50
C HIS A 215 -10.78 14.20 -12.32
N HIS A 216 -10.16 15.36 -12.39
CA HIS A 216 -9.25 15.81 -11.36
C HIS A 216 -9.99 16.56 -10.27
N ASN A 217 -10.14 15.91 -9.12
CA ASN A 217 -10.84 16.49 -7.99
C ASN A 217 -9.95 17.49 -7.26
N SER A 218 -10.40 18.73 -7.21
CA SER A 218 -9.64 19.79 -6.57
C SER A 218 -9.93 19.87 -5.07
N HIS A 219 -11.21 19.87 -4.73
CA HIS A 219 -11.62 20.00 -3.34
C HIS A 219 -12.90 19.21 -3.10
N SER A 220 -12.94 18.45 -2.00
CA SER A 220 -14.11 17.66 -1.63
C SER A 220 -14.41 16.58 -2.68
#